data_8K60
#
_entry.id   8K60
#
_cell.length_a   1.00
_cell.length_b   1.00
_cell.length_c   1.00
_cell.angle_alpha   90.00
_cell.angle_beta   90.00
_cell.angle_gamma   90.00
#
_symmetry.space_group_name_H-M   'P 1'
#
loop_
_entity.id
_entity.type
_entity.pdbx_description
1 polymer 'DNA-directed RNA polymerase subunit alpha'
2 polymer 'DNA-directed RNA polymerase subunit beta'
3 polymer "DNA-directed RNA polymerase subunit beta'"
4 polymer 'DNA-directed RNA polymerase subunit omega'
5 polymer 'RNA polymerase principal sigma factor HrdB'
6 polymer 'Non-template strand DNA for AfsS promoter'
7 polymer 'Template strand DNA for AfsS promoter'
8 polymer 'Regulatory protein AfsR'
9 non-polymer 'MAGNESIUM ION'
10 non-polymer 'ZINC ION'
#
loop_
_entity_poly.entity_id
_entity_poly.type
_entity_poly.pdbx_seq_one_letter_code
_entity_poly.pdbx_strand_id
1 'polypeptide(L)'
;MLIAQRPSLTEEVVDEFRSRFVIEPLEPGFGYTLGNSLRRTLLSSIPGAAVTSIRIDGVLHEFTTVPGVKEDVTDLILNI
KQLVVSSEHDEPVVMYLRKQGPGLVTAADIAPPAGVEVHNPDLVLATLNGKGKLEMELTVERGRGYVSAVQNKQVGQEIG
RIPVDSIYSPVLKVTYKVEATRVEQRTDFDKLIVDVETKQAMRPRDAMASAGKTLVELFGLARELNIDAEGIDMGPSPTD
AALAADLALPIEELELTVRSYNCLKREGIHSVGELVARSEADLLDIRNFGAKSIDEVKAKLAGMGLALKDSPPGFDPTAA
ADAFGADDDADAGFVETEQY
;
A,B,K
2 'polypeptide(L)'
;MAASRNASTANTNNAASTAPLRISFAKIKEPLEVPNLLALQTESFDWLLGNDAWKARVESALESGQDVPTKSGLEEIFEE
ISPIEDFSGSMSLTFRDHRFEPPKNSIDECKDRDFTYAAPLFVTAEFTNNETGEIKSQTVFMGDFPLMTNKGTFVINGTE
RVVVSQLVRSPGVYFDSSIDKTSDKDIFSAKIIPSRGAWLEMEIDKRDMVGVRIDRKRKQSVTVLLKALGWTTEQILEEF
GEYESMRATLEKDHTQGQDDALLDIYRKLRPGEPPTREAAQTLLENLYFNPKRYDLAKVGRYKVNKKLGADEPLDAGVLT
TDDVIATIKYLVKLHAGETETVGESGREIVVETDDIDHFGNRRIRNVGELIQNQVRTGLARMERVVRERMTTQDVEAITP
QTLINIRPVVASIKEFFGTSQLSQFMDQNNPLSGLTHKRRLNALGPGGLSRERAGFEVRDVHPSHYGRMCPIETPEGPNI
GLIGSLASYGRINPFGFIETPYRKVVEGQVTDDVDYLTADEEDRFVIAQANAALGDDMRFAEARVLVRRRGGEVDYVPGD
DVDYMDVSPRQMVSVATAMIPFLEHDDANRALMGANMMRQAVPLIKSESPLVGTGMEYRSAADAGDVVKAEKAGVVQEVS
ADYITTTNDDGTYITYRLAKFSRSNQGTSVNQKVIVAEGDRIIEGQVLADGPATENGEMALGKNLLVAFMPWEGHNYEDA
IILSQRLVQDDVLSSIHIEEHEVDARDTKLGPEEITRDIPNVSEEVLADLDERGIIRIGAEVVAGDILVGKVTPKGETEL
TPEERLLRAIFGEKAREVRDTSLKVPHGEIGKVIGVRVFDREEGDELPPGVNQLVRVYVAQKRKITDGDKLAGRHGNKGV
ISKINPIEDMPFLEDGTPVDIILNPLAVPSRMNPGQVLEIHLGWLASRGWDVSGLAEEWAQRLQVIGADKVEPGTNVATP
VFDGAREDELAGLLQHTIPNRDGERMVLPSGKARLFDGRSGEPFPEPISVGYMYILKLHHLVDDKLHARSTGPYSMITQQ
PLGGKAQFGGQRFGEMEVWALEAYGAAYALQELLTIKSDDVTGRVKVYEAIVKGENIPEPGIPESFKVLIKEMQSLCLNV
EVLSSDGMSIEMRDTDEDVFRAAEELGIDLSRREPSSVEEV
;
C
3 'polypeptide(L)'
;MLDVNFFDELRIGLATADDIRQWSHGEVKKPETINYRTLKPEKDGLFCEKIFGPTRDWECYCGKYKRVRFKGIICERCGV
EVTRAKVRRERMGHIELAAPVTHIWYFKGVPSRLGYLLDLAPKDLEKVIYFAAYMITFVDEERRTRDLPSLEAHVSVERQ
QIEQRRDSDLEARAKKLETDLAELEAEGAKADVRRKVREGAEREMKQLRDRAQREIDRLDEVWNRFKNLKVQDLEGDELL
YRELRDRFGTYFDGSMGAAALQKRLESFDLDEEAERLREIIRTGKGQKKTRALKRLKVVSAFLQTSNSPKGMVLDCVPVI
PPDLRPMVQLDGGRFATSDLNDLYRRVINRNNRLKRLLDLGAPEIIVNNEKRMLQEAVDALFDNGRRGRPVTGPGNRPLK
SLSDMLKGKQGRFRQNLLGKRVDYSARSVIVVGPQLKLHQCGLPKAMALELFKPFVMKRLVDLNHAQNIKSAKRMVERGR
TVVYDVLEEVIAEHPVLLNRAPTLHRLGIQAFEPQLVEGKAIQIHPLVCTAFNADFDGDQMAVHLPLSAEAQAEARILML
SSNNILKPADGRPVTMPTQDMVLGLFFLTTDSEGRSPKGEGRAFGSSAEAIMAFDAGDLTLQAKIDIRFPVGTIPPRGFE
PPAREEGEPEWQQGDTFTLKTTLGRALFNELLPEDYPFVDYEVGKKQLSEIVNDLAERYPKVIVAATLDNLKAAGFFWAT
RSGVTVAISDIVVPDAKKEIVKGYEGQDEKVQKQYERGLITKEERTQELIAIWTKATNEVAEAMNDNFPKTNPVSMMVNS
GARGNMMQMRQIAGMRGLVSNAKNETIPRPIKASFREGLSVLEYFISTHGARKGLADTALRTADSGYLTRRLVDVSQDVI
IREEDCGTERGLKLPIATRDADGTLRKAEDVETSVYARMLAEDVVIDGKVIAPANVDLGDVLIDALVAHGVEEVKTRSIL
TCESQVGTCAMCYGRSLATGKLVDIGEAVGIIAAQSIGEPGTQLTMRTFHTGGVAGDDITQGLPRVVELFEARTPKGVAP
ISEASGRVRIEETEKTKKIVVTPDDGSDETAFPISKRARLLVGEGDHVEVGQKLTVGATNPHDVLRILGQRAVQVHLVGE
VQKVYNSQGVSIHDKHIEIIIRQMLRRVTIIESGDAELLPGELVERTKFETENRRVVQEGGHPASGRPQLMGITKASLAT
ESWLSAASFQETTRVLTDAAINAKSDSLIGLKENVIIGKLIPAGTGLSRYRNIRVEPTEEAKAAMYSAVGYDDIDYSPFG
TGSGQAVPLEDYDYGPYNQ
;
D
4 'polypeptide(L)'
;MSSSISAPEGIINPPIDELLEATDSKYSLVIYAAKRARQINAYYSQLGEGLLEYVGPLVDTHVHEKPLSIALREINAGLL
TSEAIEGPAQ
;
E
5 'polypeptide(L)'
;MSASTSRTLPPEIAESVSVMALIERGKAEGQIAGDDVRRAFEADQIPATQWKNVLRSLNQILEEEGVTLMVSAAEPKRTR
KSVAAKSPAKRTATKAVAAKPVTSRKATAPAAPAAPATEPAAVEEEAPAKKAAAKKTTAKKATAKKTTAKKAAAKKTTAK
KEDGELLEDEATEEPKAATEEPEGTENAGFVLSDEDEDDAPAQQVAAAGATADPVKDYLKQIGKVPLLNAEQEVELAKRI
EAGLFAEDKLANSDKLAPKLKRELEIIAEDGRRAKNHLLEANLRLVVSLAKRYTGRGMLFLDLIQEGNLGLIRAVEKFDY
TKGYKFSTYATWWIRQAITRAMADQARTIRIPVHMVEVINKLARVQRQMLQDLGREPTPEELAKELDMTPEKVIEVQKYG
REPISLHTPLGEDGDSEFGDLIEDSEAVVPADAVSFTLLQEQLHSVLDTLSEREAGVVSMRFGLTDGQPKTLDEIGKVYG
VTRERIRQIESKTMSKLRHPSRSQVLRDYLD
;
F
6 'polydeoxyribonucleotide'
;(DC)(DC)(DG)(DG)(DA)(DG)(DC)(DG)(DT)(DT)(DC)(DA)(DG)(DC)(DG)(DT)(DT)(DC)(DG)(DT)
(DT)(DT)(DA)(DT)(DC)(DT)(DC)(DC)(DC)(DC)(DC)(DT)(DG)(DG)(DT)(DA)(DT)(DA)(DA)(DT)
(DG)(DG)(DG)(DA)(DG)(DC)(DT)(DG)(DT)(DC)(DA)(DC)(DG)(DG)(DA)(DT)(DG)(DC)(DA)
;
G
7 'polydeoxyribonucleotide'
;(DT)(DG)(DC)(DA)(DT)(DC)(DC)(DG)(DT)(DG)(DA)(DG)(DT)(DC)(DG)(DA)(DG)(DG)(DG)(DT)
(DA)(DA)(DT)(DA)(DA)(DC)(DC)(DA)(DG)(DG)(DG)(DG)(DG)(DA)(DG)(DA)(DT)(DA)(DA)(DA)
(DC)(DG)(DA)(DA)(DC)(DG)(DC)(DT)(DG)(DA)(DA)(DC)(DG)(DC)(DT)(DC)(DC)(DG)(DG)
;
H
8 'polypeptide(L)'
;MDGGPRVPEQRRPGFPAEEEESGALRFGVLGPVRAWRDGETLATGSPQQRALLAALLLREGRTATAGELIDALWGEEPPS
QALAAVRTYASRLRKVLDPGVLVSESGGYAVRGLAEGALDLARAQDLASAAEKARSAGDLCHARDLLRRALDLWDGEVLA
GVPGPYAQTQRVRLGEWRLQLLETRLDMDLDQGCHAEAVSELTALTAAHPLRERLRELLMLALYRSGRQAEALAVYADTR
RLLADELGVDPRPGLQELQQRILQADPALAELSAATAETATATLRPAQLPATVSDFTGRAAFVRELSDVLSAASGESASG
RVMAVSALAGIGGVGKTTLAVHVAHRARAAFPDGQLYVDLQGAGARPAEPETVLGSFLRALGTADSAIPDSLEERAALYR
SVLDGRRVLVLLDNARDAAQVRPLLPGTDGCAALVTARVRMVDLAGAHLVDLDVMAPEEALALFTKIVGEERVASERQAA
LDVVGACGFLPLAIRIAASRLAARRTWTVSVLAAKLADERRRLDELQAGDQAVEATFELGYGQLEPAQARAFRLLGLADG
PDISLAAAAAVLDLPAQDTEDLLESLVDTSLLESAAPGRYRFHDLVRLYARACAERTERDGNAPSERGAALSRLLDFYLA
TAAGVYAIERPGDRLVDGLEPTEYPGLTFTEGSAALDWLYTEAAPLLACVRQSAGTARLRRAVDLLWAAKDLTESGANSH
QYEATARAMCDATGSAADTRAEGRARTVLSDVLLVSGRIEHAEEEARLAMRLAGSAEDSAAVSWVANNRGLVCLHQRRYA
EGKGLFHQAIAGFRATDNRAGEASALSNLSRAQLGMGNVAEAVDIARQGLAVYAELGRTMRLANGHFALGVALTRAGRHE
EALGEFAEALDLFGDHRQRLWEGATNFRLAEVHLAAGRPSSAAQHAEQALALGCIGGDRMRGNVLALLGRALSALGQADR
ARACWREALSLYEQHDAQEVGEVRALLARSVAR
;
I,J
#
loop_
_chem_comp.id
_chem_comp.type
_chem_comp.name
_chem_comp.formula
DA DNA linking 2'-DEOXYADENOSINE-5'-MONOPHOSPHATE 'C10 H14 N5 O6 P'
DC DNA linking 2'-DEOXYCYTIDINE-5'-MONOPHOSPHATE 'C9 H14 N3 O7 P'
DG DNA linking 2'-DEOXYGUANOSINE-5'-MONOPHOSPHATE 'C10 H14 N5 O7 P'
DT DNA linking THYMIDINE-5'-MONOPHOSPHATE 'C10 H15 N2 O8 P'
MG non-polymer 'MAGNESIUM ION' 'Mg 2'
ZN non-polymer 'ZINC ION' 'Zn 2'
#
# COMPACT_ATOMS: atom_id res chain seq x y z
N LEU A 2 43.44 44.49 -29.26
CA LEU A 2 43.59 45.80 -29.88
C LEU A 2 43.61 45.65 -31.40
N ILE A 3 44.11 44.53 -31.87
CA ILE A 3 44.18 44.24 -33.30
C ILE A 3 42.80 43.83 -33.81
N ALA A 4 42.46 44.26 -35.02
CA ALA A 4 41.17 43.93 -35.64
C ALA A 4 41.38 42.94 -36.76
N GLN A 5 40.75 41.77 -36.64
CA GLN A 5 40.81 40.72 -37.64
C GLN A 5 39.46 40.03 -37.71
N ARG A 6 38.88 40.02 -38.89
CA ARG A 6 37.52 39.50 -38.96
C ARG A 6 37.55 37.97 -38.99
N PRO A 7 36.52 37.32 -38.43
CA PRO A 7 36.47 35.86 -38.44
C PRO A 7 36.29 35.31 -39.84
N SER A 8 36.84 34.12 -40.06
CA SER A 8 36.72 33.45 -41.34
C SER A 8 36.57 31.96 -41.11
N LEU A 9 35.60 31.36 -41.78
CA LEU A 9 35.33 29.94 -41.65
C LEU A 9 35.96 29.25 -42.84
N THR A 10 36.60 28.12 -42.60
CA THR A 10 37.16 27.31 -43.66
C THR A 10 36.69 25.89 -43.49
N GLU A 11 36.46 25.21 -44.60
CA GLU A 11 35.82 23.91 -44.62
C GLU A 11 36.76 22.91 -45.29
N GLU A 12 36.67 21.66 -44.87
CA GLU A 12 37.42 20.59 -45.51
C GLU A 12 36.63 19.32 -45.35
N VAL A 13 36.77 18.40 -46.29
CA VAL A 13 36.01 17.15 -46.28
C VAL A 13 36.97 16.01 -45.97
N VAL A 14 36.64 15.23 -44.96
CA VAL A 14 37.40 14.03 -44.64
C VAL A 14 36.65 12.76 -45.02
N ASP A 15 35.35 12.82 -45.23
CA ASP A 15 34.53 11.67 -45.59
C ASP A 15 33.24 12.20 -46.19
N GLU A 16 32.54 11.33 -46.92
CA GLU A 16 31.26 11.72 -47.52
C GLU A 16 30.22 12.12 -46.49
N PHE A 17 30.35 11.69 -45.23
CA PHE A 17 29.44 12.13 -44.19
C PHE A 17 30.18 12.47 -42.92
N ARG A 18 31.40 12.97 -43.04
CA ARG A 18 32.15 13.51 -41.92
C ARG A 18 32.99 14.65 -42.48
N SER A 19 32.97 15.79 -41.80
CA SER A 19 33.62 16.97 -42.34
C SER A 19 34.18 17.80 -41.21
N ARG A 20 35.23 18.53 -41.51
CA ARG A 20 35.85 19.44 -40.56
C ARG A 20 35.62 20.88 -41.02
N PHE A 21 35.25 21.73 -40.08
CA PHE A 21 35.07 23.16 -40.25
C PHE A 21 35.91 23.83 -39.20
N VAL A 22 36.58 24.93 -39.55
CA VAL A 22 37.42 25.63 -38.58
C VAL A 22 37.24 27.13 -38.73
N ILE A 23 37.41 27.83 -37.62
CA ILE A 23 37.44 29.28 -37.61
C ILE A 23 38.79 29.66 -37.00
N GLU A 24 39.64 30.30 -37.78
CA GLU A 24 40.97 30.64 -37.28
C GLU A 24 41.20 31.73 -36.21
N PRO A 25 40.59 32.91 -36.25
CA PRO A 25 41.13 34.03 -35.46
C PRO A 25 40.53 34.33 -34.08
N LEU A 26 39.54 33.57 -33.59
CA LEU A 26 38.77 33.80 -32.37
C LEU A 26 39.52 34.32 -31.14
N GLU A 27 38.82 35.09 -30.30
CA GLU A 27 39.39 35.73 -29.13
C GLU A 27 39.88 34.71 -28.11
N PRO A 28 40.79 35.10 -27.20
CA PRO A 28 41.26 34.16 -26.18
C PRO A 28 40.16 33.71 -25.23
N GLY A 29 40.21 32.44 -24.85
CA GLY A 29 39.19 31.82 -24.02
C GLY A 29 37.81 31.77 -24.64
N PHE A 30 37.70 31.90 -25.95
CA PHE A 30 36.42 31.92 -26.64
C PHE A 30 36.18 30.71 -27.52
N GLY A 31 37.23 29.98 -27.90
CA GLY A 31 37.07 28.85 -28.82
C GLY A 31 36.21 27.73 -28.26
N TYR A 32 36.36 27.42 -26.98
CA TYR A 32 35.62 26.33 -26.36
C TYR A 32 34.14 26.65 -26.31
N THR A 33 33.81 27.86 -25.91
CA THR A 33 32.41 28.29 -25.79
C THR A 33 31.69 28.31 -27.12
N LEU A 34 32.34 28.81 -28.18
CA LEU A 34 31.75 28.86 -29.51
C LEU A 34 31.41 27.47 -30.05
N GLY A 35 32.36 26.55 -29.97
CA GLY A 35 32.13 25.19 -30.45
C GLY A 35 31.00 24.50 -29.72
N ASN A 36 30.87 24.74 -28.41
CA ASN A 36 29.82 24.10 -27.62
C ASN A 36 28.44 24.62 -27.98
N SER A 37 28.32 25.93 -28.19
CA SER A 37 27.06 26.51 -28.62
C SER A 37 26.66 25.96 -29.98
N LEU A 38 27.63 25.85 -30.88
CA LEU A 38 27.39 25.24 -32.17
C LEU A 38 27.02 23.76 -32.03
N ARG A 39 27.70 23.05 -31.13
CA ARG A 39 27.41 21.62 -30.93
C ARG A 39 26.02 21.41 -30.35
N ARG A 40 25.66 22.20 -29.33
CA ARG A 40 24.36 22.05 -28.67
C ARG A 40 23.20 22.29 -29.62
N THR A 41 23.32 23.29 -30.49
CA THR A 41 22.28 23.55 -31.47
C THR A 41 22.23 22.48 -32.54
N LEU A 42 23.40 22.11 -33.07
CA LEU A 42 23.51 21.10 -34.11
C LEU A 42 22.98 19.73 -33.66
N LEU A 43 23.24 19.34 -32.42
CA LEU A 43 22.71 18.06 -31.92
C LEU A 43 21.22 18.15 -31.64
N SER A 44 20.77 19.21 -30.98
CA SER A 44 19.38 19.28 -30.52
C SER A 44 18.42 19.43 -31.68
N SER A 45 18.49 20.55 -32.39
CA SER A 45 17.45 20.91 -33.35
C SER A 45 18.02 21.00 -34.77
N ILE A 46 17.83 19.94 -35.55
CA ILE A 46 18.02 19.98 -37.00
C ILE A 46 16.79 19.30 -37.57
N PRO A 47 16.13 19.88 -38.57
CA PRO A 47 15.00 19.20 -39.21
C PRO A 47 15.39 17.97 -39.99
N GLY A 48 14.57 16.93 -39.86
CA GLY A 48 14.75 15.68 -40.55
C GLY A 48 13.42 14.99 -40.65
N ALA A 49 13.41 13.81 -41.24
CA ALA A 49 12.18 13.06 -41.48
C ALA A 49 12.33 11.64 -40.97
N ALA A 50 11.23 11.09 -40.45
CA ALA A 50 11.28 9.75 -39.88
C ALA A 50 9.90 9.11 -39.93
N VAL A 51 9.88 7.80 -39.77
CA VAL A 51 8.64 7.04 -39.78
C VAL A 51 7.93 7.27 -38.46
N THR A 52 6.63 7.57 -38.51
CA THR A 52 5.90 7.92 -37.31
C THR A 52 4.77 6.97 -36.96
N SER A 53 4.50 5.96 -37.79
CA SER A 53 3.49 4.93 -37.56
C SER A 53 3.58 3.93 -38.69
N ILE A 54 3.01 2.74 -38.47
CA ILE A 54 2.97 1.69 -39.47
C ILE A 54 1.62 0.99 -39.42
N ARG A 55 1.45 0.02 -40.33
CA ARG A 55 0.28 -0.83 -40.39
C ARG A 55 0.71 -2.16 -40.99
N ILE A 56 0.23 -3.25 -40.42
CA ILE A 56 0.50 -4.60 -40.91
C ILE A 56 -0.84 -5.27 -41.06
N ASP A 57 -1.04 -5.97 -42.17
CA ASP A 57 -2.25 -6.76 -42.35
C ASP A 57 -2.34 -7.91 -41.35
N GLY A 58 -3.54 -8.11 -40.80
CA GLY A 58 -3.77 -9.20 -39.87
C GLY A 58 -3.13 -9.00 -38.51
N VAL A 59 -2.77 -7.76 -38.18
CA VAL A 59 -2.10 -7.43 -36.92
C VAL A 59 -2.80 -6.24 -36.30
N LEU A 60 -3.16 -6.35 -35.02
CA LEU A 60 -3.92 -5.32 -34.34
C LEU A 60 -3.16 -4.60 -33.25
N HIS A 61 -1.90 -4.97 -33.01
CA HIS A 61 -1.03 -4.37 -31.99
C HIS A 61 0.36 -4.94 -32.21
N GLU A 62 1.34 -4.33 -31.56
CA GLU A 62 2.71 -4.73 -31.82
C GLU A 62 3.11 -6.02 -31.11
N PHE A 63 2.29 -6.52 -30.20
CA PHE A 63 2.67 -7.67 -29.41
C PHE A 63 2.50 -8.99 -30.15
N THR A 64 1.54 -9.08 -31.07
CA THR A 64 1.29 -10.34 -31.77
C THR A 64 2.41 -10.66 -32.76
N THR A 65 2.25 -11.76 -33.48
CA THR A 65 3.25 -12.21 -34.43
C THR A 65 2.64 -12.41 -35.81
N VAL A 66 3.37 -11.97 -36.84
CA VAL A 66 3.02 -12.21 -38.23
C VAL A 66 3.45 -13.62 -38.58
N PRO A 67 2.56 -14.49 -39.07
CA PRO A 67 2.98 -15.84 -39.46
C PRO A 67 3.98 -15.81 -40.61
N GLY A 68 5.02 -16.63 -40.49
CA GLY A 68 5.97 -16.76 -41.56
C GLY A 68 7.26 -16.00 -41.38
N VAL A 69 7.36 -15.08 -40.43
CA VAL A 69 8.55 -14.28 -40.26
C VAL A 69 9.15 -14.61 -38.90
N LYS A 70 10.44 -14.90 -38.86
CA LYS A 70 11.05 -15.26 -37.59
C LYS A 70 11.13 -14.06 -36.65
N GLU A 71 11.15 -12.84 -37.20
CA GLU A 71 11.19 -11.64 -36.37
C GLU A 71 9.80 -11.29 -35.91
N ASP A 72 9.65 -11.06 -34.62
CA ASP A 72 8.40 -10.62 -34.06
C ASP A 72 8.11 -9.18 -34.44
N VAL A 73 6.81 -8.83 -34.41
CA VAL A 73 6.35 -7.48 -34.77
C VAL A 73 7.05 -6.41 -33.93
N THR A 74 7.27 -6.69 -32.63
CA THR A 74 7.99 -5.74 -31.78
C THR A 74 9.44 -5.59 -32.23
N ASP A 75 10.06 -6.70 -32.64
CA ASP A 75 11.40 -6.63 -33.22
C ASP A 75 11.42 -5.88 -34.53
N LEU A 76 10.35 -5.98 -35.32
CA LEU A 76 10.24 -5.19 -36.55
C LEU A 76 10.14 -3.70 -36.26
N ILE A 77 9.46 -3.33 -35.19
CA ILE A 77 9.37 -1.93 -34.78
C ILE A 77 10.75 -1.36 -34.47
N LEU A 78 11.54 -2.11 -33.68
CA LEU A 78 12.90 -1.70 -33.36
C LEU A 78 13.77 -1.61 -34.60
N ASN A 79 13.65 -2.60 -35.49
CA ASN A 79 14.53 -2.71 -36.64
C ASN A 79 14.22 -1.62 -37.67
N ILE A 80 12.96 -1.25 -37.81
CA ILE A 80 12.54 -0.16 -38.68
C ILE A 80 13.09 1.18 -38.19
N LYS A 81 13.23 1.34 -36.86
CA LYS A 81 13.64 2.61 -36.26
C LYS A 81 15.01 3.10 -36.74
N GLN A 82 15.91 2.21 -37.14
CA GLN A 82 17.21 2.68 -37.64
C GLN A 82 17.24 2.92 -39.15
N LEU A 83 16.12 2.75 -39.85
CA LEU A 83 16.00 3.23 -41.22
C LEU A 83 16.11 4.75 -41.27
N VAL A 84 16.79 5.25 -42.30
CA VAL A 84 16.95 6.70 -42.46
C VAL A 84 16.30 7.14 -43.77
N VAL A 85 15.44 8.14 -43.70
CA VAL A 85 14.71 8.64 -44.85
C VAL A 85 14.82 10.16 -44.86
N SER A 86 14.62 10.75 -46.04
CA SER A 86 14.55 12.19 -46.22
C SER A 86 13.31 12.55 -47.00
N SER A 87 12.48 13.42 -46.46
CA SER A 87 11.21 13.79 -47.08
C SER A 87 11.15 15.29 -47.30
N GLU A 88 10.88 15.68 -48.56
CA GLU A 88 10.72 17.08 -48.92
C GLU A 88 9.31 17.59 -48.70
N HIS A 89 8.33 16.71 -48.63
CA HIS A 89 6.95 17.12 -48.47
C HIS A 89 6.67 17.46 -47.01
N ASP A 90 6.14 18.67 -46.79
CA ASP A 90 5.80 19.09 -45.43
C ASP A 90 4.64 18.29 -44.84
N GLU A 91 3.83 17.65 -45.66
CA GLU A 91 2.69 16.86 -45.23
C GLU A 91 3.05 15.39 -45.14
N PRO A 92 2.31 14.60 -44.35
CA PRO A 92 2.62 13.16 -44.24
C PRO A 92 2.47 12.43 -45.57
N VAL A 93 3.36 11.48 -45.80
CA VAL A 93 3.41 10.71 -47.04
C VAL A 93 3.46 9.23 -46.70
N VAL A 94 2.64 8.44 -47.37
CA VAL A 94 2.55 7.02 -47.11
C VAL A 94 3.64 6.32 -47.91
N MET A 95 4.16 5.19 -47.41
CA MET A 95 5.16 4.39 -48.07
C MET A 95 4.74 2.93 -47.98
N TYR A 96 4.98 2.16 -49.04
CA TYR A 96 4.44 0.81 -49.17
C TYR A 96 5.51 -0.27 -49.32
N LEU A 97 5.45 -1.27 -48.46
CA LEU A 97 6.31 -2.45 -48.55
C LEU A 97 5.46 -3.69 -48.74
N ARG A 98 5.84 -4.55 -49.69
CA ARG A 98 5.09 -5.75 -50.02
C ARG A 98 6.07 -6.84 -50.41
N LYS A 99 5.98 -8.01 -49.76
CA LYS A 99 6.86 -9.11 -50.11
C LYS A 99 6.17 -10.45 -49.87
N GLN A 100 6.37 -11.38 -50.81
CA GLN A 100 5.87 -12.73 -50.74
C GLN A 100 7.05 -13.67 -50.97
N GLY A 101 6.94 -14.88 -50.43
CA GLY A 101 7.92 -15.92 -50.65
C GLY A 101 9.10 -15.83 -49.71
N PRO A 102 10.07 -16.73 -49.86
CA PRO A 102 11.21 -16.73 -48.96
C PRO A 102 12.29 -15.74 -49.37
N GLY A 103 12.85 -15.07 -48.37
CA GLY A 103 13.94 -14.14 -48.63
C GLY A 103 14.10 -13.17 -47.48
N LEU A 104 15.06 -12.28 -47.67
CA LEU A 104 15.38 -11.25 -46.69
C LEU A 104 14.75 -9.93 -47.11
N VAL A 105 13.72 -9.48 -46.39
CA VAL A 105 13.16 -8.19 -46.68
C VAL A 105 14.12 -7.09 -46.22
N THR A 106 14.40 -6.16 -47.11
CA THR A 106 15.38 -5.11 -46.86
C THR A 106 14.70 -3.78 -47.10
N ALA A 107 15.31 -2.72 -46.54
CA ALA A 107 14.85 -1.35 -46.76
C ALA A 107 14.79 -0.96 -48.24
N ALA A 108 15.59 -1.60 -49.10
CA ALA A 108 15.56 -1.35 -50.53
C ALA A 108 14.19 -1.60 -51.13
N ASP A 109 13.50 -2.62 -50.64
CA ASP A 109 12.24 -3.06 -51.25
C ASP A 109 11.12 -2.06 -51.06
N ILE A 110 11.14 -1.27 -49.98
CA ILE A 110 10.09 -0.31 -49.72
C ILE A 110 9.97 0.68 -50.87
N ALA A 111 8.77 0.81 -51.44
CA ALA A 111 8.54 1.71 -52.56
C ALA A 111 8.47 3.16 -52.10
N PRO A 112 9.40 4.02 -52.50
CA PRO A 112 9.34 5.43 -52.10
C PRO A 112 8.56 6.28 -53.09
N PRO A 113 7.57 7.04 -52.64
CA PRO A 113 6.97 8.05 -53.51
C PRO A 113 7.94 9.17 -53.85
N ALA A 114 7.59 9.87 -54.93
CA ALA A 114 8.38 10.97 -55.49
C ALA A 114 8.62 12.08 -54.49
N GLY A 115 9.90 12.31 -54.18
CA GLY A 115 10.34 13.33 -53.26
C GLY A 115 10.81 12.81 -51.91
N VAL A 116 10.61 11.53 -51.63
CA VAL A 116 11.11 10.89 -50.43
C VAL A 116 12.06 9.78 -50.86
N GLU A 117 13.30 9.82 -50.37
CA GLU A 117 14.32 8.88 -50.80
C GLU A 117 14.91 8.19 -49.59
N VAL A 118 15.00 6.86 -49.65
CA VAL A 118 15.65 6.06 -48.64
C VAL A 118 17.15 5.99 -48.92
N HIS A 119 17.97 5.96 -47.88
CA HIS A 119 19.41 6.04 -48.03
C HIS A 119 20.18 4.85 -47.49
N ASN A 120 19.53 3.88 -46.85
CA ASN A 120 20.21 2.68 -46.36
C ASN A 120 19.45 1.45 -46.84
N PRO A 121 19.49 1.18 -48.16
CA PRO A 121 18.76 0.02 -48.71
C PRO A 121 19.19 -1.33 -48.16
N ASP A 122 20.45 -1.45 -47.74
CA ASP A 122 21.02 -2.69 -47.23
C ASP A 122 20.42 -3.17 -45.90
N LEU A 123 19.79 -2.30 -45.12
CA LEU A 123 19.28 -2.64 -43.79
C LEU A 123 18.23 -3.76 -43.86
N VAL A 124 18.32 -4.71 -42.92
CA VAL A 124 17.44 -5.87 -42.89
C VAL A 124 16.26 -5.61 -41.97
N LEU A 125 15.06 -5.90 -42.46
CA LEU A 125 13.85 -5.76 -41.66
C LEU A 125 13.47 -7.07 -40.96
N ALA A 126 13.43 -8.16 -41.72
CA ALA A 126 13.03 -9.47 -41.21
C ALA A 126 13.47 -10.51 -42.22
N THR A 127 13.10 -11.77 -41.96
CA THR A 127 13.39 -12.89 -42.85
C THR A 127 12.10 -13.67 -43.02
N LEU A 128 11.78 -14.03 -44.26
CA LEU A 128 10.59 -14.81 -44.56
C LEU A 128 10.96 -16.20 -45.02
N ASN A 129 10.18 -17.18 -44.59
CA ASN A 129 10.24 -18.53 -45.14
C ASN A 129 9.31 -18.61 -46.35
N GLY A 130 9.17 -19.83 -46.90
CA GLY A 130 8.31 -20.03 -48.06
C GLY A 130 6.84 -19.70 -47.82
N LYS A 131 6.36 -19.90 -46.60
CA LYS A 131 4.96 -19.70 -46.27
C LYS A 131 4.62 -18.26 -45.89
N GLY A 132 5.59 -17.42 -45.58
CA GLY A 132 5.29 -16.09 -45.07
C GLY A 132 4.79 -15.10 -46.10
N LYS A 133 4.31 -13.98 -45.58
CA LYS A 133 3.72 -12.90 -46.38
C LYS A 133 3.81 -11.63 -45.56
N LEU A 134 4.52 -10.62 -46.07
CA LEU A 134 4.62 -9.33 -45.41
C LEU A 134 4.11 -8.21 -46.31
N GLU A 135 3.22 -7.39 -45.77
CA GLU A 135 2.67 -6.24 -46.48
C GLU A 135 2.50 -5.12 -45.46
N MET A 136 3.25 -4.04 -45.62
CA MET A 136 3.34 -2.98 -44.62
C MET A 136 3.11 -1.61 -45.28
N GLU A 137 2.45 -0.73 -44.54
CA GLU A 137 2.33 0.68 -44.85
C GLU A 137 3.15 1.48 -43.85
N LEU A 138 3.90 2.48 -44.33
CA LEU A 138 4.65 3.35 -43.44
C LEU A 138 4.24 4.79 -43.66
N THR A 139 4.18 5.56 -42.58
CA THR A 139 3.85 6.97 -42.64
C THR A 139 5.09 7.79 -42.32
N VAL A 140 5.54 8.60 -43.26
CA VAL A 140 6.69 9.47 -43.07
C VAL A 140 6.22 10.89 -42.85
N GLU A 141 6.73 11.53 -41.81
CA GLU A 141 6.46 12.92 -41.50
C GLU A 141 7.81 13.58 -41.34
N ARG A 142 7.83 14.91 -41.21
CA ARG A 142 9.08 15.63 -40.98
C ARG A 142 8.97 16.50 -39.75
N GLY A 143 10.06 16.58 -39.00
CA GLY A 143 10.06 17.36 -37.78
C GLY A 143 11.46 17.53 -37.25
N ARG A 144 11.55 17.85 -35.96
CA ARG A 144 12.84 18.07 -35.32
C ARG A 144 12.79 17.54 -33.91
N GLY A 145 13.98 17.22 -33.38
CA GLY A 145 14.06 16.69 -32.04
C GLY A 145 13.57 15.26 -31.97
N TYR A 146 13.02 14.90 -30.82
CA TYR A 146 12.47 13.58 -30.60
C TYR A 146 11.06 13.76 -30.07
N VAL A 147 10.12 12.95 -30.56
CA VAL A 147 8.74 13.00 -30.09
C VAL A 147 8.28 11.58 -29.80
N SER A 148 7.78 11.38 -28.59
CA SER A 148 7.35 10.06 -28.18
C SER A 148 6.06 9.68 -28.89
N ALA A 149 5.82 8.36 -28.94
CA ALA A 149 4.63 7.80 -29.58
C ALA A 149 3.34 8.26 -28.92
N VAL A 150 3.41 8.61 -27.63
CA VAL A 150 2.22 8.96 -26.83
C VAL A 150 1.53 10.18 -27.42
N GLN A 151 2.31 11.15 -27.90
CA GLN A 151 1.75 12.30 -28.59
C GLN A 151 1.53 12.02 -30.07
N ASN A 152 2.14 10.95 -30.59
CA ASN A 152 1.96 10.59 -31.99
C ASN A 152 0.59 9.98 -32.26
N LYS A 153 -0.04 9.32 -31.28
CA LYS A 153 -1.36 8.74 -31.52
C LYS A 153 -2.41 9.85 -31.66
N GLN A 154 -3.13 9.84 -32.79
CA GLN A 154 -4.19 10.81 -33.04
C GLN A 154 -5.45 10.20 -33.63
N VAL A 155 -5.40 8.97 -34.13
CA VAL A 155 -6.57 8.29 -34.69
C VAL A 155 -6.96 7.14 -33.76
N GLY A 156 -8.22 7.13 -33.37
CA GLY A 156 -8.69 6.15 -32.42
C GLY A 156 -9.47 5.01 -33.05
N GLN A 157 -10.33 5.34 -34.01
CA GLN A 157 -11.14 4.34 -34.71
C GLN A 157 -10.29 3.34 -35.48
N GLU A 158 -9.17 3.80 -36.05
CA GLU A 158 -8.30 2.90 -36.78
C GLU A 158 -7.52 2.02 -35.82
N ILE A 159 -8.09 0.86 -35.50
CA ILE A 159 -7.46 -0.07 -34.55
C ILE A 159 -6.19 -0.68 -35.14
N GLY A 160 -6.16 -0.88 -36.45
CA GLY A 160 -5.00 -1.48 -37.11
C GLY A 160 -3.72 -0.68 -36.99
N ARG A 161 -3.82 0.64 -36.97
CA ARG A 161 -2.65 1.51 -36.83
C ARG A 161 -1.95 1.32 -35.49
N ILE A 162 -0.63 1.37 -35.53
CA ILE A 162 0.20 1.35 -34.34
C ILE A 162 1.25 2.45 -34.49
N PRO A 163 1.33 3.37 -33.55
CA PRO A 163 2.31 4.45 -33.67
C PRO A 163 3.68 4.01 -33.19
N VAL A 164 4.69 4.77 -33.60
CA VAL A 164 6.07 4.54 -33.18
C VAL A 164 6.71 5.87 -32.85
N ASP A 165 7.54 5.89 -31.82
CA ASP A 165 8.33 7.08 -31.52
C ASP A 165 9.30 7.36 -32.66
N SER A 166 9.60 8.63 -32.86
CA SER A 166 10.33 9.04 -34.05
C SER A 166 11.53 9.89 -33.68
N ILE A 167 12.63 9.65 -34.36
CA ILE A 167 13.87 10.40 -34.18
C ILE A 167 14.13 11.12 -35.49
N TYR A 168 13.97 12.43 -35.48
CA TYR A 168 14.11 13.20 -36.70
C TYR A 168 15.54 13.62 -36.99
N SER A 169 16.31 13.91 -35.94
CA SER A 169 17.63 14.52 -36.09
C SER A 169 18.58 13.64 -36.89
N PRO A 170 19.20 14.15 -37.95
CA PRO A 170 20.11 13.36 -38.77
C PRO A 170 21.58 13.47 -38.43
N VAL A 171 21.94 14.11 -37.35
CA VAL A 171 23.34 14.26 -36.98
C VAL A 171 23.74 13.13 -36.04
N LEU A 172 24.95 12.63 -36.22
CA LEU A 172 25.41 11.47 -35.49
C LEU A 172 26.25 11.84 -34.27
N LYS A 173 27.30 12.63 -34.44
CA LYS A 173 28.05 13.18 -33.32
C LYS A 173 28.82 14.41 -33.79
N VAL A 174 29.28 15.20 -32.83
CA VAL A 174 29.94 16.47 -33.08
C VAL A 174 31.10 16.57 -32.10
N THR A 175 32.24 17.12 -32.53
CA THR A 175 33.43 17.17 -31.71
C THR A 175 34.24 18.43 -32.01
N TYR A 176 34.52 19.24 -30.99
CA TYR A 176 35.30 20.44 -31.17
C TYR A 176 36.62 20.39 -30.40
N LYS A 177 37.68 20.93 -30.99
CA LYS A 177 38.98 21.08 -30.36
C LYS A 177 39.43 22.52 -30.54
N VAL A 178 40.44 22.94 -29.76
CA VAL A 178 41.02 24.28 -29.89
C VAL A 178 42.54 24.16 -29.82
N GLU A 179 43.21 25.21 -30.26
CA GLU A 179 44.67 25.32 -30.26
C GLU A 179 45.03 26.78 -30.03
N ALA A 180 46.27 27.16 -30.35
CA ALA A 180 46.70 28.55 -30.30
C ALA A 180 47.19 28.94 -31.70
N THR A 181 46.85 30.16 -32.13
CA THR A 181 47.27 30.65 -33.43
C THR A 181 48.74 31.07 -33.47
N ARG A 182 49.31 31.02 -34.68
CA ARG A 182 50.69 31.37 -34.94
C ARG A 182 50.97 32.86 -34.77
N VAL A 183 49.94 33.72 -34.83
CA VAL A 183 50.13 35.16 -34.76
C VAL A 183 50.71 35.56 -33.41
N GLU A 184 51.63 36.51 -33.44
CA GLU A 184 52.53 36.77 -32.31
C GLU A 184 51.94 37.85 -31.43
N GLN A 185 51.13 37.42 -30.46
CA GLN A 185 50.70 38.28 -29.38
C GLN A 185 50.71 37.47 -28.10
N ARG A 186 50.63 38.20 -26.98
CA ARG A 186 50.56 37.55 -25.68
C ARG A 186 49.20 36.87 -25.51
N THR A 187 48.19 37.39 -26.21
CA THR A 187 46.81 36.93 -26.11
C THR A 187 46.64 35.47 -26.52
N ASP A 188 47.33 35.05 -27.59
CA ASP A 188 47.28 33.68 -28.13
C ASP A 188 45.85 33.32 -28.56
N PHE A 189 45.39 34.01 -29.62
CA PHE A 189 44.08 33.76 -30.23
C PHE A 189 43.93 32.30 -30.61
N ASP A 190 42.77 31.71 -30.38
CA ASP A 190 42.58 30.28 -30.63
C ASP A 190 41.81 30.00 -31.91
N LYS A 191 42.06 28.82 -32.48
CA LYS A 191 41.43 28.40 -33.74
C LYS A 191 40.56 27.17 -33.48
N LEU A 192 39.26 27.39 -33.36
CA LEU A 192 38.29 26.32 -33.16
C LEU A 192 38.25 25.40 -34.36
N ILE A 193 38.09 24.10 -34.11
CA ILE A 193 37.95 23.12 -35.17
C ILE A 193 36.84 22.14 -34.79
N VAL A 194 35.76 22.14 -35.58
CA VAL A 194 34.54 21.38 -35.30
C VAL A 194 34.44 20.24 -36.29
N ASP A 195 34.31 19.02 -35.78
CA ASP A 195 34.12 17.83 -36.61
C ASP A 195 32.65 17.46 -36.54
N VAL A 196 31.99 17.37 -37.68
CA VAL A 196 30.57 17.05 -37.75
C VAL A 196 30.40 15.75 -38.51
N GLU A 197 29.65 14.81 -37.92
CA GLU A 197 29.30 13.55 -38.56
C GLU A 197 27.79 13.42 -38.62
N THR A 198 27.27 13.10 -39.80
CA THR A 198 25.84 13.03 -40.02
C THR A 198 25.45 11.73 -40.68
N LYS A 199 24.17 11.39 -40.56
CA LYS A 199 23.61 10.27 -41.27
C LYS A 199 23.54 10.59 -42.77
N GLN A 200 23.14 9.59 -43.55
CA GLN A 200 23.11 9.79 -45.01
C GLN A 200 21.97 10.69 -45.48
N ALA A 201 21.14 11.20 -44.57
CA ALA A 201 20.01 12.05 -44.95
C ALA A 201 20.47 13.35 -45.58
N MET A 202 21.37 14.07 -44.92
CA MET A 202 21.75 15.39 -45.39
C MET A 202 23.24 15.61 -45.17
N ARG A 203 23.81 16.46 -46.02
CA ARG A 203 25.20 16.86 -45.94
C ARG A 203 25.49 17.65 -44.68
N PRO A 204 26.70 17.52 -44.11
CA PRO A 204 27.04 18.37 -42.97
C PRO A 204 27.04 19.86 -43.27
N ARG A 205 27.29 20.27 -44.52
CA ARG A 205 27.29 21.69 -44.88
C ARG A 205 25.94 22.36 -44.63
N ASP A 206 24.85 21.83 -45.20
CA ASP A 206 23.55 22.43 -44.92
C ASP A 206 23.11 22.18 -43.48
N ALA A 207 23.57 21.08 -42.88
CA ALA A 207 23.29 20.81 -41.47
C ALA A 207 23.84 21.91 -40.59
N MET A 208 25.13 22.25 -40.76
CA MET A 208 25.68 23.36 -39.99
C MET A 208 25.15 24.71 -40.47
N ALA A 209 24.70 24.80 -41.72
CA ALA A 209 24.02 26.00 -42.19
C ALA A 209 22.73 26.22 -41.41
N SER A 210 21.97 25.14 -41.20
CA SER A 210 20.73 25.22 -40.43
C SER A 210 20.99 25.60 -38.99
N ALA A 211 22.09 25.10 -38.41
CA ALA A 211 22.48 25.47 -37.07
C ALA A 211 22.80 26.96 -36.98
N GLY A 212 23.54 27.47 -37.96
CA GLY A 212 23.82 28.90 -38.00
C GLY A 212 22.57 29.73 -38.20
N LYS A 213 21.63 29.24 -39.00
CA LYS A 213 20.36 29.91 -39.23
C LYS A 213 19.56 30.10 -37.95
N THR A 214 19.45 29.04 -37.14
CA THR A 214 18.71 29.09 -35.88
C THR A 214 19.32 30.09 -34.91
N LEU A 215 20.64 30.03 -34.74
CA LEU A 215 21.33 30.84 -33.73
C LEU A 215 21.28 32.34 -34.03
N VAL A 216 21.39 32.74 -35.30
CA VAL A 216 21.42 34.16 -35.63
C VAL A 216 20.09 34.84 -35.31
N GLU A 217 18.98 34.11 -35.40
CA GLU A 217 17.70 34.70 -34.99
C GLU A 217 17.67 34.93 -33.48
N LEU A 218 18.12 33.94 -32.72
CA LEU A 218 18.21 34.06 -31.26
C LEU A 218 19.17 35.18 -30.85
N PHE A 219 20.38 35.18 -31.40
CA PHE A 219 21.35 36.20 -31.03
C PHE A 219 21.04 37.54 -31.65
N GLY A 220 20.30 37.58 -32.76
CA GLY A 220 19.81 38.83 -33.28
C GLY A 220 18.80 39.50 -32.36
N LEU A 221 17.98 38.70 -31.68
CA LEU A 221 16.99 39.17 -30.70
C LEU A 221 17.57 40.06 -29.62
N ALA A 222 18.78 39.74 -29.15
CA ALA A 222 19.44 40.58 -28.15
C ALA A 222 19.70 41.98 -28.68
N ARG A 223 20.23 42.09 -29.90
CA ARG A 223 20.63 43.40 -30.40
C ARG A 223 19.44 44.24 -30.85
N GLU A 224 18.55 43.70 -31.71
CA GLU A 224 17.51 44.50 -32.34
C GLU A 224 16.48 45.03 -31.34
N LEU A 225 16.11 44.22 -30.34
CA LEU A 225 15.14 44.66 -29.33
C LEU A 225 15.69 45.80 -28.47
N ASN A 226 17.00 45.99 -28.46
CA ASN A 226 17.64 47.14 -27.85
C ASN A 226 17.85 48.20 -28.92
N ILE A 227 17.93 49.46 -28.49
CA ILE A 227 17.99 50.66 -29.34
C ILE A 227 16.73 50.73 -30.20
N MET B 1 6.17 23.41 -36.87
CA MET B 1 7.59 23.66 -37.09
C MET B 1 7.96 25.06 -36.60
N LEU B 2 7.03 26.00 -36.73
CA LEU B 2 7.21 27.36 -36.25
C LEU B 2 7.32 27.37 -34.73
N ILE B 3 8.16 28.29 -34.22
CA ILE B 3 8.28 28.48 -32.78
C ILE B 3 6.96 28.94 -32.19
N ALA B 4 6.54 28.29 -31.10
CA ALA B 4 5.21 28.53 -30.53
C ALA B 4 5.08 29.94 -29.96
N GLN B 5 6.07 30.39 -29.21
CA GLN B 5 6.06 31.72 -28.63
C GLN B 5 7.44 32.34 -28.83
N ARG B 6 7.49 33.46 -29.54
CA ARG B 6 8.75 34.13 -29.80
C ARG B 6 9.34 34.68 -28.50
N PRO B 7 10.64 34.56 -28.28
CA PRO B 7 11.25 35.15 -27.08
C PRO B 7 11.28 36.66 -27.20
N SER B 8 11.62 37.33 -26.10
CA SER B 8 11.71 38.80 -26.14
C SER B 8 12.58 39.28 -24.99
N LEU B 9 13.73 39.85 -25.33
CA LEU B 9 14.61 40.48 -24.37
C LEU B 9 13.89 41.63 -23.68
N THR B 10 14.04 41.71 -22.37
CA THR B 10 13.48 42.79 -21.58
C THR B 10 14.58 43.34 -20.69
N GLU B 11 14.42 44.59 -20.30
CA GLU B 11 15.45 45.33 -19.59
C GLU B 11 14.95 45.67 -18.20
N GLU B 12 15.84 45.63 -17.23
CA GLU B 12 15.51 46.07 -15.88
C GLU B 12 16.74 46.78 -15.35
N VAL B 13 16.58 48.05 -15.01
CA VAL B 13 17.68 48.90 -14.59
C VAL B 13 17.60 49.08 -13.08
N VAL B 14 18.71 48.83 -12.41
CA VAL B 14 18.81 49.07 -10.97
C VAL B 14 19.79 50.17 -10.62
N ASP B 15 20.72 50.49 -11.50
CA ASP B 15 21.68 51.57 -11.30
C ASP B 15 22.03 52.12 -12.67
N GLU B 16 22.70 53.27 -12.67
CA GLU B 16 23.10 53.89 -13.93
C GLU B 16 24.17 53.11 -14.66
N PHE B 17 24.80 52.12 -14.02
CA PHE B 17 25.75 51.25 -14.69
C PHE B 17 25.40 49.77 -14.58
N ARG B 18 24.80 49.30 -13.50
CA ARG B 18 24.37 47.91 -13.39
C ARG B 18 22.91 47.76 -13.82
N SER B 19 22.64 46.70 -14.58
CA SER B 19 21.30 46.40 -15.07
C SER B 19 21.15 44.89 -15.14
N ARG B 20 19.89 44.44 -15.21
CA ARG B 20 19.58 43.03 -15.35
C ARG B 20 18.69 42.85 -16.57
N PHE B 21 18.88 41.74 -17.28
CA PHE B 21 18.13 41.45 -18.48
C PHE B 21 17.50 40.07 -18.36
N VAL B 22 16.24 39.97 -18.76
CA VAL B 22 15.47 38.74 -18.69
C VAL B 22 15.08 38.37 -20.10
N ILE B 23 15.18 37.09 -20.42
CA ILE B 23 14.73 36.56 -21.70
C ILE B 23 13.46 35.77 -21.45
N GLU B 24 12.41 36.09 -22.20
CA GLU B 24 11.07 35.50 -22.18
C GLU B 24 11.15 34.04 -22.66
N PRO B 25 9.99 33.22 -22.66
CA PRO B 25 10.04 31.81 -23.12
C PRO B 25 10.92 31.44 -24.29
N LEU B 26 11.73 30.41 -24.06
CA LEU B 26 12.72 29.97 -25.02
C LEU B 26 12.66 28.46 -25.11
N GLU B 27 13.19 27.96 -26.21
CA GLU B 27 13.19 26.54 -26.54
C GLU B 27 14.00 25.75 -25.52
N PRO B 28 13.58 24.52 -25.16
CA PRO B 28 14.23 23.78 -24.06
C PRO B 28 15.71 23.55 -24.35
N GLY B 29 16.54 23.79 -23.34
CA GLY B 29 17.96 23.60 -23.51
C GLY B 29 18.69 24.78 -24.09
N PHE B 30 17.97 25.81 -24.54
CA PHE B 30 18.60 26.95 -25.18
C PHE B 30 18.99 28.02 -24.20
N GLY B 31 18.68 27.86 -22.91
CA GLY B 31 19.09 28.83 -21.93
C GLY B 31 20.59 28.83 -21.74
N TYR B 32 21.24 27.70 -21.97
CA TYR B 32 22.66 27.53 -21.75
C TYR B 32 23.49 27.79 -23.00
N THR B 33 22.99 27.42 -24.19
CA THR B 33 23.64 27.81 -25.44
C THR B 33 23.83 29.30 -25.52
N LEU B 34 22.70 30.01 -25.51
CA LEU B 34 22.67 31.47 -25.60
C LEU B 34 23.36 32.12 -24.41
N GLY B 35 23.11 31.61 -23.20
CA GLY B 35 23.59 32.26 -21.99
C GLY B 35 25.10 32.31 -21.83
N ASN B 36 25.78 31.19 -22.01
CA ASN B 36 27.22 31.16 -21.76
C ASN B 36 27.98 31.84 -22.88
N SER B 37 27.52 31.68 -24.11
CA SER B 37 28.13 32.35 -25.25
C SER B 37 28.03 33.86 -25.14
N LEU B 38 26.88 34.37 -24.70
CA LEU B 38 26.69 35.80 -24.51
C LEU B 38 27.66 36.36 -23.48
N ARG B 39 27.80 35.70 -22.33
CA ARG B 39 28.70 36.12 -21.26
C ARG B 39 30.13 36.30 -21.72
N ARG B 40 30.68 35.32 -22.44
CA ARG B 40 32.07 35.38 -22.86
C ARG B 40 32.34 36.53 -23.82
N THR B 41 31.51 36.68 -24.86
CA THR B 41 31.75 37.72 -25.85
C THR B 41 31.57 39.12 -25.26
N LEU B 42 30.52 39.32 -24.47
CA LEU B 42 30.29 40.58 -23.80
C LEU B 42 31.47 40.96 -22.91
N LEU B 43 32.09 39.97 -22.27
CA LEU B 43 33.27 40.22 -21.46
C LEU B 43 34.52 40.47 -22.29
N SER B 44 34.65 39.82 -23.44
CA SER B 44 35.91 39.81 -24.19
C SER B 44 35.89 40.67 -25.45
N SER B 45 34.92 40.45 -26.34
CA SER B 45 35.01 40.95 -27.72
C SER B 45 34.90 42.46 -27.82
N ILE B 46 34.15 43.10 -26.93
CA ILE B 46 33.88 44.55 -27.01
C ILE B 46 35.18 45.33 -26.82
N PRO B 47 35.49 46.31 -27.67
CA PRO B 47 36.72 47.07 -27.50
C PRO B 47 36.57 48.26 -26.56
N GLY B 48 37.72 48.77 -26.13
CA GLY B 48 37.76 49.90 -25.22
C GLY B 48 39.17 50.39 -25.05
N ALA B 49 39.35 51.28 -24.10
CA ALA B 49 40.67 51.85 -23.87
C ALA B 49 40.99 51.88 -22.39
N ALA B 50 42.24 51.57 -22.05
CA ALA B 50 42.72 51.64 -20.68
C ALA B 50 44.24 51.74 -20.71
N VAL B 51 44.80 52.15 -19.57
CA VAL B 51 46.25 52.38 -19.49
C VAL B 51 46.99 51.07 -19.64
N THR B 52 48.27 51.15 -20.02
CA THR B 52 49.07 49.95 -20.21
C THR B 52 50.44 50.01 -19.57
N SER B 53 50.96 51.18 -19.21
CA SER B 53 52.23 51.28 -18.51
C SER B 53 52.25 52.62 -17.80
N ILE B 54 53.04 52.70 -16.74
CA ILE B 54 53.13 53.93 -15.98
C ILE B 54 54.60 54.29 -15.80
N ARG B 55 54.87 55.58 -15.62
CA ARG B 55 56.23 56.07 -15.47
C ARG B 55 56.26 57.16 -14.40
N ILE B 56 57.03 56.93 -13.34
CA ILE B 56 57.20 57.88 -12.25
C ILE B 56 58.65 58.35 -12.25
N ASP B 57 58.86 59.65 -12.06
CA ASP B 57 60.21 60.19 -12.05
C ASP B 57 61.00 59.73 -10.82
N GLY B 58 62.26 59.39 -11.03
CA GLY B 58 63.22 59.13 -9.96
C GLY B 58 62.90 57.97 -9.03
N VAL B 59 62.38 56.88 -9.58
CA VAL B 59 62.13 55.68 -8.78
C VAL B 59 62.56 54.47 -9.60
N LEU B 60 62.90 53.38 -8.92
CA LEU B 60 63.21 52.10 -9.53
C LEU B 60 62.06 51.14 -9.33
N HIS B 61 62.04 50.06 -10.14
CA HIS B 61 60.99 49.05 -10.01
C HIS B 61 61.04 48.34 -8.66
N GLU B 62 62.23 47.96 -8.20
CA GLU B 62 62.37 47.35 -6.89
C GLU B 62 62.21 48.37 -5.77
N PHE B 63 62.53 49.64 -6.02
CA PHE B 63 62.45 50.67 -4.99
C PHE B 63 60.98 50.99 -4.81
N THR B 64 60.34 50.26 -3.90
CA THR B 64 58.91 50.37 -3.66
C THR B 64 58.51 51.63 -2.89
N THR B 65 59.43 52.38 -2.31
CA THR B 65 59.00 53.58 -1.62
C THR B 65 59.08 54.76 -2.60
N VAL B 66 58.19 55.73 -2.44
CA VAL B 66 58.22 56.96 -3.21
C VAL B 66 58.23 58.12 -2.23
N PRO B 67 59.24 58.99 -2.27
CA PRO B 67 59.28 60.14 -1.35
C PRO B 67 58.18 61.15 -1.62
N GLY B 68 57.76 61.83 -0.55
CA GLY B 68 56.81 62.91 -0.60
C GLY B 68 55.35 62.51 -0.72
N VAL B 69 55.06 61.22 -0.78
CA VAL B 69 53.70 60.70 -0.89
C VAL B 69 53.53 59.64 0.20
N LYS B 70 52.42 59.72 0.94
CA LYS B 70 52.14 58.76 1.99
C LYS B 70 51.90 57.35 1.45
N GLU B 71 51.23 57.24 0.30
CA GLU B 71 50.91 55.93 -0.23
C GLU B 71 52.13 55.29 -0.91
N ASP B 72 52.03 53.98 -1.08
CA ASP B 72 53.10 53.19 -1.67
C ASP B 72 52.92 53.11 -3.19
N VAL B 73 53.66 52.23 -3.86
CA VAL B 73 53.50 52.09 -5.30
C VAL B 73 52.28 51.26 -5.61
N THR B 74 52.03 50.23 -4.80
CA THR B 74 50.99 49.25 -5.08
C THR B 74 49.61 49.88 -5.05
N ASP B 75 49.34 50.72 -4.05
CA ASP B 75 48.09 51.45 -4.01
C ASP B 75 47.99 52.48 -5.13
N LEU B 76 49.13 53.04 -5.54
CA LEU B 76 49.14 53.91 -6.71
C LEU B 76 48.85 53.14 -7.99
N ILE B 77 49.48 51.97 -8.15
CA ILE B 77 49.25 51.11 -9.32
C ILE B 77 47.80 50.63 -9.36
N LEU B 78 47.27 50.20 -8.21
CA LEU B 78 45.88 49.77 -8.12
C LEU B 78 44.91 50.89 -8.50
N ASN B 79 45.11 52.08 -7.94
CA ASN B 79 44.19 53.19 -8.21
C ASN B 79 44.23 53.63 -9.66
N ILE B 80 45.42 53.66 -10.27
CA ILE B 80 45.53 54.13 -11.63
C ILE B 80 44.91 53.15 -12.63
N LYS B 81 45.09 51.84 -12.42
CA LYS B 81 44.46 50.87 -13.32
C LYS B 81 42.94 50.87 -13.21
N GLN B 82 42.41 51.29 -12.06
CA GLN B 82 40.96 51.45 -11.90
C GLN B 82 40.40 52.49 -12.86
N LEU B 83 41.17 53.57 -13.10
CA LEU B 83 40.73 54.71 -13.90
C LEU B 83 40.31 54.31 -15.31
N VAL B 84 39.20 54.89 -15.77
CA VAL B 84 38.65 54.62 -17.09
C VAL B 84 38.93 55.81 -18.01
N VAL B 85 39.32 55.52 -19.25
CA VAL B 85 39.61 56.53 -20.25
C VAL B 85 39.06 56.06 -21.59
N SER B 86 38.46 56.99 -22.34
CA SER B 86 38.00 56.73 -23.70
C SER B 86 39.00 57.35 -24.67
N SER B 87 39.58 56.52 -25.53
CA SER B 87 40.54 56.98 -26.51
C SER B 87 40.15 56.51 -27.90
N GLU B 88 40.53 57.31 -28.90
CA GLU B 88 40.20 56.99 -30.29
C GLU B 88 41.38 57.21 -31.22
N HIS B 89 42.59 57.40 -30.69
CA HIS B 89 43.75 57.58 -31.55
C HIS B 89 44.17 56.29 -32.24
N ASP B 90 43.84 55.13 -31.64
CA ASP B 90 44.17 53.78 -32.08
C ASP B 90 45.67 53.48 -32.05
N GLU B 91 46.46 54.32 -31.39
CA GLU B 91 47.89 54.16 -31.19
C GLU B 91 48.20 54.58 -29.76
N PRO B 92 49.37 54.17 -29.22
CA PRO B 92 49.72 54.58 -27.86
C PRO B 92 49.78 56.09 -27.69
N VAL B 93 49.22 56.56 -26.59
CA VAL B 93 49.15 57.98 -26.27
C VAL B 93 49.58 58.17 -24.83
N VAL B 94 50.39 59.20 -24.57
CA VAL B 94 50.99 59.42 -23.27
C VAL B 94 50.25 60.57 -22.59
N MET B 95 50.00 60.41 -21.30
CA MET B 95 49.23 61.36 -20.51
C MET B 95 50.08 61.82 -19.34
N TYR B 96 50.17 63.13 -19.15
CA TYR B 96 51.07 63.68 -18.14
C TYR B 96 50.27 64.09 -16.90
N LEU B 97 50.93 64.02 -15.75
CA LEU B 97 50.32 64.43 -14.49
C LEU B 97 51.41 64.93 -13.56
N ARG B 98 51.48 66.25 -13.39
CA ARG B 98 52.48 66.93 -12.57
C ARG B 98 51.77 67.79 -11.54
N LYS B 99 51.94 67.45 -10.26
CA LYS B 99 51.34 68.25 -9.20
C LYS B 99 52.28 68.35 -8.02
N GLN B 100 52.35 69.54 -7.41
CA GLN B 100 53.19 69.80 -6.26
C GLN B 100 52.32 70.28 -5.10
N GLY B 101 52.97 70.58 -3.98
CA GLY B 101 52.28 70.99 -2.78
C GLY B 101 51.50 69.89 -2.10
N PRO B 102 51.19 70.08 -0.81
CA PRO B 102 50.41 69.07 -0.09
C PRO B 102 48.97 69.04 -0.56
N GLY B 103 48.35 67.88 -0.43
CA GLY B 103 46.95 67.80 -0.77
C GLY B 103 46.57 66.41 -1.27
N LEU B 104 45.54 66.39 -2.12
CA LEU B 104 45.00 65.19 -2.71
C LEU B 104 44.90 65.38 -4.21
N VAL B 105 45.64 64.57 -4.96
CA VAL B 105 45.63 64.57 -6.42
C VAL B 105 44.55 63.61 -6.94
N THR B 106 43.70 64.11 -7.85
CA THR B 106 42.54 63.38 -8.32
C THR B 106 42.63 63.22 -9.82
N ALA B 107 41.68 62.45 -10.37
CA ALA B 107 41.60 62.25 -11.81
C ALA B 107 41.21 63.52 -12.57
N ALA B 108 40.57 64.49 -11.91
CA ALA B 108 40.21 65.74 -12.55
C ALA B 108 41.42 66.55 -12.98
N ASP B 109 42.44 66.64 -12.13
CA ASP B 109 43.57 67.50 -12.44
C ASP B 109 44.49 66.95 -13.53
N ILE B 110 44.31 65.71 -13.98
CA ILE B 110 45.09 65.24 -15.12
C ILE B 110 44.69 66.01 -16.36
N ALA B 111 45.69 66.36 -17.18
CA ALA B 111 45.44 67.03 -18.45
C ALA B 111 45.50 66.04 -19.59
N PRO B 112 44.40 65.72 -20.24
CA PRO B 112 44.43 64.75 -21.32
C PRO B 112 44.73 65.43 -22.65
N PRO B 113 45.40 64.73 -23.56
CA PRO B 113 45.61 65.25 -24.91
C PRO B 113 44.35 65.08 -25.74
N ALA B 114 44.43 65.52 -27.00
CA ALA B 114 43.30 65.45 -27.90
C ALA B 114 42.91 63.99 -28.17
N GLY B 115 41.61 63.73 -28.19
CA GLY B 115 41.08 62.42 -28.48
C GLY B 115 41.11 61.43 -27.34
N VAL B 116 41.46 61.86 -26.12
CA VAL B 116 41.42 61.01 -24.94
C VAL B 116 40.56 61.71 -23.90
N GLU B 117 39.56 60.99 -23.38
CA GLU B 117 38.59 61.56 -22.46
C GLU B 117 38.66 60.77 -21.16
N VAL B 118 38.71 61.47 -20.04
CA VAL B 118 38.64 60.85 -18.72
C VAL B 118 37.21 60.94 -18.22
N HIS B 119 36.61 59.78 -17.94
CA HIS B 119 35.19 59.76 -17.58
C HIS B 119 34.90 60.08 -16.12
N ASN B 120 35.79 59.75 -15.19
CA ASN B 120 35.45 59.80 -13.76
C ASN B 120 36.51 60.66 -13.06
N PRO B 121 36.33 61.98 -13.08
CA PRO B 121 37.30 62.87 -12.42
C PRO B 121 37.30 62.80 -10.90
N ASP B 122 36.35 62.08 -10.29
CA ASP B 122 36.22 62.04 -8.84
C ASP B 122 37.32 61.23 -8.17
N LEU B 123 37.86 60.23 -8.86
CA LEU B 123 38.74 59.21 -8.29
C LEU B 123 40.02 59.80 -7.67
N VAL B 124 40.34 59.32 -6.47
CA VAL B 124 41.51 59.77 -5.70
C VAL B 124 42.71 58.91 -6.04
N LEU B 125 43.81 59.55 -6.42
CA LEU B 125 45.01 58.82 -6.81
C LEU B 125 46.04 58.73 -5.68
N ALA B 126 46.37 59.85 -5.04
CA ALA B 126 47.42 59.88 -4.04
C ALA B 126 47.19 61.01 -3.05
N THR B 127 47.83 60.92 -1.90
CA THR B 127 47.84 61.97 -0.89
C THR B 127 49.25 62.50 -0.68
N LEU B 128 49.39 63.81 -0.59
CA LEU B 128 50.69 64.46 -0.55
C LEU B 128 50.93 65.08 0.83
N ASN B 129 52.13 64.85 1.38
CA ASN B 129 52.54 65.46 2.65
C ASN B 129 53.74 66.37 2.43
N GLY B 130 53.67 67.59 2.98
CA GLY B 130 54.69 68.58 2.72
C GLY B 130 54.73 68.96 1.26
N LYS B 131 55.93 69.21 0.74
CA LYS B 131 56.09 69.51 -0.68
C LYS B 131 55.72 68.26 -1.48
N GLY B 132 54.83 68.44 -2.45
CA GLY B 132 54.29 67.31 -3.19
C GLY B 132 55.27 66.51 -4.01
N LYS B 133 55.99 67.18 -4.92
CA LYS B 133 57.01 66.63 -5.84
C LYS B 133 56.48 65.48 -6.70
N LEU B 134 55.17 65.37 -6.91
CA LEU B 134 54.60 64.24 -7.64
C LEU B 134 54.62 64.56 -9.13
N GLU B 135 55.31 63.75 -9.91
CA GLU B 135 55.28 63.87 -11.36
C GLU B 135 55.26 62.47 -11.94
N MET B 136 54.29 62.20 -12.81
CA MET B 136 54.04 60.83 -13.24
C MET B 136 53.36 60.87 -14.60
N GLU B 137 53.81 60.02 -15.52
CA GLU B 137 53.21 59.93 -16.84
C GLU B 137 52.85 58.49 -17.13
N LEU B 138 51.69 58.30 -17.75
CA LEU B 138 51.17 56.99 -18.05
C LEU B 138 50.85 56.88 -19.53
N THR B 139 50.75 55.65 -20.01
CA THR B 139 50.49 55.36 -21.41
C THR B 139 49.11 54.76 -21.56
N VAL B 140 48.27 55.41 -22.34
CA VAL B 140 46.95 54.89 -22.69
C VAL B 140 47.02 54.16 -24.02
N GLU B 141 46.30 53.05 -24.14
CA GLU B 141 46.28 52.30 -25.37
C GLU B 141 44.89 51.69 -25.53
N ARG B 142 44.33 51.80 -26.73
CA ARG B 142 43.03 51.18 -27.00
C ARG B 142 43.22 49.68 -27.16
N GLY B 143 42.32 48.89 -26.58
CA GLY B 143 42.46 47.45 -26.63
C GLY B 143 41.19 46.63 -26.59
N ARG B 144 41.34 45.31 -26.40
CA ARG B 144 40.22 44.38 -26.35
C ARG B 144 40.40 43.40 -25.20
N GLY B 145 39.32 43.15 -24.46
CA GLY B 145 39.27 42.16 -23.40
C GLY B 145 40.08 42.43 -22.15
N TYR B 146 41.02 41.54 -21.84
CA TYR B 146 41.91 41.68 -20.69
C TYR B 146 43.24 41.05 -21.08
N VAL B 147 44.34 41.63 -20.60
CA VAL B 147 45.68 41.11 -20.86
C VAL B 147 46.53 41.35 -19.63
N SER B 148 47.35 40.37 -19.29
CA SER B 148 48.25 40.52 -18.17
C SER B 148 49.45 41.39 -18.55
N ALA B 149 50.08 41.98 -17.54
CA ALA B 149 51.25 42.82 -17.73
C ALA B 149 52.42 42.01 -18.26
N VAL B 150 53.18 42.60 -19.18
CA VAL B 150 54.35 41.93 -19.72
C VAL B 150 55.50 42.94 -19.77
N GLN B 151 56.72 42.43 -19.81
CA GLN B 151 57.90 43.25 -19.91
C GLN B 151 58.29 43.38 -21.37
N ASN B 152 58.23 44.60 -21.89
CA ASN B 152 58.58 44.92 -23.27
C ASN B 152 59.94 45.58 -23.39
N LYS B 153 60.81 45.39 -22.39
CA LYS B 153 62.15 45.98 -22.22
C LYS B 153 62.03 47.48 -21.88
N GLN B 154 60.82 47.94 -21.55
CA GLN B 154 60.59 49.32 -21.13
C GLN B 154 61.38 49.69 -19.87
N VAL B 155 61.60 48.72 -18.98
CA VAL B 155 62.47 48.94 -17.82
C VAL B 155 63.91 49.19 -18.26
N GLY B 156 64.38 48.48 -19.29
CA GLY B 156 65.73 48.72 -19.80
C GLY B 156 65.95 50.11 -20.40
N GLN B 157 64.99 50.61 -21.19
CA GLN B 157 65.11 51.96 -21.74
C GLN B 157 65.05 53.01 -20.63
N GLU B 158 64.10 52.86 -19.70
CA GLU B 158 64.03 53.76 -18.57
C GLU B 158 63.54 53.00 -17.34
N ILE B 159 64.32 53.07 -16.27
CA ILE B 159 64.10 52.26 -15.07
C ILE B 159 62.78 52.59 -14.40
N GLY B 160 62.33 53.86 -14.49
CA GLY B 160 61.08 54.26 -13.88
C GLY B 160 59.85 53.63 -14.49
N ARG B 161 59.89 53.33 -15.79
CA ARG B 161 58.72 52.78 -16.47
C ARG B 161 58.43 51.37 -15.99
N ILE B 162 57.13 51.09 -15.78
CA ILE B 162 56.66 49.77 -15.34
C ILE B 162 55.37 49.47 -16.08
N PRO B 163 55.12 48.19 -16.39
CA PRO B 163 53.84 47.82 -16.96
C PRO B 163 52.79 47.66 -15.87
N VAL B 164 51.55 47.44 -16.30
CA VAL B 164 50.39 47.32 -15.42
C VAL B 164 49.38 46.46 -16.15
N ASP B 165 48.54 45.78 -15.38
CA ASP B 165 47.50 44.96 -15.98
C ASP B 165 46.42 45.89 -16.47
N SER B 166 45.83 45.58 -17.61
CA SER B 166 44.90 46.50 -18.23
C SER B 166 43.54 45.87 -18.38
N ILE B 167 42.50 46.67 -18.17
CA ILE B 167 41.13 46.22 -18.36
C ILE B 167 40.54 47.00 -19.52
N TYR B 168 40.62 46.43 -20.71
CA TYR B 168 40.08 47.09 -21.89
C TYR B 168 38.57 47.03 -21.96
N SER B 169 37.98 45.93 -21.50
CA SER B 169 36.54 45.74 -21.60
C SER B 169 35.76 46.75 -20.75
N PRO B 170 34.77 47.41 -21.32
CA PRO B 170 33.92 48.31 -20.51
C PRO B 170 33.10 47.60 -19.45
N VAL B 171 32.92 46.30 -19.53
CA VAL B 171 32.08 45.58 -18.59
C VAL B 171 32.96 45.02 -17.49
N LEU B 172 32.45 45.02 -16.26
CA LEU B 172 33.23 44.49 -15.14
C LEU B 172 32.96 43.01 -14.88
N LYS B 173 31.69 42.61 -14.82
CA LYS B 173 31.37 41.20 -14.58
C LYS B 173 29.96 40.92 -15.08
N VAL B 174 29.73 39.66 -15.42
CA VAL B 174 28.46 39.17 -15.97
C VAL B 174 28.16 37.83 -15.33
N THR B 175 27.08 37.76 -14.56
CA THR B 175 26.62 36.52 -13.93
C THR B 175 25.27 36.10 -14.50
N TYR B 176 25.23 34.94 -15.14
CA TYR B 176 24.02 34.44 -15.78
C TYR B 176 23.48 33.21 -15.06
N LYS B 177 22.17 33.19 -14.81
CA LYS B 177 21.50 32.04 -14.23
C LYS B 177 20.29 31.68 -15.08
N VAL B 178 20.06 30.39 -15.25
CA VAL B 178 18.99 29.87 -16.08
C VAL B 178 17.96 29.22 -15.18
N GLU B 179 16.68 29.55 -15.37
CA GLU B 179 15.61 28.91 -14.63
C GLU B 179 14.59 28.37 -15.61
N ALA B 180 13.63 27.62 -15.06
CA ALA B 180 12.59 27.01 -15.85
C ALA B 180 11.31 27.82 -15.71
N THR B 181 10.50 27.82 -16.76
CA THR B 181 9.20 28.46 -16.75
C THR B 181 8.19 27.54 -17.38
N ARG B 182 6.93 27.72 -17.00
CA ARG B 182 5.83 26.89 -17.48
C ARG B 182 4.97 27.70 -18.43
N VAL B 183 4.90 27.26 -19.68
CA VAL B 183 4.13 27.93 -20.71
C VAL B 183 3.28 26.88 -21.42
N GLU B 184 1.98 27.21 -21.62
CA GLU B 184 0.93 26.35 -22.22
C GLU B 184 1.02 24.88 -21.78
N GLN B 185 1.02 24.71 -20.46
CA GLN B 185 0.99 23.41 -19.76
C GLN B 185 2.28 22.61 -19.96
N ARG B 186 3.36 23.24 -20.38
CA ARG B 186 4.66 22.59 -20.48
C ARG B 186 5.66 23.43 -19.69
N THR B 187 6.43 22.80 -18.82
CA THR B 187 7.42 23.51 -18.03
C THR B 187 8.84 23.38 -18.54
N ASP B 188 9.04 22.71 -19.67
CA ASP B 188 10.37 22.53 -20.24
C ASP B 188 10.75 23.73 -21.11
N PHE B 189 10.75 24.90 -20.50
CA PHE B 189 11.07 26.13 -21.20
C PHE B 189 11.98 26.92 -20.28
N ASP B 190 13.03 27.48 -20.84
CA ASP B 190 14.13 28.03 -20.08
C ASP B 190 14.13 29.54 -20.17
N LYS B 191 14.09 30.19 -19.02
CA LYS B 191 14.22 31.64 -18.92
C LYS B 191 15.67 31.97 -18.56
N LEU B 192 16.27 32.89 -19.30
CA LEU B 192 17.66 33.27 -19.06
C LEU B 192 17.69 34.65 -18.43
N ILE B 193 18.45 34.81 -17.36
CA ILE B 193 18.63 36.09 -16.68
C ILE B 193 20.11 36.46 -16.71
N VAL B 194 20.43 37.57 -17.36
CA VAL B 194 21.81 38.04 -17.51
C VAL B 194 21.96 39.35 -16.77
N ASP B 195 22.82 39.36 -15.76
CA ASP B 195 23.14 40.55 -14.97
C ASP B 195 24.43 41.15 -15.51
N VAL B 196 24.38 42.39 -15.98
CA VAL B 196 25.54 43.06 -16.54
C VAL B 196 25.93 44.26 -15.68
N GLU B 197 27.17 44.27 -15.18
CA GLU B 197 27.76 45.40 -14.47
C GLU B 197 28.92 45.96 -15.25
N THR B 198 28.86 47.24 -15.61
CA THR B 198 29.85 47.83 -16.50
C THR B 198 30.41 49.13 -15.92
N LYS B 199 31.66 49.44 -16.31
CA LYS B 199 32.29 50.68 -15.86
C LYS B 199 31.59 51.90 -16.46
N GLN B 200 31.94 53.06 -15.92
CA GLN B 200 31.23 54.33 -16.13
C GLN B 200 31.23 54.82 -17.58
N ALA B 201 32.09 54.27 -18.44
CA ALA B 201 32.18 54.74 -19.82
C ALA B 201 30.94 54.40 -20.64
N MET B 202 30.54 53.13 -20.66
CA MET B 202 29.48 52.65 -21.52
C MET B 202 28.25 52.27 -20.71
N ARG B 203 27.06 52.44 -21.32
CA ARG B 203 25.76 52.11 -20.76
C ARG B 203 25.46 50.64 -21.06
N PRO B 204 25.05 49.86 -20.05
CA PRO B 204 24.99 48.39 -20.19
C PRO B 204 24.06 47.89 -21.28
N ARG B 205 22.93 48.55 -21.50
CA ARG B 205 22.02 48.13 -22.56
C ARG B 205 22.65 48.29 -23.93
N ASP B 206 23.42 49.36 -24.13
CA ASP B 206 24.20 49.54 -25.36
C ASP B 206 25.32 48.50 -25.45
N ALA B 207 25.87 48.08 -24.32
CA ALA B 207 26.92 47.06 -24.31
C ALA B 207 26.42 45.74 -24.90
N MET B 208 25.21 45.33 -24.52
CA MET B 208 24.65 44.08 -25.04
C MET B 208 24.36 44.17 -26.53
N ALA B 209 24.09 45.38 -27.03
CA ALA B 209 23.93 45.60 -28.46
C ALA B 209 25.23 45.31 -29.21
N SER B 210 26.35 45.83 -28.70
CA SER B 210 27.65 45.55 -29.32
C SER B 210 28.00 44.08 -29.21
N ALA B 211 27.72 43.48 -28.06
CA ALA B 211 27.94 42.04 -27.89
C ALA B 211 27.03 41.24 -28.81
N GLY B 212 25.78 41.67 -28.94
CA GLY B 212 24.85 40.99 -29.82
C GLY B 212 25.24 41.05 -31.28
N LYS B 213 25.71 42.21 -31.75
CA LYS B 213 26.12 42.36 -33.14
C LYS B 213 27.32 41.47 -33.47
N THR B 214 28.29 41.40 -32.56
CA THR B 214 29.48 40.58 -32.76
C THR B 214 29.15 39.10 -32.90
N LEU B 215 28.14 38.63 -32.18
CA LEU B 215 27.71 37.24 -32.29
C LEU B 215 26.97 36.96 -33.59
N VAL B 216 26.14 37.89 -34.06
CA VAL B 216 25.35 37.68 -35.28
C VAL B 216 26.25 37.52 -36.50
N GLU B 217 27.25 38.40 -36.66
CA GLU B 217 28.21 38.25 -37.74
C GLU B 217 28.99 36.93 -37.62
N LEU B 218 29.39 36.57 -36.41
CA LEU B 218 30.21 35.37 -36.21
C LEU B 218 29.43 34.10 -36.52
N PHE B 219 28.15 34.05 -36.14
CA PHE B 219 27.30 32.92 -36.49
C PHE B 219 26.64 33.08 -37.85
N GLY B 220 26.53 34.30 -38.37
CA GLY B 220 26.13 34.47 -39.75
C GLY B 220 27.17 34.01 -40.74
N LEU B 221 28.40 33.81 -40.28
CA LEU B 221 29.45 33.18 -41.07
C LEU B 221 29.10 31.75 -41.46
N ALA B 222 28.21 31.09 -40.73
CA ALA B 222 27.79 29.74 -41.06
C ALA B 222 26.66 29.71 -42.08
N ARG B 223 26.02 30.85 -42.33
CA ARG B 223 24.97 30.94 -43.34
C ARG B 223 25.54 30.75 -44.74
N GLU B 224 26.80 31.15 -44.94
CA GLU B 224 27.44 31.13 -46.25
C GLU B 224 27.67 29.71 -46.75
N LEU B 225 27.59 28.70 -45.87
CA LEU B 225 27.72 27.31 -46.27
C LEU B 225 26.62 26.91 -47.24
N ASN B 226 25.38 27.34 -46.99
CA ASN B 226 24.19 27.07 -47.79
C ASN B 226 23.05 27.90 -47.23
N ILE B 227 22.12 28.25 -48.10
CA ILE B 227 20.94 28.99 -47.67
C ILE B 227 19.92 27.99 -47.13
N ASP B 228 19.47 28.19 -45.90
CA ASP B 228 18.51 27.30 -45.30
C ASP B 228 17.53 28.13 -44.48
N ALA B 229 16.35 27.57 -44.25
CA ALA B 229 15.27 28.25 -43.57
C ALA B 229 14.90 27.50 -42.30
N GLU B 230 14.37 28.24 -41.33
CA GLU B 230 13.92 27.65 -40.06
C GLU B 230 12.68 28.40 -39.60
N GLY B 231 11.74 27.65 -39.01
CA GLY B 231 10.50 28.21 -38.52
C GLY B 231 10.74 29.23 -37.42
N ILE B 232 10.28 30.45 -37.62
CA ILE B 232 10.49 31.58 -36.72
C ILE B 232 9.21 32.41 -36.83
N ASP B 233 8.83 33.06 -35.72
CA ASP B 233 7.66 33.94 -35.60
C ASP B 233 6.35 33.24 -35.96
N ALA C 16 30.96 -28.60 -27.71
CA ALA C 16 31.78 -27.78 -28.59
C ALA C 16 31.14 -26.42 -28.86
N SER C 17 30.14 -26.38 -29.74
CA SER C 17 29.39 -25.17 -30.03
C SER C 17 28.13 -25.02 -29.18
N THR C 18 28.09 -25.64 -28.01
CA THR C 18 26.94 -25.53 -27.12
C THR C 18 26.76 -24.09 -26.63
N ALA C 19 27.86 -23.37 -26.42
CA ALA C 19 27.86 -22.03 -25.86
C ALA C 19 28.63 -21.07 -26.75
N PRO C 20 28.32 -19.77 -26.68
CA PRO C 20 29.18 -18.79 -27.36
C PRO C 20 30.50 -18.65 -26.62
N LEU C 21 31.54 -18.31 -27.39
CA LEU C 21 32.89 -18.19 -26.85
C LEU C 21 33.00 -17.04 -25.86
N ARG C 22 33.60 -17.31 -24.70
CA ARG C 22 33.83 -16.29 -23.67
C ARG C 22 35.16 -16.59 -23.02
N ILE C 23 36.15 -15.74 -23.27
CA ILE C 23 37.50 -15.92 -22.73
C ILE C 23 37.49 -15.85 -21.22
N SER C 24 38.13 -16.80 -20.57
CA SER C 24 38.11 -16.92 -19.13
C SER C 24 39.46 -16.54 -18.53
N PHE C 25 39.43 -15.76 -17.46
CA PHE C 25 40.64 -15.35 -16.76
C PHE C 25 41.04 -16.32 -15.65
N ALA C 26 40.41 -17.49 -15.58
CA ALA C 26 40.74 -18.47 -14.55
C ALA C 26 42.15 -19.00 -14.74
N LYS C 27 42.74 -19.46 -13.64
CA LYS C 27 44.09 -19.98 -13.64
C LYS C 27 44.20 -21.45 -13.28
N ILE C 28 43.14 -22.06 -12.75
CA ILE C 28 43.18 -23.42 -12.22
C ILE C 28 42.12 -24.23 -12.94
N LYS C 29 42.50 -25.41 -13.41
CA LYS C 29 41.56 -26.28 -14.09
C LYS C 29 40.60 -26.91 -13.08
N GLU C 30 39.39 -27.19 -13.55
CA GLU C 30 38.30 -27.59 -12.68
C GLU C 30 38.03 -29.06 -12.91
N PRO C 31 38.23 -29.93 -11.90
CA PRO C 31 37.96 -31.36 -12.08
C PRO C 31 36.50 -31.71 -12.26
N LEU C 32 35.67 -31.30 -11.32
CA LEU C 32 34.25 -31.64 -11.31
C LEU C 32 33.46 -30.53 -11.99
N GLU C 33 32.61 -30.90 -12.93
CA GLU C 33 31.76 -29.89 -13.52
C GLU C 33 30.61 -29.59 -12.58
N VAL C 34 29.96 -28.45 -12.81
CA VAL C 34 28.84 -28.03 -11.97
C VAL C 34 27.69 -29.02 -12.18
N PRO C 35 27.04 -29.50 -11.12
CA PRO C 35 26.00 -30.52 -11.29
C PRO C 35 24.74 -30.05 -11.99
N ASN C 36 23.80 -30.98 -12.14
CA ASN C 36 22.46 -30.64 -12.60
C ASN C 36 21.90 -29.66 -11.58
N LEU C 37 21.75 -28.40 -11.97
CA LEU C 37 21.46 -27.36 -11.00
C LEU C 37 20.08 -27.48 -10.38
N LEU C 38 19.18 -28.23 -11.02
CA LEU C 38 17.83 -28.42 -10.52
C LEU C 38 17.63 -29.78 -9.88
N ALA C 39 18.73 -30.51 -9.64
CA ALA C 39 18.67 -31.88 -9.11
C ALA C 39 18.02 -31.93 -7.74
N LEU C 40 18.11 -30.85 -6.96
CA LEU C 40 17.60 -30.82 -5.60
C LEU C 40 16.11 -31.14 -5.53
N GLN C 41 15.32 -30.57 -6.44
CA GLN C 41 13.89 -30.78 -6.42
C GLN C 41 13.53 -32.07 -7.15
N THR C 42 14.08 -32.27 -8.34
CA THR C 42 13.71 -33.38 -9.21
C THR C 42 14.08 -34.73 -8.63
N GLU C 43 15.27 -34.88 -8.04
CA GLU C 43 15.68 -36.17 -7.51
C GLU C 43 14.90 -36.56 -6.28
N SER C 44 14.56 -35.60 -5.44
CA SER C 44 13.74 -35.87 -4.27
C SER C 44 12.36 -36.38 -4.65
N PHE C 45 11.73 -35.77 -5.66
CA PHE C 45 10.40 -36.20 -6.07
C PHE C 45 10.42 -37.50 -6.85
N ASP C 46 11.52 -37.81 -7.54
CA ASP C 46 11.68 -39.11 -8.17
C ASP C 46 11.65 -40.25 -7.16
N TRP C 47 12.25 -40.02 -6.00
CA TRP C 47 12.22 -40.99 -4.91
C TRP C 47 10.80 -41.28 -4.44
N LEU C 48 9.97 -40.24 -4.34
CA LEU C 48 8.60 -40.41 -3.88
C LEU C 48 7.79 -41.29 -4.82
N LEU C 49 7.89 -41.01 -6.13
CA LEU C 49 7.22 -41.87 -7.11
C LEU C 49 7.85 -43.25 -7.17
N GLY C 50 9.15 -43.35 -6.94
CA GLY C 50 9.85 -44.59 -7.18
C GLY C 50 9.85 -44.99 -8.63
N ASN C 51 9.98 -44.03 -9.53
CA ASN C 51 9.86 -44.30 -10.95
C ASN C 51 11.11 -44.96 -11.52
N ASP C 52 11.12 -45.11 -12.84
CA ASP C 52 12.17 -45.84 -13.55
C ASP C 52 13.53 -45.16 -13.43
N ALA C 53 13.55 -43.82 -13.52
CA ALA C 53 14.79 -43.06 -13.53
C ALA C 53 15.54 -43.19 -12.21
N TRP C 54 14.82 -43.07 -11.10
CA TRP C 54 15.45 -43.20 -9.79
C TRP C 54 15.95 -44.61 -9.55
N LYS C 55 15.13 -45.61 -9.87
CA LYS C 55 15.54 -47.00 -9.68
C LYS C 55 16.68 -47.39 -10.61
N ALA C 56 16.74 -46.79 -11.81
CA ALA C 56 17.91 -46.96 -12.67
C ALA C 56 19.17 -46.44 -11.98
N ARG C 57 19.06 -45.29 -11.30
CA ARG C 57 20.15 -44.79 -10.49
C ARG C 57 20.48 -45.75 -9.35
N VAL C 58 19.47 -46.41 -8.79
CA VAL C 58 19.67 -47.39 -7.71
C VAL C 58 20.52 -48.56 -8.20
N GLU C 59 20.17 -49.13 -9.36
CA GLU C 59 20.95 -50.24 -9.89
C GLU C 59 22.34 -49.82 -10.34
N SER C 60 22.49 -48.60 -10.86
CA SER C 60 23.82 -48.08 -11.16
C SER C 60 24.65 -47.87 -9.90
N ALA C 61 24.03 -47.31 -8.86
CA ALA C 61 24.72 -47.07 -7.59
C ALA C 61 25.14 -48.36 -6.91
N LEU C 62 24.29 -49.39 -6.95
CA LEU C 62 24.63 -50.67 -6.35
C LEU C 62 25.79 -51.32 -7.09
N GLU C 63 25.74 -51.30 -8.43
CA GLU C 63 26.85 -51.83 -9.22
C GLU C 63 28.12 -50.98 -9.10
N SER C 64 27.96 -49.67 -8.92
CA SER C 64 29.10 -48.80 -8.61
C SER C 64 29.46 -48.78 -7.13
N GLY C 65 28.68 -49.42 -6.27
CA GLY C 65 28.97 -49.45 -4.86
C GLY C 65 28.38 -48.32 -4.04
N GLN C 66 27.68 -47.37 -4.65
CA GLN C 66 27.10 -46.27 -3.88
C GLN C 66 25.82 -46.74 -3.21
N ASP C 67 25.68 -46.44 -1.93
CA ASP C 67 24.46 -46.81 -1.21
C ASP C 67 23.30 -45.90 -1.62
N VAL C 68 22.10 -46.45 -1.54
CA VAL C 68 20.86 -45.75 -1.88
C VAL C 68 19.75 -46.63 -1.31
N PRO C 69 18.66 -46.06 -0.81
CA PRO C 69 17.51 -46.88 -0.38
C PRO C 69 16.88 -47.56 -1.58
N THR C 70 16.84 -48.89 -1.55
CA THR C 70 16.27 -49.69 -2.63
C THR C 70 14.75 -49.61 -2.63
N LYS C 71 14.15 -49.04 -1.58
CA LYS C 71 12.71 -48.98 -1.40
C LYS C 71 12.22 -47.56 -1.66
N SER C 72 11.14 -47.44 -2.42
CA SER C 72 10.62 -46.13 -2.83
C SER C 72 9.99 -45.39 -1.65
N GLY C 73 9.46 -44.21 -1.96
CA GLY C 73 8.81 -43.37 -0.97
C GLY C 73 7.35 -43.68 -0.74
N LEU C 74 6.60 -43.79 -1.84
CA LEU C 74 5.15 -44.04 -1.74
C LEU C 74 4.85 -45.42 -1.18
N GLU C 75 5.50 -46.45 -1.71
CA GLU C 75 5.28 -47.80 -1.20
C GLU C 75 5.77 -47.97 0.23
N GLU C 76 6.73 -47.15 0.67
CA GLU C 76 7.23 -47.22 2.05
C GLU C 76 6.13 -46.93 3.06
N ILE C 77 5.35 -45.88 2.84
CA ILE C 77 4.30 -45.55 3.80
C ILE C 77 3.23 -46.64 3.81
N PHE C 78 3.01 -47.30 2.68
CA PHE C 78 2.18 -48.50 2.63
C PHE C 78 2.78 -49.61 3.47
N GLU C 79 4.07 -49.89 3.28
CA GLU C 79 4.73 -50.92 4.08
C GLU C 79 4.79 -50.54 5.55
N GLU C 80 4.87 -49.25 5.84
CA GLU C 80 4.78 -48.77 7.22
C GLU C 80 3.43 -49.09 7.83
N ILE C 81 2.35 -48.87 7.06
CA ILE C 81 1.02 -49.20 7.51
C ILE C 81 0.86 -50.70 7.44
N SER C 82 0.99 -51.36 8.59
CA SER C 82 0.80 -52.80 8.65
C SER C 82 -0.65 -53.14 8.30
N PRO C 83 -0.90 -54.34 7.77
CA PRO C 83 -2.28 -54.76 7.50
C PRO C 83 -3.13 -54.67 8.75
N ILE C 84 -4.28 -54.02 8.62
CA ILE C 84 -5.11 -53.70 9.78
C ILE C 84 -5.73 -54.98 10.31
N GLU C 85 -5.75 -55.10 11.63
CA GLU C 85 -6.32 -56.25 12.33
C GLU C 85 -7.29 -55.71 13.37
N ASP C 86 -8.53 -56.19 13.32
CA ASP C 86 -9.51 -55.87 14.35
C ASP C 86 -9.18 -56.61 15.66
N PHE C 87 -10.05 -56.44 16.66
CA PHE C 87 -9.89 -57.08 17.97
C PHE C 87 -9.83 -58.60 17.87
N SER C 88 -10.55 -59.18 16.90
CA SER C 88 -10.46 -60.61 16.65
C SER C 88 -9.25 -61.00 15.82
N GLY C 89 -8.60 -60.03 15.18
CA GLY C 89 -7.48 -60.32 14.30
C GLY C 89 -7.82 -61.18 13.10
N SER C 90 -9.09 -61.17 12.67
CA SER C 90 -9.54 -62.04 11.60
C SER C 90 -9.14 -61.53 10.23
N MET C 91 -9.19 -60.22 10.02
CA MET C 91 -9.12 -59.63 8.70
C MET C 91 -7.84 -58.84 8.53
N SER C 92 -7.49 -58.58 7.26
CA SER C 92 -6.25 -57.91 6.93
C SER C 92 -6.41 -57.22 5.58
N LEU C 93 -5.81 -56.04 5.45
CA LEU C 93 -5.80 -55.26 4.22
C LEU C 93 -4.35 -54.98 3.85
N THR C 94 -3.88 -55.58 2.76
CA THR C 94 -2.51 -55.38 2.29
C THR C 94 -2.51 -54.45 1.08
N PHE C 95 -1.76 -53.35 1.17
CA PHE C 95 -1.54 -52.43 0.04
C PHE C 95 -0.20 -52.70 -0.62
N ARG C 96 -0.18 -53.68 -1.52
CA ARG C 96 1.09 -54.18 -2.06
C ARG C 96 1.72 -53.21 -3.08
N ASP C 97 1.04 -52.98 -4.20
CA ASP C 97 1.65 -52.33 -5.35
C ASP C 97 0.94 -51.04 -5.71
N HIS C 98 1.73 -50.01 -6.04
CA HIS C 98 1.23 -48.75 -6.56
C HIS C 98 1.67 -48.56 -8.01
N ARG C 99 0.90 -47.76 -8.76
CA ARG C 99 1.24 -47.51 -10.15
C ARG C 99 0.60 -46.19 -10.59
N PHE C 100 1.15 -45.62 -11.65
CA PHE C 100 0.69 -44.34 -12.19
C PHE C 100 0.18 -44.49 -13.62
N GLU C 101 -0.56 -43.48 -14.05
CA GLU C 101 -1.09 -43.31 -15.40
C GLU C 101 -0.67 -41.97 -15.96
N PRO C 102 -0.68 -41.82 -17.30
CA PRO C 102 -0.33 -40.53 -17.89
C PRO C 102 -1.30 -39.44 -17.44
N PRO C 103 -0.80 -38.21 -17.29
CA PRO C 103 -1.67 -37.13 -16.84
C PRO C 103 -2.75 -36.80 -17.85
N LYS C 104 -3.91 -36.41 -17.34
CA LYS C 104 -5.06 -36.20 -18.21
C LYS C 104 -4.94 -34.92 -19.01
N ASN C 105 -4.43 -33.87 -18.39
CA ASN C 105 -4.29 -32.57 -19.02
C ASN C 105 -2.85 -32.32 -19.39
N SER C 106 -2.63 -31.76 -20.58
CA SER C 106 -1.29 -31.31 -20.90
C SER C 106 -0.92 -30.12 -20.03
N ILE C 107 0.39 -29.88 -19.92
CA ILE C 107 0.92 -28.83 -19.04
C ILE C 107 0.43 -27.46 -19.47
N ASP C 108 0.48 -27.19 -20.77
CA ASP C 108 0.01 -25.92 -21.32
C ASP C 108 -1.49 -25.72 -21.12
N GLU C 109 -2.27 -26.80 -21.28
CA GLU C 109 -3.71 -26.74 -21.07
C GLU C 109 -4.05 -26.36 -19.64
N CYS C 110 -3.28 -26.88 -18.68
CA CYS C 110 -3.51 -26.67 -17.26
C CYS C 110 -3.47 -25.20 -16.87
N LYS C 111 -2.49 -24.46 -17.38
CA LYS C 111 -2.33 -23.05 -17.01
C LYS C 111 -3.49 -22.18 -17.46
N ASP C 112 -3.98 -22.36 -18.68
CA ASP C 112 -5.03 -21.47 -19.16
C ASP C 112 -6.41 -21.86 -18.62
N ARG C 113 -6.72 -23.14 -18.52
CA ARG C 113 -8.05 -23.58 -18.15
C ARG C 113 -8.21 -23.83 -16.66
N ASP C 114 -7.20 -23.48 -15.86
CA ASP C 114 -7.20 -23.55 -14.39
C ASP C 114 -7.44 -24.98 -13.90
N PHE C 115 -6.58 -25.90 -14.36
CA PHE C 115 -6.64 -27.29 -13.95
C PHE C 115 -5.34 -27.68 -13.28
N THR C 116 -5.44 -28.34 -12.13
CA THR C 116 -4.28 -28.86 -11.43
C THR C 116 -3.64 -30.01 -12.23
N TYR C 117 -2.37 -29.85 -12.57
CA TYR C 117 -1.58 -30.89 -13.22
C TYR C 117 -1.48 -32.09 -12.31
N ALA C 118 -2.05 -33.23 -12.70
CA ALA C 118 -2.11 -34.38 -11.82
C ALA C 118 -2.22 -35.65 -12.65
N ALA C 119 -2.02 -36.78 -11.99
CA ALA C 119 -2.13 -38.09 -12.61
C ALA C 119 -2.87 -39.01 -11.65
N PRO C 120 -3.50 -40.07 -12.17
CA PRO C 120 -4.15 -41.05 -11.28
C PRO C 120 -3.15 -41.91 -10.54
N LEU C 121 -3.58 -42.40 -9.36
CA LEU C 121 -2.77 -43.30 -8.56
C LEU C 121 -3.63 -44.48 -8.10
N PHE C 122 -3.38 -45.64 -8.68
CA PHE C 122 -4.06 -46.87 -8.29
C PHE C 122 -3.17 -47.65 -7.34
N VAL C 123 -3.80 -48.51 -6.52
CA VAL C 123 -3.12 -49.37 -5.56
C VAL C 123 -3.95 -50.63 -5.38
N THR C 124 -3.25 -51.76 -5.22
CA THR C 124 -3.89 -53.06 -5.08
C THR C 124 -4.12 -53.35 -3.60
N ALA C 125 -5.38 -53.44 -3.22
CA ALA C 125 -5.77 -53.81 -1.87
C ALA C 125 -6.16 -55.28 -1.89
N GLU C 126 -5.55 -56.06 -1.01
CA GLU C 126 -5.82 -57.49 -0.91
C GLU C 126 -6.52 -57.79 0.41
N PHE C 127 -7.77 -58.26 0.32
CA PHE C 127 -8.51 -58.72 1.50
C PHE C 127 -8.32 -60.22 1.71
N THR C 128 -7.90 -60.60 2.90
CA THR C 128 -7.72 -62.01 3.25
C THR C 128 -8.34 -62.28 4.62
N ASN C 129 -9.19 -63.31 4.69
CA ASN C 129 -9.83 -63.68 5.94
C ASN C 129 -9.47 -65.12 6.29
N ASN C 130 -8.95 -65.30 7.51
CA ASN C 130 -8.59 -66.63 8.00
C ASN C 130 -9.81 -67.52 8.21
N GLU C 131 -10.89 -66.96 8.77
CA GLU C 131 -12.10 -67.75 9.02
C GLU C 131 -12.74 -68.27 7.74
N THR C 132 -12.88 -67.41 6.74
CA THR C 132 -13.43 -67.85 5.47
C THR C 132 -12.41 -68.63 4.64
N GLY C 133 -11.13 -68.37 4.86
CA GLY C 133 -10.09 -68.99 4.05
C GLY C 133 -10.13 -68.60 2.59
N GLU C 134 -10.47 -67.34 2.30
CA GLU C 134 -10.65 -66.89 0.93
C GLU C 134 -9.89 -65.59 0.72
N ILE C 135 -9.38 -65.41 -0.50
CA ILE C 135 -8.62 -64.23 -0.90
C ILE C 135 -9.31 -63.53 -2.07
N LYS C 136 -9.62 -62.25 -1.89
CA LYS C 136 -10.21 -61.43 -2.94
C LYS C 136 -9.28 -60.24 -3.16
N SER C 137 -8.62 -60.20 -4.31
CA SER C 137 -7.74 -59.11 -4.65
C SER C 137 -8.51 -58.14 -5.53
N GLN C 138 -8.33 -56.85 -5.30
CA GLN C 138 -9.06 -55.88 -6.11
C GLN C 138 -8.30 -54.57 -6.11
N THR C 139 -8.28 -53.91 -7.27
CA THR C 139 -7.58 -52.65 -7.45
C THR C 139 -8.51 -51.49 -7.09
N VAL C 140 -7.96 -50.50 -6.39
CA VAL C 140 -8.73 -49.34 -5.92
C VAL C 140 -7.99 -48.09 -6.38
N PHE C 141 -8.69 -46.96 -6.32
CA PHE C 141 -8.23 -45.70 -6.88
C PHE C 141 -8.29 -44.65 -5.78
N MET C 142 -7.13 -44.14 -5.39
CA MET C 142 -7.07 -43.27 -4.22
C MET C 142 -7.10 -41.79 -4.55
N GLY C 143 -7.06 -41.41 -5.82
CA GLY C 143 -7.24 -40.01 -6.20
C GLY C 143 -6.11 -39.51 -7.08
N ASP C 144 -6.35 -38.31 -7.61
CA ASP C 144 -5.33 -37.65 -8.43
C ASP C 144 -4.18 -37.21 -7.55
N PHE C 145 -2.97 -37.39 -8.06
CA PHE C 145 -1.76 -37.03 -7.36
C PHE C 145 -1.12 -35.88 -8.13
N PRO C 146 -0.99 -34.68 -7.55
CA PRO C 146 -0.31 -33.58 -8.24
C PRO C 146 1.13 -33.94 -8.58
N LEU C 147 1.41 -34.02 -9.87
CA LEU C 147 2.73 -34.36 -10.39
C LEU C 147 3.55 -33.10 -10.59
N MET C 148 4.85 -33.29 -10.75
CA MET C 148 5.82 -32.21 -10.87
C MET C 148 6.44 -32.26 -12.25
N THR C 149 6.35 -31.15 -12.99
CA THR C 149 6.85 -31.09 -14.35
C THR C 149 8.38 -31.21 -14.40
N ASN C 150 8.92 -31.20 -15.61
CA ASN C 150 10.35 -31.43 -15.81
C ASN C 150 11.23 -30.30 -15.34
N LYS C 151 10.68 -29.13 -15.00
CA LYS C 151 11.47 -28.05 -14.43
C LYS C 151 11.18 -27.83 -12.96
N GLY C 152 10.60 -28.83 -12.29
CA GLY C 152 10.41 -28.83 -10.85
C GLY C 152 9.42 -27.84 -10.28
N THR C 153 8.26 -27.67 -10.90
CA THR C 153 7.21 -26.85 -10.34
C THR C 153 5.88 -27.58 -10.45
N PHE C 154 5.06 -27.47 -9.41
CA PHE C 154 3.74 -28.08 -9.37
C PHE C 154 2.70 -27.10 -9.92
N VAL C 155 2.17 -27.38 -11.10
CA VAL C 155 1.15 -26.51 -11.67
C VAL C 155 -0.20 -26.89 -11.08
N ILE C 156 -0.61 -26.27 -9.99
CA ILE C 156 -1.90 -26.56 -9.37
C ILE C 156 -2.83 -25.36 -9.60
N ASN C 157 -4.04 -25.66 -10.08
CA ASN C 157 -5.11 -24.68 -10.32
C ASN C 157 -4.69 -23.57 -11.27
N GLY C 158 -3.86 -23.90 -12.25
CA GLY C 158 -3.39 -22.94 -13.23
C GLY C 158 -2.26 -22.05 -12.79
N THR C 159 -1.84 -22.10 -11.52
CA THR C 159 -0.73 -21.31 -11.00
C THR C 159 0.44 -22.20 -10.70
N GLU C 160 1.65 -21.72 -10.98
CA GLU C 160 2.88 -22.48 -10.74
C GLU C 160 3.32 -22.31 -9.30
N ARG C 161 3.24 -23.39 -8.53
CA ARG C 161 3.81 -23.43 -7.19
C ARG C 161 5.19 -24.05 -7.21
N VAL C 162 5.96 -23.76 -6.17
CA VAL C 162 7.20 -24.46 -5.86
C VAL C 162 7.20 -24.79 -4.37
N VAL C 163 7.65 -25.98 -4.03
CA VAL C 163 7.82 -26.39 -2.64
C VAL C 163 9.29 -26.24 -2.29
N VAL C 164 9.57 -25.54 -1.22
CA VAL C 164 10.95 -25.25 -0.84
C VAL C 164 11.35 -26.19 0.29
N SER C 165 12.64 -26.49 0.35
CA SER C 165 13.15 -27.39 1.38
C SER C 165 13.01 -26.76 2.76
N GLN C 166 13.15 -27.58 3.80
CA GLN C 166 12.96 -27.07 5.14
C GLN C 166 13.96 -27.66 6.11
N LEU C 167 14.69 -26.80 6.82
CA LEU C 167 15.67 -27.23 7.80
C LEU C 167 15.02 -27.46 9.15
N VAL C 168 15.25 -28.65 9.72
CA VAL C 168 14.68 -29.05 10.99
C VAL C 168 15.74 -29.78 11.81
N ARG C 169 15.60 -29.72 13.13
CA ARG C 169 16.47 -30.49 14.01
C ARG C 169 16.19 -31.98 13.85
N SER C 170 17.22 -32.73 13.50
CA SER C 170 17.09 -34.16 13.32
C SER C 170 16.79 -34.85 14.65
N PRO C 171 15.96 -35.90 14.65
CA PRO C 171 15.71 -36.64 15.89
C PRO C 171 16.95 -37.38 16.37
N GLY C 172 17.04 -37.55 17.67
CA GLY C 172 18.16 -38.22 18.29
C GLY C 172 18.42 -37.67 19.68
N VAL C 173 19.54 -38.06 20.24
CA VAL C 173 19.96 -37.61 21.56
C VAL C 173 20.91 -36.43 21.41
N TYR C 174 20.73 -35.42 22.28
CA TYR C 174 21.60 -34.25 22.27
C TYR C 174 22.01 -33.90 23.69
N PHE C 175 23.32 -33.81 23.92
CA PHE C 175 23.87 -33.53 25.24
C PHE C 175 24.36 -32.09 25.29
N ASP C 176 23.87 -31.34 26.27
CA ASP C 176 24.19 -29.92 26.43
C ASP C 176 24.82 -29.68 27.79
N SER C 177 25.95 -28.98 27.79
CA SER C 177 26.64 -28.60 29.01
C SER C 177 26.42 -27.11 29.28
N SER C 178 26.11 -26.79 30.53
CA SER C 178 25.83 -25.42 30.93
C SER C 178 26.46 -25.19 32.29
N ILE C 179 26.38 -23.96 32.78
CA ILE C 179 26.97 -23.57 34.05
C ILE C 179 25.89 -22.89 34.87
N ASP C 180 25.79 -23.26 36.14
CA ASP C 180 24.83 -22.66 37.06
C ASP C 180 25.61 -21.68 37.91
N LYS C 181 25.15 -20.43 37.92
CA LYS C 181 25.82 -19.35 38.65
C LYS C 181 25.79 -19.59 40.17
N THR C 182 24.66 -20.04 40.70
CA THR C 182 24.58 -20.34 42.13
C THR C 182 25.45 -21.52 42.52
N SER C 183 25.45 -22.59 41.69
CA SER C 183 26.23 -23.77 42.02
C SER C 183 27.72 -23.57 41.80
N ASP C 184 28.11 -22.62 40.93
CA ASP C 184 29.49 -22.31 40.53
C ASP C 184 30.16 -23.47 39.80
N LYS C 185 29.38 -24.41 39.28
CA LYS C 185 29.90 -25.63 38.68
C LYS C 185 29.05 -25.98 37.46
N ASP C 186 29.66 -26.73 36.54
CA ASP C 186 28.99 -27.14 35.31
C ASP C 186 27.84 -28.10 35.59
N ILE C 187 26.81 -28.01 34.75
CA ILE C 187 25.65 -28.88 34.80
C ILE C 187 25.53 -29.50 33.42
N PHE C 188 25.12 -30.76 33.36
CA PHE C 188 24.97 -31.48 32.11
C PHE C 188 23.55 -32.02 31.98
N SER C 189 23.03 -31.99 30.78
CA SER C 189 21.68 -32.46 30.53
C SER C 189 21.68 -33.34 29.29
N ALA C 190 20.66 -34.18 29.20
CA ALA C 190 20.45 -34.99 28.00
C ALA C 190 18.98 -34.90 27.64
N LYS C 191 18.69 -34.90 26.34
CA LYS C 191 17.30 -34.92 25.90
C LYS C 191 17.23 -35.73 24.62
N ILE C 192 16.34 -36.71 24.61
CA ILE C 192 16.03 -37.46 23.39
C ILE C 192 14.72 -36.93 22.82
N ILE C 193 14.80 -36.31 21.65
CA ILE C 193 13.62 -35.76 21.01
C ILE C 193 13.23 -36.67 19.84
N PRO C 194 12.11 -37.36 19.92
CA PRO C 194 11.71 -38.29 18.88
C PRO C 194 10.98 -37.60 17.73
N SER C 195 10.69 -38.40 16.71
CA SER C 195 9.93 -37.90 15.57
C SER C 195 8.46 -37.71 15.91
N ARG C 196 7.88 -38.63 16.68
CA ARG C 196 6.44 -38.55 16.93
C ARG C 196 6.04 -38.57 18.39
N GLY C 197 6.75 -39.31 19.23
CA GLY C 197 6.30 -39.56 20.58
C GLY C 197 6.58 -38.40 21.52
N ALA C 198 6.23 -38.63 22.79
CA ALA C 198 6.55 -37.66 23.83
C ALA C 198 8.04 -37.68 24.11
N TRP C 199 8.54 -36.62 24.71
CA TRP C 199 9.99 -36.50 24.82
C TRP C 199 10.43 -36.72 26.25
N LEU C 200 11.71 -36.98 26.39
CA LEU C 200 12.31 -37.47 27.61
C LEU C 200 13.60 -36.73 27.85
N GLU C 201 13.89 -36.44 29.11
CA GLU C 201 15.05 -35.66 29.48
C GLU C 201 15.69 -36.30 30.70
N MET C 202 16.98 -36.00 30.89
CA MET C 202 17.79 -36.68 31.88
C MET C 202 18.82 -35.64 32.34
N GLU C 203 18.52 -34.98 33.45
CA GLU C 203 19.32 -33.89 33.96
C GLU C 203 20.11 -34.31 35.19
N ILE C 204 21.42 -34.13 35.14
CA ILE C 204 22.33 -34.58 36.19
C ILE C 204 22.86 -33.39 36.98
N ASP C 205 22.95 -33.59 38.30
CA ASP C 205 23.55 -32.68 39.30
C ASP C 205 22.94 -31.28 39.28
N LYS C 206 21.61 -31.23 39.16
CA LYS C 206 20.87 -29.98 39.44
C LYS C 206 21.18 -29.47 40.83
N ARG C 207 21.13 -30.36 41.83
CA ARG C 207 21.56 -30.11 43.19
C ARG C 207 22.33 -31.33 43.70
N ASP C 208 23.22 -31.84 42.85
CA ASP C 208 24.13 -33.00 42.97
C ASP C 208 23.45 -34.36 42.78
N MET C 209 22.18 -34.41 42.35
CA MET C 209 21.56 -35.69 42.02
C MET C 209 21.11 -35.67 40.57
N VAL C 210 20.95 -36.87 40.01
CA VAL C 210 20.54 -37.05 38.62
C VAL C 210 19.06 -37.37 38.58
N GLY C 211 18.34 -36.77 37.60
CA GLY C 211 16.91 -36.94 37.51
C GLY C 211 16.40 -37.01 36.08
N VAL C 212 15.14 -37.41 35.94
CA VAL C 212 14.49 -37.63 34.65
C VAL C 212 13.22 -36.79 34.56
N ARG C 213 12.96 -36.27 33.38
CA ARG C 213 11.72 -35.58 33.04
C ARG C 213 10.97 -36.46 32.05
N ILE C 214 9.90 -37.12 32.50
CA ILE C 214 9.04 -37.89 31.61
C ILE C 214 7.95 -36.95 31.07
N ASP C 215 8.25 -36.30 29.94
CA ASP C 215 7.40 -35.27 29.28
C ASP C 215 7.23 -34.04 30.16
N ARG C 216 8.19 -33.80 31.06
CA ARG C 216 8.25 -32.68 32.01
C ARG C 216 7.00 -32.62 32.90
N LYS C 217 6.47 -33.79 33.25
CA LYS C 217 5.30 -33.83 34.13
C LYS C 217 5.73 -33.42 35.53
N ARG C 218 6.82 -33.99 36.01
CA ARG C 218 7.30 -33.71 37.34
C ARG C 218 8.76 -34.12 37.40
N LYS C 219 9.46 -33.59 38.40
CA LYS C 219 10.80 -34.05 38.71
C LYS C 219 10.71 -35.43 39.34
N GLN C 220 11.65 -36.31 38.97
CA GLN C 220 11.69 -37.69 39.45
C GLN C 220 13.13 -38.14 39.24
N SER C 221 13.48 -39.28 39.82
CA SER C 221 14.88 -39.68 39.73
C SER C 221 15.10 -40.69 38.62
N VAL C 222 16.38 -41.01 38.37
CA VAL C 222 16.69 -41.99 37.34
C VAL C 222 16.56 -43.39 37.84
N THR C 223 16.82 -43.59 39.13
CA THR C 223 16.75 -44.92 39.72
C THR C 223 15.33 -45.47 39.63
N VAL C 224 14.33 -44.62 39.89
CA VAL C 224 12.93 -45.01 39.76
C VAL C 224 12.60 -45.34 38.30
N LEU C 225 13.24 -44.65 37.34
CA LEU C 225 13.04 -44.99 35.93
C LEU C 225 13.62 -46.37 35.64
N LEU C 226 14.85 -46.62 36.08
CA LEU C 226 15.49 -47.90 35.85
C LEU C 226 14.75 -49.02 36.57
N LYS C 227 14.33 -48.76 37.83
CA LYS C 227 13.56 -49.73 38.59
C LYS C 227 12.21 -50.02 37.95
N ALA C 228 11.59 -49.01 37.33
CA ALA C 228 10.39 -49.24 36.54
C ALA C 228 10.65 -50.24 35.40
N LEU C 229 11.86 -50.23 34.85
CA LEU C 229 12.29 -51.28 33.94
C LEU C 229 12.69 -52.50 34.75
N GLY C 230 12.85 -53.64 34.06
CA GLY C 230 13.14 -54.92 34.69
C GLY C 230 14.44 -55.00 35.46
N TRP C 231 15.34 -54.03 35.29
CA TRP C 231 16.62 -54.04 35.99
C TRP C 231 16.46 -53.86 37.49
N THR C 232 17.03 -54.80 38.25
CA THR C 232 16.94 -54.83 39.70
C THR C 232 18.13 -54.07 40.29
N THR C 233 18.03 -53.77 41.58
CA THR C 233 19.07 -52.99 42.27
C THR C 233 20.44 -53.67 42.25
N GLU C 234 20.47 -55.00 42.32
CA GLU C 234 21.74 -55.72 42.38
C GLU C 234 22.52 -55.58 41.07
N GLN C 235 21.87 -55.87 39.95
CA GLN C 235 22.47 -55.71 38.62
C GLN C 235 22.73 -54.25 38.25
N ILE C 236 21.91 -53.32 38.74
CA ILE C 236 22.13 -51.90 38.47
C ILE C 236 23.49 -51.44 38.99
N LEU C 237 23.83 -51.82 40.22
CA LEU C 237 25.03 -51.33 40.88
C LEU C 237 26.33 -51.84 40.26
N GLU C 238 26.35 -53.03 39.66
CA GLU C 238 27.58 -53.46 38.99
C GLU C 238 27.91 -52.58 37.79
N GLU C 239 26.92 -52.22 36.96
CA GLU C 239 27.18 -51.37 35.82
C GLU C 239 27.54 -49.94 36.22
N PHE C 240 27.01 -49.45 37.34
CA PHE C 240 27.11 -48.04 37.69
C PHE C 240 27.83 -47.82 39.03
N GLY C 241 28.61 -48.80 39.50
CA GLY C 241 29.31 -48.59 40.76
C GLY C 241 30.54 -47.73 40.72
N GLU C 242 31.01 -47.34 39.54
CA GLU C 242 32.21 -46.53 39.41
C GLU C 242 31.88 -45.05 39.26
N TYR C 243 30.60 -44.71 39.23
CA TYR C 243 30.16 -43.33 39.09
C TYR C 243 29.26 -43.05 40.29
N GLU C 244 29.75 -42.17 41.16
CA GLU C 244 29.16 -41.93 42.47
C GLU C 244 27.82 -41.22 42.42
N SER C 245 27.52 -40.52 41.33
CA SER C 245 26.23 -39.82 41.20
C SER C 245 25.07 -40.78 41.26
N MET C 246 25.17 -41.90 40.55
CA MET C 246 24.08 -42.86 40.59
C MET C 246 24.07 -43.65 41.90
N ARG C 247 25.24 -43.93 42.47
CA ARG C 247 25.27 -44.57 43.80
C ARG C 247 24.68 -43.66 44.87
N ALA C 248 25.01 -42.36 44.83
CA ALA C 248 24.42 -41.40 45.76
C ALA C 248 22.91 -41.31 45.56
N THR C 249 22.48 -41.26 44.30
CA THR C 249 21.06 -41.24 43.97
C THR C 249 20.37 -42.52 44.46
N LEU C 250 21.04 -43.66 44.32
CA LEU C 250 20.47 -44.95 44.72
C LEU C 250 20.17 -45.00 46.22
N GLU C 251 21.14 -44.63 47.07
CA GLU C 251 20.89 -44.70 48.51
C GLU C 251 19.89 -43.65 48.94
N LYS C 252 19.93 -42.45 48.33
CA LYS C 252 18.93 -41.44 48.65
C LYS C 252 17.55 -41.80 48.12
N ASP C 253 17.46 -42.66 47.12
CA ASP C 253 16.16 -43.11 46.61
C ASP C 253 15.58 -44.10 47.61
N HIS C 254 14.50 -43.70 48.29
CA HIS C 254 13.95 -44.56 49.33
C HIS C 254 13.17 -45.72 48.74
N THR C 255 12.46 -45.49 47.64
CA THR C 255 11.61 -46.52 47.03
C THR C 255 12.45 -47.67 46.49
N GLN C 256 11.93 -48.89 46.62
CA GLN C 256 12.62 -50.07 46.12
C GLN C 256 11.59 -51.07 45.60
N GLY C 257 12.03 -51.95 44.70
CA GLY C 257 11.15 -52.95 44.13
C GLY C 257 10.58 -52.59 42.77
N GLN C 258 10.52 -53.58 41.88
CA GLN C 258 10.04 -53.36 40.52
C GLN C 258 8.56 -52.98 40.49
N ASP C 259 7.74 -53.71 41.25
CA ASP C 259 6.30 -53.43 41.30
C ASP C 259 6.02 -52.06 41.91
N ASP C 260 6.76 -51.71 42.96
CA ASP C 260 6.58 -50.43 43.65
C ASP C 260 6.88 -49.26 42.73
N ALA C 261 8.02 -49.29 42.04
CA ALA C 261 8.44 -48.21 41.16
C ALA C 261 7.44 -47.98 40.02
N LEU C 262 6.89 -49.06 39.47
CA LEU C 262 5.97 -48.98 38.34
C LEU C 262 4.69 -48.22 38.69
N LEU C 263 4.09 -48.54 39.84
CA LEU C 263 2.87 -47.86 40.25
C LEU C 263 3.10 -46.40 40.64
N ASP C 264 4.26 -46.09 41.24
CA ASP C 264 4.56 -44.72 41.65
C ASP C 264 4.61 -43.77 40.46
N ILE C 265 5.29 -44.18 39.38
CA ILE C 265 5.42 -43.32 38.21
C ILE C 265 4.07 -43.15 37.52
N TYR C 266 3.20 -44.17 37.61
CA TYR C 266 1.84 -44.07 37.09
C TYR C 266 1.07 -42.95 37.76
N ARG C 267 1.21 -42.84 39.08
CA ARG C 267 0.58 -41.77 39.83
C ARG C 267 1.10 -40.40 39.42
N LYS C 268 2.42 -40.29 39.25
CA LYS C 268 3.02 -39.02 38.83
C LYS C 268 2.65 -38.62 37.40
N LEU C 269 2.67 -39.57 36.47
CA LEU C 269 2.42 -39.22 35.07
C LEU C 269 0.95 -38.93 34.82
N ARG C 270 0.06 -39.79 35.32
CA ARG C 270 -1.36 -39.69 35.06
C ARG C 270 -2.06 -39.77 36.40
N PRO C 271 -2.13 -38.68 37.14
CA PRO C 271 -2.84 -38.69 38.41
C PRO C 271 -4.34 -38.80 38.21
N GLY C 272 -5.03 -39.14 39.28
CA GLY C 272 -6.47 -39.25 39.24
C GLY C 272 -7.02 -40.66 39.25
N GLU C 273 -6.20 -41.68 39.04
CA GLU C 273 -6.78 -43.01 39.06
C GLU C 273 -6.01 -43.97 39.96
N PRO C 274 -6.69 -44.99 40.50
CA PRO C 274 -5.99 -45.98 41.30
C PRO C 274 -5.02 -46.79 40.45
N PRO C 275 -3.88 -47.19 41.01
CA PRO C 275 -2.93 -48.00 40.25
C PRO C 275 -3.46 -49.41 40.02
N THR C 276 -3.20 -49.91 38.83
CA THR C 276 -3.54 -51.26 38.41
C THR C 276 -2.28 -51.84 37.81
N ARG C 277 -1.92 -53.05 38.24
CA ARG C 277 -0.66 -53.69 37.83
C ARG C 277 -0.56 -53.81 36.32
N GLU C 278 -1.58 -54.36 35.67
CA GLU C 278 -1.55 -54.49 34.22
C GLU C 278 -1.59 -53.13 33.53
N ALA C 279 -2.41 -52.20 34.03
CA ALA C 279 -2.53 -50.87 33.44
C ALA C 279 -1.26 -50.05 33.57
N ALA C 280 -0.56 -50.17 34.70
CA ALA C 280 0.73 -49.51 34.85
C ALA C 280 1.77 -50.05 33.86
N GLN C 281 1.82 -51.38 33.71
CA GLN C 281 2.81 -52.02 32.85
C GLN C 281 2.61 -51.67 31.38
N THR C 282 1.36 -51.70 30.89
CA THR C 282 1.11 -51.39 29.48
C THR C 282 1.40 -49.94 29.13
N LEU C 283 1.23 -48.99 30.07
CA LEU C 283 1.52 -47.57 29.81
C LEU C 283 2.99 -47.34 29.45
N LEU C 284 3.91 -47.94 30.20
CA LEU C 284 5.33 -47.82 29.90
C LEU C 284 5.66 -48.41 28.53
N GLU C 285 5.04 -49.55 28.21
CA GLU C 285 5.16 -50.09 26.87
C GLU C 285 4.53 -49.15 25.86
N ASN C 286 3.37 -48.59 26.18
CA ASN C 286 2.66 -47.70 25.27
C ASN C 286 3.41 -46.39 25.04
N LEU C 287 3.97 -45.81 26.09
CA LEU C 287 4.55 -44.46 25.98
C LEU C 287 5.81 -44.46 25.13
N TYR C 288 6.68 -45.46 25.30
CA TYR C 288 7.94 -45.49 24.58
C TYR C 288 8.08 -46.69 23.67
N PHE C 289 7.96 -47.91 24.20
CA PHE C 289 8.33 -49.08 23.43
C PHE C 289 7.30 -49.48 22.38
N ASN C 290 6.07 -48.97 22.44
CA ASN C 290 5.05 -49.32 21.46
C ASN C 290 5.45 -48.80 20.08
N PRO C 291 5.31 -49.61 19.02
CA PRO C 291 5.77 -49.19 17.70
C PRO C 291 4.89 -48.14 17.04
N LYS C 292 3.73 -47.83 17.60
CA LYS C 292 2.85 -46.81 17.04
C LYS C 292 3.01 -45.45 17.71
N ARG C 293 3.07 -45.41 19.04
CA ARG C 293 3.09 -44.14 19.76
C ARG C 293 4.44 -43.44 19.77
N TYR C 294 5.52 -44.12 19.41
CA TYR C 294 6.86 -43.56 19.45
C TYR C 294 7.63 -43.86 18.19
N ASP C 295 7.01 -43.69 17.02
CA ASP C 295 7.69 -44.05 15.78
C ASP C 295 8.85 -43.09 15.55
N LEU C 296 10.03 -43.52 15.99
CA LEU C 296 11.25 -42.80 15.71
C LEU C 296 11.56 -42.98 14.24
N ALA C 297 11.90 -41.89 13.57
CA ALA C 297 12.15 -41.92 12.14
C ALA C 297 13.40 -42.76 11.80
N LYS C 298 13.49 -43.12 10.51
CA LYS C 298 14.65 -43.86 10.02
C LYS C 298 15.94 -43.10 10.27
N VAL C 299 15.92 -41.78 10.11
CA VAL C 299 17.05 -40.95 10.51
C VAL C 299 17.24 -40.97 12.03
N GLY C 300 16.13 -41.01 12.77
CA GLY C 300 16.17 -41.03 14.22
C GLY C 300 16.91 -42.22 14.78
N ARG C 301 16.55 -43.42 14.30
CA ARG C 301 17.27 -44.63 14.70
C ARG C 301 18.71 -44.59 14.23
N TYR C 302 18.95 -44.09 13.01
CA TYR C 302 20.30 -44.01 12.47
C TYR C 302 21.20 -43.09 13.28
N LYS C 303 20.64 -42.04 13.87
CA LYS C 303 21.46 -41.09 14.59
C LYS C 303 21.76 -41.56 16.01
N VAL C 304 20.85 -42.31 16.63
CA VAL C 304 21.09 -42.78 17.99
C VAL C 304 22.18 -43.84 18.00
N ASN C 305 22.24 -44.66 16.95
CA ASN C 305 23.30 -45.65 16.83
C ASN C 305 24.66 -45.00 16.64
N LYS C 306 24.72 -43.91 15.87
CA LYS C 306 25.99 -43.21 15.71
C LYS C 306 26.45 -42.54 17.00
N LYS C 307 25.53 -41.90 17.72
CA LYS C 307 25.91 -41.20 18.95
C LYS C 307 26.30 -42.17 20.05
N LEU C 308 25.45 -43.16 20.32
CA LEU C 308 25.72 -44.12 21.39
C LEU C 308 26.75 -45.17 20.98
N GLY C 309 27.04 -45.31 19.71
CA GLY C 309 28.10 -46.20 19.27
C GLY C 309 27.75 -47.65 19.12
N ALA C 310 26.50 -48.05 19.38
CA ALA C 310 26.11 -49.45 19.20
C ALA C 310 26.26 -49.87 17.74
N ASP C 311 26.93 -50.99 17.53
CA ASP C 311 27.25 -51.46 16.18
C ASP C 311 26.11 -52.35 15.68
N GLU C 312 25.42 -51.86 14.66
CA GLU C 312 24.31 -52.51 13.96
C GLU C 312 23.18 -53.01 14.87
N PRO C 313 22.38 -52.11 15.49
CA PRO C 313 21.09 -52.55 16.07
C PRO C 313 20.03 -52.68 14.99
N LEU C 314 18.78 -52.86 15.40
CA LEU C 314 17.67 -52.93 14.46
C LEU C 314 17.56 -51.67 13.59
N ASP C 315 17.45 -51.88 12.28
CA ASP C 315 17.49 -50.77 11.32
C ASP C 315 16.28 -49.85 11.43
N ALA C 316 15.09 -50.41 11.65
CA ALA C 316 13.87 -49.62 11.74
C ALA C 316 13.09 -50.04 12.98
N GLY C 317 12.71 -49.06 13.79
CA GLY C 317 11.96 -49.38 14.99
C GLY C 317 12.05 -48.26 16.02
N VAL C 318 11.42 -48.54 17.16
CA VAL C 318 11.37 -47.64 18.30
C VAL C 318 12.64 -47.77 19.13
N LEU C 319 12.83 -46.86 20.08
CA LEU C 319 13.94 -46.98 21.01
C LEU C 319 13.77 -48.22 21.87
N THR C 320 14.89 -48.83 22.24
CA THR C 320 14.88 -50.00 23.10
C THR C 320 15.41 -49.63 24.48
N THR C 321 15.16 -50.56 25.42
CA THR C 321 15.69 -50.47 26.78
C THR C 321 17.21 -50.36 26.81
N ASP C 322 17.89 -50.97 25.85
CA ASP C 322 19.35 -50.81 25.72
C ASP C 322 19.75 -49.35 25.53
N ASP C 323 19.05 -48.61 24.66
CA ASP C 323 19.40 -47.21 24.39
C ASP C 323 19.22 -46.27 25.57
N VAL C 324 18.13 -46.40 26.35
CA VAL C 324 17.89 -45.49 27.46
C VAL C 324 18.99 -45.62 28.52
N ILE C 325 19.35 -46.86 28.87
CA ILE C 325 20.39 -47.08 29.85
C ILE C 325 21.74 -46.63 29.32
N ALA C 326 21.99 -46.85 28.02
CA ALA C 326 23.20 -46.36 27.38
C ALA C 326 23.28 -44.84 27.41
N THR C 327 22.13 -44.17 27.28
CA THR C 327 22.08 -42.72 27.34
C THR C 327 22.45 -42.20 28.73
N ILE C 328 21.98 -42.87 29.77
CA ILE C 328 22.40 -42.56 31.14
C ILE C 328 23.92 -42.70 31.28
N LYS C 329 24.46 -43.81 30.73
CA LYS C 329 25.89 -44.08 30.83
C LYS C 329 26.71 -42.99 30.15
N TYR C 330 26.26 -42.54 28.98
CA TYR C 330 26.91 -41.43 28.28
C TYR C 330 26.88 -40.17 29.13
N LEU C 331 25.75 -39.92 29.79
CA LEU C 331 25.58 -38.73 30.60
C LEU C 331 26.56 -38.68 31.77
N VAL C 332 26.67 -39.79 32.52
CA VAL C 332 27.53 -39.79 33.70
C VAL C 332 29.01 -39.80 33.30
N LYS C 333 29.36 -40.53 32.24
CA LYS C 333 30.73 -40.51 31.72
C LYS C 333 31.11 -39.13 31.21
N LEU C 334 30.17 -38.42 30.57
CA LEU C 334 30.42 -37.03 30.19
C LEU C 334 30.59 -36.16 31.41
N HIS C 335 29.75 -36.37 32.44
CA HIS C 335 29.83 -35.56 33.65
C HIS C 335 31.12 -35.82 34.42
N ALA C 336 31.54 -37.08 34.53
CA ALA C 336 32.68 -37.45 35.34
C ALA C 336 34.01 -36.95 34.77
N GLY C 337 34.03 -36.44 33.55
CA GLY C 337 35.16 -35.74 33.01
C GLY C 337 35.93 -36.50 31.94
N GLU C 338 35.80 -37.82 31.89
CA GLU C 338 36.43 -38.57 30.81
C GLU C 338 35.80 -38.20 29.47
N THR C 339 36.65 -37.99 28.47
CA THR C 339 36.24 -37.53 27.15
C THR C 339 36.16 -38.65 26.12
N GLU C 340 36.75 -39.80 26.41
CA GLU C 340 36.71 -40.93 25.50
C GLU C 340 36.37 -42.16 26.31
N THR C 341 35.41 -42.95 25.85
CA THR C 341 35.05 -44.14 26.61
C THR C 341 34.58 -45.19 25.61
N VAL C 342 34.73 -46.46 26.00
CA VAL C 342 34.24 -47.59 25.22
C VAL C 342 32.72 -47.65 25.31
N GLY C 343 32.07 -47.71 24.16
CA GLY C 343 30.63 -47.87 24.15
C GLY C 343 30.23 -49.26 24.63
N GLU C 344 29.20 -49.29 25.47
CA GLU C 344 28.66 -50.55 25.98
C GLU C 344 28.09 -51.39 24.86
N SER C 345 28.66 -52.60 24.70
CA SER C 345 28.34 -53.55 23.61
C SER C 345 28.45 -52.89 22.23
N GLY C 346 29.48 -52.07 22.07
CA GLY C 346 29.68 -51.30 20.86
C GLY C 346 31.12 -50.84 20.83
N ARG C 347 31.50 -50.20 19.73
CA ARG C 347 32.87 -49.76 19.64
C ARG C 347 33.09 -48.51 20.48
N GLU C 348 34.36 -48.16 20.64
CA GLU C 348 34.75 -46.96 21.37
C GLU C 348 34.29 -45.72 20.63
N ILE C 349 33.81 -44.72 21.38
CA ILE C 349 33.29 -43.50 20.80
C ILE C 349 33.66 -42.32 21.70
N VAL C 350 33.90 -41.17 21.07
CA VAL C 350 34.11 -39.91 21.76
C VAL C 350 32.82 -39.47 22.45
N VAL C 351 32.94 -39.03 23.71
CA VAL C 351 31.80 -38.47 24.43
C VAL C 351 31.97 -36.96 24.57
N GLU C 352 31.05 -36.21 23.96
CA GLU C 352 31.17 -34.75 23.91
C GLU C 352 29.79 -34.15 23.65
N THR C 353 29.63 -32.90 24.08
CA THR C 353 28.42 -32.13 23.77
C THR C 353 28.29 -31.92 22.27
N ASP C 354 27.07 -31.95 21.78
CA ASP C 354 26.77 -31.78 20.35
C ASP C 354 25.94 -30.53 20.14
N ASP C 355 26.34 -29.72 19.17
CA ASP C 355 25.66 -28.47 18.87
C ASP C 355 24.52 -28.71 17.89
N ILE C 356 23.35 -28.13 18.19
CA ILE C 356 22.19 -28.28 17.32
C ILE C 356 22.41 -27.58 15.98
N ASP C 357 23.01 -26.39 16.01
CA ASP C 357 23.17 -25.56 14.82
C ASP C 357 24.09 -26.18 13.78
N HIS C 358 24.98 -27.06 14.20
CA HIS C 358 25.90 -27.75 13.31
C HIS C 358 25.14 -28.56 12.28
N PHE C 359 25.61 -28.58 11.04
CA PHE C 359 24.84 -29.21 9.97
C PHE C 359 24.84 -30.73 10.02
N GLY C 360 25.65 -31.35 10.87
CA GLY C 360 25.44 -32.75 11.13
C GLY C 360 24.16 -33.03 11.89
N ASN C 361 23.68 -32.08 12.67
CA ASN C 361 22.43 -32.23 13.39
C ASN C 361 21.24 -31.54 12.72
N ARG C 362 21.44 -30.81 11.64
CA ARG C 362 20.34 -30.16 10.94
C ARG C 362 20.03 -30.94 9.67
N ARG C 363 18.77 -31.17 9.43
CA ARG C 363 18.32 -32.02 8.35
C ARG C 363 17.32 -31.26 7.50
N ILE C 364 17.44 -31.35 6.19
CA ILE C 364 16.47 -30.71 5.31
C ILE C 364 15.41 -31.71 4.88
N ARG C 365 14.16 -31.31 4.98
CA ARG C 365 13.03 -32.09 4.46
C ARG C 365 12.76 -31.65 3.04
N ASN C 366 13.45 -32.25 2.07
CA ASN C 366 13.18 -32.04 0.66
C ASN C 366 11.73 -32.40 0.29
N VAL C 367 11.29 -31.89 -0.88
CA VAL C 367 9.90 -31.91 -1.34
C VAL C 367 9.29 -33.33 -1.32
N GLY C 368 10.10 -34.36 -1.60
CA GLY C 368 9.62 -35.73 -1.48
C GLY C 368 9.20 -36.07 -0.05
N GLU C 369 10.02 -35.70 0.92
CA GLU C 369 9.71 -36.00 2.31
C GLU C 369 8.56 -35.18 2.85
N LEU C 370 8.39 -33.94 2.38
CA LEU C 370 7.29 -33.11 2.86
C LEU C 370 5.94 -33.68 2.48
N ILE C 371 5.75 -34.03 1.20
CA ILE C 371 4.48 -34.61 0.75
C ILE C 371 4.25 -35.98 1.36
N GLN C 372 5.33 -36.74 1.64
CA GLN C 372 5.19 -38.06 2.26
C GLN C 372 4.60 -37.95 3.66
N ASN C 373 5.02 -36.95 4.44
CA ASN C 373 4.43 -36.72 5.76
C ASN C 373 2.95 -36.42 5.66
N GLN C 374 2.56 -35.63 4.68
CA GLN C 374 1.15 -35.30 4.50
C GLN C 374 0.34 -36.49 4.03
N VAL C 375 0.87 -37.26 3.06
CA VAL C 375 0.15 -38.43 2.59
C VAL C 375 0.10 -39.51 3.67
N ARG C 376 1.06 -39.52 4.59
CA ARG C 376 1.01 -40.40 5.76
C ARG C 376 -0.15 -40.03 6.68
N THR C 377 -0.33 -38.74 6.94
CA THR C 377 -1.45 -38.27 7.75
C THR C 377 -2.78 -38.58 7.11
N GLY C 378 -2.88 -38.37 5.79
CA GLY C 378 -4.11 -38.71 5.06
C GLY C 378 -4.42 -40.20 5.14
N LEU C 379 -3.41 -41.02 4.91
CA LEU C 379 -3.60 -42.47 5.00
C LEU C 379 -3.85 -42.92 6.45
N ALA C 380 -3.35 -42.18 7.44
CA ALA C 380 -3.62 -42.50 8.85
C ALA C 380 -5.09 -42.35 9.19
N ARG C 381 -5.73 -41.28 8.69
CA ARG C 381 -7.16 -41.12 8.87
C ARG C 381 -7.94 -42.21 8.16
N MET C 382 -7.48 -42.63 6.98
CA MET C 382 -8.12 -43.73 6.25
C MET C 382 -8.09 -45.04 7.01
N GLU C 383 -6.99 -45.33 7.70
CA GLU C 383 -6.87 -46.52 8.53
C GLU C 383 -7.90 -46.56 9.65
N ARG C 384 -8.14 -45.44 10.32
CA ARG C 384 -9.10 -45.39 11.42
C ARG C 384 -10.51 -45.72 10.97
N VAL C 385 -10.89 -45.28 9.76
CA VAL C 385 -12.24 -45.49 9.27
C VAL C 385 -12.55 -46.97 9.07
N VAL C 386 -11.59 -47.73 8.51
CA VAL C 386 -11.83 -49.14 8.22
C VAL C 386 -11.96 -49.96 9.51
N ARG C 387 -11.28 -49.57 10.58
CA ARG C 387 -11.46 -50.24 11.87
C ARG C 387 -12.87 -50.02 12.41
N GLU C 388 -13.35 -48.78 12.36
CA GLU C 388 -14.71 -48.45 12.80
C GLU C 388 -15.76 -49.14 11.93
N ARG C 389 -15.53 -49.15 10.61
CA ARG C 389 -16.43 -49.79 9.66
C ARG C 389 -16.51 -51.31 9.86
N MET C 390 -15.38 -51.95 10.13
CA MET C 390 -15.34 -53.40 10.31
C MET C 390 -16.19 -53.88 11.49
N THR C 391 -16.17 -53.15 12.60
CA THR C 391 -16.95 -53.54 13.78
C THR C 391 -18.46 -53.51 13.54
N THR C 392 -18.93 -52.80 12.51
CA THR C 392 -20.34 -52.69 12.20
C THR C 392 -20.60 -53.13 10.77
N GLN C 393 -20.00 -54.24 10.38
CA GLN C 393 -20.18 -54.80 9.05
C GLN C 393 -20.14 -56.32 9.16
N ASP C 394 -20.95 -57.00 8.36
CA ASP C 394 -20.95 -58.44 8.36
C ASP C 394 -20.03 -58.96 7.27
N VAL C 395 -19.54 -60.18 7.46
CA VAL C 395 -18.58 -60.78 6.54
C VAL C 395 -19.33 -61.27 5.30
N GLU C 396 -18.61 -61.37 4.17
CA GLU C 396 -18.99 -61.79 2.82
C GLU C 396 -19.71 -60.65 2.09
N ALA C 397 -20.01 -59.54 2.76
CA ALA C 397 -20.49 -58.34 2.12
C ALA C 397 -19.41 -57.27 2.09
N ILE C 398 -18.15 -57.69 2.23
CA ILE C 398 -17.01 -56.79 2.34
C ILE C 398 -16.11 -57.03 1.14
N THR C 399 -15.88 -55.98 0.38
CA THR C 399 -14.98 -55.96 -0.77
C THR C 399 -14.06 -54.74 -0.65
N PRO C 400 -12.83 -54.84 -1.17
CA PRO C 400 -11.89 -53.71 -1.07
C PRO C 400 -12.36 -52.41 -1.72
N GLN C 401 -13.23 -52.48 -2.73
CA GLN C 401 -13.72 -51.26 -3.37
C GLN C 401 -14.53 -50.40 -2.40
N THR C 402 -15.39 -51.01 -1.58
CA THR C 402 -16.34 -50.24 -0.80
C THR C 402 -15.86 -49.80 0.57
N LEU C 403 -15.01 -50.59 1.23
CA LEU C 403 -14.78 -50.35 2.65
C LEU C 403 -13.88 -49.14 2.90
N ILE C 404 -12.85 -48.95 2.07
CA ILE C 404 -11.90 -47.84 2.26
C ILE C 404 -12.48 -46.56 1.67
N ASN C 405 -12.45 -45.49 2.47
CA ASN C 405 -12.84 -44.15 2.04
C ASN C 405 -11.60 -43.34 1.69
N ILE C 406 -11.47 -42.94 0.42
CA ILE C 406 -10.27 -42.21 -0.01
C ILE C 406 -10.36 -40.72 0.27
N ARG C 407 -11.50 -40.25 0.78
CA ARG C 407 -11.72 -38.82 1.04
C ARG C 407 -10.66 -38.14 1.90
N PRO C 408 -10.16 -38.71 3.02
CA PRO C 408 -9.13 -37.97 3.78
C PRO C 408 -7.82 -37.80 3.02
N VAL C 409 -7.40 -38.82 2.26
CA VAL C 409 -6.11 -38.79 1.58
C VAL C 409 -6.07 -37.68 0.54
N VAL C 410 -7.11 -37.55 -0.28
CA VAL C 410 -7.15 -36.48 -1.27
C VAL C 410 -7.26 -35.12 -0.59
N ALA C 411 -8.08 -35.03 0.46
CA ALA C 411 -8.26 -33.77 1.17
C ALA C 411 -6.99 -33.32 1.89
N SER C 412 -6.11 -34.25 2.25
CA SER C 412 -4.88 -33.83 2.92
C SER C 412 -3.86 -33.32 1.93
N ILE C 413 -3.69 -34.01 0.81
CA ILE C 413 -2.77 -33.55 -0.21
C ILE C 413 -3.28 -32.30 -0.91
N LYS C 414 -4.57 -32.02 -0.85
CA LYS C 414 -5.06 -30.75 -1.39
C LYS C 414 -4.87 -29.61 -0.39
N GLU C 415 -5.02 -29.89 0.90
CA GLU C 415 -4.75 -28.87 1.90
C GLU C 415 -3.27 -28.72 2.21
N PHE C 416 -2.42 -29.60 1.68
CA PHE C 416 -0.98 -29.36 1.79
C PHE C 416 -0.56 -28.20 0.92
N PHE C 417 -1.01 -28.17 -0.34
CA PHE C 417 -0.59 -27.11 -1.24
C PHE C 417 -1.19 -25.77 -0.85
N GLY C 418 -2.46 -25.74 -0.46
CA GLY C 418 -3.04 -24.53 0.07
C GLY C 418 -2.66 -24.33 1.53
N THR C 419 -2.66 -23.06 1.98
CA THR C 419 -2.49 -22.60 3.39
C THR C 419 -1.28 -23.21 4.10
N SER C 420 -0.18 -23.37 3.38
CA SER C 420 1.07 -23.90 3.93
C SER C 420 2.21 -22.98 3.54
N GLN C 421 3.13 -22.75 4.46
CA GLN C 421 4.27 -21.88 4.17
C GLN C 421 5.32 -22.54 3.29
N LEU C 422 5.12 -23.80 2.89
CA LEU C 422 6.13 -24.47 2.09
C LEU C 422 5.75 -24.59 0.64
N SER C 423 4.46 -24.62 0.32
CA SER C 423 4.02 -24.58 -1.07
C SER C 423 3.82 -23.12 -1.41
N GLN C 424 4.86 -22.52 -1.97
CA GLN C 424 4.89 -21.08 -2.18
C GLN C 424 4.65 -20.72 -3.64
N PHE C 425 4.03 -19.57 -3.83
CA PHE C 425 3.81 -18.98 -5.14
C PHE C 425 5.14 -18.66 -5.78
N MET C 426 5.41 -19.25 -6.95
CA MET C 426 6.69 -19.05 -7.62
C MET C 426 6.85 -17.60 -8.07
N ASP C 427 8.05 -17.05 -7.92
CA ASP C 427 8.35 -15.71 -8.41
C ASP C 427 9.09 -15.82 -9.72
N GLN C 428 8.49 -15.29 -10.78
CA GLN C 428 8.98 -15.41 -12.15
C GLN C 428 9.44 -14.08 -12.74
N ASN C 429 10.06 -13.21 -11.93
CA ASN C 429 10.56 -11.93 -12.42
C ASN C 429 11.55 -12.06 -13.56
N ASN C 430 12.31 -13.13 -13.59
CA ASN C 430 13.34 -13.45 -14.57
C ASN C 430 13.78 -14.87 -14.24
N PRO C 431 14.50 -15.57 -15.11
CA PRO C 431 14.90 -16.96 -14.79
C PRO C 431 15.71 -17.14 -13.52
N LEU C 432 16.46 -16.14 -13.07
CA LEU C 432 17.29 -16.34 -11.89
C LEU C 432 16.46 -16.35 -10.62
N SER C 433 15.39 -15.55 -10.57
CA SER C 433 14.42 -15.67 -9.48
C SER C 433 13.78 -17.05 -9.44
N GLY C 434 13.52 -17.62 -10.62
CA GLY C 434 13.01 -18.98 -10.68
C GLY C 434 13.94 -20.01 -10.09
N LEU C 435 15.20 -20.00 -10.56
CA LEU C 435 16.21 -20.97 -10.11
C LEU C 435 16.49 -20.87 -8.62
N THR C 436 16.61 -19.64 -8.10
CA THR C 436 16.94 -19.44 -6.71
C THR C 436 15.82 -19.90 -5.78
N HIS C 437 14.57 -19.82 -6.22
CA HIS C 437 13.45 -20.26 -5.41
C HIS C 437 13.40 -21.76 -5.23
N LYS C 438 13.90 -22.53 -6.19
CA LYS C 438 13.95 -23.97 -6.02
C LYS C 438 14.94 -24.37 -4.94
N ARG C 439 16.10 -23.72 -4.92
CA ARG C 439 17.22 -24.11 -4.10
C ARG C 439 17.16 -23.52 -2.70
N ARG C 440 16.14 -22.71 -2.41
CA ARG C 440 16.03 -22.02 -1.14
C ARG C 440 15.76 -23.02 -0.01
N LEU C 441 16.33 -22.75 1.17
CA LEU C 441 16.28 -23.64 2.33
C LEU C 441 15.61 -22.93 3.51
N ASN C 442 14.28 -22.99 3.56
CA ASN C 442 13.51 -22.18 4.49
C ASN C 442 13.49 -22.83 5.86
N ALA C 443 14.03 -22.16 6.87
CA ALA C 443 13.94 -22.72 8.23
C ALA C 443 12.54 -22.61 8.80
N LEU C 444 11.77 -21.64 8.32
CA LEU C 444 10.42 -21.38 8.80
C LEU C 444 9.41 -22.37 8.23
N GLY C 445 8.42 -22.73 9.02
CA GLY C 445 7.35 -23.58 8.54
C GLY C 445 6.68 -24.34 9.66
N PRO C 446 5.67 -25.14 9.32
CA PRO C 446 5.04 -26.00 10.33
C PRO C 446 6.03 -27.01 10.88
N GLY C 447 5.96 -27.24 12.17
CA GLY C 447 6.87 -28.15 12.85
C GLY C 447 8.32 -27.72 12.72
N GLY C 448 8.60 -26.45 12.88
CA GLY C 448 9.94 -25.95 12.70
C GLY C 448 10.09 -24.59 13.35
N LEU C 449 11.27 -24.02 13.14
CA LEU C 449 11.67 -22.75 13.74
C LEU C 449 10.83 -21.58 13.27
N SER C 450 10.06 -20.98 14.18
CA SER C 450 9.24 -19.84 13.80
C SER C 450 10.01 -18.55 14.04
N ARG C 451 9.41 -17.44 13.61
CA ARG C 451 10.03 -16.13 13.74
C ARG C 451 10.16 -15.72 15.20
N GLU C 452 9.14 -16.02 16.01
CA GLU C 452 9.17 -15.57 17.39
C GLU C 452 10.10 -16.41 18.25
N ARG C 453 10.25 -17.69 17.94
CA ARG C 453 11.21 -18.53 18.66
C ARG C 453 12.64 -18.29 18.21
N ALA C 454 12.85 -17.50 17.16
CA ALA C 454 14.16 -17.28 16.58
C ALA C 454 15.09 -16.61 17.58
N GLY C 455 16.35 -17.01 17.56
CA GLY C 455 17.36 -16.44 18.41
C GLY C 455 18.55 -16.02 17.57
N PHE C 456 19.55 -15.49 18.27
CA PHE C 456 20.78 -15.07 17.62
C PHE C 456 21.51 -16.26 16.99
N GLU C 457 21.52 -17.39 17.69
CA GLU C 457 22.35 -18.52 17.30
C GLU C 457 21.95 -19.13 15.96
N VAL C 458 20.65 -19.26 15.70
CA VAL C 458 20.20 -19.90 14.46
C VAL C 458 20.55 -19.05 13.24
N ARG C 459 20.39 -17.74 13.33
CA ARG C 459 20.67 -16.84 12.22
C ARG C 459 22.15 -16.82 11.84
N ASP C 460 23.04 -16.92 12.83
CA ASP C 460 24.47 -16.76 12.61
C ASP C 460 25.07 -17.83 11.71
N VAL C 461 26.10 -17.44 10.97
CA VAL C 461 26.86 -18.36 10.13
C VAL C 461 27.59 -19.36 11.02
N HIS C 462 27.82 -20.55 10.50
CA HIS C 462 28.50 -21.62 11.20
C HIS C 462 29.68 -22.10 10.37
N PRO C 463 30.70 -22.67 11.00
CA PRO C 463 31.79 -23.26 10.23
C PRO C 463 31.34 -24.43 9.37
N SER C 464 30.39 -25.22 9.86
CA SER C 464 29.89 -26.38 9.13
C SER C 464 29.18 -25.99 7.85
N HIS C 465 28.69 -24.76 7.76
CA HIS C 465 27.93 -24.28 6.61
C HIS C 465 28.73 -24.26 5.31
N TYR C 466 30.07 -24.27 5.37
CA TYR C 466 30.92 -24.20 4.19
C TYR C 466 30.63 -25.31 3.21
N GLY C 467 30.35 -24.95 1.96
CA GLY C 467 30.08 -25.91 0.94
C GLY C 467 28.67 -26.44 0.94
N ARG C 468 27.84 -26.05 1.90
CA ARG C 468 26.49 -26.55 1.98
C ARG C 468 25.41 -25.48 2.02
N MET C 469 25.76 -24.22 2.27
CA MET C 469 24.78 -23.15 2.37
C MET C 469 25.54 -21.84 2.24
N CYS C 470 25.26 -21.07 1.20
CA CYS C 470 25.98 -19.82 0.94
C CYS C 470 25.77 -18.81 2.07
N PRO C 471 26.84 -18.29 2.68
CA PRO C 471 26.66 -17.33 3.76
C PRO C 471 26.43 -15.92 3.28
N ILE C 472 26.69 -15.63 2.00
CA ILE C 472 26.59 -14.26 1.51
C ILE C 472 25.14 -13.88 1.30
N GLU C 473 24.36 -14.66 0.56
CA GLU C 473 23.00 -14.25 0.25
C GLU C 473 22.02 -14.89 1.20
N THR C 474 21.06 -14.07 1.63
CA THR C 474 19.93 -14.33 2.50
C THR C 474 19.11 -13.05 2.47
N PRO C 475 17.79 -13.10 2.72
CA PRO C 475 17.00 -11.87 2.77
C PRO C 475 17.48 -10.91 3.86
N GLU C 476 17.49 -9.64 3.54
CA GLU C 476 17.94 -8.59 4.45
C GLU C 476 16.82 -8.12 5.36
N GLY C 477 15.60 -8.62 5.16
CA GLY C 477 14.44 -8.31 5.96
C GLY C 477 14.49 -8.85 7.37
N PRO C 478 13.32 -8.91 8.02
CA PRO C 478 13.24 -9.52 9.36
C PRO C 478 13.68 -10.96 9.42
N ASN C 479 13.51 -11.76 8.35
CA ASN C 479 14.03 -13.12 8.35
C ASN C 479 15.46 -13.17 7.78
N ILE C 480 16.36 -12.47 8.44
CA ILE C 480 17.77 -12.50 8.08
C ILE C 480 18.36 -13.81 8.58
N GLY C 481 19.04 -14.54 7.71
CA GLY C 481 19.68 -15.78 8.10
C GLY C 481 18.79 -16.98 8.23
N LEU C 482 17.49 -16.81 8.47
CA LEU C 482 16.57 -17.94 8.53
C LEU C 482 16.41 -18.62 7.18
N ILE C 483 16.49 -17.86 6.10
CA ILE C 483 16.31 -18.38 4.74
C ILE C 483 17.66 -18.30 4.04
N GLY C 484 18.12 -19.41 3.50
CA GLY C 484 19.40 -19.42 2.82
C GLY C 484 19.35 -20.28 1.58
N SER C 485 20.25 -20.01 0.66
CA SER C 485 20.33 -20.72 -0.62
C SER C 485 21.33 -21.85 -0.53
N LEU C 486 20.99 -22.98 -1.15
CA LEU C 486 21.90 -24.11 -1.22
C LEU C 486 23.17 -23.72 -1.95
N ALA C 487 24.27 -24.38 -1.62
CA ALA C 487 25.54 -24.12 -2.28
C ALA C 487 25.51 -24.59 -3.72
N SER C 488 26.59 -24.32 -4.44
CA SER C 488 26.62 -24.67 -5.86
C SER C 488 26.78 -26.17 -6.04
N TYR C 489 27.67 -26.79 -5.27
CA TYR C 489 27.97 -28.20 -5.43
C TYR C 489 27.26 -29.09 -4.42
N GLY C 490 26.34 -28.54 -3.63
CA GLY C 490 25.70 -29.31 -2.57
C GLY C 490 24.84 -30.43 -3.10
N ARG C 491 24.88 -31.57 -2.41
CA ARG C 491 24.06 -32.73 -2.73
C ARG C 491 23.47 -33.30 -1.45
N ILE C 492 22.30 -33.90 -1.57
CA ILE C 492 21.52 -34.33 -0.40
C ILE C 492 21.70 -35.81 -0.11
N ASN C 493 22.10 -36.10 1.12
CA ASN C 493 22.15 -37.46 1.63
C ASN C 493 20.72 -37.99 1.76
N PRO C 494 20.49 -39.29 1.52
CA PRO C 494 19.12 -39.84 1.59
C PRO C 494 18.41 -39.61 2.91
N PHE C 495 19.13 -39.67 4.03
CA PHE C 495 18.56 -39.29 5.31
C PHE C 495 18.16 -37.81 5.35
N GLY C 496 18.87 -36.94 4.65
CA GLY C 496 18.47 -35.56 4.62
C GLY C 496 19.58 -34.55 4.80
N PHE C 497 20.73 -34.99 5.27
CA PHE C 497 21.87 -34.11 5.45
C PHE C 497 22.45 -33.71 4.09
N ILE C 498 23.26 -32.67 4.09
CA ILE C 498 23.79 -32.12 2.84
C ILE C 498 25.26 -32.51 2.71
N GLU C 499 25.60 -33.11 1.58
CA GLU C 499 26.96 -33.47 1.26
C GLU C 499 27.61 -32.37 0.43
N THR C 500 28.86 -32.60 0.05
CA THR C 500 29.65 -31.74 -0.82
C THR C 500 30.87 -32.52 -1.28
N PRO C 501 31.31 -32.35 -2.53
CA PRO C 501 32.43 -33.16 -3.01
C PRO C 501 33.74 -32.70 -2.42
N TYR C 502 34.73 -33.59 -2.44
CA TYR C 502 36.09 -33.27 -2.07
C TYR C 502 37.03 -34.15 -2.86
N ARG C 503 38.17 -33.61 -3.25
CA ARG C 503 39.14 -34.44 -3.95
C ARG C 503 39.94 -35.25 -2.94
N LYS C 504 40.36 -36.43 -3.36
CA LYS C 504 41.01 -37.37 -2.47
C LYS C 504 42.52 -37.17 -2.55
N VAL C 505 43.17 -37.11 -1.38
CA VAL C 505 44.61 -36.92 -1.32
C VAL C 505 45.21 -38.12 -0.60
N VAL C 506 46.34 -38.59 -1.11
CA VAL C 506 47.04 -39.74 -0.55
C VAL C 506 48.52 -39.58 -0.89
N GLU C 507 49.37 -39.86 0.10
CA GLU C 507 50.81 -39.60 0.11
C GLU C 507 51.24 -38.26 -0.50
N GLY C 508 50.50 -37.19 -0.21
CA GLY C 508 50.82 -35.89 -0.76
C GLY C 508 50.53 -35.69 -2.23
N GLN C 509 49.85 -36.63 -2.88
CA GLN C 509 49.44 -36.49 -4.27
C GLN C 509 47.94 -36.30 -4.33
N VAL C 510 47.50 -35.25 -5.00
CA VAL C 510 46.07 -35.02 -5.19
C VAL C 510 45.61 -35.86 -6.36
N THR C 511 44.62 -36.71 -6.13
CA THR C 511 44.16 -37.60 -7.18
C THR C 511 42.89 -37.04 -7.80
N ASP C 512 42.63 -37.47 -9.03
CA ASP C 512 41.45 -37.03 -9.76
C ASP C 512 40.25 -37.91 -9.42
N ASP C 513 39.97 -38.02 -8.14
CA ASP C 513 38.83 -38.76 -7.62
C ASP C 513 38.08 -37.86 -6.66
N VAL C 514 36.77 -38.00 -6.62
CA VAL C 514 35.92 -37.12 -5.81
C VAL C 514 35.15 -37.98 -4.83
N ASP C 515 35.03 -37.48 -3.61
CA ASP C 515 34.32 -38.15 -2.55
C ASP C 515 33.33 -37.17 -1.95
N TYR C 516 32.10 -37.61 -1.75
CA TYR C 516 31.07 -36.76 -1.18
C TYR C 516 31.02 -36.95 0.31
N LEU C 517 31.41 -35.92 1.06
CA LEU C 517 31.45 -35.98 2.52
C LEU C 517 30.31 -35.20 3.12
N THR C 518 29.74 -35.73 4.18
CA THR C 518 28.64 -35.06 4.85
C THR C 518 29.22 -34.06 5.85
N ALA C 519 28.38 -33.51 6.72
CA ALA C 519 28.84 -32.48 7.63
C ALA C 519 29.53 -33.03 8.86
N ASP C 520 29.50 -34.34 9.06
CA ASP C 520 30.12 -34.99 10.20
C ASP C 520 31.42 -35.70 9.81
N GLU C 521 31.40 -36.43 8.71
CA GLU C 521 32.63 -37.05 8.22
C GLU C 521 33.67 -36.00 7.80
N GLU C 522 33.23 -34.80 7.42
CA GLU C 522 34.15 -33.71 7.15
C GLU C 522 34.90 -33.31 8.41
N ASP C 523 34.23 -33.37 9.55
CA ASP C 523 34.78 -32.90 10.81
C ASP C 523 35.99 -33.72 11.22
N ARG C 524 35.96 -35.02 10.97
CA ARG C 524 37.02 -35.93 11.39
C ARG C 524 38.35 -35.61 10.72
N PHE C 525 38.33 -35.32 9.42
CA PHE C 525 39.56 -35.18 8.65
C PHE C 525 40.00 -33.73 8.57
N VAL C 526 41.13 -33.52 7.88
CA VAL C 526 41.69 -32.19 7.64
C VAL C 526 41.59 -31.88 6.16
N ILE C 527 41.08 -30.69 5.82
CA ILE C 527 40.73 -30.37 4.45
C ILE C 527 41.61 -29.22 3.98
N ALA C 528 42.21 -29.36 2.81
CA ALA C 528 43.05 -28.31 2.27
C ALA C 528 42.20 -27.31 1.51
N GLN C 529 42.84 -26.42 0.77
CA GLN C 529 42.18 -25.36 0.02
C GLN C 529 42.48 -25.51 -1.46
N ALA C 530 41.48 -25.24 -2.29
CA ALA C 530 41.67 -25.32 -3.74
C ALA C 530 42.68 -24.29 -4.23
N ASN C 531 42.72 -23.13 -3.58
CA ASN C 531 43.67 -22.09 -3.95
C ASN C 531 45.13 -22.49 -3.67
N ALA C 532 45.35 -23.47 -2.80
CA ALA C 532 46.71 -23.93 -2.47
C ALA C 532 47.41 -24.44 -3.71
N ALA C 533 48.64 -24.00 -3.91
CA ALA C 533 49.38 -24.26 -5.13
C ALA C 533 49.67 -25.74 -5.30
N LEU C 534 49.71 -26.17 -6.55
CA LEU C 534 49.97 -27.55 -6.90
C LEU C 534 51.09 -27.55 -7.92
N GLY C 535 51.99 -28.52 -7.82
CA GLY C 535 53.11 -28.57 -8.74
C GLY C 535 52.70 -28.97 -10.14
N ASP C 536 53.70 -29.05 -11.02
CA ASP C 536 53.48 -29.62 -12.34
C ASP C 536 53.06 -31.07 -12.21
N ASP C 537 53.74 -31.81 -11.34
CA ASP C 537 53.32 -33.14 -10.93
C ASP C 537 52.16 -33.00 -9.94
N MET C 538 51.64 -34.14 -9.49
CA MET C 538 50.51 -34.17 -8.57
C MET C 538 50.88 -33.89 -7.12
N ARG C 539 52.16 -33.70 -6.79
CA ARG C 539 52.53 -33.34 -5.43
C ARG C 539 52.20 -31.89 -5.13
N PHE C 540 52.23 -31.56 -3.84
CA PHE C 540 52.06 -30.18 -3.38
C PHE C 540 53.34 -29.41 -3.70
N ALA C 541 53.20 -28.23 -4.28
CA ALA C 541 54.39 -27.41 -4.57
C ALA C 541 55.07 -26.92 -3.30
N GLU C 542 54.31 -26.47 -2.32
CA GLU C 542 54.85 -25.90 -1.10
C GLU C 542 54.49 -26.78 0.09
N ALA C 543 55.45 -26.97 1.00
CA ALA C 543 55.21 -27.74 2.21
C ALA C 543 54.11 -27.10 3.06
N ARG C 544 54.19 -25.79 3.25
CA ARG C 544 53.16 -25.09 4.02
C ARG C 544 51.87 -24.97 3.19
N VAL C 545 50.74 -25.38 3.79
CA VAL C 545 49.43 -25.35 3.12
C VAL C 545 48.37 -25.01 4.15
N LEU C 546 47.49 -24.08 3.80
CA LEU C 546 46.38 -23.72 4.66
C LEU C 546 45.36 -24.83 4.71
N VAL C 547 44.85 -25.12 5.90
CA VAL C 547 43.84 -26.15 6.08
C VAL C 547 42.84 -25.69 7.14
N ARG C 548 41.71 -26.37 7.18
CA ARG C 548 40.73 -26.17 8.22
C ARG C 548 40.46 -27.50 8.88
N ARG C 549 39.99 -27.44 10.13
CA ARG C 549 39.93 -28.62 10.97
C ARG C 549 38.68 -28.53 11.83
N ARG C 550 38.64 -29.36 12.87
CA ARG C 550 37.50 -29.44 13.77
C ARG C 550 37.24 -28.10 14.43
N GLY C 551 35.97 -27.75 14.58
CA GLY C 551 35.63 -26.50 15.22
C GLY C 551 35.94 -25.27 14.42
N GLY C 552 36.07 -25.38 13.11
CA GLY C 552 36.33 -24.21 12.29
C GLY C 552 37.70 -23.58 12.39
N GLU C 553 38.73 -24.31 12.84
CA GLU C 553 40.07 -23.74 12.91
C GLU C 553 40.59 -23.41 11.51
N VAL C 554 41.55 -22.47 11.46
CA VAL C 554 42.06 -21.98 10.18
C VAL C 554 43.58 -22.15 10.23
N ASP C 555 44.08 -22.85 11.24
CA ASP C 555 45.52 -23.04 11.40
C ASP C 555 46.10 -23.86 10.24
N TYR C 556 47.33 -23.56 9.87
CA TYR C 556 47.93 -24.35 8.80
C TYR C 556 48.61 -25.57 9.41
N VAL C 557 48.81 -26.58 8.58
CA VAL C 557 49.45 -27.83 8.96
C VAL C 557 50.30 -28.21 7.75
N PRO C 558 51.60 -28.00 7.82
CA PRO C 558 52.44 -28.20 6.64
C PRO C 558 52.61 -29.68 6.31
N GLY C 559 53.12 -29.92 5.11
CA GLY C 559 53.49 -31.25 4.73
C GLY C 559 52.33 -32.19 4.44
N ASP C 560 52.71 -33.45 4.24
CA ASP C 560 51.79 -34.52 3.94
C ASP C 560 51.04 -34.90 5.21
N ASP C 561 49.93 -34.21 5.46
CA ASP C 561 48.98 -34.56 6.50
C ASP C 561 47.55 -34.50 6.03
N VAL C 562 47.27 -33.76 4.96
CA VAL C 562 45.92 -33.60 4.47
C VAL C 562 45.46 -34.86 3.77
N ASP C 563 44.15 -35.03 3.70
CA ASP C 563 43.54 -36.11 2.95
C ASP C 563 42.48 -35.64 1.96
N TYR C 564 41.92 -34.45 2.13
CA TYR C 564 40.93 -33.90 1.22
C TYR C 564 41.28 -32.47 0.89
N MET C 565 40.86 -32.03 -0.30
CA MET C 565 40.94 -30.62 -0.68
C MET C 565 39.69 -30.22 -1.44
N ASP C 566 39.35 -28.94 -1.34
CA ASP C 566 38.19 -28.38 -2.01
C ASP C 566 38.30 -28.54 -3.51
N VAL C 567 37.16 -28.82 -4.15
CA VAL C 567 37.18 -29.11 -5.56
C VAL C 567 37.24 -27.84 -6.40
N SER C 568 36.64 -26.74 -5.95
CA SER C 568 36.63 -25.50 -6.68
C SER C 568 36.65 -24.33 -5.71
N PRO C 569 37.37 -23.25 -6.01
CA PRO C 569 37.37 -22.10 -5.11
C PRO C 569 36.03 -21.40 -4.97
N ARG C 570 35.10 -21.62 -5.90
CA ARG C 570 33.76 -21.06 -5.85
C ARG C 570 32.78 -21.94 -5.10
N GLN C 571 33.28 -22.87 -4.27
CA GLN C 571 32.41 -23.84 -3.61
C GLN C 571 31.42 -23.20 -2.63
N MET C 572 31.87 -22.25 -1.81
CA MET C 572 31.01 -21.70 -0.78
C MET C 572 29.90 -20.76 -1.26
N VAL C 573 29.84 -20.42 -2.55
CA VAL C 573 28.90 -19.40 -3.03
C VAL C 573 27.79 -20.03 -3.85
N SER C 574 26.58 -19.51 -3.68
CA SER C 574 25.41 -19.98 -4.38
C SER C 574 25.36 -19.44 -5.80
N VAL C 575 24.32 -19.85 -6.53
CA VAL C 575 24.15 -19.50 -7.94
C VAL C 575 24.06 -17.99 -8.13
N ALA C 576 23.27 -17.32 -7.29
CA ALA C 576 23.10 -15.88 -7.40
C ALA C 576 24.36 -15.13 -7.00
N THR C 577 25.07 -15.64 -5.99
CA THR C 577 26.31 -15.00 -5.56
C THR C 577 27.44 -15.26 -6.53
N ALA C 578 27.45 -16.42 -7.18
CA ALA C 578 28.44 -16.69 -8.21
C ALA C 578 28.32 -15.78 -9.42
N MET C 579 27.17 -15.10 -9.61
CA MET C 579 26.96 -14.18 -10.72
C MET C 579 27.85 -12.95 -10.62
N ILE C 580 28.07 -12.45 -9.41
CA ILE C 580 28.82 -11.21 -9.23
C ILE C 580 30.26 -11.41 -9.69
N PRO C 581 30.83 -10.51 -10.47
CA PRO C 581 32.27 -10.55 -10.72
C PRO C 581 32.96 -9.68 -9.70
N PHE C 582 34.25 -9.96 -9.49
CA PHE C 582 35.09 -9.27 -8.50
C PHE C 582 34.48 -9.31 -7.11
N LEU C 583 33.92 -10.47 -6.74
CA LEU C 583 33.24 -10.59 -5.45
C LEU C 583 34.19 -10.40 -4.28
N GLU C 584 35.42 -10.91 -4.40
CA GLU C 584 36.38 -10.85 -3.30
C GLU C 584 36.71 -9.42 -2.89
N HIS C 585 36.63 -8.48 -3.81
CA HIS C 585 36.93 -7.09 -3.50
C HIS C 585 35.77 -6.41 -2.78
N ASP C 586 34.56 -6.94 -2.89
CA ASP C 586 33.40 -6.33 -2.25
C ASP C 586 33.28 -6.75 -0.80
N ASP C 587 32.72 -5.87 0.01
CA ASP C 587 32.35 -6.21 1.37
C ASP C 587 31.23 -7.24 1.38
N ALA C 588 31.19 -8.05 2.44
CA ALA C 588 30.17 -9.07 2.58
C ALA C 588 28.78 -8.48 2.69
N ASN C 589 28.67 -7.32 3.33
CA ASN C 589 27.36 -6.67 3.50
C ASN C 589 26.80 -6.20 2.16
N ARG C 590 27.61 -5.53 1.35
CA ARG C 590 27.11 -5.05 0.06
C ARG C 590 26.92 -6.17 -0.94
N ALA C 591 27.73 -7.22 -0.87
CA ALA C 591 27.53 -8.39 -1.73
C ALA C 591 26.19 -9.05 -1.48
N LEU C 592 25.75 -9.07 -0.22
CA LEU C 592 24.41 -9.55 0.13
C LEU C 592 23.35 -8.81 -0.66
N MET C 593 23.43 -7.48 -0.67
CA MET C 593 22.46 -6.69 -1.42
C MET C 593 22.60 -6.94 -2.92
N GLY C 594 23.82 -7.09 -3.41
CA GLY C 594 24.03 -7.29 -4.84
C GLY C 594 23.46 -8.59 -5.36
N ALA C 595 23.55 -9.65 -4.56
CA ALA C 595 23.03 -10.94 -4.97
C ALA C 595 21.51 -10.99 -4.85
N ASN C 596 20.96 -10.22 -3.92
CA ASN C 596 19.52 -10.15 -3.73
C ASN C 596 18.82 -9.32 -4.78
N MET C 597 19.41 -8.19 -5.17
CA MET C 597 18.93 -7.38 -6.29
C MET C 597 18.77 -8.18 -7.56
N MET C 598 19.74 -9.02 -7.90
CA MET C 598 19.71 -9.73 -9.18
C MET C 598 18.56 -10.70 -9.34
N ARG C 599 17.78 -10.95 -8.30
CA ARG C 599 16.52 -11.66 -8.40
C ARG C 599 15.34 -10.72 -8.55
N GLN C 600 15.58 -9.50 -9.02
CA GLN C 600 14.53 -8.52 -9.20
C GLN C 600 14.61 -7.81 -10.53
N ALA C 601 15.68 -7.99 -11.28
CA ALA C 601 15.83 -7.36 -12.58
C ALA C 601 14.74 -7.81 -13.54
N VAL C 602 14.11 -6.86 -14.22
CA VAL C 602 13.02 -7.19 -15.12
C VAL C 602 13.61 -7.46 -16.50
N PRO C 603 13.01 -8.33 -17.30
CA PRO C 603 13.49 -8.52 -18.67
C PRO C 603 13.20 -7.31 -19.53
N LEU C 604 14.06 -7.09 -20.52
CA LEU C 604 13.98 -5.95 -21.41
C LEU C 604 13.54 -6.40 -22.79
N ILE C 605 13.31 -5.43 -23.69
CA ILE C 605 12.86 -5.75 -25.04
C ILE C 605 13.91 -6.55 -25.80
N LYS C 606 15.15 -6.07 -25.78
CA LYS C 606 16.25 -6.69 -26.48
C LYS C 606 17.34 -6.92 -25.46
N SER C 607 17.49 -8.14 -25.00
CA SER C 607 18.45 -8.46 -23.95
C SER C 607 19.85 -8.50 -24.51
N GLU C 608 20.82 -8.04 -23.71
CA GLU C 608 22.21 -7.99 -24.09
C GLU C 608 23.09 -8.63 -23.03
N SER C 609 23.98 -9.51 -23.47
CA SER C 609 24.90 -10.22 -22.59
C SER C 609 25.88 -9.25 -21.95
N PRO C 610 26.28 -9.47 -20.70
CA PRO C 610 27.24 -8.57 -20.05
C PRO C 610 28.56 -8.60 -20.75
N LEU C 611 29.16 -7.42 -20.90
CA LEU C 611 30.46 -7.30 -21.53
C LEU C 611 31.54 -7.97 -20.70
N VAL C 612 31.52 -7.76 -19.40
CA VAL C 612 32.41 -8.44 -18.48
C VAL C 612 31.57 -9.15 -17.43
N GLY C 613 31.84 -10.42 -17.22
CA GLY C 613 31.12 -11.13 -16.19
C GLY C 613 31.63 -12.55 -16.09
N THR C 614 31.39 -13.12 -14.92
CA THR C 614 31.79 -14.48 -14.60
C THR C 614 31.12 -15.50 -15.50
N GLY C 615 31.83 -16.59 -15.77
CA GLY C 615 31.38 -17.67 -16.65
C GLY C 615 30.20 -18.50 -16.16
N MET C 616 29.68 -18.28 -14.95
CA MET C 616 28.62 -19.15 -14.48
C MET C 616 27.26 -18.72 -14.97
N GLU C 617 27.16 -17.55 -15.61
CA GLU C 617 25.86 -17.06 -16.04
C GLU C 617 25.26 -17.91 -17.14
N TYR C 618 26.08 -18.50 -18.00
CA TYR C 618 25.59 -19.36 -19.08
C TYR C 618 24.97 -20.66 -18.57
N ARG C 619 25.65 -21.34 -17.65
CA ARG C 619 25.15 -22.60 -17.10
C ARG C 619 23.85 -22.41 -16.33
N SER C 620 23.75 -21.31 -15.59
CA SER C 620 22.54 -21.00 -14.83
C SER C 620 21.32 -20.80 -15.71
N ALA C 621 21.51 -20.36 -16.95
CA ALA C 621 20.38 -20.16 -17.85
C ALA C 621 19.89 -21.49 -18.40
N ALA C 622 20.80 -22.30 -18.94
CA ALA C 622 20.43 -23.55 -19.62
C ALA C 622 19.75 -24.53 -18.67
N ASP C 623 20.25 -24.64 -17.45
CA ASP C 623 19.65 -25.55 -16.48
C ASP C 623 18.26 -25.08 -16.05
N ALA C 624 18.08 -23.77 -15.87
CA ALA C 624 16.74 -23.25 -15.64
C ALA C 624 15.90 -23.45 -16.91
N GLY C 625 14.60 -23.52 -16.72
CA GLY C 625 13.78 -23.94 -17.84
C GLY C 625 13.28 -22.89 -18.80
N ASP C 626 13.74 -21.64 -18.74
CA ASP C 626 13.18 -20.66 -19.66
C ASP C 626 13.76 -20.75 -21.06
N VAL C 627 15.07 -20.95 -21.20
CA VAL C 627 15.66 -21.16 -22.50
C VAL C 627 15.26 -22.54 -23.02
N VAL C 628 15.03 -22.64 -24.34
CA VAL C 628 14.53 -23.87 -24.95
C VAL C 628 15.67 -24.57 -25.69
N LYS C 629 16.10 -25.70 -25.15
CA LYS C 629 17.20 -26.48 -25.68
C LYS C 629 16.67 -27.69 -26.43
N ALA C 630 17.55 -28.37 -27.15
CA ALA C 630 17.16 -29.45 -28.04
C ALA C 630 17.37 -30.79 -27.33
N GLU C 631 16.46 -31.73 -27.57
CA GLU C 631 16.59 -33.07 -27.04
C GLU C 631 17.17 -34.05 -28.04
N LYS C 632 17.52 -33.60 -29.24
CA LYS C 632 18.04 -34.47 -30.28
C LYS C 632 19.11 -33.73 -31.05
N ALA C 633 19.89 -34.47 -31.83
CA ALA C 633 20.95 -33.91 -32.66
C ALA C 633 20.47 -33.95 -34.11
N GLY C 634 19.88 -32.86 -34.57
CA GLY C 634 19.30 -32.82 -35.89
C GLY C 634 19.59 -31.59 -36.73
N VAL C 635 18.79 -31.41 -37.78
CA VAL C 635 18.87 -30.26 -38.68
C VAL C 635 17.59 -29.46 -38.56
N VAL C 636 17.70 -28.14 -38.33
CA VAL C 636 16.51 -27.31 -38.32
C VAL C 636 15.90 -27.32 -39.72
N GLN C 637 14.58 -27.38 -39.80
CA GLN C 637 13.90 -27.48 -41.08
C GLN C 637 12.96 -26.32 -41.37
N GLU C 638 12.27 -25.78 -40.36
CA GLU C 638 11.34 -24.68 -40.58
C GLU C 638 11.42 -23.73 -39.40
N VAL C 639 11.94 -22.53 -39.64
CA VAL C 639 12.09 -21.53 -38.60
C VAL C 639 11.00 -20.48 -38.75
N SER C 640 10.37 -20.11 -37.65
CA SER C 640 9.29 -19.14 -37.62
C SER C 640 9.23 -18.58 -36.22
N ALA C 641 8.43 -17.53 -36.04
CA ALA C 641 8.37 -16.90 -34.73
C ALA C 641 7.62 -17.75 -33.73
N ASP C 642 6.49 -18.32 -34.14
CA ASP C 642 5.68 -19.09 -33.20
C ASP C 642 6.31 -20.45 -32.91
N TYR C 643 6.85 -21.12 -33.92
CA TYR C 643 7.27 -22.50 -33.75
C TYR C 643 8.51 -22.75 -34.59
N ILE C 644 9.24 -23.80 -34.22
CA ILE C 644 10.44 -24.20 -34.93
C ILE C 644 10.44 -25.72 -35.12
N THR C 645 10.70 -26.17 -36.34
CA THR C 645 10.65 -27.58 -36.69
C THR C 645 12.05 -28.13 -36.91
N THR C 646 12.34 -29.25 -36.27
CA THR C 646 13.63 -29.91 -36.40
C THR C 646 13.43 -31.36 -36.85
N THR C 647 14.43 -31.89 -37.54
CA THR C 647 14.38 -33.24 -38.09
C THR C 647 15.64 -33.98 -37.67
N ASN C 648 15.47 -35.12 -37.01
CA ASN C 648 16.61 -35.91 -36.59
C ASN C 648 17.04 -36.82 -37.73
N ASP C 649 18.23 -37.40 -37.57
CA ASP C 649 18.78 -38.31 -38.59
C ASP C 649 17.89 -39.53 -38.85
N ASP C 650 17.17 -40.02 -37.84
CA ASP C 650 16.24 -41.12 -38.09
C ASP C 650 15.09 -40.68 -38.99
N GLY C 651 14.58 -39.47 -38.79
CA GLY C 651 13.49 -38.94 -39.59
C GLY C 651 12.38 -38.29 -38.78
N THR C 652 12.39 -38.54 -37.47
CA THR C 652 11.36 -38.01 -36.59
C THR C 652 11.41 -36.49 -36.50
N TYR C 653 10.24 -35.87 -36.60
CA TYR C 653 10.07 -34.43 -36.46
C TYR C 653 9.44 -34.09 -35.12
N ILE C 654 9.97 -33.07 -34.46
CA ILE C 654 9.31 -32.52 -33.28
C ILE C 654 9.32 -31.01 -33.44
N THR C 655 8.19 -30.38 -33.15
CA THR C 655 8.03 -28.94 -33.35
C THR C 655 7.91 -28.29 -31.99
N TYR C 656 8.92 -27.54 -31.60
CA TYR C 656 8.84 -26.78 -30.37
C TYR C 656 7.93 -25.57 -30.59
N ARG C 657 6.95 -25.40 -29.69
CA ARG C 657 6.02 -24.28 -29.75
C ARG C 657 6.53 -23.25 -28.75
N LEU C 658 6.96 -22.11 -29.26
CA LEU C 658 7.55 -21.07 -28.43
C LEU C 658 6.45 -20.24 -27.78
N ALA C 659 6.57 -20.01 -26.48
CA ALA C 659 5.67 -19.08 -25.81
C ALA C 659 5.91 -17.69 -26.36
N LYS C 660 4.86 -16.87 -26.37
CA LYS C 660 4.98 -15.53 -26.93
C LYS C 660 4.08 -14.61 -26.14
N PHE C 661 4.69 -13.71 -25.36
CA PHE C 661 4.01 -12.64 -24.63
C PHE C 661 2.95 -13.17 -23.68
N SER C 662 3.32 -14.15 -22.87
CA SER C 662 2.40 -14.69 -21.88
C SER C 662 2.83 -14.23 -20.50
N ARG C 663 1.86 -13.80 -19.71
CA ARG C 663 2.10 -13.20 -18.42
C ARG C 663 2.74 -14.17 -17.44
N SER C 664 3.68 -13.67 -16.64
CA SER C 664 4.29 -14.45 -15.58
C SER C 664 3.49 -14.21 -14.29
N ASN C 665 3.97 -14.71 -13.17
CA ASN C 665 3.24 -14.49 -11.91
C ASN C 665 3.32 -13.03 -11.48
N GLN C 666 4.45 -12.39 -11.69
CA GLN C 666 4.64 -11.00 -11.31
C GLN C 666 4.29 -10.01 -12.42
N GLY C 667 3.84 -10.48 -13.56
CA GLY C 667 3.40 -9.57 -14.61
C GLY C 667 4.52 -9.04 -15.46
N THR C 668 5.30 -9.92 -16.06
CA THR C 668 6.35 -9.59 -17.00
C THR C 668 6.29 -10.58 -18.14
N SER C 669 6.74 -10.17 -19.32
CA SER C 669 6.67 -11.05 -20.48
C SER C 669 7.65 -12.21 -20.34
N VAL C 670 7.31 -13.34 -20.96
CA VAL C 670 8.21 -14.49 -21.02
C VAL C 670 8.39 -14.84 -22.49
N ASN C 671 8.37 -13.79 -23.32
CA ASN C 671 8.53 -13.91 -24.76
C ASN C 671 9.83 -14.63 -25.11
N GLN C 672 9.76 -15.49 -26.12
CA GLN C 672 10.88 -16.31 -26.52
C GLN C 672 11.26 -15.99 -27.96
N LYS C 673 12.55 -15.75 -28.17
CA LYS C 673 13.11 -15.48 -29.47
C LYS C 673 13.62 -16.77 -30.09
N VAL C 674 14.04 -16.70 -31.36
CA VAL C 674 14.59 -17.84 -32.07
C VAL C 674 15.98 -17.45 -32.52
N ILE C 675 16.97 -18.27 -32.21
CA ILE C 675 18.34 -17.85 -32.47
C ILE C 675 18.93 -18.57 -33.68
N VAL C 676 18.50 -19.78 -33.95
CA VAL C 676 19.10 -20.55 -35.04
C VAL C 676 18.51 -20.14 -36.37
N ALA C 677 19.32 -20.20 -37.42
CA ALA C 677 18.89 -19.92 -38.78
C ALA C 677 18.20 -21.15 -39.38
N GLU C 678 18.01 -21.16 -40.70
CA GLU C 678 17.26 -22.23 -41.35
C GLU C 678 18.03 -23.56 -41.34
N GLY C 679 19.20 -23.60 -41.97
CA GLY C 679 19.83 -24.89 -42.20
C GLY C 679 20.91 -25.33 -41.24
N ASP C 680 20.94 -24.76 -40.04
CA ASP C 680 22.02 -25.05 -39.09
C ASP C 680 21.90 -26.46 -38.52
N ARG C 681 23.05 -27.08 -38.31
CA ARG C 681 23.09 -28.38 -37.65
C ARG C 681 22.98 -28.19 -36.15
N ILE C 682 22.25 -29.08 -35.49
CA ILE C 682 22.01 -28.99 -34.06
C ILE C 682 22.64 -30.21 -33.40
N ILE C 683 23.04 -30.04 -32.14
CA ILE C 683 23.54 -31.11 -31.30
C ILE C 683 22.74 -31.08 -30.02
N GLU C 684 22.71 -32.23 -29.32
CA GLU C 684 21.89 -32.38 -28.13
C GLU C 684 22.29 -31.38 -27.05
N GLY C 685 21.28 -30.81 -26.40
CA GLY C 685 21.51 -29.81 -25.37
C GLY C 685 21.78 -28.40 -25.85
N GLN C 686 22.07 -28.20 -27.13
CA GLN C 686 22.26 -26.86 -27.67
C GLN C 686 20.97 -26.06 -27.58
N VAL C 687 21.10 -24.74 -27.51
CA VAL C 687 19.97 -23.84 -27.25
C VAL C 687 19.29 -23.45 -28.55
N LEU C 688 18.00 -23.75 -28.65
CA LEU C 688 17.21 -23.47 -29.85
C LEU C 688 16.49 -22.14 -29.81
N ALA C 689 15.95 -21.78 -28.66
CA ALA C 689 15.15 -20.58 -28.54
C ALA C 689 15.62 -19.77 -27.35
N ASP C 690 15.72 -18.48 -27.54
CA ASP C 690 16.17 -17.61 -26.47
C ASP C 690 15.02 -17.33 -25.53
N GLY C 691 15.33 -16.98 -24.30
CA GLY C 691 14.30 -16.79 -23.31
C GLY C 691 14.18 -15.37 -22.82
N PRO C 692 13.29 -15.13 -21.86
CA PRO C 692 13.25 -13.83 -21.22
C PRO C 692 14.54 -13.60 -20.45
N ALA C 693 15.17 -12.44 -20.67
CA ALA C 693 16.41 -12.02 -20.04
C ALA C 693 17.51 -13.06 -20.28
N THR C 694 17.83 -13.26 -21.55
CA THR C 694 18.83 -14.23 -21.98
C THR C 694 19.37 -13.72 -23.31
N GLU C 695 20.56 -14.17 -23.69
CA GLU C 695 21.16 -13.76 -24.96
C GLU C 695 22.16 -14.82 -25.36
N ASN C 696 21.91 -15.48 -26.49
CA ASN C 696 22.71 -16.60 -26.99
C ASN C 696 22.84 -17.72 -25.96
N GLY C 697 21.81 -17.95 -25.16
CA GLY C 697 21.89 -18.93 -24.11
C GLY C 697 22.62 -18.49 -22.86
N GLU C 698 23.13 -17.27 -22.82
CA GLU C 698 23.77 -16.73 -21.63
C GLU C 698 22.80 -15.85 -20.88
N MET C 699 22.93 -15.81 -19.56
CA MET C 699 22.07 -14.98 -18.73
C MET C 699 22.35 -13.51 -19.02
N ALA C 700 21.29 -12.71 -19.07
CA ALA C 700 21.46 -11.29 -19.37
C ALA C 700 20.34 -10.54 -18.69
N LEU C 701 20.63 -10.01 -17.51
CA LEU C 701 19.64 -9.29 -16.73
C LEU C 701 19.66 -7.78 -16.93
N GLY C 702 20.53 -7.26 -17.78
CA GLY C 702 20.60 -5.83 -17.91
C GLY C 702 21.39 -5.41 -19.12
N LYS C 703 21.68 -4.13 -19.20
CA LYS C 703 22.50 -3.56 -20.26
C LYS C 703 23.83 -3.06 -19.71
N ASN C 704 24.73 -2.75 -20.63
CA ASN C 704 26.05 -2.23 -20.28
C ASN C 704 26.20 -0.81 -20.80
N LEU C 705 26.19 0.16 -19.89
CA LEU C 705 26.22 1.57 -20.20
C LEU C 705 27.59 2.17 -19.94
N LEU C 706 27.84 3.33 -20.55
CA LEU C 706 29.05 4.11 -20.33
C LEU C 706 28.88 4.97 -19.08
N VAL C 707 29.65 4.67 -18.04
CA VAL C 707 29.51 5.31 -16.73
C VAL C 707 30.68 6.25 -16.51
N ALA C 708 30.44 7.39 -15.86
CA ALA C 708 31.51 8.27 -15.44
C ALA C 708 31.30 8.63 -13.97
N PHE C 709 32.36 8.56 -13.18
CA PHE C 709 32.26 8.85 -11.75
C PHE C 709 32.60 10.30 -11.47
N MET C 710 31.60 11.10 -11.13
CA MET C 710 31.78 12.48 -10.70
C MET C 710 30.48 13.01 -10.12
N PRO C 711 30.54 13.85 -9.10
CA PRO C 711 29.34 14.61 -8.74
C PRO C 711 29.00 15.56 -9.87
N TRP C 712 27.71 15.80 -10.08
CA TRP C 712 27.33 16.58 -11.25
C TRP C 712 26.10 17.38 -10.86
N GLU C 713 26.35 18.61 -10.39
CA GLU C 713 25.38 19.65 -10.09
C GLU C 713 24.44 19.31 -8.95
N GLY C 714 24.64 18.20 -8.27
CA GLY C 714 23.77 17.79 -7.19
C GLY C 714 22.62 16.94 -7.62
N HIS C 715 22.46 16.69 -8.91
CA HIS C 715 21.43 15.79 -9.37
C HIS C 715 21.69 14.33 -9.03
N ASN C 716 22.93 13.94 -8.73
CA ASN C 716 23.21 12.60 -8.26
C ASN C 716 23.76 12.62 -6.85
N TYR C 717 23.19 13.48 -6.02
CA TYR C 717 23.51 13.54 -4.61
C TYR C 717 22.77 12.45 -3.86
N GLU C 718 23.45 11.81 -2.92
CA GLU C 718 22.88 10.78 -2.03
C GLU C 718 22.23 9.63 -2.79
N ASP C 719 23.03 8.98 -3.64
CA ASP C 719 22.83 7.71 -4.35
C ASP C 719 21.97 7.81 -5.60
N ALA C 720 21.35 8.96 -5.90
CA ALA C 720 20.55 9.10 -7.10
C ALA C 720 21.40 8.96 -8.38
N ILE C 721 20.71 8.76 -9.50
CA ILE C 721 21.33 8.37 -10.77
C ILE C 721 21.00 9.45 -11.80
N ILE C 722 21.90 9.70 -12.74
CA ILE C 722 21.66 10.58 -13.88
C ILE C 722 21.75 9.75 -15.15
N LEU C 723 20.73 9.84 -16.01
CA LEU C 723 20.65 9.04 -17.22
C LEU C 723 20.52 9.92 -18.45
N SER C 724 21.30 9.63 -19.48
CA SER C 724 21.15 10.36 -20.73
C SER C 724 19.83 10.02 -21.38
N GLN C 725 19.23 10.98 -22.09
CA GLN C 725 17.93 10.74 -22.73
C GLN C 725 18.01 9.78 -23.91
N ARG C 726 19.22 9.33 -24.28
CA ARG C 726 19.37 8.34 -25.34
C ARG C 726 18.70 7.04 -24.95
N LEU C 727 18.79 6.68 -23.67
CA LEU C 727 18.26 5.40 -23.20
C LEU C 727 16.74 5.34 -23.30
N VAL C 728 16.04 6.42 -22.99
CA VAL C 728 14.60 6.43 -23.25
C VAL C 728 14.33 6.47 -24.75
N GLN C 729 15.16 7.20 -25.51
CA GLN C 729 14.94 7.38 -26.94
C GLN C 729 15.19 6.08 -27.70
N ASP C 730 16.31 5.42 -27.44
CA ASP C 730 16.72 4.24 -28.18
C ASP C 730 16.19 2.96 -27.58
N ASP C 731 15.29 3.05 -26.60
CA ASP C 731 14.57 1.92 -26.01
C ASP C 731 15.50 0.97 -25.27
N VAL C 732 16.60 1.49 -24.75
CA VAL C 732 17.62 0.65 -24.12
C VAL C 732 17.08 0.00 -22.85
N LEU C 733 16.48 0.78 -21.96
CA LEU C 733 15.85 0.25 -20.76
C LEU C 733 14.34 0.47 -20.88
N SER C 734 13.61 -0.52 -21.39
CA SER C 734 12.16 -0.46 -21.42
C SER C 734 11.62 -1.87 -21.35
N SER C 735 10.54 -2.07 -20.59
CA SER C 735 10.02 -3.40 -20.31
C SER C 735 8.52 -3.51 -20.56
N ILE C 736 8.10 -4.63 -21.16
CA ILE C 736 6.67 -4.94 -21.28
C ILE C 736 6.14 -5.34 -19.91
N HIS C 737 4.86 -5.07 -19.67
CA HIS C 737 4.18 -5.46 -18.45
C HIS C 737 2.76 -5.85 -18.80
N ILE C 738 2.35 -7.06 -18.42
CA ILE C 738 1.08 -7.63 -18.81
C ILE C 738 0.23 -7.80 -17.56
N GLU C 739 -0.87 -7.06 -17.48
CA GLU C 739 -1.80 -7.18 -16.38
C GLU C 739 -3.02 -7.97 -16.83
N GLU C 740 -3.62 -8.69 -15.88
CA GLU C 740 -4.76 -9.53 -16.20
C GLU C 740 -5.80 -9.33 -15.12
N HIS C 741 -7.01 -8.97 -15.53
CA HIS C 741 -8.10 -8.77 -14.59
C HIS C 741 -9.42 -9.25 -15.19
N GLU C 742 -10.23 -9.85 -14.34
CA GLU C 742 -11.37 -10.65 -14.77
C GLU C 742 -12.59 -10.35 -13.91
N VAL C 743 -13.76 -10.63 -14.47
CA VAL C 743 -15.04 -10.43 -13.78
C VAL C 743 -15.88 -11.68 -13.98
N ASP C 744 -16.88 -11.86 -13.12
CA ASP C 744 -17.77 -13.01 -13.20
C ASP C 744 -19.23 -12.60 -13.19
N ALA C 745 -20.00 -13.16 -14.11
CA ALA C 745 -21.45 -12.97 -14.22
C ALA C 745 -22.19 -14.02 -13.40
N ARG C 746 -22.36 -13.75 -12.11
CA ARG C 746 -22.93 -14.70 -11.16
C ARG C 746 -24.45 -14.58 -11.06
N ASP C 747 -25.10 -15.70 -10.76
CA ASP C 747 -26.54 -15.73 -10.57
C ASP C 747 -26.89 -15.42 -9.12
N THR C 748 -27.65 -14.35 -8.89
CA THR C 748 -28.05 -13.98 -7.52
C THR C 748 -29.55 -14.22 -7.34
N LYS C 749 -30.05 -13.83 -6.17
CA LYS C 749 -31.45 -14.04 -5.80
C LYS C 749 -32.41 -13.30 -6.74
N LEU C 750 -32.12 -12.03 -7.02
CA LEU C 750 -33.05 -11.22 -7.81
C LEU C 750 -33.00 -11.60 -9.30
N GLY C 751 -31.85 -12.04 -9.78
CA GLY C 751 -31.71 -12.43 -11.17
C GLY C 751 -30.27 -12.64 -11.57
N PRO C 752 -30.01 -12.85 -12.85
CA PRO C 752 -28.64 -12.98 -13.34
C PRO C 752 -28.04 -11.67 -13.83
N GLU C 753 -26.72 -11.58 -13.74
CA GLU C 753 -26.03 -10.45 -14.36
C GLU C 753 -25.82 -10.74 -15.84
N GLU C 754 -25.90 -9.69 -16.64
CA GLU C 754 -25.80 -9.80 -18.08
C GLU C 754 -24.55 -9.08 -18.54
N ILE C 755 -23.70 -9.78 -19.28
CA ILE C 755 -22.57 -9.15 -19.94
C ILE C 755 -23.11 -8.57 -21.23
N THR C 756 -23.32 -7.25 -21.27
CA THR C 756 -24.06 -6.65 -22.36
C THR C 756 -23.51 -5.27 -22.69
N ARG C 757 -23.80 -4.83 -23.91
CA ARG C 757 -23.38 -3.50 -24.34
C ARG C 757 -24.33 -2.41 -23.90
N ASP C 758 -25.61 -2.72 -23.70
CA ASP C 758 -26.60 -1.69 -23.38
C ASP C 758 -26.59 -1.40 -21.88
N ILE C 759 -25.53 -0.72 -21.46
CA ILE C 759 -25.34 -0.24 -20.10
C ILE C 759 -26.24 0.98 -19.94
N PRO C 760 -26.89 1.19 -18.80
CA PRO C 760 -27.78 2.35 -18.68
C PRO C 760 -27.06 3.59 -18.18
N ASN C 761 -27.61 4.73 -18.64
CA ASN C 761 -27.13 6.07 -18.28
C ASN C 761 -25.65 6.28 -18.62
N VAL C 762 -25.30 6.03 -19.88
CA VAL C 762 -23.93 6.20 -20.34
C VAL C 762 -24.04 6.98 -21.64
N SER C 763 -22.98 7.71 -21.97
CA SER C 763 -22.88 8.43 -23.23
C SER C 763 -22.60 7.47 -24.37
N GLU C 764 -22.56 8.04 -25.57
CA GLU C 764 -22.35 7.23 -26.77
C GLU C 764 -20.87 6.98 -26.99
N GLU C 765 -20.02 7.98 -26.73
CA GLU C 765 -18.61 7.86 -27.03
C GLU C 765 -17.84 7.04 -26.02
N VAL C 766 -18.37 6.86 -24.81
CA VAL C 766 -17.69 6.00 -23.82
C VAL C 766 -17.70 4.55 -24.29
N LEU C 767 -18.84 4.08 -24.78
CA LEU C 767 -18.90 2.71 -25.30
C LEU C 767 -18.65 2.65 -26.80
N ALA C 768 -17.52 3.23 -27.21
CA ALA C 768 -17.15 3.30 -28.61
C ALA C 768 -16.37 2.06 -29.05
N ASP C 769 -15.41 1.66 -28.23
CA ASP C 769 -14.55 0.53 -28.55
C ASP C 769 -15.08 -0.80 -28.03
N LEU C 770 -16.26 -0.82 -27.43
CA LEU C 770 -16.88 -2.06 -27.01
C LEU C 770 -17.34 -2.83 -28.24
N ASP C 771 -17.19 -4.16 -28.22
CA ASP C 771 -17.67 -4.98 -29.33
C ASP C 771 -19.16 -5.24 -29.19
N GLU C 772 -19.67 -6.21 -29.94
CA GLU C 772 -21.10 -6.46 -30.05
C GLU C 772 -21.70 -6.95 -28.73
N ARG C 773 -21.06 -7.91 -28.07
CA ARG C 773 -21.63 -8.53 -26.89
C ARG C 773 -21.22 -7.83 -25.60
N GLY C 774 -20.47 -6.75 -25.68
CA GLY C 774 -20.12 -5.98 -24.50
C GLY C 774 -18.75 -6.31 -23.94
N ILE C 775 -17.79 -6.54 -24.83
CA ILE C 775 -16.40 -6.82 -24.49
C ILE C 775 -15.56 -5.87 -25.31
N ILE C 776 -14.55 -5.26 -24.70
CA ILE C 776 -13.67 -4.36 -25.44
C ILE C 776 -12.92 -5.12 -26.53
N ARG C 777 -12.78 -4.47 -27.69
CA ARG C 777 -12.12 -5.09 -28.83
C ARG C 777 -10.62 -5.23 -28.60
N ILE C 778 -10.03 -6.17 -29.35
CA ILE C 778 -8.60 -6.43 -29.27
C ILE C 778 -7.85 -5.30 -29.96
N GLY C 779 -6.85 -4.76 -29.29
CA GLY C 779 -6.10 -3.66 -29.83
C GLY C 779 -6.62 -2.31 -29.45
N ALA C 780 -7.69 -2.27 -28.66
CA ALA C 780 -8.32 -1.02 -28.24
C ALA C 780 -7.53 -0.45 -27.08
N GLU C 781 -6.75 0.60 -27.34
CA GLU C 781 -6.02 1.30 -26.29
C GLU C 781 -6.99 1.84 -25.24
N VAL C 782 -6.65 1.64 -23.97
CA VAL C 782 -7.52 1.99 -22.86
C VAL C 782 -6.80 3.02 -22.01
N VAL C 783 -7.55 3.70 -21.15
CA VAL C 783 -7.04 4.67 -20.19
C VAL C 783 -7.69 4.30 -18.86
N ALA C 784 -7.34 5.01 -17.79
CA ALA C 784 -7.98 4.78 -16.49
C ALA C 784 -9.44 5.14 -16.54
N GLY C 785 -10.28 4.26 -16.00
CA GLY C 785 -11.70 4.50 -15.92
C GLY C 785 -12.50 3.98 -17.08
N ASP C 786 -11.84 3.56 -18.16
CA ASP C 786 -12.54 3.05 -19.32
C ASP C 786 -13.24 1.73 -18.99
N ILE C 787 -14.28 1.43 -19.76
CA ILE C 787 -15.06 0.22 -19.59
C ILE C 787 -14.42 -0.91 -20.39
N LEU C 788 -14.05 -2.00 -19.72
CA LEU C 788 -13.48 -3.15 -20.43
C LEU C 788 -14.62 -4.06 -20.88
N VAL C 789 -15.32 -4.69 -19.94
CA VAL C 789 -16.47 -5.52 -20.27
C VAL C 789 -17.70 -4.93 -19.60
N GLY C 790 -18.74 -4.69 -20.39
CA GLY C 790 -19.95 -4.10 -19.85
C GLY C 790 -20.73 -5.15 -19.08
N LYS C 791 -21.13 -4.83 -17.86
CA LYS C 791 -21.88 -5.77 -17.05
C LYS C 791 -22.87 -4.97 -16.23
N VAL C 792 -24.05 -5.53 -16.00
CA VAL C 792 -25.08 -4.79 -15.29
C VAL C 792 -25.71 -5.71 -14.25
N THR C 793 -25.91 -5.18 -13.04
CA THR C 793 -26.53 -5.94 -11.97
C THR C 793 -27.98 -6.21 -12.32
N PRO C 794 -28.54 -7.34 -11.88
CA PRO C 794 -29.92 -7.65 -12.27
C PRO C 794 -30.97 -6.73 -11.70
N LYS C 795 -30.92 -6.40 -10.41
CA LYS C 795 -31.95 -5.56 -9.80
C LYS C 795 -31.48 -4.94 -8.51
N GLY C 796 -32.19 -3.90 -8.12
CA GLY C 796 -32.05 -3.29 -6.82
C GLY C 796 -33.41 -2.83 -6.35
N GLU C 797 -33.62 -2.83 -5.04
CA GLU C 797 -34.86 -2.29 -4.47
C GLU C 797 -34.66 -0.81 -4.19
N THR C 798 -35.22 0.03 -5.05
CA THR C 798 -35.05 1.47 -5.02
C THR C 798 -36.28 2.11 -4.39
N GLU C 799 -36.10 2.81 -3.28
CA GLU C 799 -37.18 3.61 -2.71
C GLU C 799 -36.92 5.08 -3.07
N LEU C 800 -37.52 5.47 -4.19
CA LEU C 800 -37.27 6.76 -4.82
C LEU C 800 -37.77 7.96 -3.99
N THR C 801 -36.91 8.97 -3.90
CA THR C 801 -37.29 10.23 -3.28
C THR C 801 -38.19 10.98 -4.25
N PRO C 802 -39.00 11.94 -3.75
CA PRO C 802 -39.89 12.70 -4.65
C PRO C 802 -39.22 13.41 -5.82
N GLU C 803 -38.03 13.99 -5.62
CA GLU C 803 -37.33 14.65 -6.71
C GLU C 803 -36.91 13.66 -7.81
N GLU C 804 -36.41 12.48 -7.42
CA GLU C 804 -36.08 11.46 -8.40
C GLU C 804 -37.33 11.01 -9.17
N ARG C 805 -38.46 10.89 -8.48
CA ARG C 805 -39.73 10.56 -9.11
C ARG C 805 -40.09 11.58 -10.18
N LEU C 806 -39.93 12.86 -9.85
CA LEU C 806 -40.19 13.93 -10.81
C LEU C 806 -39.27 13.83 -12.02
N LEU C 807 -37.98 13.59 -11.77
CA LEU C 807 -36.98 13.48 -12.83
C LEU C 807 -37.27 12.35 -13.80
N ARG C 808 -37.72 11.20 -13.30
CA ARG C 808 -38.07 10.08 -14.17
C ARG C 808 -39.20 10.44 -15.12
N ALA C 809 -40.19 11.20 -14.64
CA ALA C 809 -41.23 11.71 -15.51
C ALA C 809 -40.72 12.73 -16.51
N ILE C 810 -39.86 13.66 -16.07
CA ILE C 810 -39.39 14.76 -16.93
C ILE C 810 -38.55 14.27 -18.09
N PHE C 811 -37.58 13.42 -17.82
CA PHE C 811 -36.61 13.06 -18.85
C PHE C 811 -37.07 11.92 -19.70
N GLY C 812 -38.24 11.38 -19.40
CA GLY C 812 -38.77 10.28 -20.18
C GLY C 812 -37.84 9.10 -20.01
N GLU C 813 -37.33 8.94 -18.81
CA GLU C 813 -36.41 7.85 -18.60
C GLU C 813 -37.17 6.58 -18.28
N LYS C 814 -36.40 5.52 -18.14
CA LYS C 814 -36.79 4.24 -17.62
C LYS C 814 -35.72 3.93 -16.61
N ALA C 815 -36.13 3.51 -15.40
CA ALA C 815 -35.16 3.18 -14.37
C ALA C 815 -34.28 2.03 -14.85
N ARG C 816 -34.89 1.06 -15.53
CA ARG C 816 -34.38 -0.12 -16.22
C ARG C 816 -34.14 -1.22 -15.20
N GLU C 817 -34.39 -0.95 -13.91
CA GLU C 817 -34.28 -1.86 -12.77
C GLU C 817 -32.89 -2.48 -12.69
N VAL C 818 -31.87 -1.69 -13.05
CA VAL C 818 -30.50 -2.17 -13.11
C VAL C 818 -29.57 -1.07 -12.64
N ARG C 819 -28.39 -1.48 -12.21
CA ARG C 819 -27.33 -0.57 -11.80
C ARG C 819 -26.03 -1.05 -12.45
N ASP C 820 -25.13 -0.11 -12.72
CA ASP C 820 -23.94 -0.42 -13.48
C ASP C 820 -22.89 -1.00 -12.55
N THR C 821 -22.33 -2.16 -12.94
CA THR C 821 -21.30 -2.83 -12.17
C THR C 821 -20.23 -3.36 -13.13
N SER C 822 -20.07 -2.70 -14.27
CA SER C 822 -19.16 -3.15 -15.32
C SER C 822 -17.70 -3.08 -14.85
N LEU C 823 -16.90 -4.03 -15.34
CA LEU C 823 -15.48 -4.02 -15.05
C LEU C 823 -14.82 -2.81 -15.70
N LYS C 824 -13.97 -2.12 -14.95
CA LYS C 824 -13.31 -0.92 -15.44
C LYS C 824 -11.82 -0.98 -15.17
N VAL C 825 -11.06 -0.29 -16.02
CA VAL C 825 -9.60 -0.19 -15.89
C VAL C 825 -9.23 0.44 -14.55
N PRO C 826 -8.35 -0.16 -13.76
CA PRO C 826 -7.95 0.41 -12.46
C PRO C 826 -7.25 1.74 -12.58
N HIS C 827 -7.40 2.56 -11.53
CA HIS C 827 -6.86 3.91 -11.49
C HIS C 827 -5.34 3.90 -11.63
N GLY C 828 -4.83 4.80 -12.45
CA GLY C 828 -3.41 4.85 -12.75
C GLY C 828 -2.96 3.64 -13.53
N GLU C 829 -3.53 3.43 -14.72
CA GLU C 829 -3.19 2.29 -15.55
C GLU C 829 -3.55 2.61 -17.00
N ILE C 830 -2.68 2.20 -17.91
CA ILE C 830 -2.82 2.44 -19.34
C ILE C 830 -2.47 1.12 -20.03
N GLY C 831 -2.86 0.97 -21.28
CA GLY C 831 -2.41 -0.23 -21.97
C GLY C 831 -3.22 -0.54 -23.19
N LYS C 832 -2.63 -1.38 -24.04
CA LYS C 832 -3.25 -1.87 -25.26
C LYS C 832 -3.73 -3.28 -25.02
N VAL C 833 -5.04 -3.52 -25.18
CA VAL C 833 -5.59 -4.86 -24.98
C VAL C 833 -4.98 -5.84 -25.97
N ILE C 834 -4.70 -7.06 -25.53
CA ILE C 834 -4.04 -8.04 -26.38
C ILE C 834 -4.77 -9.36 -26.48
N GLY C 835 -5.63 -9.72 -25.55
CA GLY C 835 -6.28 -11.01 -25.62
C GLY C 835 -7.39 -11.17 -24.61
N VAL C 836 -8.49 -11.78 -25.03
CA VAL C 836 -9.65 -11.97 -24.19
C VAL C 836 -10.03 -13.45 -24.21
N ARG C 837 -10.37 -13.99 -23.04
CA ARG C 837 -10.85 -15.35 -22.90
C ARG C 837 -12.23 -15.33 -22.28
N VAL C 838 -13.14 -16.17 -22.80
CA VAL C 838 -14.52 -16.21 -22.33
C VAL C 838 -14.86 -17.65 -21.98
N PHE C 839 -15.46 -17.85 -20.81
CA PHE C 839 -15.91 -19.16 -20.34
C PHE C 839 -17.39 -19.09 -20.03
N ASP C 840 -18.18 -19.99 -20.63
CA ASP C 840 -19.63 -19.95 -20.52
C ASP C 840 -20.13 -21.19 -19.80
N ARG C 841 -21.14 -21.00 -18.94
CA ARG C 841 -21.78 -22.13 -18.27
C ARG C 841 -22.44 -23.04 -19.29
N GLU C 842 -23.19 -22.44 -20.21
CA GLU C 842 -23.95 -23.20 -21.21
C GLU C 842 -23.04 -23.99 -22.14
N GLU C 843 -21.82 -23.52 -22.35
CA GLU C 843 -20.81 -24.26 -23.09
C GLU C 843 -20.31 -25.44 -22.27
N GLY C 844 -19.47 -26.26 -22.90
CA GLY C 844 -18.81 -27.38 -22.24
C GLY C 844 -17.84 -26.99 -21.14
N ASP C 845 -17.50 -25.70 -21.04
CA ASP C 845 -16.56 -25.20 -20.05
C ASP C 845 -17.08 -25.36 -18.62
N GLU C 846 -16.18 -25.73 -17.72
CA GLU C 846 -16.53 -25.94 -16.33
C GLU C 846 -16.26 -24.65 -15.57
N LEU C 847 -17.19 -24.28 -14.71
CA LEU C 847 -17.13 -23.06 -13.92
C LEU C 847 -17.47 -23.37 -12.46
N PRO C 848 -17.12 -22.46 -11.54
CA PRO C 848 -17.61 -22.56 -10.15
C PRO C 848 -19.13 -22.47 -10.08
N PRO C 849 -19.75 -22.80 -8.93
CA PRO C 849 -21.20 -22.67 -8.86
C PRO C 849 -21.62 -21.22 -8.93
N GLY C 850 -22.76 -20.98 -9.56
CA GLY C 850 -23.26 -19.62 -9.64
C GLY C 850 -22.84 -18.80 -10.84
N VAL C 851 -21.59 -18.95 -11.28
CA VAL C 851 -21.05 -18.10 -12.34
C VAL C 851 -21.50 -18.58 -13.72
N ASN C 852 -22.38 -17.81 -14.35
CA ASN C 852 -22.83 -18.14 -15.69
C ASN C 852 -21.75 -17.86 -16.73
N GLN C 853 -20.99 -16.78 -16.55
CA GLN C 853 -19.99 -16.40 -17.54
C GLN C 853 -18.79 -15.76 -16.87
N LEU C 854 -17.60 -16.06 -17.39
CA LEU C 854 -16.36 -15.51 -16.89
C LEU C 854 -15.55 -14.99 -18.07
N VAL C 855 -15.00 -13.78 -17.91
CA VAL C 855 -14.24 -13.12 -18.97
C VAL C 855 -12.95 -12.59 -18.34
N ARG C 856 -11.81 -12.84 -18.98
CA ARG C 856 -10.52 -12.33 -18.54
C ARG C 856 -9.91 -11.50 -19.66
N VAL C 857 -9.30 -10.38 -19.30
CA VAL C 857 -8.76 -9.44 -20.28
C VAL C 857 -7.31 -9.19 -19.93
N TYR C 858 -6.44 -9.25 -20.95
CA TYR C 858 -5.00 -9.07 -20.78
C TYR C 858 -4.65 -7.73 -21.38
N VAL C 859 -4.28 -6.78 -20.52
CA VAL C 859 -3.87 -5.45 -20.93
C VAL C 859 -2.35 -5.35 -20.81
N ALA C 860 -1.66 -5.04 -21.90
CA ALA C 860 -0.21 -5.00 -21.93
C ALA C 860 0.28 -3.59 -22.24
N GLN C 861 1.31 -3.13 -21.52
CA GLN C 861 1.86 -1.81 -21.75
C GLN C 861 3.38 -1.88 -21.84
N LYS C 862 3.96 -0.83 -22.40
CA LYS C 862 5.40 -0.72 -22.64
C LYS C 862 5.96 0.43 -21.81
N ARG C 863 6.39 0.12 -20.59
CA ARG C 863 6.94 1.11 -19.68
C ARG C 863 8.34 1.56 -20.07
N LYS C 864 8.56 2.86 -20.17
CA LYS C 864 9.87 3.43 -20.44
C LYS C 864 10.51 3.89 -19.14
N ILE C 865 11.84 3.92 -19.12
CA ILE C 865 12.59 4.29 -17.92
C ILE C 865 12.39 5.77 -17.59
N THR C 866 11.96 6.05 -16.36
CA THR C 866 11.59 7.41 -15.97
C THR C 866 12.16 7.69 -14.59
N ASP C 867 11.89 8.90 -14.08
CA ASP C 867 12.34 9.27 -12.74
C ASP C 867 11.65 8.44 -11.68
N GLY C 868 12.39 8.06 -10.66
CA GLY C 868 11.85 7.25 -9.60
C GLY C 868 12.06 5.76 -9.82
N ASP C 869 12.22 5.33 -11.07
CA ASP C 869 12.39 3.92 -11.39
C ASP C 869 13.75 3.46 -10.87
N LYS C 870 13.73 2.57 -9.89
CA LYS C 870 14.95 2.09 -9.25
C LYS C 870 15.84 1.36 -10.25
N LEU C 871 17.13 1.64 -10.19
CA LEU C 871 18.12 1.07 -11.10
C LEU C 871 19.27 0.60 -10.23
N ALA C 872 20.05 -0.36 -10.73
CA ALA C 872 21.09 -0.92 -9.87
C ALA C 872 22.13 -1.66 -10.67
N GLY C 873 23.30 -1.79 -10.07
CA GLY C 873 24.40 -2.57 -10.61
C GLY C 873 24.44 -3.94 -9.98
N ARG C 874 25.60 -4.58 -10.09
CA ARG C 874 25.74 -5.91 -9.55
C ARG C 874 26.30 -5.95 -8.14
N HIS C 875 27.09 -4.95 -7.75
CA HIS C 875 27.81 -4.96 -6.48
C HIS C 875 27.08 -4.20 -5.38
N GLY C 876 25.75 -4.25 -5.39
CA GLY C 876 24.97 -3.60 -4.36
C GLY C 876 24.91 -2.10 -4.43
N ASN C 877 25.17 -1.51 -5.59
CA ASN C 877 25.00 -0.08 -5.78
C ASN C 877 23.69 0.20 -6.52
N LYS C 878 22.79 0.92 -5.86
CA LYS C 878 21.45 1.11 -6.36
C LYS C 878 20.99 2.54 -6.10
N GLY C 879 20.10 3.03 -6.95
CA GLY C 879 19.58 4.37 -6.78
C GLY C 879 18.37 4.58 -7.65
N VAL C 880 17.60 5.59 -7.30
CA VAL C 880 16.49 5.99 -8.14
C VAL C 880 17.01 6.99 -9.16
N ILE C 881 16.42 6.98 -10.36
CA ILE C 881 16.73 8.01 -11.34
C ILE C 881 16.26 9.35 -10.81
N SER C 882 17.12 10.35 -10.87
CA SER C 882 16.76 11.68 -10.42
C SER C 882 16.51 12.66 -11.54
N LYS C 883 17.18 12.50 -12.68
CA LYS C 883 17.00 13.42 -13.78
C LYS C 883 17.50 12.74 -15.03
N ILE C 884 16.80 12.98 -16.13
CA ILE C 884 17.14 12.42 -17.42
C ILE C 884 17.49 13.60 -18.32
N ASN C 885 18.78 13.94 -18.38
CA ASN C 885 19.26 15.06 -19.15
C ASN C 885 19.07 14.83 -20.64
N PRO C 886 18.99 15.89 -21.44
CA PRO C 886 19.12 15.74 -22.88
C PRO C 886 20.51 15.27 -23.26
N ILE C 887 20.60 14.64 -24.43
CA ILE C 887 21.86 14.08 -24.92
C ILE C 887 22.94 15.14 -25.06
N GLU C 888 22.58 16.38 -25.41
CA GLU C 888 23.58 17.44 -25.54
C GLU C 888 24.17 17.82 -24.17
N ASP C 889 23.34 17.85 -23.12
CA ASP C 889 23.80 18.28 -21.80
C ASP C 889 24.75 17.29 -21.14
N MET C 890 24.83 16.07 -21.64
CA MET C 890 25.67 15.04 -21.04
C MET C 890 27.15 15.35 -21.24
N PRO C 891 27.97 15.19 -20.21
CA PRO C 891 29.42 15.38 -20.36
C PRO C 891 30.05 14.40 -21.32
N PHE C 892 30.50 14.89 -22.46
CA PHE C 892 30.97 14.01 -23.52
C PHE C 892 32.48 13.82 -23.46
N LEU C 893 32.96 12.90 -24.28
CA LEU C 893 34.35 12.53 -24.32
C LEU C 893 35.06 13.36 -25.38
N GLU C 894 36.37 13.17 -25.51
CA GLU C 894 37.15 13.89 -26.51
C GLU C 894 36.71 13.58 -27.93
N ASP C 895 36.05 12.45 -28.17
CA ASP C 895 35.53 12.09 -29.48
C ASP C 895 34.00 12.24 -29.54
N GLY C 896 33.42 13.06 -28.67
CA GLY C 896 32.05 13.45 -28.82
C GLY C 896 31.03 12.51 -28.20
N THR C 897 31.44 11.31 -27.81
CA THR C 897 30.59 10.27 -27.24
C THR C 897 30.04 10.63 -25.86
N PRO C 898 28.76 10.96 -25.71
CA PRO C 898 28.22 11.32 -24.40
C PRO C 898 28.08 10.10 -23.48
N VAL C 899 28.50 10.26 -22.22
CA VAL C 899 28.40 9.19 -21.23
C VAL C 899 26.94 8.92 -20.90
N ASP C 900 26.56 7.64 -20.92
CA ASP C 900 25.17 7.26 -20.77
C ASP C 900 24.65 7.37 -19.34
N ILE C 901 25.52 7.43 -18.34
CA ILE C 901 25.10 7.40 -16.95
C ILE C 901 26.21 7.97 -16.09
N ILE C 902 25.85 8.80 -15.12
CA ILE C 902 26.80 9.33 -14.16
C ILE C 902 26.54 8.65 -12.82
N LEU C 903 27.57 8.59 -11.97
CA LEU C 903 27.46 7.99 -10.66
C LEU C 903 28.32 8.77 -9.68
N ASN C 904 27.77 9.01 -8.50
CA ASN C 904 28.48 9.75 -7.47
C ASN C 904 29.68 8.97 -6.95
N PRO C 905 30.84 9.58 -6.80
CA PRO C 905 31.97 8.90 -6.16
C PRO C 905 31.88 8.88 -4.66
N LEU C 906 31.19 9.84 -4.05
CA LEU C 906 31.02 9.89 -2.59
C LEU C 906 30.49 8.61 -1.97
N ALA C 907 29.67 7.85 -2.70
CA ALA C 907 29.15 6.58 -2.23
C ALA C 907 30.22 5.49 -2.11
N VAL C 908 31.15 5.41 -3.06
CA VAL C 908 32.01 4.22 -3.19
C VAL C 908 32.97 3.96 -2.02
N PRO C 909 33.72 4.94 -1.48
CA PRO C 909 34.66 4.59 -0.40
C PRO C 909 33.96 4.14 0.88
N SER C 910 32.85 4.78 1.21
CA SER C 910 32.19 4.55 2.50
C SER C 910 31.51 3.20 2.52
N ARG C 911 30.86 2.81 1.42
CA ARG C 911 30.18 1.53 1.35
C ARG C 911 31.12 0.35 1.20
N MET C 912 32.40 0.58 0.88
CA MET C 912 33.43 -0.46 0.72
C MET C 912 33.07 -1.50 -0.32
N ASN C 913 32.70 -1.04 -1.51
CA ASN C 913 32.51 -1.94 -2.66
C ASN C 913 33.32 -1.44 -3.84
N PRO C 914 34.68 -1.44 -3.75
CA PRO C 914 35.49 -1.04 -4.92
C PRO C 914 35.49 -2.06 -6.05
N GLY C 915 34.70 -3.13 -5.94
CA GLY C 915 34.53 -4.05 -7.03
C GLY C 915 33.89 -3.38 -8.23
N GLN C 916 33.01 -2.40 -8.00
CA GLN C 916 32.35 -1.73 -9.10
C GLN C 916 33.32 -0.86 -9.89
N VAL C 917 34.35 -0.31 -9.26
CA VAL C 917 35.36 0.44 -9.99
C VAL C 917 36.22 -0.51 -10.81
N LEU C 918 36.60 -1.65 -10.21
CA LEU C 918 37.34 -2.69 -10.91
C LEU C 918 36.59 -3.21 -12.14
N GLU C 919 35.27 -3.41 -12.02
CA GLU C 919 34.46 -3.85 -13.15
C GLU C 919 34.46 -2.82 -14.26
N ILE C 920 34.39 -1.54 -13.89
CA ILE C 920 34.38 -0.44 -14.84
C ILE C 920 35.65 -0.43 -15.68
N HIS C 921 36.80 -0.62 -15.05
CA HIS C 921 38.07 -0.63 -15.76
C HIS C 921 38.14 -1.78 -16.75
N LEU C 922 37.73 -2.97 -16.32
CA LEU C 922 37.74 -4.13 -17.22
C LEU C 922 36.68 -4.00 -18.29
N GLY C 923 35.58 -3.33 -17.99
CA GLY C 923 34.55 -3.10 -18.99
C GLY C 923 35.02 -2.22 -20.13
N TRP C 924 35.77 -1.17 -19.83
CA TRP C 924 36.38 -0.34 -20.88
C TRP C 924 37.31 -1.15 -21.78
N LEU C 925 38.12 -2.02 -21.18
CA LEU C 925 39.01 -2.89 -21.95
C LEU C 925 38.26 -3.86 -22.82
N ALA C 926 37.14 -4.37 -22.32
CA ALA C 926 36.36 -5.28 -23.14
C ALA C 926 35.76 -4.57 -24.34
N SER C 927 35.27 -3.35 -24.14
CA SER C 927 34.64 -2.61 -25.23
C SER C 927 35.63 -2.22 -26.31
N ARG C 928 36.77 -1.66 -25.91
CA ARG C 928 37.85 -1.31 -26.82
C ARG C 928 38.98 -2.29 -26.54
N GLY C 929 39.25 -3.18 -27.50
CA GLY C 929 40.21 -4.27 -27.35
C GLY C 929 41.64 -3.94 -26.97
N TRP C 930 42.49 -4.96 -26.83
CA TRP C 930 43.85 -4.72 -26.40
C TRP C 930 44.81 -5.61 -27.17
N ASP C 931 46.06 -5.14 -27.29
CA ASP C 931 47.13 -5.85 -27.97
C ASP C 931 48.35 -6.05 -27.08
N VAL C 932 48.80 -7.31 -27.01
CA VAL C 932 50.00 -7.72 -26.30
C VAL C 932 50.63 -8.75 -27.23
N SER C 933 51.71 -8.39 -27.91
CA SER C 933 52.37 -9.33 -28.79
C SER C 933 53.86 -9.12 -28.68
N GLY C 934 54.57 -10.17 -28.28
CA GLY C 934 56.01 -10.14 -28.11
C GLY C 934 56.46 -9.17 -27.04
N LEU C 935 55.56 -8.77 -26.13
CA LEU C 935 55.92 -7.81 -25.12
C LEU C 935 56.72 -8.42 -23.98
N ALA C 936 56.59 -9.73 -23.76
CA ALA C 936 57.43 -10.48 -22.80
C ALA C 936 57.32 -9.95 -21.36
N GLU C 937 56.14 -9.44 -20.96
CA GLU C 937 56.04 -8.88 -19.62
C GLU C 937 55.52 -9.88 -18.60
N GLU C 938 55.92 -9.64 -17.34
CA GLU C 938 55.63 -10.54 -16.22
C GLU C 938 54.14 -10.79 -16.00
N TRP C 939 53.32 -9.74 -15.93
CA TRP C 939 51.88 -9.90 -15.77
C TRP C 939 51.27 -10.63 -16.97
N ALA C 940 51.81 -10.37 -18.15
CA ALA C 940 51.37 -11.03 -19.37
C ALA C 940 51.63 -12.54 -19.35
N GLN C 941 52.72 -12.99 -18.72
CA GLN C 941 53.12 -14.41 -18.76
C GLN C 941 52.05 -15.36 -18.23
N ARG C 942 51.36 -15.01 -17.14
CA ARG C 942 50.25 -15.86 -16.70
C ARG C 942 49.13 -15.90 -17.74
N LEU C 943 48.81 -14.75 -18.33
CA LEU C 943 47.81 -14.64 -19.38
C LEU C 943 48.17 -15.35 -20.68
N GLN C 944 49.47 -15.43 -21.02
CA GLN C 944 49.89 -15.99 -22.31
C GLN C 944 49.43 -17.42 -22.55
N VAL C 945 49.51 -18.28 -21.51
CA VAL C 945 48.97 -19.62 -21.65
C VAL C 945 47.44 -19.58 -21.72
N ILE C 946 46.82 -18.59 -21.04
CA ILE C 946 45.37 -18.42 -21.07
C ILE C 946 44.88 -18.06 -22.47
N GLY C 947 45.64 -17.25 -23.21
CA GLY C 947 45.19 -16.91 -24.54
C GLY C 947 44.53 -15.54 -24.66
N ALA C 948 44.37 -14.83 -23.56
CA ALA C 948 43.73 -13.52 -23.54
C ALA C 948 44.71 -12.38 -23.78
N ASP C 949 45.50 -12.48 -24.85
CA ASP C 949 46.48 -11.47 -25.23
C ASP C 949 46.00 -10.57 -26.36
N LYS C 950 45.50 -11.13 -27.45
CA LYS C 950 45.02 -10.37 -28.61
C LYS C 950 43.50 -10.44 -28.61
N VAL C 951 42.85 -9.35 -28.21
CA VAL C 951 41.40 -9.29 -28.06
C VAL C 951 40.81 -8.18 -28.91
N GLU C 952 39.78 -8.51 -29.70
CA GLU C 952 39.04 -7.64 -30.59
C GLU C 952 37.99 -6.82 -29.82
N PRO C 953 37.53 -5.69 -30.37
CA PRO C 953 36.52 -4.88 -29.66
C PRO C 953 35.19 -5.58 -29.48
N GLY C 954 34.56 -5.34 -28.33
CA GLY C 954 33.22 -5.81 -28.09
C GLY C 954 33.13 -7.21 -27.50
N THR C 955 34.21 -7.98 -27.56
CA THR C 955 34.20 -9.37 -27.09
C THR C 955 34.11 -9.50 -25.58
N ASN C 956 33.34 -10.50 -25.15
CA ASN C 956 33.16 -10.85 -23.75
C ASN C 956 34.43 -11.41 -23.12
N VAL C 957 34.55 -11.24 -21.80
CA VAL C 957 35.65 -11.74 -20.98
C VAL C 957 35.06 -12.25 -19.67
N ALA C 958 35.61 -13.33 -19.14
CA ALA C 958 35.06 -13.98 -17.95
C ALA C 958 36.07 -14.00 -16.81
N THR C 959 35.64 -13.55 -15.63
CA THR C 959 36.46 -13.57 -14.42
C THR C 959 35.67 -14.32 -13.35
N PRO C 960 35.99 -15.60 -13.09
CA PRO C 960 35.33 -16.37 -12.02
C PRO C 960 35.32 -15.72 -10.65
N VAL C 961 34.43 -16.17 -9.79
CA VAL C 961 34.08 -15.41 -8.60
C VAL C 961 35.19 -15.39 -7.55
N PHE C 962 36.19 -16.26 -7.63
CA PHE C 962 37.30 -16.20 -6.69
C PHE C 962 38.64 -16.50 -7.34
N ASP C 963 38.67 -16.73 -8.64
CA ASP C 963 39.89 -16.86 -9.42
C ASP C 963 39.94 -15.81 -10.53
N GLY C 964 39.43 -14.63 -10.24
CA GLY C 964 39.35 -13.57 -11.20
C GLY C 964 40.70 -12.98 -11.52
N ALA C 965 40.68 -12.05 -12.47
CA ALA C 965 41.90 -11.36 -12.86
C ALA C 965 42.44 -10.54 -11.68
N ARG C 966 43.74 -10.62 -11.49
CA ARG C 966 44.34 -9.84 -10.42
C ARG C 966 44.58 -8.41 -10.89
N GLU C 967 44.84 -7.54 -9.93
CA GLU C 967 44.91 -6.12 -10.15
C GLU C 967 46.10 -5.70 -10.99
N ASP C 968 47.19 -6.47 -10.94
CA ASP C 968 48.31 -6.23 -11.84
C ASP C 968 47.91 -6.38 -13.31
N GLU C 969 47.06 -7.36 -13.63
CA GLU C 969 46.60 -7.53 -15.01
C GLU C 969 45.77 -6.35 -15.49
N LEU C 970 44.82 -5.89 -14.67
CA LEU C 970 43.98 -4.76 -15.06
C LEU C 970 44.77 -3.48 -15.23
N ALA C 971 45.71 -3.21 -14.33
CA ALA C 971 46.60 -2.06 -14.50
C ALA C 971 47.37 -2.18 -15.79
N GLY C 972 47.94 -3.36 -16.04
CA GLY C 972 48.67 -3.58 -17.26
C GLY C 972 47.83 -3.50 -18.52
N LEU C 973 46.64 -4.10 -18.50
CA LEU C 973 45.75 -4.10 -19.68
C LEU C 973 45.32 -2.70 -20.07
N LEU C 974 45.05 -1.85 -19.08
CA LEU C 974 44.70 -0.46 -19.32
C LEU C 974 45.78 0.31 -20.06
N GLN C 975 47.06 0.02 -19.77
CA GLN C 975 48.18 0.63 -20.49
C GLN C 975 48.14 0.39 -22.00
N HIS C 976 47.61 -0.72 -22.48
CA HIS C 976 47.74 -1.01 -23.90
C HIS C 976 46.40 -1.25 -24.60
N THR C 977 45.44 -0.36 -24.39
CA THR C 977 44.15 -0.45 -25.08
C THR C 977 44.33 0.01 -26.51
N ILE C 978 43.56 -0.61 -27.41
CA ILE C 978 43.64 -0.29 -28.84
C ILE C 978 43.06 1.09 -29.09
N PRO C 979 43.70 1.93 -29.92
CA PRO C 979 43.10 3.19 -30.34
C PRO C 979 41.88 2.93 -31.20
N ASN C 980 40.73 3.49 -30.81
CA ASN C 980 39.47 3.12 -31.46
C ASN C 980 39.32 3.73 -32.85
N ARG C 981 39.76 4.96 -33.02
CA ARG C 981 39.65 5.65 -34.30
C ARG C 981 40.68 6.75 -34.30
N ASP C 982 41.36 6.91 -35.43
CA ASP C 982 42.28 8.01 -35.76
C ASP C 982 43.61 7.92 -34.99
N GLY C 983 43.75 6.98 -34.07
CA GLY C 983 45.04 6.71 -33.49
C GLY C 983 45.23 7.11 -32.04
N GLU C 984 44.18 7.46 -31.33
CA GLU C 984 44.35 7.92 -29.95
C GLU C 984 43.53 7.06 -29.00
N ARG C 985 44.05 6.93 -27.79
CA ARG C 985 43.37 6.20 -26.74
C ARG C 985 42.75 7.19 -25.79
N MET C 986 41.42 7.19 -25.72
CA MET C 986 40.72 8.20 -24.96
C MET C 986 40.89 8.07 -23.46
N VAL C 987 41.23 6.89 -22.95
CA VAL C 987 41.43 6.68 -21.51
C VAL C 987 42.92 6.57 -21.22
N LEU C 988 43.36 7.27 -20.18
CA LEU C 988 44.75 7.28 -19.74
C LEU C 988 45.11 5.96 -19.05
N PRO C 989 46.40 5.68 -18.87
CA PRO C 989 46.84 4.50 -18.10
C PRO C 989 46.23 4.32 -16.72
N SER C 990 45.90 5.41 -16.02
CA SER C 990 45.26 5.31 -14.71
C SER C 990 43.83 4.81 -14.78
N GLY C 991 43.23 4.76 -15.97
CA GLY C 991 41.84 4.41 -16.11
C GLY C 991 40.89 5.58 -16.09
N LYS C 992 41.38 6.80 -16.23
CA LYS C 992 40.54 7.99 -16.20
C LYS C 992 40.71 8.73 -17.52
N ALA C 993 39.70 9.52 -17.89
CA ALA C 993 39.70 10.16 -19.18
C ALA C 993 39.30 11.63 -19.06
N ARG C 994 39.52 12.36 -20.14
CA ARG C 994 39.18 13.78 -20.22
C ARG C 994 37.72 13.95 -20.59
N LEU C 995 37.00 14.76 -19.82
CA LEU C 995 35.58 14.97 -20.00
C LEU C 995 35.32 16.43 -20.33
N PHE C 996 34.68 16.69 -21.47
CA PHE C 996 34.23 18.02 -21.85
C PHE C 996 32.83 18.22 -21.31
N ASP C 997 32.65 19.20 -20.44
CA ASP C 997 31.32 19.55 -19.94
C ASP C 997 30.39 19.92 -21.09
N GLY C 998 29.23 19.28 -21.14
CA GLY C 998 28.30 19.51 -22.21
C GLY C 998 27.54 20.81 -22.09
N ARG C 999 27.35 21.28 -20.88
CA ARG C 999 26.49 22.44 -20.62
C ARG C 999 27.25 23.76 -20.81
N SER C 1000 28.27 24.00 -19.99
CA SER C 1000 29.08 25.21 -20.09
C SER C 1000 30.08 25.17 -21.23
N GLY C 1001 30.44 23.99 -21.72
CA GLY C 1001 31.39 23.83 -22.80
C GLY C 1001 32.84 23.70 -22.40
N GLU C 1002 33.24 24.31 -21.34
CA GLU C 1002 34.63 24.33 -20.91
C GLU C 1002 35.02 22.99 -20.28
N PRO C 1003 36.20 22.47 -20.62
CA PRO C 1003 36.63 21.16 -20.13
C PRO C 1003 36.73 21.08 -18.61
N PHE C 1004 36.39 19.92 -18.08
CA PHE C 1004 36.53 19.65 -16.66
C PHE C 1004 38.02 19.65 -16.30
N PRO C 1005 38.38 20.21 -15.14
CA PRO C 1005 39.80 20.51 -14.89
C PRO C 1005 40.72 19.31 -14.79
N GLU C 1006 40.23 18.17 -14.34
CA GLU C 1006 41.08 17.00 -14.19
C GLU C 1006 40.34 15.78 -14.72
N PRO C 1007 41.05 14.69 -15.03
CA PRO C 1007 40.38 13.49 -15.54
C PRO C 1007 39.33 12.89 -14.61
N ILE C 1008 38.49 12.06 -15.21
CA ILE C 1008 37.34 11.43 -14.59
C ILE C 1008 37.41 9.95 -14.93
N SER C 1009 37.10 9.09 -13.96
CA SER C 1009 37.06 7.66 -14.24
C SER C 1009 35.87 7.35 -15.15
N VAL C 1010 36.09 6.45 -16.11
CA VAL C 1010 35.07 6.16 -17.10
C VAL C 1010 35.23 4.71 -17.53
N GLY C 1011 34.13 4.08 -17.87
CA GLY C 1011 34.18 2.74 -18.42
C GLY C 1011 32.79 2.22 -18.67
N TYR C 1012 32.67 0.91 -18.80
CA TYR C 1012 31.41 0.27 -19.12
C TYR C 1012 30.95 -0.58 -17.93
N MET C 1013 29.76 -0.31 -17.44
CA MET C 1013 29.22 -1.01 -16.29
C MET C 1013 27.89 -1.67 -16.63
N TYR C 1014 27.68 -2.87 -16.09
CA TYR C 1014 26.46 -3.62 -16.32
C TYR C 1014 25.39 -3.16 -15.35
N ILE C 1015 24.32 -2.58 -15.88
CA ILE C 1015 23.25 -1.98 -15.07
C ILE C 1015 21.97 -2.79 -15.26
N LEU C 1016 21.29 -3.10 -14.16
CA LEU C 1016 20.01 -3.80 -14.16
C LEU C 1016 18.89 -2.79 -13.94
N LYS C 1017 17.68 -3.16 -14.34
CA LYS C 1017 16.48 -2.38 -13.99
C LYS C 1017 15.63 -3.18 -13.02
N LEU C 1018 15.53 -2.71 -11.79
CA LEU C 1018 14.78 -3.45 -10.79
C LEU C 1018 13.28 -3.26 -10.98
N HIS C 1019 12.51 -3.99 -10.18
CA HIS C 1019 11.06 -4.05 -10.25
C HIS C 1019 10.38 -3.08 -9.29
N HIS C 1020 11.11 -2.11 -8.76
CA HIS C 1020 10.51 -1.08 -7.91
C HIS C 1020 10.19 0.17 -8.72
N LEU C 1021 9.39 -0.04 -9.76
CA LEU C 1021 9.02 1.05 -10.66
C LEU C 1021 8.05 2.00 -9.98
N VAL C 1022 8.16 3.29 -10.34
CA VAL C 1022 7.38 4.35 -9.71
C VAL C 1022 5.90 4.25 -10.06
N ASP C 1023 5.56 3.75 -11.25
CA ASP C 1023 4.17 3.64 -11.69
C ASP C 1023 3.33 2.79 -10.75
N ASP C 1024 3.93 1.76 -10.16
CA ASP C 1024 3.23 0.94 -9.17
C ASP C 1024 3.10 1.68 -7.84
N LYS C 1025 4.16 2.38 -7.43
CA LYS C 1025 4.26 2.96 -6.09
C LYS C 1025 3.35 4.16 -5.87
N LEU C 1026 3.13 4.98 -6.90
CA LEU C 1026 2.35 6.21 -6.79
C LEU C 1026 0.91 5.95 -6.39
N HIS C 1027 0.48 6.54 -5.28
CA HIS C 1027 -0.90 6.39 -4.82
C HIS C 1027 -1.38 7.68 -4.18
N ALA C 1028 -2.69 7.94 -4.27
CA ALA C 1028 -3.29 9.12 -3.66
C ALA C 1028 -4.74 8.81 -3.33
N ARG C 1029 -5.35 9.65 -2.50
CA ARG C 1029 -6.74 9.42 -2.08
C ARG C 1029 -7.35 10.71 -1.58
N SER C 1030 -8.43 11.18 -2.22
CA SER C 1030 -9.26 12.23 -1.62
C SER C 1030 -10.23 11.67 -0.59
N THR C 1031 -11.12 10.77 -1.01
CA THR C 1031 -12.08 10.06 -0.19
C THR C 1031 -12.45 8.80 -0.94
N GLY C 1032 -12.65 7.71 -0.22
CA GLY C 1032 -12.82 6.41 -0.80
C GLY C 1032 -13.61 5.51 0.11
N PRO C 1033 -13.30 4.21 0.08
CA PRO C 1033 -13.96 3.25 0.95
C PRO C 1033 -13.73 3.52 2.43
N TYR C 1034 -14.48 2.83 3.25
CA TYR C 1034 -14.28 2.91 4.69
C TYR C 1034 -14.49 1.52 5.25
N SER C 1035 -13.93 1.28 6.41
CA SER C 1035 -14.11 -0.04 7.00
C SER C 1035 -15.45 -0.06 7.73
N MET C 1036 -15.89 -1.26 8.12
CA MET C 1036 -17.24 -1.39 8.64
C MET C 1036 -17.29 -1.31 10.16
N ILE C 1037 -16.56 -2.18 10.86
CA ILE C 1037 -16.61 -2.22 12.32
C ILE C 1037 -16.10 -0.92 12.94
N THR C 1038 -15.02 -0.36 12.40
CA THR C 1038 -14.60 1.00 12.73
C THR C 1038 -14.59 1.80 11.43
N GLN C 1039 -15.17 2.99 11.46
CA GLN C 1039 -15.47 3.68 10.21
C GLN C 1039 -14.27 4.35 9.53
N GLN C 1040 -13.06 4.22 10.04
CA GLN C 1040 -11.90 4.85 9.42
C GLN C 1040 -11.57 4.17 8.09
N PRO C 1041 -10.87 4.87 7.17
CA PRO C 1041 -10.54 4.27 5.87
C PRO C 1041 -9.67 3.03 5.98
N LEU C 1042 -9.86 2.13 5.04
CA LEU C 1042 -9.04 0.94 5.02
C LEU C 1042 -7.75 1.24 4.27
N GLY C 1043 -6.75 0.39 4.48
CA GLY C 1043 -5.43 0.61 3.91
C GLY C 1043 -5.17 -0.17 2.64
N GLY C 1044 -3.99 0.07 2.07
CA GLY C 1044 -3.54 -0.59 0.87
C GLY C 1044 -3.83 0.23 -0.38
N LYS C 1045 -3.12 -0.11 -1.46
CA LYS C 1045 -3.31 0.62 -2.71
C LYS C 1045 -4.43 0.07 -3.56
N ALA C 1046 -4.61 -1.26 -3.55
CA ALA C 1046 -5.61 -1.90 -4.39
C ALA C 1046 -7.04 -1.49 -4.05
N GLN C 1047 -7.27 -0.96 -2.86
CA GLN C 1047 -8.61 -0.61 -2.42
C GLN C 1047 -8.79 0.88 -2.16
N PHE C 1048 -7.93 1.72 -2.75
CA PHE C 1048 -7.96 3.19 -2.62
C PHE C 1048 -7.84 3.64 -1.16
N GLY C 1049 -6.68 3.34 -0.56
CA GLY C 1049 -6.48 3.43 0.87
C GLY C 1049 -5.64 4.60 1.33
N GLY C 1050 -6.13 5.28 2.37
CA GLY C 1050 -5.41 6.37 2.95
C GLY C 1050 -4.18 5.93 3.72
N GLN C 1051 -3.22 6.83 3.82
CA GLN C 1051 -1.98 6.59 4.54
C GLN C 1051 -2.20 6.56 6.03
N ARG C 1052 -1.34 5.83 6.73
CA ARG C 1052 -1.52 5.60 8.16
C ARG C 1052 -0.84 6.71 8.94
N PHE C 1053 -1.62 7.42 9.76
CA PHE C 1053 -1.08 8.41 10.69
C PHE C 1053 -0.92 7.80 12.07
N GLY C 1054 0.10 6.96 12.19
CA GLY C 1054 0.33 6.15 13.37
C GLY C 1054 0.66 6.92 14.64
N GLU C 1055 1.07 6.14 15.64
CA GLU C 1055 1.35 6.66 16.97
C GLU C 1055 2.55 7.58 16.99
N MET C 1056 3.63 7.23 16.29
CA MET C 1056 4.84 8.04 16.30
C MET C 1056 4.62 9.37 15.62
N GLU C 1057 3.69 9.42 14.67
CA GLU C 1057 3.37 10.64 13.94
C GLU C 1057 2.72 11.68 14.85
N VAL C 1058 1.79 11.28 15.71
CA VAL C 1058 1.09 12.23 16.56
C VAL C 1058 2.02 12.82 17.63
N TRP C 1059 3.05 12.09 18.03
CA TRP C 1059 4.07 12.64 18.92
C TRP C 1059 4.75 13.84 18.28
N ALA C 1060 5.06 13.75 16.99
CA ALA C 1060 5.69 14.84 16.27
C ALA C 1060 4.83 16.10 16.28
N LEU C 1061 3.53 15.97 16.05
CA LEU C 1061 2.66 17.14 16.07
C LEU C 1061 2.51 17.72 17.47
N GLU C 1062 2.44 16.88 18.50
CA GLU C 1062 2.38 17.38 19.87
C GLU C 1062 3.63 18.15 20.25
N ALA C 1063 4.79 17.70 19.78
CA ALA C 1063 6.04 18.43 19.99
C ALA C 1063 6.00 19.79 19.32
N TYR C 1064 5.47 19.86 18.09
CA TYR C 1064 5.28 21.12 17.40
C TYR C 1064 4.28 22.03 18.06
N GLY C 1065 3.38 21.49 18.88
CA GLY C 1065 2.31 22.26 19.45
C GLY C 1065 1.12 22.46 18.54
N ALA C 1066 1.13 21.90 17.34
CA ALA C 1066 0.04 22.08 16.38
C ALA C 1066 -1.13 21.22 16.82
N ALA C 1067 -2.03 21.82 17.57
CA ALA C 1067 -3.16 21.08 18.11
C ALA C 1067 -4.30 21.00 17.12
N TYR C 1068 -4.54 22.07 16.38
CA TYR C 1068 -5.62 22.10 15.39
C TYR C 1068 -5.38 21.12 14.25
N ALA C 1069 -4.15 21.01 13.76
CA ALA C 1069 -3.84 20.07 12.69
C ALA C 1069 -4.02 18.64 13.15
N LEU C 1070 -3.59 18.33 14.37
CA LEU C 1070 -3.77 16.99 14.93
C LEU C 1070 -5.24 16.62 15.10
N GLN C 1071 -6.06 17.56 15.60
CA GLN C 1071 -7.47 17.27 15.83
C GLN C 1071 -8.21 16.90 14.56
N GLU C 1072 -7.96 17.63 13.48
CA GLU C 1072 -8.64 17.33 12.24
C GLU C 1072 -8.16 16.02 11.64
N LEU C 1073 -6.88 15.68 11.84
CA LEU C 1073 -6.34 14.42 11.34
C LEU C 1073 -6.98 13.20 12.00
N LEU C 1074 -7.59 13.35 13.16
CA LEU C 1074 -8.18 12.22 13.86
C LEU C 1074 -9.70 12.22 13.82
N THR C 1075 -10.34 13.34 13.54
CA THR C 1075 -11.79 13.45 13.53
C THR C 1075 -12.34 13.79 12.15
N ILE C 1076 -11.92 14.88 11.54
CA ILE C 1076 -12.49 15.29 10.26
C ILE C 1076 -12.06 14.35 9.16
N LYS C 1077 -10.76 14.09 9.07
CA LYS C 1077 -10.23 13.37 7.93
C LYS C 1077 -10.40 11.87 8.03
N SER C 1078 -11.00 11.37 9.11
CA SER C 1078 -11.34 9.96 9.30
C SER C 1078 -12.12 9.80 10.57
N ASP C 1079 -12.86 8.69 10.64
CA ASP C 1079 -13.50 8.15 11.84
C ASP C 1079 -14.62 9.01 12.42
N ASP C 1080 -15.25 9.88 11.65
CA ASP C 1080 -16.41 10.62 12.15
C ASP C 1080 -17.39 10.75 11.01
N VAL C 1081 -18.47 9.98 11.07
CA VAL C 1081 -19.40 9.86 9.96
C VAL C 1081 -20.17 11.15 9.72
N THR C 1082 -20.58 11.82 10.79
CA THR C 1082 -21.30 13.08 10.63
C THR C 1082 -20.39 14.20 10.17
N GLY C 1083 -19.10 14.11 10.48
CA GLY C 1083 -18.16 15.19 10.21
C GLY C 1083 -17.56 15.12 8.83
N ARG C 1084 -17.47 13.93 8.25
CA ARG C 1084 -16.79 13.77 6.97
C ARG C 1084 -17.59 14.40 5.84
N VAL C 1085 -18.89 14.09 5.75
CA VAL C 1085 -19.76 14.68 4.73
C VAL C 1085 -19.89 16.20 4.90
N LYS C 1086 -19.88 16.68 6.14
CA LYS C 1086 -19.99 18.11 6.41
C LYS C 1086 -18.81 18.87 5.83
N VAL C 1087 -17.62 18.31 5.96
CA VAL C 1087 -16.43 18.98 5.47
C VAL C 1087 -16.36 18.95 3.95
N TYR C 1088 -16.82 17.86 3.33
CA TYR C 1088 -16.85 17.78 1.87
C TYR C 1088 -17.76 18.81 1.25
N GLU C 1089 -18.98 18.97 1.78
CA GLU C 1089 -19.88 20.01 1.28
C GLU C 1089 -19.32 21.41 1.55
N ALA C 1090 -18.69 21.60 2.70
CA ALA C 1090 -18.13 22.91 3.05
C ALA C 1090 -17.04 23.33 2.08
N ILE C 1091 -16.20 22.39 1.65
CA ILE C 1091 -15.11 22.73 0.73
C ILE C 1091 -15.65 23.16 -0.62
N VAL C 1092 -16.57 22.38 -1.20
CA VAL C 1092 -17.09 22.67 -2.52
C VAL C 1092 -17.95 23.94 -2.52
N LYS C 1093 -18.70 24.21 -1.45
CA LYS C 1093 -19.44 25.46 -1.37
C LYS C 1093 -18.57 26.65 -0.98
N GLY C 1094 -17.32 26.44 -0.57
CA GLY C 1094 -16.47 27.52 -0.14
C GLY C 1094 -16.65 27.95 1.30
N GLU C 1095 -17.67 27.47 1.99
CA GLU C 1095 -17.93 27.82 3.38
C GLU C 1095 -16.82 27.28 4.28
N ASN C 1096 -16.62 27.94 5.42
CA ASN C 1096 -15.58 27.53 6.37
C ASN C 1096 -15.84 26.13 6.91
N ILE C 1097 -14.74 25.47 7.27
CA ILE C 1097 -14.77 24.10 7.78
C ILE C 1097 -15.48 24.08 9.12
N PRO C 1098 -16.31 23.09 9.42
CA PRO C 1098 -16.99 23.03 10.71
C PRO C 1098 -16.19 22.36 11.82
N GLU C 1099 -16.75 22.43 13.02
CA GLU C 1099 -16.13 21.89 14.22
C GLU C 1099 -16.24 20.37 14.25
N PRO C 1100 -15.17 19.66 14.57
CA PRO C 1100 -15.23 18.21 14.69
C PRO C 1100 -15.99 17.71 15.90
N GLY C 1101 -16.64 16.55 15.73
CA GLY C 1101 -17.33 15.85 16.81
C GLY C 1101 -16.45 14.81 17.47
N ILE C 1102 -17.09 13.84 18.11
CA ILE C 1102 -16.34 12.72 18.71
C ILE C 1102 -16.16 11.62 17.67
N PRO C 1103 -15.00 10.96 17.64
CA PRO C 1103 -14.77 9.93 16.65
C PRO C 1103 -15.57 8.66 16.93
N GLU C 1104 -15.66 7.82 15.91
CA GLU C 1104 -16.49 6.63 16.01
C GLU C 1104 -15.81 5.53 16.79
N SER C 1105 -14.48 5.43 16.69
CA SER C 1105 -13.74 4.43 17.46
C SER C 1105 -13.87 4.61 18.96
N PHE C 1106 -13.97 5.86 19.42
CA PHE C 1106 -14.18 6.06 20.85
C PHE C 1106 -15.54 5.56 21.29
N LYS C 1107 -16.57 5.76 20.47
CA LYS C 1107 -17.89 5.24 20.79
C LYS C 1107 -17.92 3.72 20.77
N VAL C 1108 -17.23 3.12 19.79
CA VAL C 1108 -17.07 1.67 19.72
C VAL C 1108 -16.37 1.13 20.97
N LEU C 1109 -15.34 1.84 21.45
CA LEU C 1109 -14.62 1.44 22.66
C LEU C 1109 -15.55 1.37 23.88
N ILE C 1110 -16.48 2.31 23.99
CA ILE C 1110 -17.43 2.34 25.09
C ILE C 1110 -18.33 1.11 25.04
N LYS C 1111 -18.80 0.76 23.85
CA LYS C 1111 -19.64 -0.42 23.66
C LYS C 1111 -18.90 -1.70 24.00
N GLU C 1112 -17.63 -1.83 23.59
CA GLU C 1112 -16.88 -3.03 23.90
C GLU C 1112 -16.64 -3.15 25.40
N MET C 1113 -16.22 -2.06 26.04
CA MET C 1113 -16.05 -2.07 27.49
C MET C 1113 -17.35 -2.14 28.27
N GLN C 1114 -18.48 -1.83 27.66
CA GLN C 1114 -19.73 -2.11 28.33
C GLN C 1114 -20.13 -3.56 28.19
N SER C 1115 -19.51 -4.29 27.27
CA SER C 1115 -19.76 -5.70 27.08
C SER C 1115 -18.87 -6.59 27.94
N LEU C 1116 -17.97 -6.01 28.71
CA LEU C 1116 -17.19 -6.77 29.69
C LEU C 1116 -17.72 -6.55 31.09
N CYS C 1117 -18.91 -5.96 31.22
CA CYS C 1117 -19.58 -5.63 32.47
C CYS C 1117 -18.86 -4.54 33.26
N LEU C 1118 -18.42 -3.49 32.56
CA LEU C 1118 -17.91 -2.27 33.17
C LEU C 1118 -18.79 -1.11 32.73
N ASN C 1119 -19.48 -0.46 33.68
CA ASN C 1119 -20.38 0.64 33.32
C ASN C 1119 -19.60 1.94 33.13
N VAL C 1120 -18.96 2.05 31.99
CA VAL C 1120 -18.16 3.22 31.62
C VAL C 1120 -19.08 4.39 31.31
N GLU C 1121 -19.23 5.32 32.26
CA GLU C 1121 -20.16 6.43 32.11
C GLU C 1121 -19.45 7.73 31.74
N VAL C 1122 -19.82 8.31 30.60
CA VAL C 1122 -19.37 9.64 30.23
C VAL C 1122 -20.16 10.66 31.02
N LEU C 1123 -19.49 11.57 31.70
CA LEU C 1123 -20.20 12.48 32.59
C LEU C 1123 -19.81 13.92 32.34
N SER C 1124 -20.75 14.80 32.67
CA SER C 1124 -20.57 16.24 32.70
C SER C 1124 -20.37 16.65 34.15
N SER C 1125 -19.98 17.91 34.36
CA SER C 1125 -19.83 18.41 35.71
C SER C 1125 -21.16 18.35 36.47
N ASP C 1126 -22.25 18.70 35.80
CA ASP C 1126 -23.60 18.56 36.34
C ASP C 1126 -24.27 17.31 35.78
N GLY C 1127 -23.95 16.16 36.36
CA GLY C 1127 -24.56 14.88 35.97
C GLY C 1127 -24.13 14.32 34.62
N MET C 1128 -25.10 13.71 33.93
CA MET C 1128 -24.90 13.04 32.65
C MET C 1128 -24.39 14.00 31.56
N SER C 1129 -23.56 13.47 30.65
CA SER C 1129 -22.93 14.22 29.57
C SER C 1129 -23.68 14.14 28.25
N ILE C 1130 -23.42 15.17 27.43
CA ILE C 1130 -23.97 15.36 26.08
C ILE C 1130 -22.98 14.79 25.06
N GLU C 1131 -23.52 14.08 24.07
CA GLU C 1131 -22.68 13.46 23.04
C GLU C 1131 -23.09 13.87 21.62
N PHE D 7 -18.65 16.54 28.39
CA PHE D 7 -17.47 15.72 28.58
C PHE D 7 -16.60 16.25 29.69
N ASP D 8 -16.79 15.73 30.90
CA ASP D 8 -15.98 16.21 32.02
C ASP D 8 -15.23 15.11 32.76
N GLU D 9 -15.76 13.89 32.78
CA GLU D 9 -15.13 12.78 33.50
C GLU D 9 -15.58 11.46 32.91
N LEU D 10 -14.63 10.55 32.74
CA LEU D 10 -14.92 9.20 32.24
C LEU D 10 -14.94 8.21 33.41
N ARG D 11 -16.03 8.23 34.17
CA ARG D 11 -16.22 7.34 35.31
C ARG D 11 -16.36 5.89 34.88
N ILE D 12 -15.69 4.98 35.60
CA ILE D 12 -15.72 3.56 35.32
C ILE D 12 -15.93 2.82 36.64
N GLY D 13 -16.64 1.71 36.60
CA GLY D 13 -16.84 0.92 37.80
C GLY D 13 -17.39 -0.44 37.47
N LEU D 14 -17.85 -1.13 38.50
CA LEU D 14 -18.45 -2.45 38.32
C LEU D 14 -19.90 -2.33 37.91
N ALA D 15 -20.28 -3.05 36.86
CA ALA D 15 -21.66 -3.05 36.37
C ALA D 15 -22.43 -4.17 37.04
N THR D 16 -23.40 -3.80 37.87
CA THR D 16 -24.22 -4.75 38.60
C THR D 16 -25.26 -5.37 37.66
N ALA D 17 -25.97 -6.38 38.17
CA ALA D 17 -26.93 -7.11 37.36
C ALA D 17 -28.08 -6.23 36.88
N ASP D 18 -28.60 -5.36 37.74
CA ASP D 18 -29.66 -4.44 37.33
C ASP D 18 -29.19 -3.46 36.27
N ASP D 19 -27.93 -3.01 36.38
CA ASP D 19 -27.34 -2.11 35.39
C ASP D 19 -27.30 -2.74 34.01
N ILE D 20 -26.93 -4.02 33.93
CA ILE D 20 -26.88 -4.74 32.66
C ILE D 20 -28.27 -4.84 32.03
N ARG D 21 -29.27 -5.17 32.83
CA ARG D 21 -30.66 -5.20 32.37
C ARG D 21 -31.15 -3.85 31.91
N GLN D 22 -30.73 -2.77 32.59
CA GLN D 22 -31.14 -1.42 32.23
C GLN D 22 -30.67 -1.03 30.83
N TRP D 23 -29.43 -1.38 30.48
CA TRP D 23 -28.91 -1.11 29.14
C TRP D 23 -29.70 -1.85 28.07
N SER D 24 -30.09 -3.08 28.37
CA SER D 24 -30.66 -3.97 27.37
C SER D 24 -32.00 -3.45 26.84
N HIS D 25 -32.19 -3.62 25.54
CA HIS D 25 -33.45 -3.33 24.89
C HIS D 25 -34.22 -4.60 24.59
N GLY D 26 -33.80 -5.72 25.17
CA GLY D 26 -34.50 -6.96 24.97
C GLY D 26 -33.85 -8.12 25.68
N GLU D 27 -33.87 -9.30 25.07
CA GLU D 27 -33.20 -10.47 25.61
C GLU D 27 -33.04 -11.48 24.49
N VAL D 28 -31.84 -12.02 24.34
CA VAL D 28 -31.58 -13.05 23.35
C VAL D 28 -31.99 -14.40 23.92
N LYS D 29 -32.70 -15.20 23.12
CA LYS D 29 -33.27 -16.44 23.58
C LYS D 29 -32.93 -17.63 22.71
N LYS D 30 -32.22 -17.43 21.61
CA LYS D 30 -31.90 -18.51 20.68
C LYS D 30 -30.49 -18.27 20.15
N PRO D 31 -29.83 -19.31 19.65
CA PRO D 31 -28.58 -19.12 18.92
C PRO D 31 -28.73 -18.80 17.44
N GLU D 32 -29.97 -18.54 17.00
CA GLU D 32 -30.25 -18.22 15.61
C GLU D 32 -29.57 -16.93 15.19
N THR D 33 -29.08 -16.88 13.95
CA THR D 33 -28.56 -15.64 13.42
C THR D 33 -29.37 -15.14 12.22
N ILE D 34 -29.47 -15.91 11.14
CA ILE D 34 -30.14 -15.47 9.92
C ILE D 34 -30.64 -16.71 9.21
N ASN D 35 -31.81 -16.60 8.60
CA ASN D 35 -32.38 -17.69 7.83
C ASN D 35 -31.49 -18.03 6.65
N TYR D 36 -31.25 -19.32 6.47
CA TYR D 36 -30.34 -19.80 5.42
C TYR D 36 -30.83 -19.49 4.02
N ARG D 37 -32.13 -19.28 3.82
CA ARG D 37 -32.66 -19.03 2.48
C ARG D 37 -32.97 -17.57 2.21
N THR D 38 -33.73 -16.89 3.08
CA THR D 38 -34.08 -15.50 2.80
C THR D 38 -32.99 -14.52 3.20
N LEU D 39 -32.02 -14.96 4.02
CA LEU D 39 -30.91 -14.15 4.55
C LEU D 39 -31.38 -13.00 5.41
N LYS D 40 -32.46 -13.18 6.16
CA LYS D 40 -32.96 -12.14 7.04
C LYS D 40 -32.84 -12.59 8.49
N PRO D 41 -32.74 -11.64 9.44
CA PRO D 41 -32.60 -12.03 10.85
C PRO D 41 -33.80 -12.76 11.42
N GLU D 42 -33.54 -13.63 12.38
CA GLU D 42 -34.60 -14.41 13.00
C GLU D 42 -35.25 -13.65 14.15
N LYS D 43 -36.14 -14.33 14.87
CA LYS D 43 -36.86 -13.75 15.98
C LYS D 43 -36.16 -14.16 17.26
N ASP D 44 -35.88 -13.18 18.13
CA ASP D 44 -35.40 -13.38 19.50
C ASP D 44 -34.06 -14.09 19.58
N GLY D 45 -33.30 -14.16 18.49
CA GLY D 45 -31.97 -14.70 18.49
C GLY D 45 -30.95 -13.59 18.37
N LEU D 46 -29.72 -13.98 18.04
CA LEU D 46 -28.73 -13.00 17.60
C LEU D 46 -29.23 -12.29 16.36
N PHE D 47 -28.79 -11.04 16.18
CA PHE D 47 -29.10 -10.16 15.05
C PHE D 47 -30.56 -9.76 14.93
N CYS D 48 -31.41 -10.16 15.89
CA CYS D 48 -32.84 -9.92 15.80
C CYS D 48 -33.17 -8.43 15.78
N GLU D 49 -34.08 -8.05 14.87
CA GLU D 49 -34.45 -6.66 14.70
C GLU D 49 -35.35 -6.14 15.81
N LYS D 50 -36.07 -7.01 16.50
CA LYS D 50 -36.95 -6.57 17.57
C LYS D 50 -36.19 -5.96 18.73
N ILE D 51 -34.96 -6.43 18.95
CA ILE D 51 -34.15 -6.00 20.06
C ILE D 51 -33.08 -5.01 19.64
N PHE D 52 -32.39 -5.27 18.54
CA PHE D 52 -31.26 -4.43 18.17
C PHE D 52 -31.69 -3.25 17.30
N GLY D 53 -32.28 -3.51 16.15
CA GLY D 53 -32.75 -2.43 15.32
C GLY D 53 -33.03 -2.87 13.92
N PRO D 54 -33.66 -2.02 13.11
CA PRO D 54 -34.01 -2.42 11.75
C PRO D 54 -32.80 -2.46 10.84
N THR D 55 -32.76 -3.48 9.99
CA THR D 55 -31.65 -3.67 9.06
C THR D 55 -31.65 -2.63 7.95
N ARG D 56 -32.82 -2.20 7.50
CA ARG D 56 -32.95 -1.20 6.45
C ARG D 56 -33.63 0.02 7.04
N ASP D 57 -33.24 1.19 6.55
CA ASP D 57 -33.73 2.46 7.07
C ASP D 57 -35.23 2.57 6.97
N TRP D 58 -35.89 2.66 8.13
CA TRP D 58 -37.32 2.84 8.37
C TRP D 58 -38.18 1.65 7.97
N GLU D 59 -37.61 0.56 7.48
CA GLU D 59 -38.38 -0.62 7.13
C GLU D 59 -38.46 -1.52 8.35
N CYS D 60 -39.61 -2.14 8.57
CA CYS D 60 -39.72 -3.08 9.67
C CYS D 60 -39.43 -4.49 9.15
N TYR D 61 -39.68 -5.50 9.97
CA TYR D 61 -39.37 -6.88 9.59
C TYR D 61 -40.44 -7.50 8.70
N CYS D 62 -41.72 -7.40 9.09
CA CYS D 62 -42.79 -7.99 8.31
C CYS D 62 -43.07 -7.30 6.97
N GLY D 63 -42.64 -6.06 6.78
CA GLY D 63 -42.92 -5.32 5.57
C GLY D 63 -43.99 -4.25 5.68
N LYS D 64 -44.67 -4.17 6.81
CA LYS D 64 -45.56 -3.05 7.10
C LYS D 64 -44.69 -1.84 7.42
N TYR D 65 -45.23 -0.64 7.16
CA TYR D 65 -44.58 0.64 7.50
C TYR D 65 -43.23 0.84 6.82
N LYS D 66 -43.14 0.52 5.53
CA LYS D 66 -41.89 0.71 4.79
C LYS D 66 -41.51 2.18 4.66
N ARG D 67 -42.49 3.06 4.45
CA ARG D 67 -42.25 4.47 4.17
C ARG D 67 -41.62 5.24 5.33
N VAL D 68 -40.98 6.35 4.98
CA VAL D 68 -40.26 7.23 5.89
C VAL D 68 -41.17 8.04 6.81
N ARG D 69 -42.45 8.21 6.44
CA ARG D 69 -43.37 9.13 7.12
C ARG D 69 -43.54 8.83 8.60
N PHE D 70 -44.06 7.65 8.91
CA PHE D 70 -44.41 7.27 10.28
C PHE D 70 -43.23 6.62 10.98
N LYS D 71 -42.23 7.46 11.26
CA LYS D 71 -41.11 7.03 12.07
C LYS D 71 -41.48 7.09 13.55
N GLY D 72 -40.57 6.61 14.38
CA GLY D 72 -40.74 6.70 15.83
C GLY D 72 -41.94 5.97 16.36
N ILE D 73 -42.32 4.86 15.73
CA ILE D 73 -43.44 4.05 16.14
C ILE D 73 -42.99 2.60 16.13
N ILE D 74 -43.81 1.77 16.75
CA ILE D 74 -43.54 0.35 16.89
C ILE D 74 -44.63 -0.38 16.13
N CYS D 75 -44.22 -1.12 15.10
CA CYS D 75 -45.19 -1.86 14.31
C CYS D 75 -45.73 -3.01 15.14
N GLU D 76 -47.05 -3.11 15.20
CA GLU D 76 -47.73 -4.08 16.06
C GLU D 76 -47.54 -5.52 15.63
N ARG D 77 -47.11 -5.77 14.40
CA ARG D 77 -46.99 -7.14 13.93
C ARG D 77 -45.75 -7.84 14.50
N CYS D 78 -44.57 -7.32 14.17
CA CYS D 78 -43.31 -7.90 14.60
C CYS D 78 -42.61 -7.13 15.71
N GLY D 79 -43.22 -6.05 16.20
CA GLY D 79 -42.63 -5.30 17.31
C GLY D 79 -41.39 -4.50 16.98
N VAL D 80 -41.00 -4.39 15.72
CA VAL D 80 -39.82 -3.64 15.35
C VAL D 80 -40.15 -2.16 15.42
N GLU D 81 -39.29 -1.38 16.07
CA GLU D 81 -39.42 0.07 16.14
C GLU D 81 -38.71 0.69 14.94
N VAL D 82 -39.48 1.30 14.04
CA VAL D 82 -38.90 1.92 12.84
C VAL D 82 -38.09 3.16 13.23
N THR D 83 -36.85 3.21 12.76
CA THR D 83 -35.85 4.24 12.96
C THR D 83 -34.74 3.99 11.95
N ARG D 84 -33.67 4.76 12.03
CA ARG D 84 -32.53 4.57 11.14
C ARG D 84 -31.83 3.25 11.43
N ALA D 85 -31.25 2.66 10.38
CA ALA D 85 -30.48 1.43 10.53
C ALA D 85 -29.22 1.59 11.35
N LYS D 86 -28.68 2.81 11.46
CA LYS D 86 -27.47 3.06 12.24
C LYS D 86 -27.63 2.74 13.72
N VAL D 87 -28.86 2.66 14.23
CA VAL D 87 -29.14 2.34 15.63
C VAL D 87 -28.62 0.95 16.01
N ARG D 88 -28.44 0.05 15.05
CA ARG D 88 -27.88 -1.29 15.34
C ARG D 88 -26.48 -1.20 15.91
N ARG D 89 -25.74 -0.15 15.57
CA ARG D 89 -24.42 0.10 16.11
C ARG D 89 -24.44 0.53 17.57
N GLU D 90 -25.59 0.90 18.12
CA GLU D 90 -25.68 1.41 19.48
C GLU D 90 -26.45 0.52 20.43
N ARG D 91 -27.63 0.08 20.03
CA ARG D 91 -28.51 -0.71 20.89
C ARG D 91 -27.90 -2.07 21.21
N MET D 92 -28.02 -2.50 22.47
CA MET D 92 -27.46 -3.78 22.90
C MET D 92 -28.46 -4.56 23.73
N GLY D 93 -28.37 -5.88 23.71
CA GLY D 93 -29.22 -6.75 24.48
C GLY D 93 -28.51 -7.44 25.63
N HIS D 94 -29.14 -8.50 26.15
CA HIS D 94 -28.60 -9.21 27.30
C HIS D 94 -29.11 -10.65 27.32
N ILE D 95 -28.30 -11.55 27.88
CA ILE D 95 -28.64 -12.96 28.06
C ILE D 95 -28.93 -13.19 29.52
N GLU D 96 -30.05 -13.82 29.83
CA GLU D 96 -30.31 -14.27 31.20
C GLU D 96 -29.69 -15.64 31.40
N LEU D 97 -28.98 -15.81 32.52
CA LEU D 97 -28.34 -17.09 32.85
C LEU D 97 -29.12 -17.80 33.93
N ALA D 98 -29.36 -19.10 33.73
CA ALA D 98 -30.07 -19.90 34.70
C ALA D 98 -29.28 -20.04 36.00
N ALA D 99 -27.99 -20.31 35.89
CA ALA D 99 -27.12 -20.46 37.03
C ALA D 99 -26.03 -19.39 36.99
N PRO D 100 -25.74 -18.71 38.09
CA PRO D 100 -24.76 -17.64 38.06
C PRO D 100 -23.36 -18.15 37.78
N VAL D 101 -22.55 -17.28 37.19
CA VAL D 101 -21.16 -17.57 36.90
C VAL D 101 -20.33 -16.42 37.45
N THR D 102 -19.02 -16.60 37.42
CA THR D 102 -18.07 -15.67 38.00
C THR D 102 -17.16 -15.09 36.92
N HIS D 103 -16.92 -13.79 37.01
CA HIS D 103 -16.10 -13.08 36.04
C HIS D 103 -14.69 -13.63 35.99
N ILE D 104 -14.20 -13.90 34.78
CA ILE D 104 -12.85 -14.42 34.59
C ILE D 104 -11.82 -13.38 35.00
N TRP D 105 -12.14 -12.09 34.82
CA TRP D 105 -11.20 -11.02 35.16
C TRP D 105 -10.92 -10.96 36.66
N TYR D 106 -11.99 -10.84 37.47
CA TYR D 106 -11.84 -10.54 38.90
C TYR D 106 -11.22 -11.66 39.70
N PHE D 107 -11.38 -12.88 39.29
CA PHE D 107 -10.64 -13.98 39.89
C PHE D 107 -9.68 -14.38 38.81
N LYS D 108 -8.85 -15.42 39.01
CA LYS D 108 -7.96 -15.96 37.95
C LYS D 108 -7.03 -14.92 37.31
N GLY D 109 -6.35 -14.16 38.14
CA GLY D 109 -5.45 -13.15 37.64
C GLY D 109 -4.40 -12.85 38.68
N VAL D 110 -3.85 -11.64 38.61
CA VAL D 110 -2.84 -11.23 39.59
C VAL D 110 -3.56 -11.06 40.93
N PRO D 111 -2.88 -11.12 42.07
CA PRO D 111 -3.57 -11.00 43.35
C PRO D 111 -3.80 -9.59 43.83
N SER D 112 -3.48 -8.61 43.02
CA SER D 112 -3.81 -7.24 43.35
C SER D 112 -5.23 -6.89 42.89
N ARG D 113 -5.86 -7.76 42.10
CA ARG D 113 -7.22 -7.58 41.60
C ARG D 113 -8.22 -8.55 42.23
N LEU D 114 -7.88 -9.84 42.30
CA LEU D 114 -8.67 -10.77 43.11
C LEU D 114 -8.61 -10.39 44.57
N GLY D 115 -7.39 -10.14 45.08
CA GLY D 115 -7.20 -9.48 46.34
C GLY D 115 -7.31 -10.30 47.60
N TYR D 116 -7.65 -11.58 47.49
CA TYR D 116 -7.99 -12.44 48.64
C TYR D 116 -9.11 -11.82 49.47
N LEU D 117 -10.12 -11.25 48.78
CA LEU D 117 -11.24 -10.61 49.47
C LEU D 117 -11.97 -11.58 50.37
N LEU D 118 -12.07 -12.82 49.94
CA LEU D 118 -12.42 -13.95 50.78
C LEU D 118 -11.11 -14.69 50.99
N ASP D 119 -10.82 -15.06 52.22
CA ASP D 119 -9.50 -15.60 52.52
C ASP D 119 -9.32 -17.01 51.94
N LEU D 120 -9.22 -17.09 50.62
CA LEU D 120 -9.13 -18.36 49.91
C LEU D 120 -8.02 -18.30 48.88
N ALA D 121 -7.22 -19.36 48.81
CA ALA D 121 -6.12 -19.44 47.86
C ALA D 121 -6.68 -19.58 46.46
N PRO D 122 -5.92 -19.20 45.43
CA PRO D 122 -6.38 -19.44 44.06
C PRO D 122 -6.55 -20.91 43.72
N LYS D 123 -5.75 -21.80 44.30
CA LYS D 123 -5.99 -23.23 44.14
C LYS D 123 -7.31 -23.63 44.79
N ASP D 124 -7.63 -23.05 45.94
CA ASP D 124 -8.92 -23.29 46.59
C ASP D 124 -10.08 -22.84 45.71
N LEU D 125 -9.97 -21.65 45.12
CA LEU D 125 -11.02 -21.10 44.26
C LEU D 125 -11.24 -21.96 43.01
N GLU D 126 -10.17 -22.39 42.36
CA GLU D 126 -10.26 -23.30 41.22
C GLU D 126 -11.03 -24.56 41.53
N LYS D 127 -10.92 -25.06 42.75
CA LYS D 127 -11.62 -26.27 43.14
C LYS D 127 -13.10 -26.04 43.38
N VAL D 128 -13.47 -24.89 43.93
CA VAL D 128 -14.86 -24.73 44.34
C VAL D 128 -15.73 -24.26 43.18
N ILE D 129 -15.31 -23.23 42.44
CA ILE D 129 -16.14 -22.72 41.35
C ILE D 129 -16.16 -23.61 40.12
N TYR D 130 -15.25 -24.57 39.98
CA TYR D 130 -15.29 -25.48 38.85
C TYR D 130 -15.78 -26.87 39.21
N PHE D 131 -16.46 -26.99 40.36
CA PHE D 131 -17.17 -28.20 40.78
C PHE D 131 -16.20 -29.36 40.96
N ALA D 132 -15.27 -29.19 41.89
CA ALA D 132 -14.38 -30.26 42.28
C ALA D 132 -14.23 -30.40 43.78
N ALA D 133 -14.75 -29.46 44.57
CA ALA D 133 -14.67 -29.54 46.02
C ALA D 133 -15.75 -28.65 46.60
N TYR D 134 -16.20 -28.98 47.79
CA TYR D 134 -17.32 -28.29 48.37
C TYR D 134 -16.83 -27.12 49.19
N MET D 135 -17.74 -26.22 49.50
CA MET D 135 -17.49 -25.17 50.47
C MET D 135 -18.64 -25.16 51.47
N ILE D 136 -18.33 -24.84 52.72
CA ILE D 136 -19.36 -24.65 53.73
C ILE D 136 -19.70 -23.17 53.75
N THR D 137 -20.73 -22.80 53.00
CA THR D 137 -21.15 -21.41 52.86
C THR D 137 -21.73 -20.80 54.13
N PHE D 138 -22.02 -21.60 55.17
CA PHE D 138 -22.77 -21.17 56.34
C PHE D 138 -22.85 -22.28 57.37
N VAL D 139 -22.74 -21.93 58.65
CA VAL D 139 -22.88 -22.87 59.75
C VAL D 139 -23.82 -22.27 60.79
N ASP D 140 -24.72 -23.09 61.32
CA ASP D 140 -25.54 -22.71 62.48
C ASP D 140 -24.79 -23.04 63.77
N GLU D 141 -23.68 -22.32 63.97
CA GLU D 141 -22.83 -22.46 65.16
C GLU D 141 -23.58 -22.27 66.48
N GLU D 142 -24.67 -21.49 66.48
CA GLU D 142 -25.44 -21.31 67.70
C GLU D 142 -26.28 -22.54 68.01
N ARG D 143 -26.97 -23.05 66.99
CA ARG D 143 -27.75 -24.29 67.08
C ARG D 143 -26.91 -25.43 67.64
N ARG D 144 -25.76 -25.70 67.00
CA ARG D 144 -24.81 -26.73 67.43
C ARG D 144 -24.48 -26.66 68.91
N THR D 145 -24.25 -25.47 69.46
CA THR D 145 -24.06 -25.33 70.89
C THR D 145 -25.32 -25.65 71.70
N ARG D 146 -26.49 -25.13 71.28
CA ARG D 146 -27.72 -25.29 72.07
C ARG D 146 -28.17 -26.75 72.14
N ASP D 147 -28.13 -27.49 71.04
CA ASP D 147 -28.62 -28.86 71.05
C ASP D 147 -27.52 -29.90 71.26
N LEU D 148 -26.27 -29.45 71.47
CA LEU D 148 -25.06 -30.30 71.56
C LEU D 148 -25.20 -31.63 72.30
N PRO D 149 -25.81 -31.74 73.51
CA PRO D 149 -25.95 -33.07 74.13
C PRO D 149 -26.76 -34.06 73.31
N SER D 150 -27.80 -33.58 72.60
CA SER D 150 -28.66 -34.45 71.80
C SER D 150 -27.85 -35.09 70.67
N LEU D 151 -27.11 -34.27 69.91
CA LEU D 151 -26.21 -34.82 68.89
C LEU D 151 -25.12 -35.66 69.53
N GLU D 152 -24.65 -35.25 70.72
CA GLU D 152 -23.71 -36.08 71.48
C GLU D 152 -24.35 -37.39 71.89
N ALA D 153 -25.63 -37.35 72.28
CA ALA D 153 -26.32 -38.58 72.68
C ALA D 153 -26.48 -39.53 71.51
N HIS D 154 -26.81 -39.00 70.33
CA HIS D 154 -26.97 -39.84 69.14
C HIS D 154 -25.68 -40.51 68.69
N VAL D 155 -24.56 -39.78 68.69
CA VAL D 155 -23.29 -40.37 68.29
C VAL D 155 -22.81 -41.42 69.31
N SER D 156 -23.02 -41.16 70.61
CA SER D 156 -22.56 -42.08 71.65
C SER D 156 -23.25 -43.43 71.58
N VAL D 157 -24.59 -43.45 71.43
CA VAL D 157 -25.31 -44.72 71.27
C VAL D 157 -24.91 -45.38 69.96
N GLU D 158 -24.66 -44.58 68.92
CA GLU D 158 -24.13 -45.07 67.66
C GLU D 158 -22.77 -45.72 67.86
N ARG D 159 -21.91 -45.10 68.69
CA ARG D 159 -20.62 -45.68 69.01
C ARG D 159 -20.74 -47.04 69.70
N GLN D 160 -21.79 -47.21 70.53
CA GLN D 160 -21.99 -48.45 71.26
C GLN D 160 -22.17 -49.64 70.33
N GLN D 161 -22.91 -49.45 69.23
CA GLN D 161 -23.25 -50.54 68.31
C GLN D 161 -22.02 -51.19 67.69
N ILE D 162 -21.00 -50.41 67.32
CA ILE D 162 -19.79 -50.99 66.74
C ILE D 162 -19.10 -51.89 67.76
N GLU D 163 -19.04 -51.46 69.02
CA GLU D 163 -18.43 -52.25 70.08
C GLU D 163 -19.18 -53.55 70.32
N GLN D 164 -20.52 -53.51 70.30
CA GLN D 164 -21.30 -54.73 70.43
C GLN D 164 -21.04 -55.65 69.25
N ARG D 165 -21.04 -55.08 68.04
CA ARG D 165 -20.77 -55.86 66.82
C ARG D 165 -19.35 -56.38 66.82
N ARG D 166 -18.39 -55.56 67.28
CA ARG D 166 -17.00 -56.00 67.33
C ARG D 166 -16.83 -57.17 68.27
N ASP D 167 -17.56 -57.13 69.40
CA ASP D 167 -17.46 -58.18 70.41
C ASP D 167 -17.90 -59.52 69.84
N SER D 168 -18.93 -59.52 69.00
CA SER D 168 -19.52 -60.76 68.51
C SER D 168 -18.69 -61.34 67.37
N ASP D 169 -18.23 -60.47 66.47
CA ASP D 169 -17.37 -60.90 65.37
C ASP D 169 -16.05 -61.45 65.91
N LEU D 170 -15.48 -60.78 66.92
CA LEU D 170 -14.29 -61.28 67.59
C LEU D 170 -14.57 -62.59 68.32
N GLU D 171 -15.75 -62.70 68.95
CA GLU D 171 -16.13 -63.96 69.61
C GLU D 171 -16.24 -65.09 68.60
N ALA D 172 -16.85 -64.80 67.44
CA ALA D 172 -16.90 -65.79 66.37
C ALA D 172 -15.49 -66.10 65.87
N ARG D 173 -14.63 -65.06 65.79
CA ARG D 173 -13.24 -65.22 65.41
C ARG D 173 -12.51 -66.11 66.42
N ALA D 174 -12.74 -65.89 67.71
CA ALA D 174 -12.11 -66.71 68.75
C ALA D 174 -12.59 -68.15 68.66
N LYS D 175 -13.89 -68.34 68.45
CA LYS D 175 -14.47 -69.68 68.27
C LYS D 175 -13.95 -70.33 67.00
N LYS D 176 -13.82 -69.55 65.91
CA LYS D 176 -13.37 -70.11 64.63
C LYS D 176 -11.95 -70.67 64.74
N LEU D 177 -11.06 -69.95 65.42
CA LEU D 177 -9.68 -70.43 65.60
C LEU D 177 -9.64 -71.70 66.44
N GLU D 178 -10.43 -71.75 67.51
CA GLU D 178 -10.45 -72.92 68.38
C GLU D 178 -10.98 -74.15 67.64
N THR D 179 -12.02 -73.95 66.83
CA THR D 179 -12.68 -75.08 66.17
C THR D 179 -11.85 -75.71 65.05
N ASP D 180 -11.28 -74.91 64.14
CA ASP D 180 -10.56 -75.52 63.01
C ASP D 180 -9.26 -76.21 63.45
N LEU D 181 -8.51 -75.64 64.41
CA LEU D 181 -7.29 -76.30 64.87
C LEU D 181 -7.60 -77.64 65.55
N ALA D 182 -8.64 -77.65 66.40
CA ALA D 182 -9.05 -78.88 67.10
C ALA D 182 -9.55 -79.98 66.16
N GLU D 183 -10.37 -79.64 65.17
CA GLU D 183 -10.89 -80.65 64.26
C GLU D 183 -9.79 -81.29 63.42
N LEU D 184 -8.84 -80.49 62.93
CA LEU D 184 -7.72 -80.99 62.13
C LEU D 184 -6.82 -81.90 62.93
N GLU D 185 -6.60 -81.59 64.20
CA GLU D 185 -5.63 -82.34 65.00
C GLU D 185 -6.19 -83.70 65.41
N ALA D 186 -7.50 -83.81 65.59
CA ALA D 186 -8.10 -85.12 65.83
C ALA D 186 -7.95 -86.04 64.62
N GLU D 187 -8.17 -85.51 63.40
CA GLU D 187 -7.97 -86.33 62.20
C GLU D 187 -6.50 -86.69 62.02
N GLY D 188 -5.62 -85.70 62.12
CA GLY D 188 -4.19 -85.91 61.91
C GLY D 188 -3.82 -86.35 60.51
N ALA D 189 -4.42 -85.74 59.48
CA ALA D 189 -4.11 -86.09 58.10
C ALA D 189 -2.65 -85.80 57.72
N LYS D 190 -2.12 -84.65 58.12
CA LYS D 190 -0.71 -84.37 57.84
C LYS D 190 0.02 -83.90 59.11
N ALA D 191 1.28 -83.48 58.96
CA ALA D 191 2.13 -83.13 60.09
C ALA D 191 1.64 -81.87 60.79
N ASP D 192 1.25 -80.85 60.04
CA ASP D 192 1.02 -79.51 60.58
C ASP D 192 -0.27 -78.90 60.04
N VAL D 193 -1.37 -79.66 60.07
CA VAL D 193 -2.67 -79.13 59.61
C VAL D 193 -3.13 -77.99 60.50
N ARG D 194 -2.93 -78.10 61.82
CA ARG D 194 -3.42 -77.09 62.74
C ARG D 194 -2.70 -75.77 62.57
N ARG D 195 -1.37 -75.80 62.37
CA ARG D 195 -0.57 -74.58 62.19
C ARG D 195 -0.90 -73.83 60.90
N LYS D 196 -1.06 -74.54 59.78
CA LYS D 196 -1.34 -73.87 58.51
C LYS D 196 -2.70 -73.19 58.50
N VAL D 197 -3.74 -73.88 58.97
CA VAL D 197 -5.08 -73.27 58.98
C VAL D 197 -5.17 -72.17 60.02
N ARG D 198 -4.49 -72.30 61.16
CA ARG D 198 -4.47 -71.21 62.15
C ARG D 198 -3.75 -70.00 61.60
N GLU D 199 -2.68 -70.22 60.82
CA GLU D 199 -2.05 -69.12 60.10
C GLU D 199 -3.05 -68.48 59.15
N GLY D 200 -3.81 -69.32 58.41
CA GLY D 200 -4.88 -68.81 57.56
C GLY D 200 -5.97 -68.13 58.36
N ALA D 201 -6.32 -68.71 59.51
CA ALA D 201 -7.37 -68.16 60.38
C ALA D 201 -6.99 -66.79 60.94
N GLU D 202 -5.75 -66.62 61.40
CA GLU D 202 -5.31 -65.32 61.92
C GLU D 202 -5.18 -64.28 60.82
N ARG D 203 -4.89 -64.70 59.59
CA ARG D 203 -4.90 -63.77 58.46
C ARG D 203 -6.28 -63.19 58.25
N GLU D 204 -7.31 -64.04 58.36
CA GLU D 204 -8.69 -63.60 58.30
C GLU D 204 -9.00 -62.65 59.46
N MET D 205 -8.47 -62.93 60.65
CA MET D 205 -8.67 -62.05 61.79
C MET D 205 -8.09 -60.67 61.53
N LYS D 206 -6.90 -60.64 60.91
CA LYS D 206 -6.24 -59.38 60.58
C LYS D 206 -7.06 -58.56 59.61
N GLN D 207 -7.66 -59.21 58.59
CA GLN D 207 -8.51 -58.49 57.65
C GLN D 207 -9.72 -57.93 58.37
N LEU D 208 -10.32 -58.72 59.27
CA LEU D 208 -11.44 -58.22 60.06
C LEU D 208 -11.00 -57.10 60.99
N ARG D 209 -9.83 -57.27 61.63
CA ARG D 209 -9.28 -56.23 62.51
C ARG D 209 -8.95 -54.97 61.73
N ASP D 210 -8.39 -55.11 60.53
CA ASP D 210 -8.09 -53.97 59.67
C ASP D 210 -9.36 -53.25 59.31
N ARG D 211 -10.42 -54.00 58.99
CA ARG D 211 -11.72 -53.42 58.68
C ARG D 211 -12.27 -52.66 59.89
N ALA D 212 -12.06 -53.20 61.09
CA ALA D 212 -12.48 -52.55 62.32
C ALA D 212 -11.80 -51.20 62.47
N GLN D 213 -10.53 -51.12 62.09
CA GLN D 213 -9.84 -49.84 62.12
C GLN D 213 -10.47 -48.85 61.15
N ARG D 214 -10.88 -49.31 59.95
CA ARG D 214 -11.48 -48.41 58.96
C ARG D 214 -12.79 -47.83 59.44
N GLU D 215 -13.62 -48.64 60.10
CA GLU D 215 -14.95 -48.18 60.50
C GLU D 215 -14.87 -47.21 61.66
N ILE D 216 -14.01 -47.46 62.64
CA ILE D 216 -13.92 -46.57 63.79
C ILE D 216 -13.29 -45.24 63.41
N ASP D 217 -12.16 -45.29 62.68
CA ASP D 217 -11.47 -44.07 62.25
C ASP D 217 -12.28 -43.21 61.29
N ARG D 218 -13.02 -43.82 60.34
CA ARG D 218 -13.89 -43.02 59.49
C ARG D 218 -14.96 -42.34 60.32
N LEU D 219 -15.55 -43.07 61.26
CA LEU D 219 -16.50 -42.50 62.21
C LEU D 219 -15.84 -41.42 63.06
N ASP D 220 -14.60 -41.64 63.48
CA ASP D 220 -13.87 -40.61 64.20
C ASP D 220 -13.62 -39.40 63.31
N GLU D 221 -13.30 -39.63 62.03
CA GLU D 221 -12.99 -38.53 61.11
C GLU D 221 -14.21 -37.66 60.82
N VAL D 222 -15.38 -38.26 60.65
CA VAL D 222 -16.58 -37.48 60.38
C VAL D 222 -16.97 -36.64 61.60
N TRP D 223 -16.70 -37.14 62.80
CA TRP D 223 -17.06 -36.38 64.00
C TRP D 223 -16.17 -35.16 64.17
N ASN D 224 -14.87 -35.31 63.95
CA ASN D 224 -13.96 -34.18 64.11
C ASN D 224 -14.11 -33.11 63.04
N ARG D 225 -14.65 -33.43 61.86
CA ARG D 225 -14.90 -32.39 60.87
C ARG D 225 -16.12 -31.54 61.22
N PHE D 226 -17.11 -32.11 61.91
CA PHE D 226 -18.15 -31.33 62.56
C PHE D 226 -17.59 -30.26 63.48
N LYS D 227 -16.61 -30.61 64.32
CA LYS D 227 -16.11 -29.65 65.28
C LYS D 227 -15.27 -28.55 64.67
N ASN D 228 -14.89 -28.65 63.40
CA ASN D 228 -14.15 -27.61 62.69
C ASN D 228 -15.00 -27.07 61.55
N LEU D 229 -16.29 -26.85 61.81
CA LEU D 229 -17.21 -26.36 60.79
C LEU D 229 -17.27 -24.83 60.76
N LYS D 230 -16.12 -24.21 60.54
CA LYS D 230 -16.06 -22.78 60.31
C LYS D 230 -16.36 -22.49 58.85
N VAL D 231 -16.91 -21.31 58.58
CA VAL D 231 -17.26 -20.95 57.20
C VAL D 231 -16.01 -20.83 56.33
N GLN D 232 -16.23 -20.85 55.01
CA GLN D 232 -15.21 -20.85 53.96
C GLN D 232 -14.24 -22.02 54.09
N ASP D 233 -14.66 -23.13 54.68
CA ASP D 233 -13.84 -24.33 54.84
C ASP D 233 -14.05 -25.20 53.62
N LEU D 234 -13.02 -25.36 52.80
CA LEU D 234 -13.10 -26.26 51.67
C LEU D 234 -13.11 -27.70 52.16
N GLU D 235 -13.81 -28.56 51.42
CA GLU D 235 -14.00 -29.95 51.80
C GLU D 235 -13.77 -30.78 50.55
N GLY D 236 -12.57 -31.39 50.47
CA GLY D 236 -12.16 -32.05 49.25
C GLY D 236 -12.89 -33.36 48.97
N ASP D 237 -13.09 -34.17 49.99
CA ASP D 237 -13.59 -35.53 49.82
C ASP D 237 -15.11 -35.47 49.67
N GLU D 238 -15.60 -35.83 48.48
CA GLU D 238 -17.03 -35.81 48.22
C GLU D 238 -17.79 -36.83 49.06
N LEU D 239 -17.20 -38.02 49.26
CA LEU D 239 -17.82 -39.06 50.08
C LEU D 239 -18.00 -38.61 51.53
N LEU D 240 -16.98 -37.94 52.09
CA LEU D 240 -17.06 -37.44 53.45
C LEU D 240 -18.15 -36.38 53.60
N TYR D 241 -18.31 -35.51 52.59
CA TYR D 241 -19.37 -34.51 52.62
C TYR D 241 -20.74 -35.15 52.67
N ARG D 242 -20.94 -36.22 51.90
CA ARG D 242 -22.21 -36.94 51.91
C ARG D 242 -22.51 -37.52 53.29
N GLU D 243 -21.48 -38.00 53.99
CA GLU D 243 -21.71 -38.52 55.33
C GLU D 243 -22.10 -37.41 56.31
N LEU D 244 -21.45 -36.24 56.20
CA LEU D 244 -21.88 -35.07 56.96
C LEU D 244 -23.31 -34.66 56.62
N ARG D 245 -23.61 -34.52 55.32
CA ARG D 245 -24.92 -34.04 54.89
C ARG D 245 -26.04 -35.00 55.28
N ASP D 246 -25.84 -36.30 55.06
CA ASP D 246 -26.90 -37.27 55.32
C ASP D 246 -27.19 -37.41 56.81
N ARG D 247 -26.14 -37.54 57.63
CA ARG D 247 -26.33 -37.73 59.06
C ARG D 247 -26.94 -36.51 59.75
N PHE D 248 -26.69 -35.30 59.24
CA PHE D 248 -27.24 -34.12 59.89
C PHE D 248 -27.32 -32.95 58.93
N GLY D 249 -28.53 -32.40 58.83
CA GLY D 249 -28.78 -31.16 58.14
C GLY D 249 -29.22 -30.11 59.13
N THR D 250 -29.62 -28.95 58.59
CA THR D 250 -30.13 -27.74 59.25
C THR D 250 -29.11 -27.10 60.18
N TYR D 251 -27.86 -27.57 60.17
CA TYR D 251 -26.79 -26.99 60.96
C TYR D 251 -25.69 -26.42 60.07
N PHE D 252 -25.11 -27.22 59.18
CA PHE D 252 -24.17 -26.70 58.20
C PHE D 252 -24.83 -26.64 56.82
N ASP D 253 -24.71 -25.49 56.17
CA ASP D 253 -25.16 -25.29 54.80
C ASP D 253 -23.94 -25.33 53.87
N GLY D 254 -23.96 -26.25 52.91
CA GLY D 254 -22.84 -26.43 52.01
C GLY D 254 -23.31 -26.33 50.58
N SER D 255 -22.38 -25.95 49.70
CA SER D 255 -22.72 -25.76 48.29
C SER D 255 -21.46 -25.94 47.45
N MET D 256 -21.59 -25.67 46.15
CA MET D 256 -20.55 -25.88 45.17
C MET D 256 -20.68 -24.85 44.07
N GLY D 257 -19.57 -24.38 43.55
CA GLY D 257 -19.59 -23.48 42.41
C GLY D 257 -19.86 -22.02 42.71
N ALA D 258 -20.14 -21.29 41.62
CA ALA D 258 -20.34 -19.84 41.69
C ALA D 258 -21.53 -19.44 42.55
N ALA D 259 -22.53 -20.31 42.67
CA ALA D 259 -23.65 -20.02 43.56
C ALA D 259 -23.21 -19.96 45.01
N ALA D 260 -22.27 -20.83 45.40
CA ALA D 260 -21.70 -20.80 46.75
C ALA D 260 -20.97 -19.50 47.03
N LEU D 261 -20.19 -19.03 46.05
CA LEU D 261 -19.47 -17.77 46.19
C LEU D 261 -20.40 -16.60 46.36
N GLN D 262 -21.51 -16.60 45.61
CA GLN D 262 -22.50 -15.54 45.72
C GLN D 262 -23.08 -15.48 47.12
N LYS D 263 -23.35 -16.64 47.71
CA LYS D 263 -23.83 -16.69 49.08
C LYS D 263 -22.77 -16.16 50.06
N ARG D 264 -21.50 -16.49 49.83
CA ARG D 264 -20.43 -16.04 50.71
C ARG D 264 -20.30 -14.52 50.69
N LEU D 265 -20.36 -13.91 49.50
CA LEU D 265 -20.31 -12.45 49.41
C LEU D 265 -21.54 -11.81 50.03
N GLU D 266 -22.70 -12.46 49.97
CA GLU D 266 -23.89 -11.95 50.63
C GLU D 266 -23.69 -11.87 52.14
N SER D 267 -23.07 -12.88 52.72
CA SER D 267 -22.86 -12.96 54.16
C SER D 267 -21.61 -12.24 54.61
N PHE D 268 -20.89 -11.60 53.70
CA PHE D 268 -19.67 -10.89 54.03
C PHE D 268 -19.97 -9.63 54.83
N ASP D 269 -19.10 -9.33 55.79
CA ASP D 269 -19.19 -8.11 56.59
C ASP D 269 -17.84 -7.43 56.35
N LEU D 270 -17.77 -6.62 55.29
CA LEU D 270 -16.48 -6.09 54.84
C LEU D 270 -15.88 -5.03 55.74
N ASP D 271 -16.70 -4.28 56.50
CA ASP D 271 -16.13 -3.29 57.41
C ASP D 271 -15.35 -3.94 58.54
N GLU D 272 -15.89 -5.01 59.12
CA GLU D 272 -15.22 -5.74 60.18
C GLU D 272 -13.95 -6.42 59.70
N GLU D 273 -13.94 -6.93 58.48
CA GLU D 273 -12.73 -7.50 57.91
C GLU D 273 -11.61 -6.46 57.79
N ALA D 274 -11.97 -5.24 57.38
CA ALA D 274 -10.99 -4.16 57.29
C ALA D 274 -10.39 -3.82 58.64
N GLU D 275 -11.21 -3.78 59.69
CA GLU D 275 -10.74 -3.46 61.03
C GLU D 275 -9.72 -4.48 61.53
N ARG D 276 -10.00 -5.76 61.34
CA ARG D 276 -9.06 -6.80 61.76
C ARG D 276 -7.80 -6.76 60.91
N LEU D 277 -7.91 -6.34 59.65
CA LEU D 277 -6.73 -6.23 58.80
C LEU D 277 -5.87 -5.04 59.20
N ARG D 278 -6.51 -3.93 59.60
CA ARG D 278 -5.78 -2.78 60.14
C ARG D 278 -5.04 -3.11 61.42
N GLU D 279 -5.67 -3.86 62.32
CA GLU D 279 -5.02 -4.28 63.56
C GLU D 279 -3.77 -5.10 63.30
N ILE D 280 -3.81 -6.00 62.32
CA ILE D 280 -2.62 -6.78 61.96
C ILE D 280 -1.52 -5.86 61.45
N ILE D 281 -1.88 -4.86 60.65
CA ILE D 281 -0.90 -3.89 60.17
C ILE D 281 -0.36 -3.07 61.33
N ARG D 282 -1.22 -2.70 62.29
CA ARG D 282 -0.77 -1.96 63.47
C ARG D 282 0.17 -2.80 64.34
N THR D 283 -0.13 -4.09 64.53
CA THR D 283 0.72 -4.98 65.32
C THR D 283 0.93 -6.31 64.61
N GLY D 284 1.97 -6.37 63.79
CA GLY D 284 2.30 -7.57 63.05
C GLY D 284 3.73 -7.54 62.61
N LYS D 285 4.26 -8.71 62.29
CA LYS D 285 5.66 -8.85 61.93
C LYS D 285 5.78 -9.89 60.83
N GLY D 286 6.89 -9.83 60.12
CA GLY D 286 7.18 -10.82 59.12
C GLY D 286 6.33 -10.61 57.88
N GLN D 287 6.35 -11.63 57.02
CA GLN D 287 5.54 -11.62 55.81
C GLN D 287 4.04 -11.63 56.09
N LYS D 288 3.63 -12.03 57.31
CA LYS D 288 2.25 -11.94 57.74
C LYS D 288 1.68 -10.52 57.63
N LYS D 289 2.49 -9.51 57.93
CA LYS D 289 2.04 -8.13 57.74
C LYS D 289 1.80 -7.79 56.27
N THR D 290 2.70 -8.26 55.39
CA THR D 290 2.59 -7.95 53.98
C THR D 290 1.34 -8.57 53.34
N ARG D 291 0.99 -9.80 53.74
CA ARG D 291 -0.24 -10.42 53.25
C ARG D 291 -1.46 -9.59 53.61
N ALA D 292 -1.52 -9.13 54.86
CA ALA D 292 -2.58 -8.21 55.27
C ALA D 292 -2.48 -6.88 54.53
N LEU D 293 -1.26 -6.43 54.22
CA LEU D 293 -1.08 -5.17 53.51
C LEU D 293 -1.67 -5.23 52.11
N LYS D 294 -1.34 -6.27 51.33
CA LYS D 294 -1.92 -6.42 49.99
C LYS D 294 -3.42 -6.60 50.04
N ARG D 295 -3.89 -7.42 50.99
CA ARG D 295 -5.32 -7.68 51.14
C ARG D 295 -6.10 -6.40 51.47
N LEU D 296 -5.52 -5.54 52.31
CA LEU D 296 -6.14 -4.27 52.69
C LEU D 296 -6.43 -3.39 51.48
N LYS D 297 -5.54 -3.38 50.49
CA LYS D 297 -5.69 -2.58 49.27
C LYS D 297 -7.01 -2.83 48.57
N VAL D 298 -7.34 -4.10 48.32
CA VAL D 298 -8.56 -4.42 47.60
C VAL D 298 -9.80 -4.18 48.47
N VAL D 299 -9.77 -4.67 49.72
CA VAL D 299 -10.97 -4.60 50.57
C VAL D 299 -11.33 -3.17 50.99
N SER D 300 -10.35 -2.29 51.21
CA SER D 300 -10.65 -0.91 51.58
C SER D 300 -11.38 -0.17 50.46
N ALA D 301 -10.99 -0.44 49.21
CA ALA D 301 -11.63 0.18 48.05
C ALA D 301 -13.13 -0.10 48.00
N PHE D 302 -13.54 -1.30 48.37
CA PHE D 302 -14.96 -1.63 48.41
C PHE D 302 -15.75 -0.83 49.45
N LEU D 303 -15.23 -0.66 50.66
CA LEU D 303 -15.96 0.09 51.68
C LEU D 303 -16.14 1.58 51.36
N GLN D 304 -15.09 2.26 50.88
CA GLN D 304 -15.21 3.67 50.54
C GLN D 304 -16.18 3.89 49.36
N THR D 305 -16.08 3.07 48.34
CA THR D 305 -16.98 3.16 47.20
C THR D 305 -18.35 2.62 47.60
N SER D 306 -19.41 3.26 47.06
CA SER D 306 -20.75 2.73 47.27
C SER D 306 -20.95 1.33 46.69
N ASN D 307 -20.36 1.05 45.51
CA ASN D 307 -20.59 -0.25 44.85
C ASN D 307 -20.20 -1.45 45.70
N SER D 308 -21.08 -2.42 45.73
CA SER D 308 -21.01 -3.65 46.50
C SER D 308 -20.09 -4.65 45.79
N PRO D 309 -19.47 -5.56 46.55
CA PRO D 309 -18.62 -6.58 45.93
C PRO D 309 -19.33 -7.56 45.03
N LYS D 310 -20.66 -7.69 45.09
CA LYS D 310 -21.43 -8.67 44.33
C LYS D 310 -21.28 -8.60 42.81
N GLY D 311 -20.66 -7.54 42.27
CA GLY D 311 -20.37 -7.45 40.86
C GLY D 311 -19.40 -8.48 40.31
N MET D 312 -18.66 -9.17 41.19
CA MET D 312 -17.81 -10.28 40.76
C MET D 312 -18.61 -11.36 40.05
N VAL D 313 -19.73 -11.78 40.62
CA VAL D 313 -20.55 -12.87 40.09
C VAL D 313 -21.66 -12.25 39.24
N LEU D 314 -21.49 -12.34 37.93
CA LEU D 314 -22.48 -11.83 36.98
C LEU D 314 -23.63 -12.80 36.78
N ASP D 315 -24.85 -12.27 36.83
CA ASP D 315 -26.05 -13.05 36.54
C ASP D 315 -26.49 -12.96 35.08
N CYS D 316 -26.28 -11.80 34.44
CA CYS D 316 -26.71 -11.61 33.06
C CYS D 316 -25.55 -11.13 32.21
N VAL D 317 -25.34 -11.78 31.07
CA VAL D 317 -24.23 -11.48 30.18
C VAL D 317 -24.71 -10.49 29.14
N PRO D 318 -24.17 -9.28 29.08
CA PRO D 318 -24.52 -8.35 28.00
C PRO D 318 -24.00 -8.82 26.66
N VAL D 319 -24.66 -8.39 25.58
CA VAL D 319 -24.24 -8.77 24.23
C VAL D 319 -23.88 -7.53 23.42
N ILE D 320 -22.82 -7.65 22.66
CA ILE D 320 -22.32 -6.62 21.75
C ILE D 320 -23.36 -6.33 20.67
N PRO D 321 -23.55 -5.07 20.28
CA PRO D 321 -24.49 -4.75 19.22
C PRO D 321 -24.09 -5.41 17.91
N PRO D 322 -25.07 -5.80 17.08
CA PRO D 322 -24.78 -6.65 15.91
C PRO D 322 -23.84 -6.07 14.88
N ASP D 323 -23.88 -4.76 14.64
CA ASP D 323 -22.98 -4.15 13.67
C ASP D 323 -21.52 -4.28 14.07
N LEU D 324 -21.26 -4.37 15.37
CA LEU D 324 -19.91 -4.56 15.87
C LEU D 324 -19.44 -6.01 15.76
N ARG D 325 -20.32 -6.93 15.38
CA ARG D 325 -19.92 -8.32 15.08
C ARG D 325 -20.61 -8.78 13.79
N PRO D 326 -20.19 -8.25 12.64
CA PRO D 326 -21.02 -8.35 11.44
C PRO D 326 -20.99 -9.73 10.76
N MET D 327 -22.18 -10.19 10.37
CA MET D 327 -22.34 -11.33 9.46
C MET D 327 -22.42 -10.83 8.01
N VAL D 328 -21.32 -10.21 7.60
CA VAL D 328 -21.27 -9.54 6.30
C VAL D 328 -21.26 -10.57 5.17
N GLN D 329 -22.10 -10.36 4.17
CA GLN D 329 -22.02 -11.10 2.92
C GLN D 329 -20.67 -10.84 2.25
N LEU D 330 -20.11 -11.87 1.63
CA LEU D 330 -18.82 -11.80 0.99
C LEU D 330 -19.03 -12.12 -0.48
N ASP D 331 -18.32 -11.42 -1.35
CA ASP D 331 -18.49 -11.63 -2.79
C ASP D 331 -18.11 -13.05 -3.16
N GLY D 332 -18.85 -13.62 -4.10
CA GLY D 332 -18.70 -15.01 -4.42
C GLY D 332 -19.71 -15.90 -3.73
N GLY D 333 -20.72 -15.33 -3.10
CA GLY D 333 -21.71 -16.08 -2.34
C GLY D 333 -21.27 -16.62 -1.01
N ARG D 334 -20.05 -16.35 -0.56
CA ARG D 334 -19.59 -16.89 0.71
C ARG D 334 -20.07 -15.96 1.84
N PHE D 335 -19.57 -16.19 3.05
CA PHE D 335 -19.97 -15.34 4.17
C PHE D 335 -18.78 -15.11 5.07
N ALA D 336 -18.87 -14.03 5.83
CA ALA D 336 -17.79 -13.63 6.72
C ALA D 336 -18.40 -13.19 8.03
N THR D 337 -17.98 -13.82 9.12
CA THR D 337 -18.57 -13.67 10.43
C THR D 337 -17.46 -13.35 11.41
N SER D 338 -17.78 -12.62 12.46
CA SER D 338 -16.79 -12.35 13.49
C SER D 338 -16.91 -13.39 14.59
N ASP D 339 -15.79 -13.64 15.26
CA ASP D 339 -15.68 -14.75 16.21
C ASP D 339 -16.57 -14.61 17.43
N LEU D 340 -16.97 -13.39 17.79
CA LEU D 340 -17.87 -13.17 18.90
C LEU D 340 -19.20 -13.91 18.75
N ASN D 341 -19.69 -14.02 17.52
CA ASN D 341 -20.91 -14.78 17.23
C ASN D 341 -20.77 -16.24 17.66
N ASP D 342 -19.64 -16.87 17.35
CA ASP D 342 -19.41 -18.25 17.76
C ASP D 342 -19.38 -18.38 19.28
N LEU D 343 -18.67 -17.48 19.96
CA LEU D 343 -18.57 -17.53 21.41
C LEU D 343 -19.90 -17.23 22.08
N TYR D 344 -20.65 -16.26 21.55
CA TYR D 344 -21.99 -15.99 22.05
C TYR D 344 -22.92 -17.16 21.80
N ARG D 345 -22.74 -17.86 20.67
CA ARG D 345 -23.55 -19.04 20.37
C ARG D 345 -23.38 -20.13 21.41
N ARG D 346 -22.16 -20.37 21.86
CA ARG D 346 -21.90 -21.44 22.84
C ARG D 346 -22.56 -21.17 24.18
N VAL D 347 -22.45 -19.94 24.69
CA VAL D 347 -23.02 -19.65 26.00
C VAL D 347 -24.54 -19.71 25.94
N ILE D 348 -25.13 -19.30 24.82
CA ILE D 348 -26.58 -19.40 24.63
C ILE D 348 -27.01 -20.87 24.56
N ASN D 349 -26.26 -21.68 23.80
CA ASN D 349 -26.53 -23.11 23.71
C ASN D 349 -26.48 -23.81 25.06
N ARG D 350 -25.40 -23.57 25.82
CA ARG D 350 -25.22 -24.28 27.09
C ARG D 350 -26.19 -23.80 28.15
N ASN D 351 -26.52 -22.51 28.16
CA ASN D 351 -27.53 -22.01 29.07
C ASN D 351 -28.90 -22.59 28.77
N ASN D 352 -29.22 -22.71 27.47
CA ASN D 352 -30.52 -23.26 27.07
C ASN D 352 -30.67 -24.71 27.50
N ARG D 353 -29.61 -25.50 27.36
CA ARG D 353 -29.66 -26.91 27.75
C ARG D 353 -29.77 -27.07 29.25
N LEU D 354 -29.11 -26.19 30.01
CA LEU D 354 -29.20 -26.17 31.46
C LEU D 354 -30.62 -25.97 31.94
N LYS D 355 -31.37 -25.11 31.27
CA LYS D 355 -32.79 -24.94 31.60
C LYS D 355 -33.56 -26.24 31.39
N ARG D 356 -33.28 -26.94 30.29
CA ARG D 356 -33.92 -28.24 30.04
C ARG D 356 -33.57 -29.27 31.11
N LEU D 357 -32.28 -29.37 31.47
CA LEU D 357 -31.84 -30.32 32.48
C LEU D 357 -32.44 -30.01 33.86
N LEU D 358 -32.51 -28.73 34.21
CA LEU D 358 -33.09 -28.38 35.51
C LEU D 358 -34.59 -28.65 35.55
N ASP D 359 -35.28 -28.44 34.41
CA ASP D 359 -36.73 -28.63 34.35
C ASP D 359 -37.13 -30.07 34.63
N LEU D 360 -36.56 -31.02 33.91
CA LEU D 360 -36.87 -32.38 34.28
C LEU D 360 -35.97 -32.82 35.41
N GLY D 361 -36.39 -33.86 36.14
CA GLY D 361 -35.56 -34.42 37.19
C GLY D 361 -34.29 -35.02 36.63
N ALA D 362 -33.15 -34.49 37.02
CA ALA D 362 -31.86 -34.94 36.53
C ALA D 362 -30.93 -35.13 37.73
N PRO D 363 -29.88 -35.99 37.61
CA PRO D 363 -29.01 -36.23 38.76
C PRO D 363 -28.10 -35.06 39.11
N GLU D 364 -27.20 -35.24 40.06
CA GLU D 364 -26.26 -34.17 40.36
C GLU D 364 -25.10 -34.18 39.38
N ILE D 365 -24.69 -35.38 38.93
CA ILE D 365 -23.52 -35.52 38.06
C ILE D 365 -23.74 -34.83 36.73
N ILE D 366 -24.92 -35.03 36.14
CA ILE D 366 -25.20 -34.48 34.82
C ILE D 366 -25.39 -32.97 34.86
N VAL D 367 -26.13 -32.47 35.85
CA VAL D 367 -26.36 -31.03 35.99
C VAL D 367 -25.06 -30.29 36.33
N ASN D 368 -24.19 -30.90 37.14
CA ASN D 368 -22.91 -30.28 37.47
C ASN D 368 -22.03 -30.09 36.25
N ASN D 369 -22.00 -31.08 35.36
CA ASN D 369 -21.23 -30.97 34.13
C ASN D 369 -21.72 -29.85 33.24
N GLU D 370 -23.04 -29.65 33.18
CA GLU D 370 -23.58 -28.55 32.37
C GLU D 370 -23.22 -27.19 32.99
N LYS D 371 -23.37 -27.07 34.31
CA LYS D 371 -22.96 -25.86 35.01
C LYS D 371 -21.47 -25.60 34.88
N ARG D 372 -20.66 -26.64 34.88
CA ARG D 372 -19.23 -26.49 34.64
C ARG D 372 -18.95 -26.00 33.23
N MET D 373 -19.63 -26.55 32.22
CA MET D 373 -19.42 -26.15 30.84
C MET D 373 -19.95 -24.74 30.58
N LEU D 374 -21.05 -24.37 31.22
CA LEU D 374 -21.56 -23.01 31.11
C LEU D 374 -20.57 -22.00 31.64
N GLN D 375 -19.99 -22.29 32.81
CA GLN D 375 -18.97 -21.42 33.41
C GLN D 375 -17.76 -21.29 32.51
N GLU D 376 -17.31 -22.39 31.91
CA GLU D 376 -16.18 -22.36 30.99
C GLU D 376 -16.48 -21.55 29.74
N ALA D 377 -17.72 -21.64 29.24
CA ALA D 377 -18.10 -20.91 28.02
C ALA D 377 -18.05 -19.40 28.23
N VAL D 378 -18.53 -18.92 29.37
CA VAL D 378 -18.49 -17.49 29.67
C VAL D 378 -17.06 -17.00 29.81
N ASP D 379 -16.19 -17.81 30.44
CA ASP D 379 -14.77 -17.52 30.56
C ASP D 379 -14.11 -17.31 29.19
N ALA D 380 -14.42 -18.19 28.24
CA ALA D 380 -13.84 -18.08 26.90
C ALA D 380 -14.26 -16.77 26.23
N LEU D 381 -15.51 -16.36 26.43
CA LEU D 381 -16.01 -15.14 25.81
C LEU D 381 -15.29 -13.90 26.30
N PHE D 382 -15.05 -13.79 27.61
CA PHE D 382 -14.45 -12.56 28.12
C PHE D 382 -12.95 -12.54 27.96
N ASP D 383 -12.27 -13.66 28.17
CA ASP D 383 -10.82 -13.73 28.00
C ASP D 383 -10.48 -15.15 27.60
N ASN D 384 -10.30 -15.37 26.31
CA ASN D 384 -9.95 -16.68 25.81
C ASN D 384 -8.49 -16.98 26.07
N GLY D 385 -8.22 -18.08 26.76
CA GLY D 385 -6.86 -18.49 27.03
C GLY D 385 -6.31 -18.18 28.41
N ARG D 386 -7.13 -17.67 29.33
CA ARG D 386 -6.64 -17.48 30.68
C ARG D 386 -6.72 -18.73 31.52
N ARG D 387 -7.34 -19.79 31.01
CA ARG D 387 -7.40 -21.04 31.74
C ARG D 387 -7.37 -22.17 30.73
N GLY D 388 -6.35 -23.01 30.81
CA GLY D 388 -6.16 -24.19 29.99
C GLY D 388 -6.05 -23.87 28.51
N ARG D 389 -6.48 -24.84 27.69
CA ARG D 389 -6.49 -24.67 26.25
C ARG D 389 -7.60 -23.72 25.83
N PRO D 390 -7.37 -22.93 24.78
CA PRO D 390 -8.44 -22.05 24.27
C PRO D 390 -9.40 -22.81 23.37
N VAL D 391 -10.56 -22.20 23.12
CA VAL D 391 -11.54 -22.75 22.19
C VAL D 391 -11.07 -22.43 20.76
N THR D 392 -10.44 -23.40 20.12
CA THR D 392 -9.80 -23.16 18.83
C THR D 392 -10.79 -23.07 17.67
N GLY D 393 -12.01 -23.57 17.82
CA GLY D 393 -12.97 -23.57 16.74
C GLY D 393 -12.56 -24.43 15.56
N PRO D 394 -12.17 -23.80 14.43
CA PRO D 394 -11.71 -24.58 13.27
C PRO D 394 -10.43 -25.37 13.49
N GLY D 395 -9.65 -25.06 14.52
CA GLY D 395 -8.44 -25.78 14.84
C GLY D 395 -7.18 -25.15 14.33
N ASN D 396 -7.30 -24.29 13.32
CA ASN D 396 -6.16 -23.64 12.72
C ASN D 396 -5.67 -22.45 13.53
N ARG D 397 -6.48 -21.93 14.46
CA ARG D 397 -6.22 -20.64 15.07
C ARG D 397 -7.12 -20.43 16.28
N PRO D 398 -6.62 -19.80 17.36
CA PRO D 398 -7.48 -19.44 18.49
C PRO D 398 -8.57 -18.46 18.11
N LEU D 399 -9.74 -18.62 18.70
CA LEU D 399 -10.81 -17.67 18.45
C LEU D 399 -10.50 -16.35 19.13
N LYS D 400 -10.93 -15.25 18.50
CA LYS D 400 -10.77 -13.94 19.09
C LYS D 400 -11.73 -13.82 20.26
N SER D 401 -11.48 -12.88 21.16
CA SER D 401 -12.27 -12.73 22.35
C SER D 401 -12.48 -11.25 22.60
N LEU D 402 -13.43 -10.96 23.50
CA LEU D 402 -13.70 -9.60 23.96
C LEU D 402 -12.45 -8.85 24.38
N SER D 403 -11.69 -9.39 25.33
CA SER D 403 -10.47 -8.73 25.79
C SER D 403 -9.38 -8.70 24.74
N ASP D 404 -9.39 -9.65 23.80
CA ASP D 404 -8.38 -9.67 22.75
C ASP D 404 -8.48 -8.45 21.85
N MET D 405 -9.68 -7.91 21.67
CA MET D 405 -9.84 -6.64 20.97
C MET D 405 -9.24 -5.47 21.73
N LEU D 406 -9.12 -5.59 23.04
CA LEU D 406 -8.65 -4.50 23.89
C LEU D 406 -7.20 -4.68 24.31
N LYS D 407 -6.37 -5.30 23.49
CA LYS D 407 -5.06 -5.66 24.01
C LYS D 407 -4.05 -5.73 22.89
N GLY D 408 -2.82 -5.40 23.24
CA GLY D 408 -1.69 -5.57 22.34
C GLY D 408 -1.53 -4.42 21.37
N LYS D 409 -0.53 -4.59 20.51
CA LYS D 409 -0.21 -3.60 19.48
C LYS D 409 -1.36 -3.44 18.49
N GLN D 410 -2.07 -4.53 18.19
CA GLN D 410 -3.19 -4.54 17.27
C GLN D 410 -4.52 -4.24 17.97
N GLY D 411 -4.52 -4.05 19.28
CA GLY D 411 -5.71 -3.70 20.01
C GLY D 411 -6.30 -2.36 19.62
N ARG D 412 -7.57 -2.18 20.00
CA ARG D 412 -8.30 -0.92 19.75
C ARG D 412 -7.56 0.32 20.21
N PHE D 413 -6.90 0.24 21.37
CA PHE D 413 -6.21 1.40 21.92
C PHE D 413 -5.05 1.83 21.04
N ARG D 414 -4.18 0.91 20.65
CA ARG D 414 -2.96 1.26 19.95
C ARG D 414 -3.06 1.19 18.44
N GLN D 415 -4.22 0.84 17.89
CA GLN D 415 -4.35 0.74 16.46
C GLN D 415 -5.50 1.55 15.89
N ASN D 416 -6.50 1.90 16.68
CA ASN D 416 -7.64 2.64 16.17
C ASN D 416 -8.01 3.84 17.03
N LEU D 417 -7.22 4.18 18.00
CA LEU D 417 -7.58 5.36 18.77
C LEU D 417 -6.44 6.35 18.86
N LEU D 418 -5.20 5.87 18.95
CA LEU D 418 -4.05 6.75 18.89
C LEU D 418 -3.63 7.00 17.45
N GLY D 419 -3.54 5.96 16.64
CA GLY D 419 -3.15 6.10 15.25
C GLY D 419 -4.14 5.59 14.20
N LYS D 420 -4.72 6.47 13.41
CA LYS D 420 -5.70 6.11 12.41
C LYS D 420 -5.19 6.35 11.00
N ARG D 421 -5.83 5.71 10.03
CA ARG D 421 -5.62 6.06 8.63
C ARG D 421 -6.40 7.32 8.32
N VAL D 422 -6.03 8.02 7.24
CA VAL D 422 -6.57 9.36 7.02
C VAL D 422 -6.92 9.58 5.55
N ASP D 423 -7.97 10.37 5.32
CA ASP D 423 -8.29 10.82 3.97
C ASP D 423 -7.37 11.97 3.61
N TYR D 424 -7.43 12.35 2.33
CA TYR D 424 -6.67 13.46 1.75
C TYR D 424 -5.18 13.26 2.00
N SER D 425 -4.69 12.10 1.58
CA SER D 425 -3.33 11.69 1.85
C SER D 425 -2.83 10.87 0.68
N ALA D 426 -1.52 10.74 0.59
CA ALA D 426 -0.93 10.13 -0.60
C ALA D 426 0.44 9.58 -0.27
N ARG D 427 1.08 8.96 -1.27
CA ARG D 427 2.36 8.32 -1.07
C ARG D 427 3.08 8.19 -2.41
N SER D 428 4.42 8.26 -2.40
CA SER D 428 5.26 8.11 -3.60
C SER D 428 6.73 8.09 -3.19
N VAL D 429 7.56 7.52 -4.09
CA VAL D 429 9.03 7.57 -3.91
C VAL D 429 9.54 9.00 -4.06
N ILE D 430 10.75 9.23 -3.55
CA ILE D 430 11.31 10.58 -3.54
C ILE D 430 12.63 10.60 -4.29
N VAL D 431 12.88 11.73 -4.94
CA VAL D 431 14.08 11.99 -5.73
C VAL D 431 14.62 13.34 -5.29
N VAL D 432 15.84 13.64 -5.68
CA VAL D 432 16.51 14.86 -5.26
C VAL D 432 16.32 15.94 -6.30
N GLY D 433 15.86 17.11 -5.87
CA GLY D 433 15.82 18.24 -6.75
C GLY D 433 16.62 19.40 -6.20
N PRO D 434 17.73 19.71 -6.81
CA PRO D 434 18.63 20.71 -6.25
C PRO D 434 18.17 22.13 -6.54
N GLN D 435 17.45 22.33 -7.64
CA GLN D 435 17.04 23.67 -8.04
C GLN D 435 15.93 24.25 -7.17
N LEU D 436 15.32 23.45 -6.30
CA LEU D 436 14.29 23.90 -5.39
C LEU D 436 14.84 24.85 -4.33
N LYS D 437 13.96 25.64 -3.73
CA LYS D 437 14.28 26.40 -2.54
C LYS D 437 13.95 25.58 -1.31
N LEU D 438 14.40 26.06 -0.15
CA LEU D 438 14.28 25.32 1.10
C LEU D 438 12.83 25.04 1.46
N HIS D 439 11.93 25.95 1.12
CA HIS D 439 10.52 25.83 1.48
C HIS D 439 9.69 25.30 0.33
N GLN D 440 10.25 24.48 -0.55
CA GLN D 440 9.54 24.01 -1.73
C GLN D 440 9.73 22.52 -1.91
N CYS D 441 8.70 21.87 -2.43
CA CYS D 441 8.75 20.46 -2.78
C CYS D 441 8.02 20.29 -4.10
N GLY D 442 8.42 19.28 -4.86
CA GLY D 442 7.71 18.98 -6.08
C GLY D 442 6.60 18.02 -5.73
N LEU D 443 5.44 18.25 -6.32
CA LEU D 443 4.29 17.37 -6.18
C LEU D 443 3.88 16.89 -7.55
N PRO D 444 3.87 15.59 -7.79
CA PRO D 444 3.46 15.07 -9.10
C PRO D 444 2.06 15.52 -9.49
N LYS D 445 1.83 15.54 -10.80
CA LYS D 445 0.60 16.09 -11.34
C LYS D 445 -0.59 15.22 -10.93
N ALA D 446 -0.49 13.92 -11.20
CA ALA D 446 -1.57 12.98 -10.91
C ALA D 446 -1.82 12.86 -9.42
N MET D 447 -0.75 12.83 -8.63
CA MET D 447 -0.86 12.78 -7.17
C MET D 447 -1.61 13.98 -6.62
N ALA D 448 -1.21 15.19 -7.03
CA ALA D 448 -1.84 16.40 -6.54
C ALA D 448 -3.30 16.51 -6.97
N LEU D 449 -3.62 16.05 -8.18
CA LEU D 449 -4.98 16.08 -8.68
C LEU D 449 -5.94 15.27 -7.82
N GLU D 450 -5.51 14.09 -7.39
CA GLU D 450 -6.37 13.26 -6.56
C GLU D 450 -6.46 13.78 -5.12
N LEU D 451 -5.42 14.47 -4.63
CA LEU D 451 -5.52 15.08 -3.31
C LEU D 451 -6.48 16.26 -3.32
N PHE D 452 -6.34 17.15 -4.29
CA PHE D 452 -7.09 18.41 -4.32
C PHE D 452 -8.36 18.30 -5.12
N LYS D 453 -8.97 17.13 -5.20
CA LYS D 453 -10.17 16.95 -6.00
C LYS D 453 -11.36 17.81 -5.57
N PRO D 454 -11.73 17.97 -4.28
CA PRO D 454 -12.82 18.91 -3.96
C PRO D 454 -12.54 20.35 -4.36
N PHE D 455 -11.32 20.82 -4.19
CA PHE D 455 -10.99 22.20 -4.49
C PHE D 455 -11.02 22.47 -5.98
N VAL D 456 -10.57 21.52 -6.79
CA VAL D 456 -10.59 21.66 -8.24
C VAL D 456 -12.02 21.71 -8.76
N MET D 457 -12.90 20.86 -8.21
CA MET D 457 -14.30 20.85 -8.61
C MET D 457 -15.00 22.18 -8.32
N LYS D 458 -14.76 22.77 -7.14
CA LYS D 458 -15.37 24.05 -6.79
C LYS D 458 -14.94 25.16 -7.73
N ARG D 459 -13.64 25.23 -8.04
CA ARG D 459 -13.13 26.25 -8.95
C ARG D 459 -13.61 26.03 -10.38
N LEU D 460 -13.71 24.76 -10.81
CA LEU D 460 -14.17 24.46 -12.17
C LEU D 460 -15.59 24.95 -12.40
N VAL D 461 -16.46 24.80 -11.38
CA VAL D 461 -17.82 25.32 -11.46
C VAL D 461 -17.81 26.86 -11.51
N ASP D 462 -16.99 27.49 -10.67
CA ASP D 462 -16.97 28.95 -10.59
C ASP D 462 -16.40 29.57 -11.86
N LEU D 463 -15.40 28.92 -12.45
CA LEU D 463 -14.81 29.43 -13.68
C LEU D 463 -15.62 29.02 -14.91
N ASN D 464 -16.74 28.33 -14.72
CA ASN D 464 -17.75 27.95 -15.71
C ASN D 464 -17.26 26.96 -16.75
N HIS D 465 -16.07 26.39 -16.59
CA HIS D 465 -15.64 25.29 -17.45
C HIS D 465 -16.51 24.06 -17.28
N ALA D 466 -17.01 23.82 -16.07
CA ALA D 466 -17.93 22.72 -15.81
C ALA D 466 -19.25 23.27 -15.32
N GLN D 467 -20.33 22.73 -15.87
CA GLN D 467 -21.68 23.19 -15.54
C GLN D 467 -22.03 22.98 -14.07
N ASN D 468 -22.08 21.71 -13.64
CA ASN D 468 -22.55 21.36 -12.30
C ASN D 468 -21.56 20.45 -11.62
N ILE D 469 -21.92 20.04 -10.40
CA ILE D 469 -21.02 19.29 -9.52
C ILE D 469 -20.71 17.91 -10.09
N LYS D 470 -21.73 17.20 -10.60
CA LYS D 470 -21.49 15.89 -11.22
C LYS D 470 -20.71 16.00 -12.51
N SER D 471 -21.01 17.01 -13.32
CA SER D 471 -20.23 17.27 -14.52
C SER D 471 -18.79 17.66 -14.22
N ALA D 472 -18.56 18.37 -13.11
CA ALA D 472 -17.21 18.67 -12.66
C ALA D 472 -16.45 17.41 -12.26
N LYS D 473 -17.14 16.50 -11.55
CA LYS D 473 -16.59 15.22 -11.16
C LYS D 473 -16.13 14.39 -12.35
N ARG D 474 -16.96 14.31 -13.38
CA ARG D 474 -16.62 13.54 -14.57
C ARG D 474 -15.41 14.12 -15.28
N MET D 475 -15.28 15.44 -15.30
CA MET D 475 -14.18 16.09 -16.02
C MET D 475 -12.82 15.77 -15.39
N VAL D 476 -12.73 15.80 -14.06
CA VAL D 476 -11.45 15.51 -13.41
C VAL D 476 -11.10 14.02 -13.50
N GLU D 477 -12.09 13.13 -13.40
CA GLU D 477 -11.82 11.69 -13.52
C GLU D 477 -11.33 11.30 -14.90
N ARG D 478 -11.91 11.86 -15.96
CA ARG D 478 -11.38 11.64 -17.29
C ARG D 478 -9.99 12.26 -17.43
N GLY D 479 -9.79 13.42 -16.82
CA GLY D 479 -8.50 14.05 -16.89
C GLY D 479 -8.43 14.91 -18.14
N ARG D 480 -9.43 15.77 -18.32
CA ARG D 480 -9.43 16.62 -19.49
C ARG D 480 -8.44 17.76 -19.32
N THR D 481 -8.11 18.38 -20.44
CA THR D 481 -7.05 19.38 -20.51
C THR D 481 -7.32 20.61 -19.66
N VAL D 482 -8.58 21.02 -19.55
CA VAL D 482 -8.97 22.20 -18.76
C VAL D 482 -8.63 22.08 -17.28
N VAL D 483 -8.62 20.85 -16.74
CA VAL D 483 -8.38 20.63 -15.32
C VAL D 483 -6.98 21.05 -14.89
N TYR D 484 -5.96 20.78 -15.71
CA TYR D 484 -4.58 21.10 -15.33
C TYR D 484 -4.34 22.59 -15.18
N ASP D 485 -4.98 23.41 -16.02
CA ASP D 485 -4.87 24.86 -15.87
C ASP D 485 -5.50 25.33 -14.55
N VAL D 486 -6.68 24.81 -14.24
CA VAL D 486 -7.37 25.13 -12.99
C VAL D 486 -6.59 24.66 -11.77
N LEU D 487 -5.94 23.49 -11.87
CA LEU D 487 -5.22 22.89 -10.74
C LEU D 487 -4.07 23.75 -10.23
N GLU D 488 -3.23 24.25 -11.14
CA GLU D 488 -2.12 25.13 -10.75
C GLU D 488 -2.59 26.38 -10.03
N GLU D 489 -3.81 26.85 -10.35
CA GLU D 489 -4.36 28.03 -9.69
C GLU D 489 -4.70 27.76 -8.22
N VAL D 490 -5.10 26.54 -7.89
CA VAL D 490 -5.67 26.31 -6.57
C VAL D 490 -4.63 25.82 -5.56
N ILE D 491 -3.58 25.14 -6.01
CA ILE D 491 -2.57 24.59 -5.09
C ILE D 491 -1.70 25.69 -4.49
N ALA D 492 -1.51 26.81 -5.19
CA ALA D 492 -0.63 27.89 -4.74
C ALA D 492 -1.00 28.37 -3.35
N GLU D 493 0.03 28.66 -2.55
CA GLU D 493 -0.06 29.13 -1.16
C GLU D 493 -0.85 28.16 -0.28
N HIS D 494 -0.70 26.87 -0.52
CA HIS D 494 -1.41 25.85 0.26
C HIS D 494 -0.44 24.74 0.65
N PRO D 495 0.08 24.75 1.88
CA PRO D 495 1.11 23.79 2.28
C PRO D 495 0.65 22.33 2.32
N VAL D 496 1.63 21.44 2.21
CA VAL D 496 1.44 20.00 2.33
C VAL D 496 2.52 19.46 3.26
N LEU D 497 2.13 18.54 4.12
CA LEU D 497 3.01 17.96 5.15
C LEU D 497 3.67 16.69 4.63
N LEU D 498 4.95 16.76 4.29
CA LEU D 498 5.72 15.55 3.98
C LEU D 498 6.11 14.81 5.25
N ASN D 499 6.32 13.50 5.12
CA ASN D 499 6.54 12.64 6.29
C ASN D 499 7.17 11.32 5.88
N ARG D 500 8.27 10.95 6.54
CA ARG D 500 8.91 9.65 6.32
C ARG D 500 8.52 8.68 7.43
N ALA D 501 8.63 7.38 7.12
CA ALA D 501 7.96 6.32 7.88
C ALA D 501 8.39 6.15 9.34
N PRO D 502 9.68 6.02 9.71
CA PRO D 502 9.99 5.84 11.14
C PRO D 502 9.63 7.01 12.04
N THR D 503 9.74 8.26 11.55
CA THR D 503 9.47 9.54 12.25
C THR D 503 9.90 9.56 13.72
N LEU D 504 11.22 9.40 13.91
CA LEU D 504 11.82 9.33 15.23
C LEU D 504 11.62 10.60 16.04
N HIS D 505 11.97 11.75 15.47
CA HIS D 505 11.90 13.03 16.16
C HIS D 505 11.10 14.02 15.34
N ARG D 506 10.63 15.10 16.00
CA ARG D 506 9.62 16.01 15.47
C ARG D 506 9.95 16.65 14.13
N LEU D 507 11.20 16.66 13.70
CA LEU D 507 11.51 17.10 12.35
C LEU D 507 11.23 16.04 11.30
N GLY D 508 10.62 14.92 11.69
CA GLY D 508 10.17 13.94 10.73
C GLY D 508 9.04 14.46 9.86
N ILE D 509 8.16 15.28 10.42
CA ILE D 509 7.05 15.89 9.71
C ILE D 509 7.37 17.36 9.45
N GLN D 510 7.37 17.77 8.18
CA GLN D 510 7.69 19.14 7.81
C GLN D 510 6.81 19.60 6.67
N ALA D 511 6.19 20.76 6.83
CA ALA D 511 5.37 21.34 5.78
C ALA D 511 6.22 21.98 4.68
N PHE D 512 5.66 22.07 3.50
CA PHE D 512 6.37 22.60 2.34
C PHE D 512 5.37 23.30 1.44
N GLU D 513 5.85 24.21 0.63
CA GLU D 513 5.01 24.76 -0.41
C GLU D 513 5.05 23.85 -1.62
N PRO D 514 3.93 23.28 -2.05
CA PRO D 514 3.94 22.41 -3.22
C PRO D 514 4.23 23.18 -4.49
N GLN D 515 4.51 22.40 -5.53
CA GLN D 515 4.84 22.91 -6.84
C GLN D 515 4.71 21.74 -7.79
N LEU D 516 3.90 21.89 -8.83
CA LEU D 516 3.68 20.79 -9.77
C LEU D 516 4.92 20.45 -10.56
N VAL D 517 5.07 19.16 -10.84
CA VAL D 517 6.20 18.59 -11.56
C VAL D 517 5.72 17.31 -12.23
N GLU D 518 6.16 17.10 -13.46
CA GLU D 518 5.80 15.90 -14.20
C GLU D 518 6.49 14.68 -13.60
N GLY D 519 6.22 13.54 -14.16
CA GLY D 519 6.71 12.33 -13.58
C GLY D 519 5.85 11.90 -12.41
N LYS D 520 6.35 10.94 -11.65
CA LYS D 520 5.55 10.36 -10.59
C LYS D 520 6.29 10.28 -9.26
N ALA D 521 7.34 11.07 -9.08
CA ALA D 521 8.12 10.98 -7.86
C ALA D 521 8.21 12.35 -7.22
N ILE D 522 8.03 12.39 -5.90
CA ILE D 522 8.09 13.63 -5.15
C ILE D 522 9.51 14.16 -5.21
N GLN D 523 9.69 15.37 -5.74
CA GLN D 523 10.98 16.02 -5.63
C GLN D 523 11.12 16.61 -4.23
N ILE D 524 12.32 16.50 -3.67
CA ILE D 524 12.57 16.97 -2.32
C ILE D 524 13.91 17.70 -2.33
N HIS D 525 14.11 18.52 -1.35
CA HIS D 525 15.23 19.44 -1.24
C HIS D 525 16.38 18.76 -0.53
N PRO D 526 17.59 18.76 -1.11
CA PRO D 526 18.70 17.96 -0.55
C PRO D 526 19.16 18.36 0.84
N LEU D 527 18.96 19.60 1.26
CA LEU D 527 19.36 20.02 2.61
C LEU D 527 18.53 19.31 3.67
N VAL D 528 17.25 19.11 3.43
CA VAL D 528 16.35 18.59 4.45
C VAL D 528 16.37 17.07 4.56
N CYS D 529 17.28 16.43 3.81
CA CYS D 529 17.37 14.96 3.80
C CYS D 529 17.72 14.37 5.15
N THR D 530 18.70 14.95 5.84
CA THR D 530 19.13 14.36 7.11
C THR D 530 18.11 14.53 8.23
N ALA D 531 17.23 15.53 8.16
CA ALA D 531 16.17 15.62 9.15
C ALA D 531 15.19 14.47 8.99
N PHE D 532 14.83 14.14 7.76
CA PHE D 532 13.99 12.98 7.48
C PHE D 532 14.76 11.68 7.58
N ASN D 533 16.09 11.74 7.59
CA ASN D 533 17.02 10.60 7.42
C ASN D 533 16.80 9.89 6.09
N ALA D 534 16.50 10.65 5.05
CA ALA D 534 16.12 10.07 3.76
C ALA D 534 17.29 10.09 2.79
N ASP D 535 17.67 8.91 2.32
CA ASP D 535 18.55 8.74 1.17
C ASP D 535 17.66 8.42 -0.02
N PHE D 536 18.26 8.37 -1.20
CA PHE D 536 17.51 8.13 -2.42
C PHE D 536 17.76 6.76 -3.03
N ASP D 537 18.07 5.74 -2.23
CA ASP D 537 18.03 4.36 -2.70
C ASP D 537 16.66 4.01 -3.25
N GLY D 538 15.66 3.99 -2.38
CA GLY D 538 14.27 4.08 -2.76
C GLY D 538 13.51 4.26 -1.46
N ASP D 539 12.71 5.31 -1.35
CA ASP D 539 12.18 5.69 -0.04
C ASP D 539 10.86 6.41 -0.22
N GLN D 540 9.78 5.69 -0.04
CA GLN D 540 8.47 6.29 -0.18
C GLN D 540 8.19 7.25 0.98
N MET D 541 7.64 8.41 0.67
CA MET D 541 7.32 9.43 1.65
C MET D 541 5.87 9.83 1.55
N ALA D 542 5.13 9.73 2.66
CA ALA D 542 3.71 10.07 2.66
C ALA D 542 3.49 11.57 2.59
N VAL D 543 2.35 11.96 2.04
CA VAL D 543 1.98 13.36 1.84
C VAL D 543 0.60 13.58 2.44
N HIS D 544 0.51 14.47 3.40
CA HIS D 544 -0.78 14.81 3.99
C HIS D 544 -1.12 16.25 3.64
N LEU D 545 -2.41 16.56 3.67
CA LEU D 545 -2.92 17.87 3.29
C LEU D 545 -3.66 18.50 4.46
N PRO D 546 -3.24 19.65 4.99
CA PRO D 546 -4.03 20.35 6.01
C PRO D 546 -5.19 21.12 5.41
N LEU D 547 -6.39 20.91 5.95
CA LEU D 547 -7.62 21.41 5.32
C LEU D 547 -8.08 22.76 5.85
N SER D 548 -8.38 22.84 7.14
CA SER D 548 -9.07 24.01 7.68
C SER D 548 -8.14 25.20 7.78
N ALA D 549 -8.72 26.35 8.12
CA ALA D 549 -7.96 27.59 8.22
C ALA D 549 -6.95 27.57 9.36
N GLU D 550 -7.33 27.00 10.50
CA GLU D 550 -6.39 26.89 11.61
C GLU D 550 -5.27 25.92 11.29
N ALA D 551 -5.62 24.79 10.68
CA ALA D 551 -4.64 23.74 10.39
C ALA D 551 -3.60 24.17 9.37
N GLN D 552 -4.02 24.76 8.27
CA GLN D 552 -3.04 25.20 7.29
C GLN D 552 -2.25 26.42 7.76
N ALA D 553 -2.82 27.23 8.65
CA ALA D 553 -2.03 28.29 9.29
C ALA D 553 -0.86 27.71 10.09
N GLU D 554 -1.11 26.62 10.81
CA GLU D 554 -0.07 25.93 11.58
C GLU D 554 1.05 25.42 10.69
N ALA D 555 0.70 24.87 9.53
CA ALA D 555 1.73 24.40 8.60
C ALA D 555 2.58 25.54 8.05
N ARG D 556 2.04 26.75 7.96
CA ARG D 556 2.83 27.85 7.42
C ARG D 556 3.77 28.45 8.45
N ILE D 557 3.34 28.53 9.70
CA ILE D 557 4.11 29.19 10.74
C ILE D 557 4.96 28.18 11.50
N LEU D 558 4.31 27.20 12.11
CA LEU D 558 5.01 26.29 13.02
C LEU D 558 5.86 25.29 12.26
N MET D 559 5.26 24.53 11.35
CA MET D 559 5.86 23.35 10.77
C MET D 559 6.62 23.59 9.48
N LEU D 560 6.83 24.84 9.06
CA LEU D 560 7.50 25.10 7.79
C LEU D 560 8.94 24.63 7.84
N SER D 561 9.49 24.31 6.68
CA SER D 561 10.83 23.73 6.61
C SER D 561 11.94 24.76 6.67
N SER D 562 11.61 26.04 6.75
CA SER D 562 12.61 27.08 6.87
C SER D 562 12.65 27.68 8.26
N ASN D 563 11.69 27.34 9.11
CA ASN D 563 11.71 27.73 10.51
C ASN D 563 12.14 26.58 11.39
N ASN D 564 12.84 25.60 10.82
CA ASN D 564 13.30 24.42 11.53
C ASN D 564 14.74 24.12 11.13
N ILE D 565 15.58 25.15 11.17
CA ILE D 565 17.00 25.03 10.86
C ILE D 565 17.74 24.19 11.89
N LEU D 566 17.44 24.40 13.17
CA LEU D 566 18.22 23.87 14.30
C LEU D 566 17.57 22.66 14.94
N LYS D 567 18.36 21.62 15.22
CA LYS D 567 17.83 20.45 15.91
C LYS D 567 17.44 20.81 17.34
N PRO D 568 16.27 20.37 17.82
CA PRO D 568 15.85 20.73 19.17
C PRO D 568 16.62 19.99 20.25
N ALA D 569 17.38 18.96 19.88
CA ALA D 569 18.16 18.18 20.83
C ALA D 569 19.25 19.02 21.47
N ASP D 570 20.06 19.69 20.66
CA ASP D 570 21.20 20.43 21.19
C ASP D 570 21.40 21.79 20.54
N GLY D 571 20.48 22.25 19.69
CA GLY D 571 20.60 23.54 19.09
C GLY D 571 21.76 23.52 18.13
N ARG D 572 21.83 22.47 17.34
CA ARG D 572 22.87 22.36 16.35
C ARG D 572 22.24 22.41 14.96
N PRO D 573 22.96 22.91 13.95
CA PRO D 573 22.39 22.97 12.61
C PRO D 573 22.14 21.58 12.08
N VAL D 574 21.00 21.41 11.42
CA VAL D 574 20.68 20.15 10.79
C VAL D 574 20.48 20.31 9.29
N THR D 575 20.23 21.50 8.79
CA THR D 575 20.00 21.70 7.38
C THR D 575 21.24 22.16 6.64
N MET D 576 22.41 21.64 6.98
CA MET D 576 23.57 21.72 6.10
C MET D 576 24.26 20.35 6.05
N PRO D 577 23.66 19.33 5.33
CA PRO D 577 24.37 18.05 5.13
C PRO D 577 25.66 18.20 4.34
N THR D 578 26.37 17.11 4.21
CA THR D 578 27.77 17.23 3.94
C THR D 578 28.37 16.41 2.81
N GLN D 579 27.60 15.59 2.11
CA GLN D 579 28.23 14.69 1.15
C GLN D 579 28.87 15.41 -0.01
N ASP D 580 28.19 16.38 -0.58
CA ASP D 580 28.67 17.03 -1.79
C ASP D 580 28.94 18.48 -1.58
N MET D 581 28.02 19.17 -0.89
CA MET D 581 28.14 20.59 -0.64
C MET D 581 29.40 20.90 0.14
N VAL D 582 29.65 20.16 1.21
CA VAL D 582 30.81 20.40 2.07
C VAL D 582 32.11 20.11 1.34
N LEU D 583 32.11 19.07 0.51
CA LEU D 583 33.27 18.78 -0.34
C LEU D 583 33.54 19.89 -1.35
N GLY D 584 32.48 20.45 -1.93
CA GLY D 584 32.66 21.55 -2.88
C GLY D 584 33.26 22.78 -2.24
N LEU D 585 32.74 23.18 -1.09
CA LEU D 585 33.22 24.37 -0.40
C LEU D 585 34.64 24.19 0.11
N PHE D 586 35.02 22.97 0.49
CA PHE D 586 36.38 22.68 0.91
C PHE D 586 37.37 22.90 -0.22
N PHE D 587 37.03 22.47 -1.44
CA PHE D 587 37.89 22.74 -2.59
C PHE D 587 37.93 24.23 -2.92
N LEU D 588 36.78 24.89 -2.82
CA LEU D 588 36.69 26.30 -3.14
C LEU D 588 37.50 27.15 -2.19
N THR D 589 37.45 26.86 -0.89
CA THR D 589 38.22 27.62 0.06
C THR D 589 39.31 26.73 0.63
N THR D 590 40.46 26.73 -0.02
CA THR D 590 41.63 26.04 0.48
C THR D 590 42.81 26.81 -0.07
N ASP D 591 43.97 26.66 0.56
CA ASP D 591 45.11 27.42 0.13
C ASP D 591 45.69 26.82 -1.15
N SER D 592 46.83 27.36 -1.57
CA SER D 592 47.54 26.85 -2.74
C SER D 592 48.15 25.48 -2.47
N GLU D 593 48.84 24.98 -3.51
CA GLU D 593 49.56 23.70 -3.64
C GLU D 593 48.62 22.51 -3.79
N GLY D 594 47.31 22.72 -3.65
CA GLY D 594 46.31 21.71 -3.99
C GLY D 594 46.32 21.38 -5.47
N ARG D 595 46.80 22.31 -6.30
CA ARG D 595 46.99 22.19 -7.74
C ARG D 595 48.23 23.02 -8.05
N SER D 596 48.45 23.30 -9.33
CA SER D 596 49.52 24.25 -9.68
C SER D 596 49.07 25.70 -9.47
N PRO D 597 49.56 26.38 -8.40
CA PRO D 597 49.05 27.72 -8.09
C PRO D 597 49.53 28.79 -9.05
N LYS D 598 48.98 28.83 -10.26
CA LYS D 598 49.39 29.84 -11.22
C LYS D 598 48.84 31.21 -10.86
N GLY D 599 49.63 32.24 -11.16
CA GLY D 599 49.24 33.62 -10.87
C GLY D 599 49.11 33.91 -9.40
N GLU D 600 50.04 33.43 -8.59
CA GLU D 600 50.00 33.61 -7.15
C GLU D 600 51.01 34.66 -6.70
N GLY D 601 50.60 35.51 -5.76
CA GLY D 601 51.47 36.51 -5.21
C GLY D 601 51.42 37.81 -6.00
N ARG D 602 50.22 38.25 -6.38
CA ARG D 602 50.04 39.46 -7.17
C ARG D 602 48.88 40.27 -6.62
N ALA D 603 48.74 41.50 -7.09
CA ALA D 603 47.74 42.43 -6.57
C ALA D 603 46.74 42.76 -7.67
N PHE D 604 45.46 42.77 -7.31
CA PHE D 604 44.37 42.90 -8.26
C PHE D 604 43.48 44.08 -7.87
N GLY D 605 42.99 44.78 -8.90
CA GLY D 605 42.28 46.03 -8.68
C GLY D 605 40.98 45.88 -7.93
N SER D 606 40.24 44.81 -8.20
CA SER D 606 38.98 44.53 -7.54
C SER D 606 38.72 43.04 -7.69
N SER D 607 37.77 42.52 -6.90
CA SER D 607 37.40 41.11 -7.00
C SER D 607 36.86 40.75 -8.37
N ALA D 608 36.30 41.73 -9.09
CA ALA D 608 35.84 41.49 -10.46
C ALA D 608 37.00 41.18 -11.38
N GLU D 609 38.08 41.96 -11.29
CA GLU D 609 39.26 41.75 -12.13
C GLU D 609 39.92 40.40 -11.89
N ALA D 610 39.87 39.89 -10.67
CA ALA D 610 40.37 38.55 -10.39
C ALA D 610 39.58 37.49 -11.15
N ILE D 611 38.27 37.65 -11.24
CA ILE D 611 37.45 36.74 -12.02
C ILE D 611 37.79 36.83 -13.50
N MET D 612 38.11 38.03 -13.98
CA MET D 612 38.60 38.20 -15.35
C MET D 612 39.87 37.41 -15.60
N ALA D 613 40.84 37.53 -14.69
CA ALA D 613 42.09 36.78 -14.81
C ALA D 613 41.86 35.28 -14.76
N PHE D 614 40.94 34.84 -13.89
CA PHE D 614 40.57 33.44 -13.79
C PHE D 614 39.97 32.92 -15.09
N ASP D 615 39.12 33.73 -15.73
CA ASP D 615 38.51 33.34 -17.00
C ASP D 615 39.54 33.14 -18.09
N ALA D 616 40.54 34.03 -18.17
CA ALA D 616 41.64 33.86 -19.11
C ALA D 616 42.54 32.68 -18.77
N GLY D 617 42.49 32.18 -17.54
CA GLY D 617 43.31 31.05 -17.14
C GLY D 617 44.64 31.38 -16.48
N ASP D 618 45.03 32.65 -16.44
CA ASP D 618 46.27 33.05 -15.78
C ASP D 618 46.22 32.79 -14.28
N LEU D 619 45.21 33.32 -13.61
CA LEU D 619 45.01 33.08 -12.20
C LEU D 619 44.28 31.77 -11.97
N THR D 620 44.54 31.16 -10.82
CA THR D 620 43.78 30.01 -10.38
C THR D 620 43.03 30.34 -9.10
N LEU D 621 41.96 29.58 -8.89
CA LEU D 621 41.03 29.86 -7.81
C LEU D 621 41.67 29.74 -6.43
N GLN D 622 42.57 28.77 -6.26
CA GLN D 622 43.25 28.59 -4.98
C GLN D 622 44.67 29.12 -5.15
N ALA D 623 44.89 30.37 -4.73
CA ALA D 623 46.20 31.01 -4.81
C ALA D 623 46.19 32.26 -3.96
N LYS D 624 47.25 32.51 -3.22
CA LYS D 624 47.32 33.71 -2.40
C LYS D 624 47.52 34.91 -3.30
N ILE D 625 46.72 35.95 -3.09
CA ILE D 625 46.74 37.16 -3.91
C ILE D 625 46.35 38.33 -3.04
N ASP D 626 46.69 39.53 -3.49
CA ASP D 626 46.30 40.76 -2.83
C ASP D 626 45.08 41.27 -3.57
N ILE D 627 43.99 41.47 -2.88
CA ILE D 627 42.75 41.89 -3.53
C ILE D 627 42.18 43.09 -2.79
N ARG D 628 41.74 44.10 -3.55
CA ARG D 628 41.06 45.23 -2.95
C ARG D 628 39.64 44.82 -2.55
N PHE D 629 38.91 45.72 -1.90
CA PHE D 629 37.55 45.40 -1.48
C PHE D 629 36.62 46.61 -1.41
N PRO D 630 35.48 46.57 -2.10
CA PRO D 630 34.50 47.67 -2.05
C PRO D 630 33.99 48.01 -0.66
N VAL D 631 33.34 49.17 -0.60
CA VAL D 631 32.79 49.73 0.62
C VAL D 631 31.67 48.86 1.21
N GLY D 632 31.57 48.87 2.55
CA GLY D 632 30.58 48.10 3.28
C GLY D 632 30.95 46.69 3.70
N THR D 633 31.99 46.08 3.13
CA THR D 633 32.37 44.72 3.49
C THR D 633 33.25 44.76 4.75
N ILE D 634 32.75 44.15 5.82
CA ILE D 634 33.47 44.16 7.10
C ILE D 634 34.72 43.30 7.00
N PRO D 635 35.84 43.78 7.52
CA PRO D 635 37.08 43.02 7.50
C PRO D 635 37.14 42.12 8.73
N PRO D 636 38.17 41.26 8.88
CA PRO D 636 38.27 40.41 10.06
C PRO D 636 38.29 41.16 11.38
N ARG D 637 37.81 40.46 12.42
CA ARG D 637 37.75 41.00 13.77
C ARG D 637 39.12 41.41 14.31
N GLY D 638 40.18 40.70 13.93
CA GLY D 638 41.47 41.14 14.36
C GLY D 638 42.06 42.25 13.53
N PHE D 639 41.50 42.50 12.35
CA PHE D 639 41.90 43.62 11.51
C PHE D 639 41.32 44.95 11.99
N GLU D 640 40.40 44.96 12.94
CA GLU D 640 39.80 46.21 13.39
C GLU D 640 40.79 47.18 14.08
N PRO D 641 41.66 46.76 15.02
CA PRO D 641 42.69 47.73 15.51
C PRO D 641 43.71 48.14 14.44
N PRO D 642 44.42 47.23 13.73
CA PRO D 642 45.36 47.71 12.71
C PRO D 642 44.64 48.34 11.53
N ALA D 643 45.41 49.07 10.75
CA ALA D 643 44.88 49.83 9.62
C ALA D 643 46.03 50.12 8.66
N ARG D 644 45.72 50.90 7.64
CA ARG D 644 46.69 51.31 6.65
C ARG D 644 47.55 52.43 7.23
N GLU D 645 48.60 52.82 6.52
CA GLU D 645 49.55 53.76 7.06
C GLU D 645 49.16 55.14 6.55
N GLU D 646 48.79 55.99 7.49
CA GLU D 646 48.35 57.36 7.28
C GLU D 646 48.52 58.08 8.61
N GLY D 647 48.73 59.39 8.56
CA GLY D 647 48.81 60.20 9.75
C GLY D 647 47.48 60.55 10.39
N GLU D 648 46.35 60.12 9.78
CA GLU D 648 45.00 60.40 10.25
C GLU D 648 44.29 59.17 10.80
N PRO D 649 43.33 59.35 11.73
CA PRO D 649 42.53 58.22 12.20
C PRO D 649 41.70 57.64 11.06
N GLU D 650 41.53 56.32 11.08
CA GLU D 650 40.77 55.67 10.02
C GLU D 650 39.82 54.63 10.59
N TRP D 651 38.73 54.37 9.85
CA TRP D 651 37.68 53.43 10.23
C TRP D 651 37.57 52.49 9.02
N GLN D 652 38.40 51.47 9.02
CA GLN D 652 38.50 50.50 7.94
C GLN D 652 37.39 49.46 7.94
N GLN D 653 36.49 49.49 8.94
CA GLN D 653 35.42 48.49 9.08
C GLN D 653 34.40 48.49 7.95
N GLY D 654 34.20 49.59 7.24
CA GLY D 654 33.22 49.50 6.19
C GLY D 654 33.56 50.29 4.95
N ASP D 655 34.85 50.51 4.69
CA ASP D 655 35.34 51.15 3.48
C ASP D 655 36.38 50.26 2.81
N THR D 656 37.13 50.80 1.84
CA THR D 656 38.12 50.00 1.11
C THR D 656 39.23 49.46 2.02
N PHE D 657 39.72 48.28 1.68
CA PHE D 657 40.83 47.62 2.37
C PHE D 657 41.37 46.46 1.54
N THR D 658 42.68 46.38 1.34
CA THR D 658 43.26 45.18 0.78
C THR D 658 43.28 44.05 1.81
N LEU D 659 43.52 42.82 1.33
CA LEU D 659 43.49 41.65 2.18
C LEU D 659 44.23 40.49 1.52
N LYS D 660 45.04 39.78 2.31
CA LYS D 660 45.75 38.61 1.83
C LYS D 660 44.84 37.41 1.88
N THR D 661 44.36 36.97 0.72
CA THR D 661 43.46 35.83 0.70
C THR D 661 43.58 35.16 -0.66
N THR D 662 42.62 34.29 -0.97
CA THR D 662 42.53 33.63 -2.25
C THR D 662 41.20 34.01 -2.88
N LEU D 663 41.16 33.98 -4.20
CA LEU D 663 39.94 34.32 -4.95
C LEU D 663 38.75 33.49 -4.51
N GLY D 664 38.96 32.21 -4.24
CA GLY D 664 37.88 31.35 -3.77
C GLY D 664 37.27 31.81 -2.46
N ARG D 665 38.09 32.23 -1.51
CA ARG D 665 37.58 32.76 -0.26
C ARG D 665 36.80 34.05 -0.47
N ALA D 666 37.24 34.89 -1.42
CA ALA D 666 36.47 36.08 -1.77
C ALA D 666 35.11 35.70 -2.35
N LEU D 667 35.08 34.68 -3.21
CA LEU D 667 33.81 34.20 -3.77
C LEU D 667 32.89 33.65 -2.69
N PHE D 668 33.45 32.85 -1.79
CA PHE D 668 32.68 32.23 -0.71
C PHE D 668 32.03 33.25 0.21
N ASN D 669 32.74 34.32 0.55
CA ASN D 669 32.20 35.31 1.47
C ASN D 669 31.01 36.07 0.89
N GLU D 670 30.97 36.26 -0.42
CA GLU D 670 29.83 36.90 -1.07
C GLU D 670 28.51 36.16 -0.84
N LEU D 671 28.56 34.85 -0.62
CA LEU D 671 27.38 34.10 -0.23
C LEU D 671 26.83 34.54 1.13
N LEU D 672 27.71 34.74 2.11
CA LEU D 672 27.32 35.19 3.44
C LEU D 672 26.75 36.61 3.36
N PRO D 673 25.93 37.02 4.35
CA PRO D 673 25.35 38.38 4.29
C PRO D 673 26.40 39.46 4.44
N GLU D 674 26.09 40.64 3.89
CA GLU D 674 27.07 41.72 3.73
C GLU D 674 27.64 42.21 5.07
N ASP D 675 26.81 42.25 6.11
CA ASP D 675 27.26 42.72 7.43
C ASP D 675 28.25 41.77 8.09
N TYR D 676 28.33 40.53 7.64
CA TYR D 676 29.14 39.52 8.31
C TYR D 676 30.62 39.79 8.12
N PRO D 677 31.43 39.68 9.18
CA PRO D 677 32.88 39.83 9.04
C PRO D 677 33.50 38.76 8.15
N PHE D 678 34.61 39.11 7.52
CA PHE D 678 35.30 38.22 6.61
C PHE D 678 35.81 36.98 7.32
N VAL D 679 35.83 35.87 6.60
CA VAL D 679 36.39 34.61 7.08
C VAL D 679 37.49 34.21 6.11
N ASP D 680 38.67 33.91 6.66
CA ASP D 680 39.84 33.74 5.84
C ASP D 680 40.45 32.35 5.92
N TYR D 681 39.90 31.45 6.72
CA TYR D 681 40.49 30.12 6.85
C TYR D 681 39.75 29.10 5.99
N GLU D 682 40.43 27.98 5.73
CA GLU D 682 39.86 26.83 5.06
C GLU D 682 38.64 26.34 5.83
N VAL D 683 37.59 26.00 5.12
CA VAL D 683 36.28 26.00 5.75
C VAL D 683 35.93 24.64 6.36
N GLY D 684 36.27 23.52 5.73
CA GLY D 684 36.03 22.18 6.27
C GLY D 684 34.56 21.92 6.56
N LYS D 685 34.29 21.31 7.71
CA LYS D 685 32.95 21.00 8.15
C LYS D 685 32.62 21.60 9.51
N LYS D 686 33.54 21.52 10.46
CA LYS D 686 33.35 22.09 11.79
C LYS D 686 33.19 23.59 11.73
N GLN D 687 34.08 24.27 11.02
CA GLN D 687 33.98 25.72 10.88
C GLN D 687 32.76 26.12 10.07
N LEU D 688 32.36 25.28 9.11
CA LEU D 688 31.15 25.53 8.34
C LEU D 688 29.90 25.46 9.19
N SER D 689 29.81 24.46 10.07
CA SER D 689 28.70 24.37 11.01
C SER D 689 28.66 25.56 11.96
N GLU D 690 29.83 26.03 12.38
CA GLU D 690 29.93 27.15 13.31
C GLU D 690 29.29 28.42 12.75
N ILE D 691 29.61 28.79 11.52
CA ILE D 691 29.10 30.05 10.99
C ILE D 691 27.60 29.98 10.75
N VAL D 692 27.07 28.80 10.43
CA VAL D 692 25.63 28.63 10.32
C VAL D 692 24.98 28.79 11.70
N ASN D 693 25.61 28.23 12.73
CA ASN D 693 25.15 28.42 14.10
C ASN D 693 25.29 29.88 14.52
N ASP D 694 26.39 30.52 14.14
CA ASP D 694 26.58 31.94 14.43
C ASP D 694 25.53 32.81 13.75
N LEU D 695 25.23 32.54 12.48
CA LEU D 695 24.20 33.27 11.76
C LEU D 695 22.83 33.13 12.42
N ALA D 696 22.47 31.91 12.84
CA ALA D 696 21.17 31.66 13.47
C ALA D 696 20.98 32.45 14.75
N GLU D 697 22.07 32.74 15.45
CA GLU D 697 21.98 33.49 16.70
C GLU D 697 21.80 34.98 16.44
N ARG D 698 22.66 35.58 15.63
CA ARG D 698 22.75 37.03 15.51
C ARG D 698 21.89 37.62 14.39
N TYR D 699 21.22 36.82 13.58
CA TYR D 699 20.53 37.33 12.40
C TYR D 699 19.09 36.83 12.38
N PRO D 700 18.21 37.49 11.62
CA PRO D 700 16.83 37.01 11.50
C PRO D 700 16.73 35.70 10.73
N LYS D 701 15.57 35.04 10.88
CA LYS D 701 15.36 33.71 10.32
C LYS D 701 15.47 33.67 8.81
N VAL D 702 14.92 34.69 8.14
CA VAL D 702 14.89 34.72 6.68
C VAL D 702 16.28 34.74 6.08
N ILE D 703 17.20 35.50 6.70
CA ILE D 703 18.59 35.55 6.24
C ILE D 703 19.27 34.19 6.34
N VAL D 704 18.98 33.44 7.42
CA VAL D 704 19.58 32.13 7.60
C VAL D 704 19.10 31.15 6.53
N ALA D 705 17.81 31.16 6.24
CA ALA D 705 17.28 30.26 5.22
C ALA D 705 17.81 30.61 3.83
N ALA D 706 17.87 31.89 3.51
CA ALA D 706 18.39 32.32 2.21
C ALA D 706 19.86 31.99 2.02
N THR D 707 20.69 32.17 3.05
CA THR D 707 22.13 31.93 2.92
C THR D 707 22.47 30.47 2.64
N LEU D 708 21.74 29.55 3.25
CA LEU D 708 21.94 28.12 3.02
C LEU D 708 21.73 27.74 1.58
N ASP D 709 20.72 28.33 0.94
CA ASP D 709 20.49 28.10 -0.48
C ASP D 709 21.66 28.59 -1.33
N ASN D 710 22.24 29.73 -0.96
CA ASN D 710 23.42 30.20 -1.68
C ASN D 710 24.59 29.24 -1.51
N LEU D 711 24.77 28.73 -0.29
CA LEU D 711 25.81 27.72 -0.03
C LEU D 711 25.56 26.42 -0.79
N LYS D 712 24.30 25.98 -0.88
CA LYS D 712 23.95 24.80 -1.65
C LYS D 712 24.36 24.94 -3.11
N ALA D 713 23.99 26.05 -3.75
CA ALA D 713 24.29 26.27 -5.15
C ALA D 713 25.78 26.33 -5.41
N ALA D 714 26.50 27.10 -4.60
CA ALA D 714 27.95 27.18 -4.74
C ALA D 714 28.63 25.87 -4.45
N GLY D 715 28.16 25.14 -3.44
CA GLY D 715 28.77 23.88 -3.06
C GLY D 715 28.65 22.82 -4.13
N PHE D 716 27.47 22.68 -4.71
CA PHE D 716 27.26 21.70 -5.78
C PHE D 716 28.05 22.04 -7.03
N PHE D 717 28.09 23.32 -7.39
CA PHE D 717 28.81 23.77 -8.58
C PHE D 717 30.29 23.44 -8.49
N TRP D 718 30.90 23.68 -7.34
CA TRP D 718 32.32 23.43 -7.19
C TRP D 718 32.65 21.99 -6.87
N ALA D 719 31.70 21.21 -6.37
CA ALA D 719 31.91 19.77 -6.22
C ALA D 719 32.16 19.10 -7.56
N THR D 720 31.43 19.51 -8.59
CA THR D 720 31.67 19.04 -9.95
C THR D 720 33.09 19.36 -10.40
N ARG D 721 33.49 20.63 -10.28
CA ARG D 721 34.80 21.11 -10.68
C ARG D 721 35.92 20.64 -9.77
N SER D 722 35.60 20.10 -8.59
CA SER D 722 36.63 19.65 -7.66
C SER D 722 37.41 18.48 -8.21
N GLY D 723 36.76 17.62 -8.99
CA GLY D 723 37.43 16.51 -9.61
C GLY D 723 37.74 15.33 -8.72
N VAL D 724 37.01 15.14 -7.63
CA VAL D 724 37.11 13.90 -6.88
C VAL D 724 36.56 12.76 -7.73
N THR D 725 37.27 11.63 -7.72
CA THR D 725 36.90 10.44 -8.47
C THR D 725 37.34 9.25 -7.65
N VAL D 726 37.33 8.07 -8.26
CA VAL D 726 37.91 6.86 -7.68
C VAL D 726 38.44 6.07 -8.86
N ALA D 727 39.57 5.39 -8.67
CA ALA D 727 40.18 4.60 -9.71
C ALA D 727 41.09 3.61 -9.01
N ILE D 728 41.59 2.65 -9.77
CA ILE D 728 42.48 1.66 -9.20
C ILE D 728 43.81 2.32 -8.80
N SER D 729 44.25 3.33 -9.54
CA SER D 729 45.49 4.03 -9.18
C SER D 729 45.29 5.09 -8.12
N ASP D 730 44.05 5.43 -7.77
CA ASP D 730 43.82 6.41 -6.70
C ASP D 730 44.05 5.77 -5.35
N ILE D 731 43.67 4.51 -5.20
CA ILE D 731 43.81 3.82 -3.92
C ILE D 731 45.18 3.17 -3.95
N VAL D 732 46.15 3.83 -3.31
CA VAL D 732 47.54 3.39 -3.32
C VAL D 732 47.81 2.60 -2.04
N VAL D 733 48.15 1.32 -2.22
CA VAL D 733 48.60 0.45 -1.14
C VAL D 733 49.91 0.96 -0.55
N PRO D 734 50.11 0.88 0.76
CA PRO D 734 51.40 1.26 1.35
C PRO D 734 52.52 0.37 0.85
N ASP D 735 53.62 0.99 0.41
CA ASP D 735 54.78 0.23 -0.05
C ASP D 735 55.42 -0.54 1.10
N ALA D 736 55.54 0.09 2.26
CA ALA D 736 56.17 -0.52 3.43
C ALA D 736 55.41 -1.71 3.96
N LYS D 737 54.09 -1.76 3.73
CA LYS D 737 53.14 -2.72 4.31
C LYS D 737 53.63 -4.17 4.29
N LYS D 738 53.98 -4.66 3.10
CA LYS D 738 54.47 -6.02 2.91
C LYS D 738 55.57 -6.41 3.89
N GLU D 739 56.57 -5.53 4.07
CA GLU D 739 57.62 -5.73 5.08
C GLU D 739 57.07 -5.75 6.50
N ILE D 740 56.15 -4.83 6.82
CA ILE D 740 55.64 -4.67 8.19
C ILE D 740 54.90 -5.92 8.63
N VAL D 741 54.09 -6.49 7.73
CA VAL D 741 53.32 -7.71 8.04
C VAL D 741 54.25 -8.89 8.29
N LYS D 742 55.31 -9.03 7.47
CA LYS D 742 56.25 -10.15 7.63
C LYS D 742 56.98 -10.11 8.96
N GLY D 743 57.39 -8.91 9.40
CA GLY D 743 58.07 -8.79 10.69
C GLY D 743 57.22 -9.26 11.85
N TYR D 744 55.93 -8.90 11.85
CA TYR D 744 55.02 -9.36 12.88
C TYR D 744 54.80 -10.87 12.82
N GLU D 745 54.76 -11.45 11.61
CA GLU D 745 54.57 -12.89 11.49
C GLU D 745 55.71 -13.67 12.14
N GLY D 746 56.95 -13.21 11.94
CA GLY D 746 58.08 -13.82 12.61
C GLY D 746 57.98 -13.65 14.10
N GLN D 747 57.54 -12.46 14.54
CA GLN D 747 57.30 -12.18 15.94
C GLN D 747 56.20 -13.09 16.47
N ASP D 748 55.15 -13.31 15.66
CA ASP D 748 54.02 -14.15 16.05
C ASP D 748 54.47 -15.59 16.28
N GLU D 749 55.43 -16.05 15.50
CA GLU D 749 55.61 -17.48 15.24
C GLU D 749 56.38 -18.12 16.39
N LYS D 750 57.22 -17.34 17.06
CA LYS D 750 57.86 -17.77 18.29
C LYS D 750 56.83 -18.12 19.36
N VAL D 751 55.80 -17.27 19.53
CA VAL D 751 54.68 -17.59 20.42
C VAL D 751 54.02 -18.90 20.02
N GLN D 752 53.78 -19.09 18.71
CA GLN D 752 53.28 -20.37 18.22
C GLN D 752 54.27 -21.49 18.51
N LYS D 753 55.56 -21.24 18.29
CA LYS D 753 56.62 -22.21 18.61
C LYS D 753 56.66 -22.53 20.11
N GLN D 754 56.67 -21.50 20.96
CA GLN D 754 56.72 -21.72 22.39
C GLN D 754 55.38 -22.14 22.99
N TYR D 755 54.33 -22.23 22.19
CA TYR D 755 53.11 -22.88 22.64
C TYR D 755 53.12 -24.36 22.32
N GLU D 756 53.84 -24.76 21.26
CA GLU D 756 53.94 -26.17 20.88
C GLU D 756 54.68 -26.97 21.95
N ARG D 757 55.59 -26.33 22.67
CA ARG D 757 56.33 -26.99 23.73
C ARG D 757 55.60 -26.98 25.07
N GLY D 758 54.38 -26.45 25.11
CA GLY D 758 53.55 -26.44 26.30
C GLY D 758 53.86 -25.41 27.35
N LEU D 759 54.74 -24.45 27.09
CA LEU D 759 55.07 -23.47 28.12
C LEU D 759 53.97 -22.44 28.37
N ILE D 760 52.99 -22.35 27.48
CA ILE D 760 51.91 -21.37 27.62
C ILE D 760 50.57 -22.03 27.28
N THR D 761 49.55 -21.67 28.05
CA THR D 761 48.20 -22.17 27.82
C THR D 761 47.63 -21.47 26.58
N LYS D 762 46.66 -22.12 25.92
CA LYS D 762 46.04 -21.54 24.72
C LYS D 762 45.27 -20.25 25.02
N GLU D 763 44.58 -20.18 26.16
CA GLU D 763 43.80 -19.01 26.53
C GLU D 763 44.68 -17.78 26.70
N GLU D 764 45.80 -17.95 27.40
CA GLU D 764 46.77 -16.88 27.51
C GLU D 764 47.36 -16.52 26.15
N ARG D 765 47.60 -17.53 25.31
CA ARG D 765 48.11 -17.30 23.96
C ARG D 765 47.14 -16.49 23.12
N THR D 766 45.84 -16.78 23.21
CA THR D 766 44.84 -16.02 22.45
C THR D 766 44.84 -14.56 22.87
N GLN D 767 44.95 -14.27 24.16
CA GLN D 767 44.94 -12.88 24.62
C GLN D 767 46.20 -12.15 24.15
N GLU D 768 47.36 -12.80 24.28
CA GLU D 768 48.60 -12.20 23.82
C GLU D 768 48.66 -12.03 22.31
N LEU D 769 48.03 -12.92 21.53
CA LEU D 769 48.08 -12.75 20.08
C LEU D 769 47.19 -11.62 19.62
N ILE D 770 46.02 -11.46 20.23
CA ILE D 770 45.09 -10.40 19.86
C ILE D 770 45.72 -9.04 20.10
N ALA D 771 46.41 -8.90 21.22
CA ALA D 771 47.16 -7.69 21.52
C ALA D 771 48.27 -7.45 20.50
N ILE D 772 48.97 -8.51 20.09
CA ILE D 772 50.02 -8.36 19.08
C ILE D 772 49.44 -7.93 17.74
N TRP D 773 48.33 -8.53 17.33
CA TRP D 773 47.69 -8.15 16.07
C TRP D 773 47.10 -6.73 16.10
N THR D 774 46.52 -6.32 17.23
CA THR D 774 45.95 -4.98 17.35
C THR D 774 47.02 -3.92 17.13
N LYS D 775 48.22 -4.14 17.68
CA LYS D 775 49.34 -3.23 17.47
C LYS D 775 49.72 -3.15 16.00
N ALA D 776 49.67 -4.28 15.30
CA ALA D 776 50.02 -4.35 13.88
C ALA D 776 49.10 -3.50 13.01
N THR D 777 47.79 -3.50 13.30
CA THR D 777 46.85 -2.71 12.51
C THR D 777 47.13 -1.22 12.62
N ASN D 778 47.49 -0.75 13.81
CA ASN D 778 47.85 0.66 13.98
C ASN D 778 49.11 1.02 13.21
N GLU D 779 50.11 0.14 13.21
CA GLU D 779 51.37 0.44 12.52
C GLU D 779 51.18 0.56 11.01
N VAL D 780 50.36 -0.30 10.42
CA VAL D 780 50.15 -0.24 8.98
C VAL D 780 49.26 0.95 8.64
N ALA D 781 48.37 1.34 9.55
CA ALA D 781 47.58 2.57 9.38
C ALA D 781 48.46 3.80 9.32
N GLU D 782 49.43 3.91 10.23
CA GLU D 782 50.33 5.06 10.26
C GLU D 782 51.18 5.14 9.01
N ALA D 783 51.67 4.00 8.52
CA ALA D 783 52.46 3.98 7.30
C ALA D 783 51.64 4.43 6.09
N MET D 784 50.40 3.95 6.00
CA MET D 784 49.50 4.36 4.92
C MET D 784 49.14 5.84 4.98
N ASN D 785 48.84 6.33 6.19
CA ASN D 785 48.49 7.73 6.39
C ASN D 785 49.62 8.66 5.96
N ASP D 786 50.87 8.24 6.15
CA ASP D 786 52.00 9.03 5.69
C ASP D 786 52.17 8.96 4.19
N ASN D 787 51.86 7.80 3.58
CA ASN D 787 52.06 7.59 2.15
C ASN D 787 51.17 8.50 1.34
N PHE D 788 49.87 8.54 1.67
CA PHE D 788 48.86 9.23 0.88
C PHE D 788 49.19 10.71 0.78
N PRO D 789 49.05 11.32 -0.39
CA PRO D 789 49.17 12.77 -0.48
C PRO D 789 47.84 13.45 -0.22
N LYS D 790 47.93 14.70 0.25
CA LYS D 790 46.75 15.43 0.66
C LYS D 790 45.83 15.79 -0.51
N THR D 791 46.31 15.69 -1.75
CA THR D 791 45.55 16.13 -2.89
C THR D 791 44.71 15.03 -3.52
N ASN D 792 44.81 13.80 -3.05
CA ASN D 792 44.11 12.75 -3.77
C ASN D 792 42.65 12.72 -3.31
N PRO D 793 41.74 12.15 -4.12
CA PRO D 793 40.31 12.10 -3.74
C PRO D 793 39.97 11.39 -2.44
N VAL D 794 40.49 10.19 -2.21
CA VAL D 794 40.03 9.34 -1.10
C VAL D 794 40.30 9.99 0.25
N SER D 795 41.50 10.51 0.46
CA SER D 795 41.79 11.25 1.68
C SER D 795 41.01 12.56 1.78
N MET D 796 40.84 13.27 0.66
CA MET D 796 40.23 14.60 0.67
C MET D 796 38.80 14.58 1.18
N MET D 797 38.03 13.55 0.82
CA MET D 797 36.63 13.52 1.22
C MET D 797 36.43 12.95 2.60
N VAL D 798 37.49 12.55 3.28
CA VAL D 798 37.43 12.15 4.68
C VAL D 798 37.98 13.25 5.58
N ASN D 799 39.07 13.89 5.16
CA ASN D 799 39.65 14.99 5.92
C ASN D 799 38.69 16.17 5.99
N SER D 800 37.98 16.42 4.90
CA SER D 800 37.00 17.49 4.84
C SER D 800 35.77 17.24 5.70
N GLY D 801 35.56 16.03 6.20
CA GLY D 801 34.34 15.73 6.92
C GLY D 801 33.14 15.43 6.06
N ALA D 802 33.35 15.19 4.76
CA ALA D 802 32.24 14.93 3.85
C ALA D 802 31.50 13.66 4.22
N ARG D 803 32.21 12.53 4.29
CA ARG D 803 31.62 11.22 4.50
C ARG D 803 32.76 10.25 4.71
N GLY D 804 32.52 9.20 5.50
CA GLY D 804 33.56 8.23 5.76
C GLY D 804 34.30 8.50 7.04
N ASN D 805 35.24 7.60 7.31
CA ASN D 805 36.04 7.63 8.53
C ASN D 805 37.36 6.96 8.21
N MET D 806 38.33 7.17 9.10
CA MET D 806 39.70 6.73 8.84
C MET D 806 39.81 5.20 8.75
N MET D 807 39.18 4.48 9.68
CA MET D 807 39.27 3.02 9.68
C MET D 807 38.61 2.41 8.46
N GLN D 808 37.57 3.06 7.91
CA GLN D 808 36.99 2.59 6.66
C GLN D 808 37.98 2.73 5.51
N MET D 809 38.70 3.85 5.46
CA MET D 809 39.73 4.05 4.45
C MET D 809 40.90 3.12 4.65
N ARG D 810 41.19 2.74 5.91
CA ARG D 810 42.26 1.79 6.17
C ARG D 810 42.02 0.44 5.51
N GLN D 811 40.81 -0.10 5.63
CA GLN D 811 40.60 -1.44 5.12
C GLN D 811 40.30 -1.49 3.64
N ILE D 812 40.34 -0.36 2.94
CA ILE D 812 40.30 -0.42 1.48
C ILE D 812 41.70 -0.55 0.92
N ALA D 813 42.68 0.09 1.55
CA ALA D 813 44.06 0.03 1.08
C ALA D 813 44.98 -0.79 1.97
N GLY D 814 44.98 -0.57 3.27
CA GLY D 814 45.75 -1.39 4.18
C GLY D 814 44.94 -2.58 4.63
N MET D 815 45.59 -3.45 5.40
CA MET D 815 44.93 -4.68 5.85
C MET D 815 43.78 -4.39 6.81
N ARG D 816 42.73 -5.21 6.71
CA ARG D 816 41.53 -5.02 7.51
C ARG D 816 41.82 -5.26 8.99
N GLY D 817 42.55 -6.33 9.30
CA GLY D 817 42.89 -6.65 10.65
C GLY D 817 42.01 -7.72 11.24
N LEU D 818 42.00 -7.75 12.58
CA LEU D 818 41.24 -8.75 13.32
C LEU D 818 39.74 -8.58 13.06
N VAL D 819 39.06 -9.69 12.89
CA VAL D 819 37.64 -9.70 12.64
C VAL D 819 36.98 -10.52 13.74
N SER D 820 35.87 -10.01 14.25
CA SER D 820 35.17 -10.65 15.35
C SER D 820 34.49 -11.90 14.85
N ASN D 821 34.94 -13.05 15.35
CA ASN D 821 34.24 -14.31 15.19
C ASN D 821 32.88 -14.23 15.88
N ALA D 822 31.98 -15.17 15.56
CA ALA D 822 30.67 -15.29 16.20
C ALA D 822 30.75 -15.35 17.71
N LYS D 823 29.65 -14.98 18.38
CA LYS D 823 29.53 -14.81 19.83
C LYS D 823 30.72 -14.09 20.49
N ASN D 824 31.22 -13.03 19.83
CA ASN D 824 32.21 -12.08 20.36
C ASN D 824 33.52 -12.78 20.74
N GLU D 825 34.16 -13.35 19.73
CA GLU D 825 35.49 -13.91 19.88
C GLU D 825 36.33 -13.33 18.76
N THR D 826 37.65 -13.40 18.91
CA THR D 826 38.56 -12.94 17.88
C THR D 826 39.25 -14.15 17.28
N ILE D 827 39.61 -14.03 16.01
CA ILE D 827 40.29 -15.14 15.38
C ILE D 827 41.76 -14.88 15.68
N PRO D 828 42.61 -15.89 15.74
CA PRO D 828 44.05 -15.63 15.93
C PRO D 828 44.73 -15.27 14.63
N ARG D 829 44.11 -15.58 13.51
CA ARG D 829 44.62 -15.46 12.15
C ARG D 829 43.82 -14.38 11.43
N PRO D 830 44.15 -13.12 11.67
CA PRO D 830 43.39 -12.02 11.08
C PRO D 830 43.55 -11.93 9.58
N ILE D 831 42.78 -11.03 9.00
CA ILE D 831 42.78 -10.82 7.56
C ILE D 831 44.02 -10.02 7.19
N LYS D 832 44.84 -10.56 6.30
CA LYS D 832 46.06 -9.89 5.93
C LYS D 832 45.94 -9.13 4.64
N ALA D 833 44.84 -9.30 3.93
CA ALA D 833 44.65 -8.69 2.62
C ALA D 833 43.63 -7.57 2.72
N SER D 834 43.75 -6.62 1.80
CA SER D 834 42.84 -5.49 1.71
C SER D 834 41.82 -5.76 0.62
N PHE D 835 40.69 -5.06 0.73
CA PHE D 835 39.65 -5.16 -0.29
C PHE D 835 40.14 -4.74 -1.66
N ARG D 836 41.10 -3.82 -1.75
CA ARG D 836 41.76 -3.56 -3.04
C ARG D 836 42.55 -4.76 -3.51
N GLU D 837 43.34 -5.35 -2.62
CA GLU D 837 44.15 -6.51 -2.99
C GLU D 837 43.32 -7.76 -3.19
N GLY D 838 42.12 -7.80 -2.63
CA GLY D 838 41.22 -8.92 -2.82
C GLY D 838 41.46 -9.98 -1.77
N LEU D 839 40.44 -10.28 -0.99
CA LEU D 839 40.53 -11.28 0.07
C LEU D 839 40.71 -12.67 -0.53
N SER D 840 41.17 -13.60 0.29
CA SER D 840 41.20 -15.00 -0.11
C SER D 840 39.88 -15.65 0.30
N VAL D 841 39.74 -16.93 -0.03
CA VAL D 841 38.48 -17.65 0.18
C VAL D 841 38.18 -17.76 1.66
N LEU D 842 39.10 -18.31 2.44
CA LEU D 842 38.90 -18.43 3.88
C LEU D 842 38.79 -17.08 4.57
N GLU D 843 39.49 -16.06 4.08
CA GLU D 843 39.36 -14.73 4.67
C GLU D 843 37.95 -14.18 4.49
N TYR D 844 37.37 -14.42 3.31
CA TYR D 844 36.01 -13.98 3.05
C TYR D 844 35.00 -14.68 3.94
N PHE D 845 35.20 -15.97 4.20
CA PHE D 845 34.27 -16.72 5.03
C PHE D 845 34.25 -16.22 6.47
N ILE D 846 35.41 -15.96 7.05
CA ILE D 846 35.47 -15.49 8.43
C ILE D 846 34.88 -14.09 8.56
N SER D 847 35.08 -13.24 7.55
CA SER D 847 34.54 -11.88 7.57
C SER D 847 33.02 -11.86 7.63
N THR D 848 32.36 -12.85 7.01
CA THR D 848 30.91 -12.94 6.98
C THR D 848 30.30 -13.05 8.37
N HIS D 849 31.00 -13.73 9.30
CA HIS D 849 30.57 -13.86 10.70
C HIS D 849 30.23 -12.53 11.34
N GLY D 850 31.03 -11.51 11.09
CA GLY D 850 30.73 -10.21 11.66
C GLY D 850 29.73 -9.41 10.86
N ALA D 851 29.73 -9.57 9.54
CA ALA D 851 28.86 -8.79 8.66
C ALA D 851 27.39 -9.13 8.87
N ARG D 852 27.05 -10.43 8.86
CA ARG D 852 25.67 -10.84 9.06
C ARG D 852 25.18 -10.50 10.47
N LYS D 853 26.05 -10.67 11.47
CA LYS D 853 25.70 -10.33 12.85
C LYS D 853 25.35 -8.86 12.99
N GLY D 854 26.09 -7.99 12.32
CA GLY D 854 25.78 -6.57 12.36
C GLY D 854 24.43 -6.24 11.76
N LEU D 855 24.08 -6.89 10.64
CA LEU D 855 22.75 -6.66 10.04
C LEU D 855 21.62 -7.12 10.94
N ALA D 856 21.75 -8.29 11.56
CA ALA D 856 20.72 -8.78 12.46
C ALA D 856 20.62 -7.92 13.71
N ASP D 857 21.75 -7.53 14.28
CA ASP D 857 21.74 -6.73 15.50
C ASP D 857 21.13 -5.35 15.27
N THR D 858 21.41 -4.75 14.11
CA THR D 858 20.92 -3.40 13.81
C THR D 858 19.40 -3.34 13.79
N ALA D 859 18.77 -4.37 13.21
CA ALA D 859 17.32 -4.48 13.23
C ALA D 859 16.78 -4.58 14.65
N LEU D 860 17.51 -5.21 15.55
CA LEU D 860 17.05 -5.33 16.93
C LEU D 860 17.18 -4.00 17.67
N ARG D 861 18.26 -3.25 17.42
CA ARG D 861 18.45 -1.98 18.13
C ARG D 861 17.37 -0.98 17.77
N THR D 862 16.89 -1.00 16.53
CA THR D 862 15.75 -0.17 16.16
C THR D 862 14.51 -0.53 16.95
N ALA D 863 14.26 -1.83 17.13
CA ALA D 863 13.11 -2.30 17.91
C ALA D 863 13.18 -1.82 19.36
N ASP D 864 14.32 -2.03 20.01
CA ASP D 864 14.47 -1.62 21.41
C ASP D 864 14.47 -0.11 21.57
N SER D 865 15.06 0.62 20.62
CA SER D 865 15.04 2.08 20.69
C SER D 865 13.63 2.62 20.53
N GLY D 866 12.84 2.00 19.64
CA GLY D 866 11.44 2.36 19.51
C GLY D 866 10.64 2.13 20.78
N TYR D 867 10.85 0.97 21.41
CA TYR D 867 10.19 0.68 22.68
C TYR D 867 10.60 1.67 23.77
N LEU D 868 11.88 2.01 23.83
CA LEU D 868 12.35 2.97 24.83
C LEU D 868 11.71 4.33 24.66
N THR D 869 11.59 4.80 23.42
CA THR D 869 10.95 6.07 23.15
C THR D 869 9.47 6.07 23.53
N ARG D 870 8.76 4.98 23.23
CA ARG D 870 7.33 4.92 23.55
C ARG D 870 7.05 4.98 25.05
N ARG D 871 7.78 4.18 25.83
CA ARG D 871 7.64 4.21 27.28
C ARG D 871 8.04 5.56 27.85
N LEU D 872 9.09 6.18 27.30
CA LEU D 872 9.56 7.48 27.76
C LEU D 872 8.49 8.55 27.58
N VAL D 873 7.78 8.52 26.45
CA VAL D 873 6.78 9.54 26.11
C VAL D 873 5.64 9.54 27.15
N ASP D 874 5.19 8.37 27.59
CA ASP D 874 4.13 8.29 28.60
C ASP D 874 4.55 8.96 29.91
N VAL D 875 5.71 8.57 30.45
CA VAL D 875 6.11 9.15 31.72
C VAL D 875 6.46 10.62 31.56
N SER D 876 6.92 11.03 30.38
CA SER D 876 7.40 12.40 30.23
C SER D 876 6.30 13.34 29.82
N GLN D 877 5.11 12.85 29.47
CA GLN D 877 4.03 13.77 29.21
C GLN D 877 3.53 14.31 30.54
N ASP D 878 2.70 15.35 30.46
CA ASP D 878 2.12 16.18 31.55
C ASP D 878 3.17 17.18 32.01
N VAL D 879 4.30 17.27 31.31
CA VAL D 879 5.30 18.30 31.56
C VAL D 879 5.10 19.30 30.43
N ILE D 880 4.41 20.39 30.74
CA ILE D 880 4.08 21.42 29.76
C ILE D 880 4.50 22.73 30.40
N ILE D 881 4.89 23.70 29.57
CA ILE D 881 5.31 24.99 30.10
C ILE D 881 4.03 25.76 30.38
N ARG D 882 3.74 26.02 31.64
CA ARG D 882 2.45 26.61 31.97
C ARG D 882 2.59 27.76 32.96
N GLU D 883 3.73 28.44 32.94
CA GLU D 883 3.97 29.60 33.80
C GLU D 883 5.15 30.38 33.25
N GLU D 884 5.04 31.70 33.25
CA GLU D 884 6.13 32.53 32.74
C GLU D 884 7.36 32.42 33.62
N ASP D 885 7.20 32.55 34.93
CA ASP D 885 8.36 32.50 35.82
C ASP D 885 7.95 31.90 37.15
N CYS D 886 8.81 31.00 37.65
CA CYS D 886 8.59 30.39 38.94
C CYS D 886 8.85 31.39 40.05
N GLY D 887 8.39 31.06 41.24
CA GLY D 887 8.62 31.91 42.38
C GLY D 887 9.91 31.69 43.13
N THR D 888 10.69 30.66 42.80
CA THR D 888 11.70 30.19 43.73
C THR D 888 13.10 30.64 43.35
N GLU D 889 14.05 30.25 44.22
CA GLU D 889 15.44 30.61 44.11
C GLU D 889 16.37 29.41 44.05
N ARG D 890 15.90 28.21 44.37
CA ARG D 890 16.73 27.01 44.31
C ARG D 890 17.18 26.73 42.89
N GLY D 891 18.46 26.47 42.73
CA GLY D 891 19.02 26.18 41.43
C GLY D 891 19.78 24.87 41.46
N LEU D 892 20.85 24.83 40.69
CA LEU D 892 21.78 23.71 40.61
C LEU D 892 23.14 24.29 40.31
N LYS D 893 24.16 23.79 41.00
CA LYS D 893 25.51 24.29 40.87
C LYS D 893 26.25 23.51 39.78
N LEU D 894 26.72 24.21 38.75
CA LEU D 894 27.45 23.44 37.75
C LEU D 894 28.87 23.96 37.58
N PRO D 895 29.83 23.09 37.28
CA PRO D 895 31.22 23.53 37.08
C PRO D 895 31.44 24.06 35.68
N ILE D 896 31.55 25.39 35.57
CA ILE D 896 31.89 26.02 34.30
C ILE D 896 33.31 25.66 33.87
N ALA D 897 34.25 25.56 34.83
CA ALA D 897 35.64 25.33 34.47
C ALA D 897 36.30 24.44 35.50
N THR D 898 37.09 23.48 35.02
CA THR D 898 37.78 22.50 35.84
C THR D 898 39.02 22.02 35.12
N ARG D 899 39.78 21.13 35.80
CA ARG D 899 41.09 20.61 35.37
C ARG D 899 42.04 21.75 34.99
N ASP D 900 42.07 22.76 35.86
CA ASP D 900 42.90 23.95 35.66
C ASP D 900 44.33 23.65 36.06
N ALA D 901 45.23 23.61 35.07
CA ALA D 901 46.64 23.47 35.37
C ALA D 901 47.14 24.67 36.16
N ASP D 902 48.30 24.52 36.79
CA ASP D 902 48.83 25.56 37.68
C ASP D 902 49.12 26.86 36.94
N GLY D 903 48.58 27.95 37.48
CA GLY D 903 48.71 29.27 36.89
C GLY D 903 47.90 29.52 35.64
N THR D 904 46.83 28.77 35.40
CA THR D 904 46.01 28.96 34.21
C THR D 904 44.63 28.38 34.54
N LEU D 905 43.60 28.81 33.82
CA LEU D 905 42.24 28.33 34.00
C LEU D 905 41.81 27.63 32.73
N ARG D 906 41.32 26.41 32.85
CA ARG D 906 40.89 25.60 31.72
C ARG D 906 39.41 25.31 31.87
N LYS D 907 38.64 25.58 30.81
CA LYS D 907 37.20 25.37 30.89
C LYS D 907 36.83 23.89 30.83
N ALA D 908 35.61 23.60 31.27
CA ALA D 908 35.10 22.23 31.23
C ALA D 908 34.91 21.78 29.80
N GLU D 909 35.20 20.49 29.56
CA GLU D 909 35.11 19.95 28.21
C GLU D 909 33.67 19.94 27.67
N ASP D 910 32.70 19.66 28.53
CA ASP D 910 31.30 19.53 28.12
C ASP D 910 30.44 20.72 28.54
N VAL D 911 31.00 21.93 28.45
CA VAL D 911 30.28 23.13 28.88
C VAL D 911 29.07 23.39 28.00
N GLU D 912 29.12 23.01 26.71
CA GLU D 912 28.02 23.31 25.79
C GLU D 912 26.75 22.57 26.17
N THR D 913 26.83 21.25 26.31
CA THR D 913 25.63 20.47 26.61
C THR D 913 25.12 20.68 28.03
N SER D 914 25.98 21.13 28.94
CA SER D 914 25.65 21.18 30.36
C SER D 914 25.15 22.55 30.82
N VAL D 915 25.93 23.60 30.59
CA VAL D 915 25.71 24.86 31.28
C VAL D 915 25.15 25.95 30.35
N TYR D 916 25.42 25.87 29.04
CA TYR D 916 24.83 26.77 28.06
C TYR D 916 23.30 26.66 28.05
N ALA D 917 22.67 27.74 27.59
CA ALA D 917 21.21 27.87 27.48
C ALA D 917 20.50 27.64 28.82
N ARG D 918 21.11 28.10 29.90
CA ARG D 918 20.50 28.09 31.22
C ARG D 918 20.54 29.50 31.78
N MET D 919 19.63 29.79 32.70
CA MET D 919 19.48 31.12 33.25
C MET D 919 19.82 31.09 34.73
N LEU D 920 20.73 31.97 35.13
CA LEU D 920 21.28 32.00 36.48
C LEU D 920 20.22 32.19 37.55
N ALA D 921 20.27 31.34 38.58
CA ALA D 921 19.38 31.48 39.72
C ALA D 921 19.68 32.75 40.48
N GLU D 922 20.96 33.04 40.67
CA GLU D 922 21.42 34.20 41.41
C GLU D 922 22.65 34.72 40.68
N ASP D 923 22.97 35.99 40.90
CA ASP D 923 24.11 36.66 40.29
C ASP D 923 25.43 36.01 40.70
N VAL D 924 26.50 36.42 40.05
CA VAL D 924 27.82 35.92 40.39
C VAL D 924 28.74 37.11 40.60
N VAL D 925 29.40 37.11 41.75
CA VAL D 925 30.33 38.16 42.12
C VAL D 925 31.67 37.53 42.49
N ILE D 926 32.74 38.04 41.88
CA ILE D 926 34.09 37.58 42.15
C ILE D 926 34.96 38.72 42.68
N ASP D 927 34.82 39.91 42.11
CA ASP D 927 35.50 41.12 42.56
C ASP D 927 34.56 42.05 43.33
N GLY D 928 33.49 41.51 43.90
CA GLY D 928 32.47 42.31 44.52
C GLY D 928 31.47 42.92 43.56
N LYS D 929 31.64 42.74 42.25
CA LYS D 929 30.76 43.29 41.24
C LYS D 929 30.13 42.17 40.42
N VAL D 930 28.87 42.35 40.07
CA VAL D 930 28.16 41.37 39.25
C VAL D 930 28.73 41.37 37.84
N ILE D 931 29.00 40.18 37.31
CA ILE D 931 29.51 40.06 35.95
C ILE D 931 28.28 39.69 35.14
N ALA D 932 27.67 38.57 35.47
CA ALA D 932 26.45 38.14 34.82
C ALA D 932 25.33 38.23 35.85
N PRO D 933 24.38 39.14 35.69
CA PRO D 933 23.28 39.25 36.65
C PRO D 933 22.31 38.08 36.52
N ALA D 934 21.48 37.92 37.55
CA ALA D 934 20.55 36.81 37.59
C ALA D 934 19.44 37.05 36.57
N ASN D 935 18.80 35.95 36.19
CA ASN D 935 17.71 35.90 35.20
C ASN D 935 18.21 36.32 33.81
N VAL D 936 19.42 35.92 33.49
CA VAL D 936 20.01 36.16 32.17
C VAL D 936 20.47 34.79 31.66
N ASP D 937 19.94 34.36 30.53
CA ASP D 937 20.38 33.10 29.92
C ASP D 937 21.83 33.21 29.45
N LEU D 938 22.53 32.10 29.52
CA LEU D 938 23.96 32.09 29.22
C LEU D 938 24.18 31.76 27.76
N GLY D 939 25.18 32.41 27.18
CA GLY D 939 25.52 32.18 25.79
C GLY D 939 27.03 32.17 25.63
N ASP D 940 27.51 32.33 24.41
CA ASP D 940 28.95 32.34 24.15
C ASP D 940 29.61 33.53 24.82
N VAL D 941 28.98 34.70 24.70
CA VAL D 941 29.54 35.93 25.26
C VAL D 941 29.59 35.90 26.78
N LEU D 942 28.52 35.44 27.43
CA LEU D 942 28.45 35.44 28.88
C LEU D 942 29.38 34.43 29.51
N ILE D 943 29.48 33.23 28.92
CA ILE D 943 30.34 32.19 29.46
C ILE D 943 31.80 32.63 29.36
N ASP D 944 32.14 33.32 28.27
CA ASP D 944 33.47 33.91 28.09
C ASP D 944 33.79 34.92 29.18
N ALA D 945 32.81 35.74 29.57
CA ALA D 945 33.00 36.71 30.63
C ALA D 945 33.33 36.03 31.96
N LEU D 946 32.67 34.92 32.25
CA LEU D 946 32.88 34.27 33.54
C LEU D 946 34.22 33.53 33.61
N VAL D 947 34.63 32.86 32.54
CA VAL D 947 35.92 32.17 32.56
C VAL D 947 37.08 33.17 32.54
N ALA D 948 36.93 34.31 31.85
CA ALA D 948 37.98 35.31 31.83
C ALA D 948 38.22 35.90 33.22
N HIS D 949 37.15 36.24 33.93
CA HIS D 949 37.31 36.75 35.29
C HIS D 949 37.76 35.67 36.26
N GLY D 950 37.56 34.39 35.93
CA GLY D 950 38.10 33.32 36.73
C GLY D 950 37.19 32.63 37.72
N VAL D 951 35.89 32.90 37.70
CA VAL D 951 34.96 32.15 38.56
C VAL D 951 34.88 30.70 38.09
N GLU D 952 34.91 29.76 39.06
CA GLU D 952 35.01 28.35 38.73
C GLU D 952 33.69 27.59 38.72
N GLU D 953 32.63 28.08 39.37
CA GLU D 953 31.34 27.43 39.28
C GLU D 953 30.28 28.50 39.05
N VAL D 954 29.03 28.05 38.84
CA VAL D 954 27.90 28.95 38.68
C VAL D 954 26.68 28.18 39.16
N LYS D 955 25.65 28.89 39.59
CA LYS D 955 24.39 28.29 40.03
C LYS D 955 23.31 28.71 39.06
N THR D 956 22.86 27.77 38.24
CA THR D 956 21.85 28.01 37.22
C THR D 956 20.55 27.37 37.66
N ARG D 957 19.46 28.12 37.52
CA ARG D 957 18.14 27.56 37.75
C ARG D 957 17.84 26.46 36.74
N SER D 958 17.11 25.45 37.18
CA SER D 958 16.93 24.27 36.34
C SER D 958 15.63 23.58 36.65
N ILE D 959 15.27 22.65 35.76
CA ILE D 959 13.96 21.98 35.76
C ILE D 959 13.72 21.17 37.02
N LEU D 960 14.78 20.64 37.66
CA LEU D 960 14.61 19.81 38.85
C LEU D 960 13.99 20.56 40.01
N THR D 961 14.49 21.76 40.28
CA THR D 961 14.08 22.56 41.41
C THR D 961 12.90 23.47 41.15
N CYS D 962 12.23 23.31 40.01
CA CYS D 962 11.04 24.10 39.71
C CYS D 962 9.96 23.83 40.74
N GLU D 963 9.29 24.88 41.21
CA GLU D 963 8.15 24.67 42.09
C GLU D 963 6.95 25.31 41.43
N SER D 964 6.35 24.56 40.50
CA SER D 964 5.15 24.95 39.80
C SER D 964 4.09 23.91 40.10
N GLN D 965 2.88 24.35 40.48
CA GLN D 965 1.81 23.41 40.80
C GLN D 965 1.34 22.62 39.60
N VAL D 966 1.52 23.15 38.39
CA VAL D 966 1.10 22.48 37.18
C VAL D 966 2.26 22.58 36.17
N GLY D 967 2.85 21.43 35.86
CA GLY D 967 3.96 21.33 34.93
C GLY D 967 5.22 22.07 35.38
N THR D 968 5.82 22.85 34.48
CA THR D 968 7.08 23.53 34.72
C THR D 968 7.05 24.95 34.19
N CYS D 969 7.66 25.88 34.90
CA CYS D 969 7.63 27.26 34.41
C CYS D 969 8.60 27.41 33.25
N ALA D 970 8.46 28.51 32.51
CA ALA D 970 9.37 28.78 31.39
C ALA D 970 10.78 29.14 31.83
N MET D 971 10.92 29.87 32.94
CA MET D 971 12.26 30.27 33.38
C MET D 971 13.10 29.08 33.81
N CYS D 972 12.49 28.11 34.50
CA CYS D 972 13.28 26.98 35.00
C CYS D 972 13.74 26.10 33.86
N TYR D 973 12.91 25.95 32.82
CA TYR D 973 13.36 25.23 31.64
C TYR D 973 14.44 25.97 30.89
N GLY D 974 14.54 27.28 31.05
CA GLY D 974 15.51 28.04 30.29
C GLY D 974 15.10 28.14 28.83
N ARG D 975 15.95 28.77 28.04
CA ARG D 975 15.65 28.92 26.62
C ARG D 975 15.67 27.57 25.92
N SER D 976 14.76 27.40 24.97
CA SER D 976 14.77 26.25 24.09
C SER D 976 15.97 26.29 23.17
N LEU D 977 16.11 25.27 22.35
CA LEU D 977 17.26 25.16 21.49
C LEU D 977 16.93 25.24 20.02
N ALA D 978 15.74 24.81 19.62
CA ALA D 978 15.38 24.90 18.21
C ALA D 978 15.11 26.33 17.76
N THR D 979 14.92 27.28 18.67
CA THR D 979 14.65 28.64 18.27
C THR D 979 15.68 29.63 18.78
N GLY D 980 16.42 29.30 19.82
CA GLY D 980 17.39 30.23 20.35
C GLY D 980 16.81 31.37 21.14
N LYS D 981 15.60 31.23 21.64
CA LYS D 981 14.94 32.23 22.46
C LYS D 981 14.27 31.49 23.59
N LEU D 982 13.79 32.25 24.58
CA LEU D 982 13.05 31.69 25.70
C LEU D 982 11.87 30.85 25.24
N VAL D 983 11.67 29.71 25.90
CA VAL D 983 10.62 28.77 25.53
C VAL D 983 9.25 29.41 25.70
N ASP D 984 8.37 29.16 24.73
CA ASP D 984 7.03 29.71 24.76
C ASP D 984 6.15 28.98 25.76
N ILE D 985 5.13 29.69 26.24
CA ILE D 985 4.15 29.10 27.13
C ILE D 985 3.33 28.07 26.36
N GLY D 986 3.12 26.91 26.95
CA GLY D 986 2.32 25.88 26.33
C GLY D 986 3.06 24.90 25.48
N GLU D 987 4.38 25.07 25.34
CA GLU D 987 5.15 24.09 24.59
C GLU D 987 5.20 22.77 25.37
N ALA D 988 5.27 21.67 24.64
CA ALA D 988 5.31 20.35 25.24
C ALA D 988 6.78 19.97 25.31
N VAL D 989 7.44 20.38 26.39
CA VAL D 989 8.84 20.05 26.59
C VAL D 989 9.00 18.56 26.82
N GLY D 990 7.99 17.93 27.40
CA GLY D 990 8.06 16.51 27.74
C GLY D 990 8.23 15.62 26.51
N ILE D 991 7.40 15.85 25.48
CA ILE D 991 7.49 15.06 24.26
C ILE D 991 8.79 15.32 23.53
N ILE D 992 9.28 16.56 23.58
CA ILE D 992 10.55 16.92 22.94
C ILE D 992 11.71 16.18 23.58
N ALA D 993 11.74 16.12 24.91
CA ALA D 993 12.82 15.44 25.62
C ALA D 993 12.86 13.96 25.31
N ALA D 994 11.71 13.30 25.28
CA ALA D 994 11.65 11.86 25.01
C ALA D 994 12.17 11.52 23.62
N GLN D 995 11.78 12.30 22.62
CA GLN D 995 12.23 12.07 21.26
C GLN D 995 13.73 12.28 21.12
N SER D 996 14.27 13.28 21.80
CA SER D 996 15.70 13.58 21.73
C SER D 996 16.55 12.46 22.31
N ILE D 997 16.08 11.82 23.37
CA ILE D 997 16.83 10.71 23.95
C ILE D 997 16.74 9.48 23.06
N GLY D 998 15.59 9.26 22.44
CA GLY D 998 15.38 8.08 21.65
C GLY D 998 15.85 8.11 20.22
N GLU D 999 15.99 9.30 19.64
CA GLU D 999 16.43 9.41 18.24
C GLU D 999 17.82 8.81 17.99
N PRO D 1000 18.89 9.14 18.72
CA PRO D 1000 20.18 8.51 18.40
C PRO D 1000 20.36 7.11 18.96
N GLY D 1001 19.30 6.51 19.51
CA GLY D 1001 19.39 5.15 20.03
C GLY D 1001 19.85 4.12 19.02
N THR D 1002 19.38 4.26 17.77
CA THR D 1002 19.86 3.37 16.72
C THR D 1002 21.32 3.64 16.40
N GLN D 1003 21.76 4.87 16.59
CA GLN D 1003 23.11 5.27 16.26
C GLN D 1003 24.12 4.77 17.27
N LEU D 1004 23.68 4.38 18.47
CA LEU D 1004 24.59 3.95 19.53
C LEU D 1004 25.41 2.74 19.12
N THR D 1005 24.75 1.58 19.03
CA THR D 1005 25.29 0.29 18.56
C THR D 1005 26.69 0.01 19.08
N MET D 1006 26.84 0.04 20.41
CA MET D 1006 28.13 -0.24 20.99
C MET D 1006 28.07 -1.45 21.91
N ARG D 1007 29.14 -2.22 21.87
CA ARG D 1007 29.32 -3.47 22.58
C ARG D 1007 30.81 -3.64 22.79
N THR D 1008 31.17 -4.42 23.81
CA THR D 1008 32.57 -4.79 24.03
C THR D 1008 33.10 -5.51 22.79
N PHE D 1009 34.30 -5.12 22.35
CA PHE D 1009 34.86 -5.71 21.14
C PHE D 1009 35.04 -7.21 21.32
N HIS D 1010 35.56 -7.64 22.48
CA HIS D 1010 35.69 -9.06 22.77
C HIS D 1010 35.56 -9.27 24.27
N THR D 1011 34.79 -10.30 24.64
CA THR D 1011 34.53 -10.59 26.05
C THR D 1011 35.79 -11.04 26.79
N GLY D 1012 36.76 -11.60 26.08
CA GLY D 1012 37.96 -12.10 26.74
C GLY D 1012 37.78 -13.44 27.41
N GLY D 1013 36.66 -14.13 27.17
CA GLY D 1013 36.40 -15.39 27.81
C GLY D 1013 35.82 -15.29 29.21
N VAL D 1014 35.52 -14.09 29.68
CA VAL D 1014 34.99 -13.87 31.01
C VAL D 1014 33.67 -13.13 30.90
N ALA D 1015 32.66 -13.61 31.61
CA ALA D 1015 31.32 -13.02 31.67
C ALA D 1015 31.14 -12.30 32.99
N GLY D 1016 30.59 -11.08 32.92
CA GLY D 1016 30.31 -10.31 34.11
C GLY D 1016 31.37 -9.30 34.51
N ASP D 1017 32.57 -9.39 33.94
CA ASP D 1017 33.58 -8.37 34.21
C ASP D 1017 33.20 -7.03 33.61
N ASP D 1018 32.62 -7.05 32.41
CA ASP D 1018 32.27 -5.83 31.70
C ASP D 1018 30.78 -5.54 31.83
N ILE D 1019 30.47 -4.38 32.41
CA ILE D 1019 29.10 -3.96 32.65
C ILE D 1019 28.44 -3.63 31.32
N THR D 1020 27.10 -3.80 31.28
CA THR D 1020 26.26 -3.44 30.14
C THR D 1020 26.62 -2.08 29.56
N GLN D 1021 26.85 -2.06 28.25
CA GLN D 1021 27.21 -0.87 27.49
C GLN D 1021 26.10 -0.51 26.52
N GLY D 1022 25.94 0.78 26.25
CA GLY D 1022 25.08 1.18 25.16
C GLY D 1022 23.61 1.24 25.56
N LEU D 1023 22.76 1.02 24.57
CA LEU D 1023 21.32 1.08 24.77
C LEU D 1023 20.79 0.18 25.89
N PRO D 1024 21.27 -1.06 26.11
CA PRO D 1024 20.91 -1.76 27.36
C PRO D 1024 21.25 -1.01 28.63
N ARG D 1025 22.40 -0.33 28.69
CA ARG D 1025 22.75 0.47 29.87
C ARG D 1025 21.80 1.65 30.05
N VAL D 1026 21.40 2.30 28.96
CA VAL D 1026 20.46 3.42 29.02
C VAL D 1026 19.11 2.95 29.56
N VAL D 1027 18.61 1.83 29.00
CA VAL D 1027 17.33 1.29 29.41
C VAL D 1027 17.38 0.85 30.87
N GLU D 1028 18.51 0.30 31.30
CA GLU D 1028 18.72 -0.08 32.70
C GLU D 1028 18.68 1.12 33.63
N LEU D 1029 19.37 2.20 33.27
CA LEU D 1029 19.35 3.43 34.06
C LEU D 1029 17.96 4.03 34.17
N PHE D 1030 17.18 4.00 33.10
CA PHE D 1030 15.88 4.64 33.15
C PHE D 1030 14.82 3.80 33.83
N GLU D 1031 15.07 2.51 34.03
CA GLU D 1031 14.09 1.61 34.62
C GLU D 1031 14.34 1.37 36.09
N ALA D 1032 15.32 2.07 36.67
CA ALA D 1032 15.78 1.91 38.06
C ALA D 1032 16.24 0.50 38.40
N ARG D 1033 16.77 -0.25 37.44
CA ARG D 1033 17.11 -1.64 37.67
C ARG D 1033 18.49 -1.72 38.28
N THR D 1034 18.64 -2.59 39.28
CA THR D 1034 19.93 -2.82 39.91
C THR D 1034 20.88 -3.39 38.86
N PRO D 1035 22.06 -2.80 38.67
CA PRO D 1035 22.96 -3.21 37.59
C PRO D 1035 23.40 -4.66 37.62
N LYS D 1036 23.71 -5.17 36.43
CA LYS D 1036 24.22 -6.53 36.28
C LYS D 1036 25.49 -6.71 37.09
N GLY D 1037 26.44 -5.79 36.93
CA GLY D 1037 27.61 -5.74 37.78
C GLY D 1037 27.41 -4.66 38.81
N VAL D 1038 27.15 -5.03 40.06
CA VAL D 1038 26.78 -4.07 41.07
C VAL D 1038 27.98 -3.83 41.99
N ALA D 1039 28.34 -2.57 42.16
CA ALA D 1039 29.39 -2.14 43.07
C ALA D 1039 28.80 -1.47 44.30
N PRO D 1040 28.92 -2.05 45.50
CA PRO D 1040 28.38 -1.43 46.72
C PRO D 1040 28.91 -0.03 47.01
N ILE D 1041 28.20 0.67 47.89
CA ILE D 1041 28.54 2.02 48.28
C ILE D 1041 28.79 2.07 49.78
N SER D 1042 29.83 2.81 50.17
CA SER D 1042 30.10 3.06 51.57
C SER D 1042 29.02 3.95 52.20
N GLU D 1043 28.58 3.59 53.40
CA GLU D 1043 27.60 4.43 54.10
C GLU D 1043 28.23 5.68 54.69
N ALA D 1044 29.38 5.53 55.33
CA ALA D 1044 30.06 6.64 56.02
C ALA D 1044 31.51 6.26 56.29
N SER D 1045 32.20 7.09 57.06
CA SER D 1045 33.61 6.92 57.34
C SER D 1045 33.88 5.80 58.35
N GLY D 1046 35.09 5.25 58.27
CA GLY D 1046 35.51 4.19 59.17
C GLY D 1046 36.70 3.43 58.59
N ARG D 1047 36.95 2.27 59.18
CA ARG D 1047 38.04 1.37 58.78
C ARG D 1047 37.49 0.16 58.04
N VAL D 1048 38.00 -0.09 56.83
CA VAL D 1048 37.54 -1.20 55.98
C VAL D 1048 38.64 -2.26 55.85
N ARG D 1049 38.24 -3.54 55.85
CA ARG D 1049 39.18 -4.63 55.69
C ARG D 1049 38.49 -5.79 54.98
N ILE D 1050 39.29 -6.79 54.58
CA ILE D 1050 38.83 -7.86 53.70
C ILE D 1050 39.04 -9.21 54.37
N GLU D 1051 38.07 -10.10 54.20
CA GLU D 1051 38.13 -11.49 54.65
C GLU D 1051 38.05 -12.41 53.43
N GLU D 1052 39.15 -13.12 53.14
CA GLU D 1052 39.22 -13.97 51.96
C GLU D 1052 38.81 -15.41 52.29
N THR D 1053 37.53 -15.54 52.67
CA THR D 1053 36.95 -16.85 52.98
C THR D 1053 36.92 -17.73 51.72
N GLU D 1054 37.18 -19.03 51.91
CA GLU D 1054 37.28 -19.98 50.82
C GLU D 1054 35.98 -20.12 50.04
N LYS D 1055 34.83 -20.15 50.73
CA LYS D 1055 33.54 -20.31 50.06
C LYS D 1055 33.23 -19.12 49.15
N THR D 1056 33.48 -17.89 49.61
CA THR D 1056 33.18 -16.65 48.91
C THR D 1056 33.90 -15.50 49.60
N LYS D 1057 34.28 -14.50 48.80
CA LYS D 1057 34.93 -13.31 49.33
C LYS D 1057 33.97 -12.46 50.16
N LYS D 1058 34.54 -11.54 50.94
CA LYS D 1058 33.80 -10.77 51.92
C LYS D 1058 34.58 -9.51 52.25
N ILE D 1059 33.86 -8.41 52.47
CA ILE D 1059 34.46 -7.12 52.82
C ILE D 1059 33.69 -6.53 53.99
N VAL D 1060 34.39 -6.28 55.08
CA VAL D 1060 33.79 -5.82 56.33
C VAL D 1060 34.43 -4.48 56.66
N VAL D 1061 33.60 -3.49 56.96
CA VAL D 1061 34.07 -2.16 57.27
C VAL D 1061 33.59 -1.79 58.66
N THR D 1062 34.53 -1.40 59.53
CA THR D 1062 34.20 -0.94 60.86
C THR D 1062 34.02 0.56 60.81
N PRO D 1063 32.81 1.08 60.89
CA PRO D 1063 32.59 2.52 60.90
C PRO D 1063 33.15 3.14 62.16
N ASP D 1064 33.64 4.37 62.04
CA ASP D 1064 34.10 5.11 63.21
C ASP D 1064 32.91 5.52 64.09
N ASP D 1065 33.24 6.18 65.21
CA ASP D 1065 32.31 6.70 66.21
C ASP D 1065 31.49 5.62 66.91
N GLY D 1066 31.94 4.37 66.86
CA GLY D 1066 31.27 3.32 67.61
C GLY D 1066 29.95 2.85 67.07
N SER D 1067 29.58 3.25 65.85
CA SER D 1067 28.30 2.84 65.28
C SER D 1067 28.30 1.37 64.89
N ASP D 1068 27.10 0.88 64.57
CA ASP D 1068 26.84 -0.54 64.35
C ASP D 1068 27.58 -1.06 63.14
N GLU D 1069 28.18 -2.23 63.30
CA GLU D 1069 28.89 -2.93 62.23
C GLU D 1069 28.03 -3.25 61.02
N THR D 1070 28.64 -3.15 59.85
CA THR D 1070 28.00 -3.39 58.56
C THR D 1070 28.87 -4.36 57.77
N ALA D 1071 28.25 -5.41 57.24
CA ALA D 1071 28.93 -6.55 56.64
C ALA D 1071 28.59 -6.63 55.16
N PHE D 1072 29.58 -6.36 54.28
CA PHE D 1072 29.22 -6.42 52.88
C PHE D 1072 29.68 -7.72 52.24
N PRO D 1073 28.83 -8.41 51.49
CA PRO D 1073 29.29 -9.56 50.70
C PRO D 1073 29.78 -9.11 49.32
N ILE D 1074 30.54 -10.00 48.68
CA ILE D 1074 31.11 -9.76 47.35
C ILE D 1074 31.34 -11.10 46.67
N SER D 1075 31.51 -11.06 45.35
CA SER D 1075 31.82 -12.27 44.61
C SER D 1075 33.27 -12.69 44.85
N LYS D 1076 33.55 -13.95 44.50
CA LYS D 1076 34.89 -14.51 44.66
C LYS D 1076 35.91 -13.81 43.77
N ARG D 1077 35.49 -13.35 42.60
CA ARG D 1077 36.34 -12.53 41.74
C ARG D 1077 36.02 -11.04 41.93
N ALA D 1078 36.14 -10.60 43.19
CA ALA D 1078 35.76 -9.23 43.57
C ALA D 1078 36.62 -8.18 42.89
N ARG D 1079 37.96 -8.40 42.88
CA ARG D 1079 38.95 -7.51 42.25
C ARG D 1079 38.90 -6.08 42.79
N LEU D 1080 38.79 -5.96 44.12
CA LEU D 1080 38.67 -4.67 44.81
C LEU D 1080 39.97 -3.85 44.66
N LEU D 1081 39.90 -2.59 45.09
CA LEU D 1081 41.04 -1.68 44.93
C LEU D 1081 41.43 -0.86 46.15
N VAL D 1082 40.57 -0.71 47.15
CA VAL D 1082 40.88 0.09 48.34
C VAL D 1082 41.87 -0.61 49.25
N GLY D 1083 42.75 0.17 49.88
CA GLY D 1083 43.73 -0.40 50.77
C GLY D 1083 43.10 -0.97 52.03
N GLU D 1084 43.77 -1.95 52.61
CA GLU D 1084 43.27 -2.67 53.78
C GLU D 1084 43.53 -1.91 55.08
N GLY D 1085 42.56 -1.97 55.99
CA GLY D 1085 42.63 -1.27 57.26
C GLY D 1085 42.71 0.24 57.14
N ASP D 1086 42.02 0.80 56.15
CA ASP D 1086 42.17 2.21 55.81
C ASP D 1086 40.86 2.97 55.86
N HIS D 1087 41.00 4.28 55.82
CA HIS D 1087 39.88 5.22 55.82
C HIS D 1087 39.06 5.11 54.55
N VAL D 1088 37.73 5.17 54.70
CA VAL D 1088 36.81 5.21 53.58
C VAL D 1088 35.96 6.46 53.77
N GLU D 1089 35.43 6.98 52.68
CA GLU D 1089 34.56 8.14 52.72
C GLU D 1089 33.16 7.76 52.28
N VAL D 1090 32.24 8.72 52.39
CA VAL D 1090 30.83 8.42 52.18
C VAL D 1090 30.52 8.18 50.71
N GLY D 1091 31.07 8.98 49.81
CA GLY D 1091 30.60 8.94 48.45
C GLY D 1091 31.29 7.97 47.54
N GLN D 1092 32.46 7.45 47.92
CA GLN D 1092 33.21 6.58 47.03
C GLN D 1092 32.52 5.24 46.89
N LYS D 1093 32.80 4.59 45.76
CA LYS D 1093 32.32 3.25 45.50
C LYS D 1093 33.44 2.25 45.76
N LEU D 1094 33.09 1.15 46.42
CA LEU D 1094 34.10 0.24 46.96
C LEU D 1094 34.85 -0.48 45.85
N THR D 1095 34.17 -0.94 44.81
CA THR D 1095 34.81 -1.70 43.74
C THR D 1095 34.39 -1.15 42.39
N VAL D 1096 34.91 -1.76 41.34
CA VAL D 1096 34.61 -1.34 39.97
C VAL D 1096 33.29 -1.95 39.56
N GLY D 1097 32.50 -1.21 38.78
CA GLY D 1097 31.21 -1.73 38.36
C GLY D 1097 30.31 -0.59 37.96
N ALA D 1098 29.02 -0.80 38.20
CA ALA D 1098 28.02 0.21 37.98
C ALA D 1098 27.24 0.40 39.26
N THR D 1099 27.16 1.64 39.70
CA THR D 1099 26.58 2.00 40.98
C THR D 1099 25.09 1.70 40.99
N ASN D 1100 24.58 1.25 42.14
CA ASN D 1100 23.15 1.03 42.26
C ASN D 1100 22.44 2.34 42.55
N PRO D 1101 21.52 2.79 41.69
CA PRO D 1101 20.86 4.09 41.89
C PRO D 1101 20.04 4.21 43.16
N HIS D 1102 19.49 3.10 43.64
CA HIS D 1102 18.61 3.14 44.80
C HIS D 1102 19.35 3.54 46.07
N ASP D 1103 20.53 2.94 46.31
CA ASP D 1103 21.29 3.25 47.51
C ASP D 1103 21.82 4.69 47.51
N VAL D 1104 22.18 5.21 46.34
CA VAL D 1104 22.59 6.60 46.21
C VAL D 1104 21.48 7.54 46.66
N LEU D 1105 20.23 7.17 46.36
CA LEU D 1105 19.09 7.90 46.92
C LEU D 1105 19.02 7.71 48.42
N ARG D 1106 19.27 6.49 48.89
CA ARG D 1106 19.03 6.14 50.28
C ARG D 1106 19.99 6.87 51.21
N ILE D 1107 21.27 6.84 50.92
CA ILE D 1107 22.29 7.43 51.78
C ILE D 1107 22.56 8.88 51.42
N LEU D 1108 23.03 9.11 50.20
CA LEU D 1108 23.53 10.42 49.80
C LEU D 1108 22.44 11.48 49.79
N GLY D 1109 21.44 11.33 48.95
CA GLY D 1109 20.39 12.31 48.91
C GLY D 1109 19.81 12.46 47.51
N GLN D 1110 18.68 13.15 47.47
CA GLN D 1110 17.95 13.37 46.22
C GLN D 1110 18.76 14.17 45.19
N ARG D 1111 19.50 15.18 45.65
CA ARG D 1111 20.34 15.95 44.72
C ARG D 1111 21.43 15.09 44.12
N ALA D 1112 22.03 14.22 44.93
CA ALA D 1112 23.11 13.37 44.46
C ALA D 1112 22.65 12.37 43.40
N VAL D 1113 21.47 11.78 43.58
CA VAL D 1113 20.99 10.80 42.61
C VAL D 1113 20.65 11.48 41.28
N GLN D 1114 20.17 12.73 41.32
CA GLN D 1114 19.98 13.51 40.10
C GLN D 1114 21.30 13.71 39.36
N VAL D 1115 22.35 14.07 40.09
CA VAL D 1115 23.68 14.23 39.52
C VAL D 1115 24.17 12.91 38.94
N HIS D 1116 23.94 11.81 39.68
CA HIS D 1116 24.40 10.50 39.24
C HIS D 1116 23.71 10.04 37.97
N LEU D 1117 22.38 10.14 37.93
CA LEU D 1117 21.60 9.69 36.78
C LEU D 1117 21.92 10.46 35.51
N VAL D 1118 21.97 11.80 35.59
CA VAL D 1118 22.28 12.62 34.42
C VAL D 1118 23.68 12.32 33.93
N GLY D 1119 24.65 12.25 34.85
CA GLY D 1119 26.03 11.97 34.48
C GLY D 1119 26.22 10.60 33.86
N GLU D 1120 25.59 9.58 34.44
CA GLU D 1120 25.72 8.20 33.96
C GLU D 1120 25.19 8.02 32.54
N VAL D 1121 23.97 8.48 32.28
CA VAL D 1121 23.40 8.29 30.95
C VAL D 1121 24.13 9.12 29.90
N GLN D 1122 24.66 10.29 30.27
CA GLN D 1122 25.37 11.15 29.32
C GLN D 1122 26.66 10.51 28.80
N LYS D 1123 27.37 9.75 29.65
CA LYS D 1123 28.61 9.13 29.19
C LYS D 1123 28.37 8.08 28.11
N VAL D 1124 27.21 7.42 28.14
CA VAL D 1124 26.85 6.48 27.07
C VAL D 1124 26.71 7.21 25.75
N TYR D 1125 26.04 8.35 25.75
CA TYR D 1125 25.86 9.14 24.54
C TYR D 1125 27.16 9.79 24.09
N ASN D 1126 27.90 10.41 25.01
CA ASN D 1126 29.15 11.08 24.65
C ASN D 1126 30.23 10.12 24.20
N SER D 1127 30.15 8.85 24.59
CA SER D 1127 31.04 7.81 24.07
C SER D 1127 30.97 7.68 22.56
N GLN D 1128 29.77 7.79 21.99
CA GLN D 1128 29.64 7.75 20.54
C GLN D 1128 30.01 9.08 19.91
N GLY D 1129 29.33 10.16 20.29
CA GLY D 1129 29.55 11.43 19.63
C GLY D 1129 28.33 12.28 19.51
N VAL D 1130 27.16 11.69 19.78
CA VAL D 1130 25.93 12.45 19.86
C VAL D 1130 25.97 13.38 21.06
N SER D 1131 25.25 14.49 20.97
CA SER D 1131 25.22 15.49 22.02
C SER D 1131 23.77 15.83 22.32
N ILE D 1132 23.35 15.53 23.54
CA ILE D 1132 22.02 15.87 24.03
C ILE D 1132 22.19 16.83 25.20
N HIS D 1133 21.54 17.97 25.14
CA HIS D 1133 21.59 18.93 26.23
C HIS D 1133 20.98 18.35 27.48
N ASP D 1134 21.57 18.70 28.64
CA ASP D 1134 21.20 18.09 29.90
C ASP D 1134 19.77 18.38 30.34
N LYS D 1135 19.12 19.43 29.80
CA LYS D 1135 17.74 19.71 30.17
C LYS D 1135 16.83 18.58 29.72
N HIS D 1136 17.12 17.98 28.57
CA HIS D 1136 16.35 16.84 28.08
C HIS D 1136 16.43 15.65 29.03
N ILE D 1137 17.62 15.34 29.54
CA ILE D 1137 17.77 14.30 30.54
C ILE D 1137 17.04 14.68 31.82
N GLU D 1138 17.18 15.93 32.25
CA GLU D 1138 16.71 16.39 33.54
C GLU D 1138 15.19 16.30 33.67
N ILE D 1139 14.47 16.51 32.57
CA ILE D 1139 13.01 16.44 32.57
C ILE D 1139 12.53 15.04 32.95
N ILE D 1140 13.12 14.01 32.33
CA ILE D 1140 12.75 12.63 32.62
C ILE D 1140 13.08 12.25 34.05
N ILE D 1141 14.25 12.66 34.55
CA ILE D 1141 14.65 12.32 35.93
C ILE D 1141 13.77 13.02 36.95
N ARG D 1142 13.27 14.21 36.61
CA ARG D 1142 12.31 14.90 37.47
C ARG D 1142 11.05 14.07 37.64
N GLN D 1143 10.61 13.40 36.56
CA GLN D 1143 9.40 12.60 36.61
C GLN D 1143 9.56 11.35 37.46
N MET D 1144 10.77 10.79 37.54
CA MET D 1144 10.96 9.57 38.31
C MET D 1144 10.92 9.85 39.80
N LEU D 1145 11.38 11.01 40.24
CA LEU D 1145 11.47 11.32 41.66
C LEU D 1145 10.20 11.91 42.26
N ARG D 1146 9.11 12.02 41.50
CA ARG D 1146 7.93 12.76 41.95
C ARG D 1146 7.24 12.10 43.14
N ARG D 1147 7.06 10.78 43.12
CA ARG D 1147 6.33 10.13 44.20
C ARG D 1147 7.19 10.01 45.45
N VAL D 1148 6.57 9.51 46.52
CA VAL D 1148 7.25 9.29 47.80
C VAL D 1148 6.61 8.07 48.45
N THR D 1149 7.41 7.27 49.13
CA THR D 1149 6.90 6.07 49.79
C THR D 1149 6.65 6.37 51.27
N ILE D 1150 5.42 6.15 51.68
CA ILE D 1150 5.03 6.45 53.05
C ILE D 1150 5.40 5.28 53.96
N ILE D 1151 5.94 5.60 55.13
CA ILE D 1151 6.31 4.63 56.15
C ILE D 1151 5.77 5.16 57.47
N GLU D 1152 5.31 4.24 58.32
CA GLU D 1152 4.66 4.53 59.60
C GLU D 1152 3.45 5.44 59.38
N SER D 1153 2.48 4.93 58.62
CA SER D 1153 1.31 5.71 58.22
C SER D 1153 0.24 5.70 59.30
N GLY D 1154 0.61 6.20 60.48
CA GLY D 1154 -0.34 6.20 61.56
C GLY D 1154 -1.29 7.36 61.43
N ASP D 1155 -0.73 8.56 61.40
CA ASP D 1155 -1.54 9.77 61.47
C ASP D 1155 -2.04 10.23 60.11
N ALA D 1156 -1.31 9.97 59.02
CA ALA D 1156 -1.77 10.39 57.69
C ALA D 1156 -3.02 9.66 57.24
N GLU D 1157 -3.29 8.50 57.81
CA GLU D 1157 -4.50 7.67 57.73
C GLU D 1157 -4.61 6.92 56.41
N LEU D 1158 -3.69 7.11 55.47
CA LEU D 1158 -3.73 6.31 54.26
C LEU D 1158 -2.90 5.06 54.52
N LEU D 1159 -2.67 4.23 53.52
CA LEU D 1159 -1.99 2.96 53.75
C LEU D 1159 -0.50 3.18 53.98
N PRO D 1160 0.17 2.28 54.66
CA PRO D 1160 1.63 2.35 54.71
C PRO D 1160 2.25 1.55 53.58
N GLY D 1161 3.45 1.99 53.20
CA GLY D 1161 4.25 1.30 52.20
C GLY D 1161 3.64 1.26 50.82
N GLU D 1162 3.10 2.38 50.34
CA GLU D 1162 2.73 2.50 48.94
C GLU D 1162 3.12 3.88 48.45
N LEU D 1163 3.35 3.97 47.15
CA LEU D 1163 3.73 5.22 46.52
C LEU D 1163 2.60 6.24 46.58
N VAL D 1164 2.95 7.48 46.91
CA VAL D 1164 2.04 8.62 46.98
C VAL D 1164 2.83 9.82 46.50
N GLU D 1165 2.20 10.67 45.69
CA GLU D 1165 2.87 11.84 45.12
C GLU D 1165 3.26 12.82 46.23
N ARG D 1166 4.36 13.54 45.98
CA ARG D 1166 4.96 14.44 46.96
C ARG D 1166 4.01 15.54 47.40
N THR D 1167 3.32 16.17 46.46
CA THR D 1167 2.42 17.29 46.77
C THR D 1167 1.26 16.90 47.67
N LYS D 1168 0.63 15.74 47.42
CA LYS D 1168 -0.43 15.26 48.30
C LYS D 1168 0.10 14.94 49.69
N PHE D 1169 1.30 14.36 49.75
CA PHE D 1169 1.96 14.06 51.02
C PHE D 1169 2.17 15.33 51.84
N GLU D 1170 2.64 16.39 51.19
CA GLU D 1170 2.85 17.67 51.89
C GLU D 1170 1.53 18.24 52.40
N THR D 1171 0.49 18.17 51.58
CA THR D 1171 -0.83 18.70 51.97
C THR D 1171 -1.44 17.96 53.15
N GLU D 1172 -1.37 16.63 53.13
CA GLU D 1172 -1.95 15.82 54.20
C GLU D 1172 -1.21 16.03 55.51
N ASN D 1173 0.12 16.14 55.46
CA ASN D 1173 0.89 16.48 56.66
C ASN D 1173 0.58 17.87 57.19
N ARG D 1174 0.41 18.86 56.30
CA ARG D 1174 0.05 20.20 56.74
C ARG D 1174 -1.29 20.25 57.45
N ARG D 1175 -2.29 19.52 56.94
CA ARG D 1175 -3.59 19.45 57.61
C ARG D 1175 -3.51 18.80 58.98
N VAL D 1176 -2.74 17.72 59.11
CA VAL D 1176 -2.71 16.95 60.35
C VAL D 1176 -2.03 17.74 61.47
N VAL D 1177 -0.97 18.49 61.16
CA VAL D 1177 -0.38 19.36 62.17
C VAL D 1177 -1.33 20.50 62.54
N GLN D 1178 -2.09 20.99 61.55
CA GLN D 1178 -3.19 21.91 61.83
C GLN D 1178 -4.26 21.24 62.69
N GLU D 1179 -4.55 19.97 62.41
CA GLU D 1179 -5.48 19.20 63.23
C GLU D 1179 -4.93 18.88 64.63
N GLY D 1180 -3.64 19.11 64.88
CA GLY D 1180 -3.05 18.81 66.16
C GLY D 1180 -2.25 17.52 66.18
N GLY D 1181 -2.48 16.65 65.19
CA GLY D 1181 -1.72 15.42 65.10
C GLY D 1181 -0.32 15.62 64.55
N HIS D 1182 0.60 14.77 65.02
CA HIS D 1182 1.96 14.81 64.52
C HIS D 1182 2.04 14.30 63.07
N PRO D 1183 2.95 14.86 62.27
CA PRO D 1183 3.01 14.47 60.85
C PRO D 1183 3.49 13.04 60.66
N ALA D 1184 2.99 12.39 59.61
CA ALA D 1184 3.51 11.08 59.22
C ALA D 1184 4.76 11.21 58.36
N SER D 1185 5.72 10.32 58.57
CA SER D 1185 6.99 10.43 57.87
C SER D 1185 6.87 9.87 56.46
N GLY D 1186 7.83 10.24 55.62
CA GLY D 1186 7.92 9.70 54.28
C GLY D 1186 9.37 9.77 53.83
N ARG D 1187 9.75 8.86 52.94
CA ARG D 1187 11.10 8.88 52.44
C ARG D 1187 11.07 8.85 50.92
N PRO D 1188 11.91 9.64 50.25
CA PRO D 1188 11.92 9.68 48.79
C PRO D 1188 12.21 8.32 48.16
N GLN D 1189 11.55 8.07 47.03
CA GLN D 1189 11.65 6.79 46.35
C GLN D 1189 11.74 7.02 44.86
N LEU D 1190 12.68 6.33 44.23
CA LEU D 1190 12.90 6.40 42.80
C LEU D 1190 12.34 5.13 42.15
N MET D 1191 11.50 5.30 41.12
CA MET D 1191 10.94 4.16 40.41
C MET D 1191 11.02 4.37 38.91
N GLY D 1192 11.11 3.24 38.18
CA GLY D 1192 11.32 3.23 36.75
C GLY D 1192 10.25 3.96 35.95
N ILE D 1193 10.59 4.23 34.69
CA ILE D 1193 9.67 4.93 33.80
C ILE D 1193 8.42 4.09 33.53
N THR D 1194 8.56 2.77 33.44
CA THR D 1194 7.39 1.92 33.26
C THR D 1194 6.49 1.94 34.48
N LYS D 1195 7.06 1.72 35.67
CA LYS D 1195 6.29 1.72 36.90
C LYS D 1195 5.65 3.07 37.17
N ALA D 1196 6.37 4.17 36.91
CA ALA D 1196 5.84 5.51 37.09
C ALA D 1196 4.66 5.78 36.18
N SER D 1197 4.73 5.31 34.93
CA SER D 1197 3.67 5.54 33.96
C SER D 1197 2.36 4.88 34.37
N LEU D 1198 2.42 3.63 34.82
CA LEU D 1198 1.23 2.89 35.20
C LEU D 1198 0.52 3.51 36.40
N ALA D 1199 1.27 3.98 37.38
CA ALA D 1199 0.67 4.56 38.58
C ALA D 1199 0.36 6.04 38.35
N THR D 1200 -0.62 6.27 37.49
CA THR D 1200 -1.08 7.60 37.15
C THR D 1200 -2.55 7.74 37.50
N GLU D 1201 -3.00 8.99 37.61
CA GLU D 1201 -4.38 9.27 37.99
C GLU D 1201 -5.35 8.87 36.88
N SER D 1202 -4.96 9.09 35.64
CA SER D 1202 -5.82 8.88 34.48
C SER D 1202 -5.80 7.43 34.03
N TRP D 1203 -6.84 6.67 34.35
CA TRP D 1203 -6.91 5.27 33.96
C TRP D 1203 -6.94 5.09 32.45
N LEU D 1204 -7.47 6.06 31.71
CA LEU D 1204 -7.54 5.95 30.26
C LEU D 1204 -6.16 5.99 29.62
N SER D 1205 -5.28 6.89 30.06
CA SER D 1205 -3.92 6.93 29.57
C SER D 1205 -3.13 5.70 30.00
N ALA D 1206 -3.35 5.24 31.24
CA ALA D 1206 -2.68 4.05 31.74
C ALA D 1206 -3.12 2.81 30.97
N ALA D 1207 -4.41 2.73 30.61
CA ALA D 1207 -4.89 1.59 29.83
C ALA D 1207 -4.28 1.57 28.44
N SER D 1208 -4.08 2.75 27.85
CA SER D 1208 -3.46 2.83 26.53
C SER D 1208 -1.97 2.51 26.54
N PHE D 1209 -1.38 2.27 27.70
CA PHE D 1209 0.00 1.86 27.89
C PHE D 1209 0.05 0.33 27.85
N GLN D 1210 1.13 -0.27 28.36
CA GLN D 1210 1.38 -1.70 28.22
C GLN D 1210 0.31 -2.58 28.86
N GLU D 1211 -0.09 -2.29 30.08
CA GLU D 1211 -1.11 -3.10 30.73
C GLU D 1211 -2.48 -2.61 30.31
N THR D 1212 -3.34 -3.53 29.89
CA THR D 1212 -4.70 -3.15 29.54
C THR D 1212 -5.72 -4.05 30.22
N THR D 1213 -5.29 -4.98 31.06
CA THR D 1213 -6.19 -5.80 31.84
C THR D 1213 -6.15 -5.42 33.32
N ARG D 1214 -4.95 -5.37 33.90
CA ARG D 1214 -4.80 -5.00 35.31
C ARG D 1214 -5.31 -3.60 35.57
N VAL D 1215 -5.02 -2.66 34.67
CA VAL D 1215 -5.47 -1.29 34.86
C VAL D 1215 -6.98 -1.20 34.72
N LEU D 1216 -7.56 -1.93 33.77
CA LEU D 1216 -9.01 -1.96 33.65
C LEU D 1216 -9.65 -2.61 34.88
N THR D 1217 -9.06 -3.71 35.36
CA THR D 1217 -9.63 -4.44 36.50
C THR D 1217 -9.62 -3.62 37.78
N ASP D 1218 -8.49 -3.03 38.15
CA ASP D 1218 -8.45 -2.29 39.41
C ASP D 1218 -9.21 -0.96 39.35
N ALA D 1219 -9.25 -0.32 38.17
CA ALA D 1219 -10.04 0.89 38.02
C ALA D 1219 -11.50 0.63 38.29
N ALA D 1220 -12.01 -0.51 37.83
CA ALA D 1220 -13.38 -0.89 38.11
C ALA D 1220 -13.61 -1.07 39.60
N ILE D 1221 -12.67 -1.72 40.30
CA ILE D 1221 -12.78 -1.91 41.73
C ILE D 1221 -12.69 -0.58 42.46
N ASN D 1222 -11.68 0.24 42.11
CA ASN D 1222 -11.47 1.53 42.76
C ASN D 1222 -12.51 2.57 42.38
N ALA D 1223 -13.16 2.40 41.21
CA ALA D 1223 -14.17 3.33 40.69
C ALA D 1223 -13.56 4.70 40.46
N LYS D 1224 -12.56 4.75 39.60
CA LYS D 1224 -11.79 5.96 39.37
C LYS D 1224 -12.39 6.76 38.22
N SER D 1225 -12.85 7.97 38.52
CA SER D 1225 -13.30 8.88 37.48
C SER D 1225 -12.10 9.57 36.87
N ASP D 1226 -11.97 9.46 35.56
CA ASP D 1226 -10.86 10.05 34.82
C ASP D 1226 -11.18 11.50 34.50
N SER D 1227 -10.54 12.46 35.16
CA SER D 1227 -10.62 13.81 34.65
C SER D 1227 -9.85 13.86 33.34
N LEU D 1228 -10.39 14.55 32.35
CA LEU D 1228 -9.83 14.46 31.00
C LEU D 1228 -8.66 15.39 30.75
N ILE D 1229 -8.03 15.97 31.76
CA ILE D 1229 -6.87 16.82 31.53
C ILE D 1229 -5.65 15.98 31.20
N GLY D 1230 -4.94 16.35 30.15
CA GLY D 1230 -3.80 15.58 29.71
C GLY D 1230 -3.71 15.45 28.21
N LEU D 1231 -2.70 14.75 27.71
CA LEU D 1231 -2.41 14.73 26.27
C LEU D 1231 -2.88 13.46 25.57
N LYS D 1232 -2.47 12.30 26.08
CA LYS D 1232 -2.81 11.05 25.43
C LYS D 1232 -4.32 10.83 25.46
N GLU D 1233 -4.96 11.07 26.59
CA GLU D 1233 -6.40 10.94 26.70
C GLU D 1233 -7.18 12.00 25.93
N ASN D 1234 -6.59 13.13 25.59
CA ASN D 1234 -7.29 14.09 24.75
C ASN D 1234 -7.13 13.80 23.27
N VAL D 1235 -6.31 12.82 22.93
CA VAL D 1235 -6.20 12.33 21.57
C VAL D 1235 -7.21 11.22 21.31
N ILE D 1236 -7.57 10.45 22.34
CA ILE D 1236 -8.61 9.44 22.24
C ILE D 1236 -9.95 10.07 21.92
N ILE D 1237 -10.37 11.05 22.72
CA ILE D 1237 -11.68 11.69 22.56
C ILE D 1237 -11.77 12.60 21.35
N GLY D 1238 -10.66 13.04 20.79
CA GLY D 1238 -10.77 13.99 19.70
C GLY D 1238 -10.80 15.45 20.13
N LYS D 1239 -10.62 15.73 21.41
CA LYS D 1239 -10.60 17.11 21.87
C LYS D 1239 -9.25 17.75 21.53
N LEU D 1240 -9.05 18.99 21.97
CA LEU D 1240 -7.82 19.72 21.69
C LEU D 1240 -6.82 19.48 22.80
N ILE D 1241 -5.60 19.08 22.45
CA ILE D 1241 -4.57 18.79 23.44
C ILE D 1241 -4.16 20.07 24.16
N PRO D 1242 -4.01 20.06 25.48
CA PRO D 1242 -3.54 21.26 26.17
C PRO D 1242 -2.05 21.48 26.00
N ALA D 1243 -1.63 21.79 24.78
CA ALA D 1243 -0.22 21.98 24.47
C ALA D 1243 -0.11 22.83 23.23
N GLY D 1244 0.42 24.02 23.37
CA GLY D 1244 0.56 24.90 22.22
C GLY D 1244 -0.72 25.63 21.99
N THR D 1245 -1.21 25.58 20.74
CA THR D 1245 -2.41 26.31 20.36
C THR D 1245 -3.67 25.82 21.06
N GLY D 1246 -3.64 24.65 21.66
CA GLY D 1246 -4.79 24.11 22.33
C GLY D 1246 -5.04 24.66 23.71
N LEU D 1247 -4.16 25.54 24.21
CA LEU D 1247 -4.29 26.13 25.52
C LEU D 1247 -5.49 27.06 25.58
N SER D 1248 -5.94 27.31 26.81
CA SER D 1248 -7.07 28.21 27.01
C SER D 1248 -6.71 29.61 26.57
N ARG D 1249 -5.50 30.04 26.90
CA ARG D 1249 -5.09 31.42 26.64
C ARG D 1249 -4.88 31.69 25.15
N TYR D 1250 -4.32 30.73 24.43
CA TYR D 1250 -4.06 30.97 23.01
C TYR D 1250 -5.30 30.79 22.14
N ARG D 1251 -6.25 29.98 22.56
CA ARG D 1251 -7.32 29.62 21.64
C ARG D 1251 -8.53 30.52 21.81
N ASN D 1252 -8.58 31.27 22.91
CA ASN D 1252 -9.72 32.10 23.22
C ASN D 1252 -9.58 33.53 22.76
N ILE D 1253 -8.47 33.91 22.11
CA ILE D 1253 -8.25 35.32 21.78
C ILE D 1253 -9.29 35.77 20.75
N ARG D 1254 -9.46 37.08 20.64
CA ARG D 1254 -10.37 37.64 19.65
C ARG D 1254 -9.67 38.69 18.80
N VAL D 1255 -10.15 38.82 17.56
CA VAL D 1255 -9.57 39.69 16.55
C VAL D 1255 -10.61 40.71 16.13
N GLU D 1256 -10.27 41.99 16.23
CA GLU D 1256 -11.07 43.08 15.71
C GLU D 1256 -10.10 44.03 15.04
N PRO D 1257 -10.52 44.75 14.01
CA PRO D 1257 -9.64 45.76 13.43
C PRO D 1257 -9.57 46.99 14.30
N THR D 1258 -8.77 47.94 13.85
CA THR D 1258 -8.65 49.23 14.53
C THR D 1258 -9.65 50.23 13.96
N GLU D 1259 -9.90 51.28 14.73
CA GLU D 1259 -10.80 52.34 14.29
C GLU D 1259 -10.26 53.04 13.05
N GLU D 1260 -8.94 53.25 13.00
CA GLU D 1260 -8.33 53.86 11.83
C GLU D 1260 -8.45 52.96 10.60
N ALA D 1261 -8.45 51.63 10.81
CA ALA D 1261 -8.70 50.69 9.72
C ALA D 1261 -10.12 50.80 9.18
N LYS D 1262 -11.10 50.86 10.09
CA LYS D 1262 -12.49 51.08 9.68
C LYS D 1262 -12.71 52.44 9.04
N ALA D 1263 -11.99 53.46 9.52
CA ALA D 1263 -12.11 54.81 8.99
C ALA D 1263 -11.72 54.89 7.51
N ALA D 1264 -10.65 54.20 7.13
CA ALA D 1264 -10.21 54.18 5.73
C ALA D 1264 -11.23 53.55 4.79
N MET D 1265 -11.48 52.26 4.93
CA MET D 1265 -12.52 51.60 4.16
C MET D 1265 -13.66 51.10 5.06
N GLU E 9 6.00 35.80 -3.72
CA GLU E 9 5.68 34.65 -4.56
C GLU E 9 5.96 33.34 -3.80
N GLY E 10 5.74 33.37 -2.50
CA GLY E 10 6.00 32.22 -1.67
C GLY E 10 5.31 32.37 -0.35
N ILE E 11 5.33 31.28 0.42
CA ILE E 11 4.78 31.26 1.76
C ILE E 11 5.53 32.24 2.64
N ILE E 12 6.83 32.35 2.44
CA ILE E 12 7.70 33.19 3.25
C ILE E 12 7.67 34.66 2.85
N ASN E 13 6.73 35.05 1.97
CA ASN E 13 6.64 36.46 1.52
C ASN E 13 6.39 37.48 2.62
N PRO E 14 5.49 37.30 3.58
CA PRO E 14 5.57 38.11 4.78
C PRO E 14 6.58 37.46 5.71
N PRO E 15 7.70 38.11 5.98
CA PRO E 15 8.74 37.47 6.80
C PRO E 15 8.26 37.19 8.21
N ILE E 16 8.93 36.25 8.86
CA ILE E 16 8.36 35.69 10.06
C ILE E 16 8.82 36.52 11.25
N ASP E 17 10.01 37.09 11.15
CA ASP E 17 10.56 37.89 12.23
C ASP E 17 9.74 39.16 12.46
N GLU E 18 9.29 39.80 11.38
CA GLU E 18 8.39 40.94 11.52
C GLU E 18 7.05 40.56 12.13
N LEU E 19 6.49 39.43 11.71
CA LEU E 19 5.24 38.96 12.30
C LEU E 19 5.40 38.56 13.76
N LEU E 20 6.49 37.88 14.10
CA LEU E 20 6.73 37.43 15.47
C LEU E 20 6.76 38.56 16.49
N GLU E 21 7.45 39.66 16.17
CA GLU E 21 7.54 40.75 17.14
C GLU E 21 6.21 41.45 17.37
N ALA E 22 5.26 41.34 16.44
CA ALA E 22 3.95 41.95 16.64
C ALA E 22 3.13 41.22 17.68
N THR E 23 3.23 39.88 17.72
CA THR E 23 2.39 39.07 18.59
C THR E 23 3.05 38.57 19.87
N ASP E 24 4.38 38.61 19.97
CA ASP E 24 5.20 38.32 21.15
C ASP E 24 5.28 36.84 21.48
N SER E 25 4.55 35.98 20.76
CA SER E 25 4.66 34.54 20.90
C SER E 25 4.52 33.93 19.52
N LYS E 26 4.62 32.61 19.46
CA LYS E 26 4.51 31.90 18.20
C LYS E 26 3.18 31.20 18.04
N TYR E 27 2.68 30.60 19.12
CA TYR E 27 1.36 29.98 19.08
C TYR E 27 0.26 31.02 19.00
N SER E 28 0.45 32.17 19.63
CA SER E 28 -0.50 33.28 19.50
C SER E 28 -0.68 33.71 18.05
N LEU E 29 0.40 33.74 17.28
CA LEU E 29 0.34 34.22 15.89
C LEU E 29 -0.52 33.34 15.00
N VAL E 30 -0.41 32.01 15.15
CA VAL E 30 -1.10 31.12 14.21
C VAL E 30 -2.61 31.19 14.40
N ILE E 31 -3.09 31.20 15.63
CA ILE E 31 -4.52 31.33 15.88
C ILE E 31 -5.01 32.72 15.48
N TYR E 32 -4.19 33.76 15.69
CA TYR E 32 -4.58 35.14 15.37
C TYR E 32 -4.74 35.32 13.87
N ALA E 33 -3.82 34.81 13.07
CA ALA E 33 -4.01 34.81 11.63
C ALA E 33 -5.19 33.94 11.21
N ALA E 34 -5.40 32.82 11.89
CA ALA E 34 -6.49 31.91 11.53
C ALA E 34 -7.87 32.47 11.86
N LYS E 35 -8.01 33.10 13.03
CA LYS E 35 -9.29 33.73 13.39
C LYS E 35 -9.68 34.80 12.39
N ARG E 36 -8.72 35.64 12.00
CA ARG E 36 -8.97 36.66 10.99
C ARG E 36 -9.33 36.04 9.64
N ALA E 37 -8.64 34.96 9.26
CA ALA E 37 -8.90 34.30 7.99
C ALA E 37 -10.30 33.70 7.92
N ARG E 38 -10.78 33.20 9.05
CA ARG E 38 -12.16 32.73 9.14
C ARG E 38 -13.16 33.86 8.89
N GLN E 39 -12.89 35.05 9.46
CA GLN E 39 -13.77 36.20 9.30
C GLN E 39 -13.88 36.66 7.85
N ILE E 40 -12.75 36.79 7.16
CA ILE E 40 -12.73 37.36 5.82
C ILE E 40 -13.37 36.39 4.82
N ASN E 41 -13.17 35.10 5.03
CA ASN E 41 -13.87 34.09 4.25
C ASN E 41 -15.37 34.18 4.46
N ALA E 42 -15.80 34.37 5.71
CA ALA E 42 -17.22 34.49 6.02
C ALA E 42 -17.81 35.73 5.38
N TYR E 43 -17.02 36.80 5.24
CA TYR E 43 -17.48 38.01 4.57
C TYR E 43 -17.76 37.73 3.10
N TYR E 44 -16.83 37.05 2.43
CA TYR E 44 -17.02 36.69 1.02
C TYR E 44 -18.22 35.80 0.76
N SER E 45 -18.68 35.04 1.75
CA SER E 45 -19.83 34.16 1.56
C SER E 45 -21.16 34.76 2.00
N GLN E 46 -21.26 36.09 2.13
CA GLN E 46 -22.56 36.70 2.41
C GLN E 46 -23.52 36.48 1.23
N LEU E 47 -23.02 36.70 0.00
CA LEU E 47 -23.71 36.51 -1.28
C LEU E 47 -24.97 37.38 -1.43
N GLY E 48 -25.15 38.40 -0.60
CA GLY E 48 -26.18 39.39 -0.84
C GLY E 48 -26.86 39.88 0.42
N GLU E 49 -26.70 39.14 1.52
CA GLU E 49 -27.25 39.55 2.81
C GLU E 49 -26.63 40.84 3.31
N GLY E 50 -25.32 41.01 3.11
CA GLY E 50 -24.61 42.21 3.54
C GLY E 50 -24.67 42.53 5.02
N LEU E 51 -24.50 41.52 5.87
CA LEU E 51 -24.55 41.73 7.32
C LEU E 51 -23.44 42.68 7.77
N LEU E 52 -23.81 43.58 8.68
CA LEU E 52 -22.93 44.67 9.11
C LEU E 52 -21.67 44.19 9.83
N GLU E 53 -21.79 43.17 10.69
CA GLU E 53 -20.68 42.79 11.57
C GLU E 53 -19.43 42.33 10.83
N TYR E 54 -19.57 41.72 9.67
CA TYR E 54 -18.39 41.22 8.96
C TYR E 54 -17.65 42.39 8.31
N VAL E 55 -16.33 42.24 8.17
CA VAL E 55 -15.48 43.27 7.58
C VAL E 55 -14.59 42.60 6.54
N GLY E 56 -14.43 43.25 5.40
CA GLY E 56 -13.70 42.66 4.30
C GLY E 56 -12.20 42.81 4.41
N PRO E 57 -11.49 42.44 3.35
CA PRO E 57 -10.03 42.60 3.34
C PRO E 57 -9.61 44.06 3.40
N LEU E 58 -8.75 44.37 4.35
CA LEU E 58 -8.25 45.73 4.50
C LEU E 58 -7.22 46.08 3.44
N VAL E 59 -6.36 45.13 3.08
CA VAL E 59 -5.38 45.36 2.04
C VAL E 59 -5.98 44.92 0.70
N ASP E 60 -5.38 45.39 -0.38
CA ASP E 60 -5.78 45.01 -1.72
C ASP E 60 -5.54 43.52 -1.94
N THR E 61 -6.28 42.95 -2.88
CA THR E 61 -6.36 41.51 -3.06
C THR E 61 -6.07 41.16 -4.51
N HIS E 62 -5.43 40.01 -4.71
CA HIS E 62 -5.19 39.54 -6.07
C HIS E 62 -6.50 39.01 -6.66
N VAL E 63 -6.46 38.71 -7.95
CA VAL E 63 -7.65 38.20 -8.63
C VAL E 63 -8.05 36.84 -8.05
N HIS E 64 -7.07 36.02 -7.69
CA HIS E 64 -7.33 34.82 -6.91
C HIS E 64 -6.30 34.76 -5.79
N GLU E 65 -6.78 34.42 -4.60
CA GLU E 65 -5.97 34.54 -3.39
C GLU E 65 -6.59 33.63 -2.33
N LYS E 66 -5.78 33.27 -1.35
CA LYS E 66 -6.21 32.52 -0.19
C LYS E 66 -6.44 33.48 0.95
N PRO E 67 -7.57 33.36 1.67
CA PRO E 67 -7.88 34.33 2.72
C PRO E 67 -6.85 34.37 3.82
N LEU E 68 -6.20 33.24 4.11
CA LEU E 68 -5.15 33.22 5.11
C LEU E 68 -3.96 34.06 4.68
N SER E 69 -3.65 34.06 3.38
CA SER E 69 -2.59 34.89 2.84
C SER E 69 -2.86 36.37 3.05
N ILE E 70 -4.12 36.79 2.90
CA ILE E 70 -4.52 38.18 3.15
C ILE E 70 -4.35 38.54 4.61
N ALA E 71 -4.75 37.63 5.50
CA ALA E 71 -4.67 37.85 6.94
C ALA E 71 -3.25 38.13 7.41
N LEU E 72 -2.29 37.33 6.95
CA LEU E 72 -0.88 37.53 7.34
C LEU E 72 -0.34 38.86 6.84
N ARG E 73 -0.74 39.26 5.63
CA ARG E 73 -0.36 40.56 5.08
C ARG E 73 -0.86 41.71 5.96
N GLU E 74 -2.09 41.59 6.48
CA GLU E 74 -2.65 42.61 7.38
C GLU E 74 -1.85 42.74 8.66
N ILE E 75 -1.36 41.64 9.21
CA ILE E 75 -0.56 41.69 10.45
C ILE E 75 0.73 42.47 10.23
N ASN E 76 1.39 42.23 9.09
CA ASN E 76 2.66 42.91 8.78
C ASN E 76 2.47 44.42 8.72
N ALA E 77 1.36 44.87 8.15
CA ALA E 77 1.00 46.29 8.21
C ALA E 77 0.77 46.72 9.65
N GLY E 78 0.18 45.86 10.45
CA GLY E 78 -0.07 46.13 11.85
C GLY E 78 -1.33 46.88 12.14
N LEU E 79 -2.17 47.14 11.13
CA LEU E 79 -3.44 47.81 11.36
C LEU E 79 -4.36 46.98 12.25
N LEU E 80 -4.42 45.66 12.03
CA LEU E 80 -5.25 44.75 12.82
C LEU E 80 -4.74 44.61 14.26
N THR E 81 -5.66 44.53 15.23
CA THR E 81 -5.31 44.38 16.66
C THR E 81 -5.91 43.15 17.33
N SER E 82 -5.10 42.40 18.07
CA SER E 82 -5.58 41.25 18.82
C SER E 82 -5.52 41.48 20.32
N GLU E 83 -6.48 40.91 21.03
CA GLU E 83 -6.53 40.99 22.48
C GLU E 83 -6.99 39.67 23.06
N ALA E 84 -6.20 39.11 23.99
CA ALA E 84 -6.67 37.92 24.68
C ALA E 84 -7.78 38.31 25.66
N ILE E 85 -8.74 37.42 25.86
CA ILE E 85 -9.83 37.77 26.78
C ILE E 85 -9.41 37.53 28.22
N ASP F 196 -1.16 -55.16 52.13
CA ASP F 196 -0.19 -54.74 53.14
C ASP F 196 -0.13 -53.22 53.26
N GLU F 197 -1.21 -52.56 52.84
CA GLU F 197 -1.49 -51.13 53.05
C GLU F 197 -0.48 -50.19 52.40
N ASP F 198 0.33 -50.67 51.46
CA ASP F 198 1.16 -49.77 50.67
C ASP F 198 0.34 -49.04 49.60
N ASP F 199 -0.44 -49.79 48.83
CA ASP F 199 -1.29 -49.27 47.77
C ASP F 199 -2.42 -48.36 48.28
N ALA F 200 -2.91 -48.59 49.50
CA ALA F 200 -4.06 -47.86 50.00
C ALA F 200 -3.91 -46.34 50.19
N PRO F 201 -2.83 -45.79 50.77
CA PRO F 201 -2.74 -44.32 50.81
C PRO F 201 -2.58 -43.68 49.45
N ALA F 202 -1.94 -44.36 48.49
CA ALA F 202 -1.78 -43.83 47.14
C ALA F 202 -3.10 -43.65 46.42
N GLN F 203 -4.02 -44.61 46.56
CA GLN F 203 -5.32 -44.53 45.88
C GLN F 203 -6.19 -43.40 46.41
N GLN F 204 -6.19 -43.15 47.72
CA GLN F 204 -7.04 -42.10 48.27
C GLN F 204 -6.56 -40.70 47.88
N VAL F 205 -5.25 -40.45 47.93
CA VAL F 205 -4.74 -39.15 47.54
C VAL F 205 -4.88 -38.94 46.04
N ALA F 206 -4.89 -40.03 45.27
CA ALA F 206 -5.13 -39.90 43.84
C ALA F 206 -6.60 -39.69 43.50
N ALA F 207 -7.53 -40.00 44.40
CA ALA F 207 -8.93 -39.69 44.12
C ALA F 207 -9.21 -38.20 44.23
N ALA F 208 -8.52 -37.50 45.14
CA ALA F 208 -8.73 -36.08 45.38
C ALA F 208 -7.72 -35.23 44.62
N GLY F 209 -7.73 -35.32 43.29
CA GLY F 209 -6.83 -34.54 42.47
C GLY F 209 -7.52 -33.37 41.77
N ALA F 210 -6.70 -32.53 41.13
CA ALA F 210 -7.22 -31.32 40.50
C ALA F 210 -7.99 -31.64 39.23
N THR F 211 -7.32 -32.23 38.23
CA THR F 211 -7.85 -32.57 36.90
C THR F 211 -8.47 -31.35 36.22
N ALA F 212 -7.59 -30.39 35.89
CA ALA F 212 -8.02 -29.09 35.38
C ALA F 212 -8.72 -29.18 34.03
N ASP F 213 -8.44 -30.21 33.25
CA ASP F 213 -9.11 -30.38 31.98
C ASP F 213 -10.58 -30.73 32.22
N PRO F 214 -11.51 -30.13 31.47
CA PRO F 214 -12.94 -30.48 31.66
C PRO F 214 -13.28 -31.90 31.28
N VAL F 215 -12.76 -32.40 30.16
CA VAL F 215 -13.04 -33.75 29.67
C VAL F 215 -12.52 -34.80 30.64
N LYS F 216 -11.32 -34.58 31.17
CA LYS F 216 -10.73 -35.50 32.14
C LYS F 216 -11.57 -35.57 33.41
N ASP F 217 -12.05 -34.41 33.87
CA ASP F 217 -12.88 -34.37 35.08
C ASP F 217 -14.18 -35.13 34.93
N TYR F 218 -14.87 -35.01 33.78
CA TYR F 218 -16.12 -35.74 33.58
C TYR F 218 -15.91 -37.25 33.58
N LEU F 219 -14.86 -37.71 32.93
CA LEU F 219 -14.55 -39.14 32.90
C LEU F 219 -14.25 -39.61 34.31
N LYS F 220 -13.52 -38.78 35.07
CA LYS F 220 -13.23 -39.06 36.46
C LYS F 220 -14.52 -39.06 37.27
N GLN F 221 -15.44 -38.14 36.93
CA GLN F 221 -16.68 -37.93 37.65
C GLN F 221 -17.52 -39.19 37.61
N ILE F 222 -17.52 -39.87 36.46
CA ILE F 222 -18.26 -41.11 36.28
C ILE F 222 -17.78 -42.10 37.33
N GLY F 223 -16.46 -42.16 37.53
CA GLY F 223 -15.86 -42.92 38.61
C GLY F 223 -16.16 -44.39 38.54
N LYS F 224 -16.32 -44.97 39.72
CA LYS F 224 -16.71 -46.35 39.82
C LYS F 224 -18.18 -46.37 40.23
N VAL F 225 -19.02 -46.87 39.34
CA VAL F 225 -20.44 -47.04 39.56
C VAL F 225 -20.63 -48.47 39.06
N PRO F 226 -21.55 -49.26 39.61
CA PRO F 226 -21.63 -50.68 39.21
C PRO F 226 -22.26 -50.85 37.84
N LEU F 227 -21.49 -51.42 36.91
CA LEU F 227 -22.06 -51.85 35.64
C LEU F 227 -23.07 -52.95 35.92
N LEU F 228 -24.12 -52.99 35.11
CA LEU F 228 -25.32 -53.77 35.43
C LEU F 228 -25.41 -55.01 34.57
N ASN F 229 -25.49 -56.17 35.21
CA ASN F 229 -25.82 -57.40 34.51
C ASN F 229 -27.34 -57.56 34.47
N ALA F 230 -27.77 -58.53 33.65
CA ALA F 230 -29.16 -58.74 33.21
C ALA F 230 -30.19 -58.66 34.33
N GLU F 231 -30.06 -59.55 35.33
CA GLU F 231 -31.00 -59.60 36.46
C GLU F 231 -31.06 -58.29 37.23
N GLN F 232 -29.93 -57.60 37.36
CA GLN F 232 -29.86 -56.36 38.13
C GLN F 232 -30.69 -55.25 37.50
N GLU F 233 -30.48 -54.99 36.20
CA GLU F 233 -31.13 -53.86 35.54
C GLU F 233 -32.62 -54.10 35.32
N VAL F 234 -33.02 -55.37 35.21
CA VAL F 234 -34.45 -55.68 35.11
C VAL F 234 -35.13 -55.39 36.44
N GLU F 235 -34.44 -55.70 37.55
CA GLU F 235 -34.93 -55.41 38.89
C GLU F 235 -35.06 -53.91 39.13
N LEU F 236 -34.13 -53.11 38.60
CA LEU F 236 -34.24 -51.66 38.67
C LEU F 236 -35.50 -51.16 37.97
N ALA F 237 -35.79 -51.71 36.78
CA ALA F 237 -37.01 -51.34 36.05
C ALA F 237 -38.27 -51.67 36.82
N LYS F 238 -38.27 -52.74 37.62
CA LYS F 238 -39.39 -53.08 38.49
C LYS F 238 -39.70 -51.93 39.44
N ARG F 239 -38.67 -51.37 40.07
CA ARG F 239 -38.84 -50.30 41.03
C ARG F 239 -39.23 -48.97 40.39
N ILE F 240 -38.98 -48.78 39.10
CA ILE F 240 -39.51 -47.60 38.40
C ILE F 240 -41.04 -47.63 38.36
N GLU F 241 -41.61 -48.72 37.83
CA GLU F 241 -43.08 -48.80 37.74
C GLU F 241 -43.73 -49.03 39.10
N ALA F 242 -43.01 -49.66 40.02
CA ALA F 242 -43.50 -49.72 41.40
C ALA F 242 -43.63 -48.31 41.97
N GLY F 243 -42.56 -47.52 41.83
CA GLY F 243 -42.62 -46.13 42.23
C GLY F 243 -43.59 -45.29 41.42
N LEU F 244 -43.74 -45.61 40.12
CA LEU F 244 -44.70 -44.88 39.27
C LEU F 244 -46.14 -45.06 39.74
N PHE F 245 -46.56 -46.30 40.00
CA PHE F 245 -47.91 -46.54 40.52
C PHE F 245 -48.12 -45.92 41.89
N ALA F 246 -47.05 -45.84 42.69
CA ALA F 246 -47.14 -45.22 44.01
C ALA F 246 -47.46 -43.73 43.91
N GLU F 247 -46.69 -42.99 43.12
CA GLU F 247 -46.96 -41.56 42.96
C GLU F 247 -48.25 -41.28 42.22
N ASP F 248 -48.68 -42.20 41.35
CA ASP F 248 -49.94 -42.04 40.65
C ASP F 248 -51.12 -41.98 41.62
N LYS F 249 -51.20 -42.94 42.55
CA LYS F 249 -52.24 -42.93 43.56
C LYS F 249 -52.13 -41.71 44.47
N LEU F 250 -50.90 -41.32 44.81
CA LEU F 250 -50.69 -40.10 45.58
C LEU F 250 -51.14 -38.87 44.81
N ALA F 251 -50.97 -38.88 43.48
CA ALA F 251 -51.40 -37.76 42.65
C ALA F 251 -52.92 -37.62 42.62
N ASN F 252 -53.64 -38.73 42.85
CA ASN F 252 -55.09 -38.70 42.88
C ASN F 252 -55.59 -37.91 44.08
N SER F 253 -56.76 -37.29 43.92
CA SER F 253 -57.28 -36.39 44.93
C SER F 253 -57.90 -37.09 46.13
N ASP F 254 -58.33 -38.34 46.00
CA ASP F 254 -58.95 -39.05 47.10
C ASP F 254 -57.99 -39.25 48.28
N LYS F 255 -58.55 -39.19 49.48
CA LYS F 255 -57.77 -39.29 50.72
C LYS F 255 -57.18 -40.67 50.94
N LEU F 256 -55.90 -40.70 51.33
CA LEU F 256 -55.23 -41.92 51.74
C LEU F 256 -54.69 -41.70 53.16
N ALA F 257 -54.47 -42.80 53.88
CA ALA F 257 -53.99 -42.73 55.26
C ALA F 257 -52.60 -42.09 55.34
N PRO F 258 -52.34 -41.28 56.37
CA PRO F 258 -51.04 -40.56 56.45
C PRO F 258 -49.81 -41.45 56.59
N LYS F 259 -49.85 -42.46 57.48
CA LYS F 259 -48.68 -43.34 57.63
C LYS F 259 -48.43 -44.14 56.35
N LEU F 260 -49.51 -44.62 55.71
CA LEU F 260 -49.39 -45.30 54.43
C LEU F 260 -48.89 -44.36 53.35
N LYS F 261 -49.29 -43.08 53.41
CA LYS F 261 -48.84 -42.08 52.45
C LYS F 261 -47.33 -41.94 52.48
N ARG F 262 -46.73 -41.98 53.67
CA ARG F 262 -45.28 -41.96 53.78
C ARG F 262 -44.66 -43.21 53.20
N GLU F 263 -45.32 -44.36 53.36
CA GLU F 263 -44.86 -45.59 52.72
C GLU F 263 -44.89 -45.48 51.20
N LEU F 264 -45.96 -44.87 50.66
CA LEU F 264 -46.01 -44.60 49.21
C LEU F 264 -44.90 -43.63 48.82
N GLU F 265 -44.64 -42.63 49.67
CA GLU F 265 -43.56 -41.69 49.45
C GLU F 265 -42.21 -42.41 49.45
N ILE F 266 -42.07 -43.44 50.29
CA ILE F 266 -40.85 -44.26 50.29
C ILE F 266 -40.69 -44.96 48.94
N ILE F 267 -41.80 -45.50 48.41
CA ILE F 267 -41.78 -46.13 47.09
C ILE F 267 -41.54 -45.08 46.01
N ALA F 268 -42.15 -43.90 46.14
CA ALA F 268 -41.92 -42.81 45.18
C ALA F 268 -40.49 -42.31 45.24
N GLU F 269 -39.93 -42.20 46.44
CA GLU F 269 -38.52 -41.80 46.58
C GLU F 269 -37.61 -42.86 46.00
N ASP F 270 -37.90 -44.13 46.26
CA ASP F 270 -37.11 -45.24 45.71
C ASP F 270 -37.18 -45.29 44.19
N GLY F 271 -38.34 -44.98 43.61
CA GLY F 271 -38.44 -44.85 42.17
C GLY F 271 -37.52 -43.78 41.61
N ARG F 272 -37.43 -42.65 42.30
CA ARG F 272 -36.47 -41.61 41.93
C ARG F 272 -35.04 -42.10 42.05
N ARG F 273 -34.72 -42.79 43.16
CA ARG F 273 -33.40 -43.37 43.36
C ARG F 273 -33.07 -44.38 42.28
N ALA F 274 -34.02 -45.25 41.93
CA ALA F 274 -33.81 -46.26 40.90
C ALA F 274 -33.60 -45.65 39.52
N LYS F 275 -34.27 -44.54 39.22
CA LYS F 275 -34.02 -43.83 37.97
C LYS F 275 -32.59 -43.31 37.90
N ASN F 276 -32.16 -42.57 38.93
CA ASN F 276 -30.81 -42.00 38.93
C ASN F 276 -29.73 -43.07 38.98
N HIS F 277 -29.98 -44.17 39.68
CA HIS F 277 -29.02 -45.29 39.69
C HIS F 277 -28.80 -45.84 38.30
N LEU F 278 -29.89 -46.03 37.54
CA LEU F 278 -29.80 -46.57 36.19
C LEU F 278 -29.04 -45.65 35.25
N LEU F 279 -29.30 -44.33 35.33
CA LEU F 279 -28.63 -43.37 34.46
C LEU F 279 -27.13 -43.27 34.74
N GLU F 280 -26.74 -43.20 36.02
CA GLU F 280 -25.34 -43.08 36.38
C GLU F 280 -24.53 -44.31 36.02
N ALA F 281 -25.14 -45.50 36.09
CA ALA F 281 -24.45 -46.70 35.64
C ALA F 281 -24.19 -46.68 34.14
N ASN F 282 -25.17 -46.23 33.37
CA ASN F 282 -25.12 -46.25 31.91
C ASN F 282 -24.47 -45.02 31.29
N LEU F 283 -23.98 -44.08 32.11
CA LEU F 283 -23.22 -42.93 31.63
C LEU F 283 -22.02 -43.30 30.77
N ARG F 284 -21.41 -44.46 31.01
CA ARG F 284 -20.26 -44.87 30.21
C ARG F 284 -20.65 -45.15 28.76
N LEU F 285 -21.84 -45.74 28.55
CA LEU F 285 -22.34 -46.04 27.21
C LEU F 285 -22.46 -44.82 26.31
N VAL F 286 -23.00 -43.72 26.83
CA VAL F 286 -23.26 -42.55 25.99
C VAL F 286 -21.94 -41.91 25.53
N VAL F 287 -20.91 -41.95 26.37
CA VAL F 287 -19.61 -41.41 25.99
C VAL F 287 -18.98 -42.23 24.88
N SER F 288 -19.23 -43.55 24.83
CA SER F 288 -18.75 -44.38 23.74
C SER F 288 -19.34 -43.97 22.39
N LEU F 289 -20.66 -43.76 22.33
CA LEU F 289 -21.27 -43.34 21.08
C LEU F 289 -20.92 -41.92 20.69
N ALA F 290 -20.53 -41.08 21.64
CA ALA F 290 -20.14 -39.70 21.38
C ALA F 290 -18.82 -39.58 20.61
N LYS F 291 -17.89 -40.51 20.84
CA LYS F 291 -16.65 -40.62 20.06
C LYS F 291 -16.88 -40.57 18.55
N ARG F 292 -17.91 -41.28 18.06
CA ARG F 292 -18.16 -41.41 16.63
C ARG F 292 -18.52 -40.10 15.92
N TYR F 293 -18.88 -39.03 16.63
CA TYR F 293 -19.29 -37.80 15.97
C TYR F 293 -18.50 -36.57 16.39
N THR F 294 -17.28 -36.74 16.90
CA THR F 294 -16.48 -35.58 17.21
C THR F 294 -15.93 -34.94 15.94
N GLY F 295 -15.44 -33.71 16.09
CA GLY F 295 -14.76 -33.00 15.03
C GLY F 295 -15.65 -32.54 13.90
N ARG F 296 -16.89 -32.20 14.19
CA ARG F 296 -17.84 -31.75 13.19
C ARG F 296 -18.51 -30.46 13.61
N GLY F 297 -17.75 -29.52 14.15
CA GLY F 297 -18.33 -28.25 14.52
C GLY F 297 -19.01 -28.26 15.87
N MET F 298 -19.07 -29.40 16.54
CA MET F 298 -19.61 -29.52 17.88
C MET F 298 -18.50 -30.00 18.80
N LEU F 299 -18.34 -29.36 19.95
CA LEU F 299 -17.32 -29.75 20.91
C LEU F 299 -17.64 -31.12 21.50
N PHE F 300 -16.57 -31.89 21.80
CA PHE F 300 -16.75 -33.29 22.22
C PHE F 300 -17.55 -33.38 23.50
N LEU F 301 -17.28 -32.51 24.46
CA LEU F 301 -18.03 -32.51 25.71
C LEU F 301 -19.47 -32.09 25.50
N ASP F 302 -19.71 -31.23 24.51
CA ASP F 302 -21.07 -30.81 24.20
C ASP F 302 -21.88 -31.96 23.64
N LEU F 303 -21.26 -32.83 22.84
CA LEU F 303 -21.91 -34.03 22.33
C LEU F 303 -22.37 -34.97 23.44
N ILE F 304 -21.55 -35.13 24.48
CA ILE F 304 -21.92 -35.97 25.62
C ILE F 304 -23.17 -35.46 26.30
N GLN F 305 -23.26 -34.15 26.52
CA GLN F 305 -24.40 -33.57 27.23
C GLN F 305 -25.68 -33.71 26.43
N GLU F 306 -25.62 -33.50 25.12
CA GLU F 306 -26.83 -33.67 24.31
C GLU F 306 -27.25 -35.13 24.26
N GLY F 307 -26.31 -36.05 24.10
CA GLY F 307 -26.62 -37.47 24.18
C GLY F 307 -27.18 -37.88 25.53
N ASN F 308 -26.74 -37.20 26.59
CA ASN F 308 -27.22 -37.46 27.93
C ASN F 308 -28.71 -37.17 28.06
N LEU F 309 -29.22 -36.18 27.33
CA LEU F 309 -30.65 -35.95 27.23
C LEU F 309 -31.37 -37.13 26.61
N GLY F 310 -30.79 -37.73 25.57
CA GLY F 310 -31.36 -38.93 24.99
C GLY F 310 -31.47 -40.10 25.94
N LEU F 311 -30.52 -40.23 26.87
CA LEU F 311 -30.53 -41.34 27.83
C LEU F 311 -31.69 -41.22 28.79
N ILE F 312 -31.93 -40.02 29.31
CA ILE F 312 -33.03 -39.82 30.25
C ILE F 312 -34.38 -40.01 29.57
N ARG F 313 -34.46 -39.72 28.26
CA ARG F 313 -35.65 -40.07 27.49
C ARG F 313 -35.89 -41.56 27.47
N ALA F 314 -34.85 -42.35 27.19
CA ALA F 314 -34.96 -43.79 26.98
C ALA F 314 -35.48 -44.53 28.21
N VAL F 315 -34.99 -44.18 29.40
CA VAL F 315 -35.42 -44.85 30.62
C VAL F 315 -36.91 -44.67 30.88
N GLU F 316 -37.49 -43.52 30.55
CA GLU F 316 -38.94 -43.35 30.68
C GLU F 316 -39.75 -44.20 29.72
N LYS F 317 -39.14 -44.76 28.68
CA LYS F 317 -39.84 -45.54 27.66
C LYS F 317 -39.31 -46.96 27.55
N PHE F 318 -38.79 -47.50 28.64
CA PHE F 318 -38.19 -48.83 28.65
C PHE F 318 -38.91 -49.68 29.69
N ASP F 319 -39.07 -50.97 29.39
CA ASP F 319 -39.68 -51.87 30.37
C ASP F 319 -39.22 -53.30 30.13
N TYR F 320 -39.41 -54.10 31.18
CA TYR F 320 -39.00 -55.49 31.24
C TYR F 320 -39.91 -56.42 30.44
N THR F 321 -41.09 -55.96 30.03
CA THR F 321 -42.01 -56.79 29.26
C THR F 321 -41.43 -57.22 27.92
N LYS F 322 -40.58 -56.40 27.32
CA LYS F 322 -39.81 -56.83 26.17
C LYS F 322 -38.64 -57.65 26.65
N GLY F 323 -38.40 -58.79 25.99
CA GLY F 323 -37.33 -59.68 26.36
C GLY F 323 -35.96 -59.27 25.85
N TYR F 324 -35.53 -58.03 26.12
CA TYR F 324 -34.27 -57.56 25.58
C TYR F 324 -33.55 -56.71 26.62
N LYS F 325 -32.24 -56.58 26.45
CA LYS F 325 -31.41 -55.76 27.32
C LYS F 325 -31.69 -54.27 27.12
N PHE F 326 -31.37 -53.48 28.17
CA PHE F 326 -31.53 -52.04 28.09
C PHE F 326 -30.56 -51.39 27.11
N SER F 327 -29.38 -52.00 26.94
CA SER F 327 -28.34 -51.44 26.07
C SER F 327 -28.79 -51.32 24.63
N THR F 328 -29.47 -52.34 24.09
CA THR F 328 -29.96 -52.28 22.72
C THR F 328 -31.04 -51.20 22.56
N TYR F 329 -31.89 -51.01 23.56
CA TYR F 329 -32.92 -49.99 23.46
C TYR F 329 -32.34 -48.59 23.55
N ALA F 330 -31.36 -48.40 24.44
CA ALA F 330 -30.84 -47.07 24.73
C ALA F 330 -30.11 -46.46 23.54
N THR F 331 -29.31 -47.26 22.84
CA THR F 331 -28.43 -46.74 21.79
C THR F 331 -29.20 -46.07 20.64
N TRP F 332 -30.44 -46.50 20.39
CA TRP F 332 -31.27 -45.82 19.40
C TRP F 332 -31.55 -44.39 19.84
N TRP F 333 -31.97 -44.21 21.09
CA TRP F 333 -32.28 -42.88 21.60
C TRP F 333 -31.04 -42.00 21.72
N ILE F 334 -29.89 -42.57 22.08
CA ILE F 334 -28.65 -41.81 22.17
C ILE F 334 -28.28 -41.24 20.81
N ARG F 335 -28.28 -42.09 19.79
CA ARG F 335 -27.96 -41.69 18.43
C ARG F 335 -28.95 -40.66 17.89
N GLN F 336 -30.23 -40.81 18.24
CA GLN F 336 -31.24 -39.85 17.79
C GLN F 336 -30.96 -38.46 18.35
N ALA F 337 -30.75 -38.35 19.66
CA ALA F 337 -30.52 -37.06 20.31
C ALA F 337 -29.25 -36.39 19.81
N ILE F 338 -28.19 -37.15 19.63
CA ILE F 338 -26.91 -36.59 19.18
C ILE F 338 -27.02 -36.07 17.76
N THR F 339 -27.62 -36.86 16.87
CA THR F 339 -27.68 -36.46 15.46
C THR F 339 -28.67 -35.33 15.22
N ARG F 340 -29.79 -35.31 15.94
CA ARG F 340 -30.71 -34.18 15.84
C ARG F 340 -30.08 -32.90 16.32
N ALA F 341 -29.39 -32.94 17.47
CA ALA F 341 -28.72 -31.76 18.00
C ALA F 341 -27.62 -31.27 17.09
N MET F 342 -26.91 -32.21 16.47
CA MET F 342 -25.84 -31.88 15.54
C MET F 342 -26.41 -31.12 14.36
N ALA F 343 -27.58 -31.57 13.89
CA ALA F 343 -28.28 -30.88 12.82
C ALA F 343 -28.70 -29.48 13.26
N ASP F 344 -29.12 -29.34 14.52
CA ASP F 344 -29.74 -28.12 15.01
C ASP F 344 -28.76 -27.14 15.63
N GLN F 345 -27.49 -27.51 15.82
CA GLN F 345 -26.58 -26.63 16.55
C GLN F 345 -25.18 -26.53 16.00
N ALA F 346 -24.86 -27.19 14.90
CA ALA F 346 -23.47 -27.15 14.45
C ALA F 346 -23.17 -25.92 13.61
N ARG F 347 -24.05 -25.57 12.70
CA ARG F 347 -23.77 -24.54 11.72
C ARG F 347 -24.18 -23.16 12.23
N THR F 348 -23.39 -22.16 11.84
CA THR F 348 -23.65 -20.78 12.22
C THR F 348 -24.98 -20.31 11.65
N ILE F 349 -25.21 -20.57 10.37
CA ILE F 349 -26.49 -20.32 9.73
C ILE F 349 -27.28 -21.61 9.87
N ARG F 350 -28.33 -21.57 10.68
CA ARG F 350 -29.07 -22.79 10.97
C ARG F 350 -29.73 -23.34 9.72
N ILE F 351 -29.63 -24.65 9.56
CA ILE F 351 -30.23 -25.37 8.44
C ILE F 351 -31.30 -26.27 9.04
N PRO F 352 -32.52 -26.29 8.48
CA PRO F 352 -33.56 -27.16 9.02
C PRO F 352 -33.19 -28.62 8.90
N VAL F 353 -33.77 -29.43 9.79
CA VAL F 353 -33.37 -30.83 10.00
C VAL F 353 -33.52 -31.65 8.73
N HIS F 354 -34.51 -31.33 7.92
CA HIS F 354 -34.77 -32.12 6.73
C HIS F 354 -33.86 -31.74 5.56
N MET F 355 -33.48 -30.47 5.44
CA MET F 355 -32.39 -30.10 4.56
C MET F 355 -31.06 -30.75 4.96
N VAL F 356 -30.79 -30.87 6.26
CA VAL F 356 -29.53 -31.46 6.71
C VAL F 356 -29.44 -32.93 6.32
N GLU F 357 -30.53 -33.69 6.49
CA GLU F 357 -30.50 -35.09 6.11
C GLU F 357 -30.39 -35.26 4.60
N VAL F 358 -30.90 -34.30 3.81
CA VAL F 358 -30.72 -34.33 2.36
C VAL F 358 -29.25 -34.20 1.98
N ILE F 359 -28.53 -33.21 2.54
CA ILE F 359 -27.17 -32.93 2.08
C ILE F 359 -26.20 -34.05 2.47
N ASN F 360 -26.31 -34.59 3.69
CA ASN F 360 -25.39 -35.67 4.06
C ASN F 360 -25.69 -36.95 3.28
N LYS F 361 -26.95 -37.17 2.91
CA LYS F 361 -27.30 -38.30 2.05
C LYS F 361 -26.63 -38.18 0.69
N LEU F 362 -26.78 -37.02 0.05
CA LEU F 362 -26.17 -36.80 -1.27
C LEU F 362 -24.66 -36.77 -1.20
N ALA F 363 -24.10 -36.30 -0.10
CA ALA F 363 -22.65 -36.30 0.06
C ALA F 363 -22.11 -37.73 0.06
N ARG F 364 -22.77 -38.62 0.79
CA ARG F 364 -22.28 -40.00 0.89
C ARG F 364 -22.39 -40.73 -0.45
N VAL F 365 -23.48 -40.52 -1.19
CA VAL F 365 -23.60 -41.16 -2.50
C VAL F 365 -22.57 -40.58 -3.49
N GLN F 366 -22.27 -39.28 -3.37
CA GLN F 366 -21.23 -38.68 -4.20
C GLN F 366 -19.87 -39.31 -3.93
N ARG F 367 -19.60 -39.63 -2.66
CA ARG F 367 -18.40 -40.37 -2.31
C ARG F 367 -18.37 -41.76 -2.93
N GLN F 368 -19.52 -42.46 -2.95
CA GLN F 368 -19.58 -43.75 -3.61
C GLN F 368 -19.37 -43.67 -5.10
N MET F 369 -19.94 -42.64 -5.74
CA MET F 369 -19.76 -42.43 -7.17
C MET F 369 -18.30 -42.16 -7.53
N LEU F 370 -17.61 -41.35 -6.71
CA LEU F 370 -16.20 -41.09 -6.94
C LEU F 370 -15.36 -42.36 -6.86
N GLN F 371 -15.65 -43.21 -5.88
CA GLN F 371 -14.91 -44.46 -5.73
C GLN F 371 -15.21 -45.43 -6.86
N ASP F 372 -16.48 -45.52 -7.27
CA ASP F 372 -16.87 -46.46 -8.31
C ASP F 372 -16.39 -46.01 -9.68
N LEU F 373 -16.81 -44.83 -10.12
CA LEU F 373 -16.55 -44.37 -11.48
C LEU F 373 -15.12 -43.90 -11.70
N GLY F 374 -14.34 -43.67 -10.63
CA GLY F 374 -12.97 -43.23 -10.80
C GLY F 374 -12.80 -41.83 -11.36
N ARG F 375 -13.84 -41.00 -11.29
CA ARG F 375 -13.82 -39.65 -11.84
C ARG F 375 -14.86 -38.85 -11.07
N GLU F 376 -14.62 -37.54 -10.95
CA GLU F 376 -15.55 -36.62 -10.29
C GLU F 376 -16.90 -36.62 -11.02
N PRO F 377 -17.98 -37.01 -10.36
CA PRO F 377 -19.28 -37.08 -11.05
C PRO F 377 -19.84 -35.71 -11.41
N THR F 378 -20.53 -35.68 -12.54
CA THR F 378 -21.24 -34.48 -12.96
C THR F 378 -22.51 -34.32 -12.14
N PRO F 379 -22.97 -33.08 -11.93
CA PRO F 379 -24.20 -32.88 -11.13
C PRO F 379 -25.43 -33.56 -11.68
N GLU F 380 -25.54 -33.68 -13.01
CA GLU F 380 -26.69 -34.32 -13.63
C GLU F 380 -26.73 -35.81 -13.33
N GLU F 381 -25.60 -36.50 -13.43
CA GLU F 381 -25.56 -37.91 -13.06
C GLU F 381 -25.78 -38.11 -11.57
N LEU F 382 -25.26 -37.20 -10.75
CA LEU F 382 -25.56 -37.22 -9.32
C LEU F 382 -27.05 -36.99 -9.06
N ALA F 383 -27.69 -36.14 -9.87
CA ALA F 383 -29.10 -35.80 -9.70
C ALA F 383 -30.04 -36.99 -9.86
N LYS F 384 -29.81 -37.83 -10.89
CA LYS F 384 -30.68 -38.97 -11.11
C LYS F 384 -30.56 -40.01 -10.01
N GLU F 385 -29.35 -40.17 -9.45
CA GLU F 385 -29.16 -41.06 -8.32
C GLU F 385 -29.94 -40.59 -7.09
N LEU F 386 -29.91 -39.28 -6.82
CA LEU F 386 -30.74 -38.71 -5.77
C LEU F 386 -32.23 -38.72 -6.07
N ASP F 387 -32.60 -38.89 -7.36
CA ASP F 387 -33.95 -38.90 -7.98
C ASP F 387 -34.48 -37.46 -8.10
N MET F 388 -33.76 -36.46 -7.61
CA MET F 388 -34.22 -35.09 -7.76
C MET F 388 -33.69 -34.49 -9.06
N THR F 389 -34.07 -33.28 -9.32
CA THR F 389 -33.68 -32.59 -10.53
C THR F 389 -32.33 -31.93 -10.35
N PRO F 390 -31.60 -31.64 -11.44
CA PRO F 390 -30.29 -30.99 -11.28
C PRO F 390 -30.34 -29.61 -10.65
N GLU F 391 -31.42 -28.85 -10.84
CA GLU F 391 -31.52 -27.53 -10.23
C GLU F 391 -31.58 -27.63 -8.71
N LYS F 392 -32.26 -28.67 -8.20
CA LYS F 392 -32.27 -28.90 -6.76
C LYS F 392 -30.88 -29.27 -6.26
N VAL F 393 -30.14 -30.06 -7.05
CA VAL F 393 -28.75 -30.42 -6.71
C VAL F 393 -27.88 -29.18 -6.62
N ILE F 394 -27.98 -28.28 -7.59
CA ILE F 394 -27.20 -27.05 -7.57
C ILE F 394 -27.61 -26.19 -6.36
N GLU F 395 -28.92 -26.13 -6.06
CA GLU F 395 -29.42 -25.38 -4.92
C GLU F 395 -28.87 -25.89 -3.59
N VAL F 396 -28.96 -27.21 -3.35
CA VAL F 396 -28.54 -27.75 -2.07
C VAL F 396 -27.03 -27.63 -1.88
N GLN F 397 -26.25 -27.69 -2.96
CA GLN F 397 -24.82 -27.44 -2.92
C GLN F 397 -24.51 -26.02 -2.43
N LYS F 398 -25.32 -25.05 -2.87
CA LYS F 398 -25.13 -23.66 -2.45
C LYS F 398 -25.44 -23.46 -0.97
N TYR F 399 -26.40 -24.19 -0.41
CA TYR F 399 -26.67 -24.06 1.01
C TYR F 399 -25.66 -24.77 1.90
N GLY F 400 -24.85 -25.66 1.35
CA GLY F 400 -23.97 -26.48 2.18
C GLY F 400 -22.55 -25.99 2.36
N ARG F 401 -22.39 -24.70 2.59
CA ARG F 401 -21.10 -24.08 2.85
C ARG F 401 -21.05 -23.63 4.32
N GLU F 402 -19.92 -23.05 4.71
CA GLU F 402 -19.75 -22.53 6.06
C GLU F 402 -19.06 -21.18 5.97
N PRO F 403 -19.41 -20.24 6.85
CA PRO F 403 -18.76 -18.93 6.83
C PRO F 403 -17.30 -19.03 7.25
N ILE F 404 -16.51 -18.09 6.78
CA ILE F 404 -15.12 -17.94 7.21
C ILE F 404 -15.02 -16.79 8.17
N SER F 405 -14.20 -16.97 9.21
CA SER F 405 -14.16 -15.99 10.28
C SER F 405 -13.47 -14.71 9.81
N LEU F 406 -14.07 -13.58 10.16
CA LEU F 406 -13.50 -12.27 9.83
C LEU F 406 -12.14 -12.07 10.46
N HIS F 407 -12.00 -12.41 11.73
CA HIS F 407 -10.75 -12.19 12.46
C HIS F 407 -9.77 -13.32 12.15
N THR F 408 -9.29 -13.35 10.90
CA THR F 408 -8.31 -14.37 10.58
C THR F 408 -7.14 -13.72 9.87
N PRO F 409 -5.92 -14.21 10.12
CA PRO F 409 -4.76 -13.68 9.40
C PRO F 409 -4.78 -14.06 7.92
N LEU F 410 -4.40 -13.10 7.09
CA LEU F 410 -4.26 -13.36 5.66
C LEU F 410 -3.14 -14.37 5.40
N GLY F 411 -2.09 -14.34 6.21
CA GLY F 411 -0.96 -15.23 6.08
C GLY F 411 0.25 -14.63 5.42
N GLU F 412 0.08 -13.53 4.66
CA GLU F 412 1.22 -12.79 4.14
C GLU F 412 2.00 -12.14 5.28
N ASP F 413 1.30 -11.57 6.25
CA ASP F 413 1.92 -11.01 7.44
C ASP F 413 1.00 -11.30 8.62
N GLY F 414 1.61 -11.40 9.81
CA GLY F 414 0.83 -11.72 11.00
C GLY F 414 -0.16 -10.66 11.42
N ASP F 415 0.24 -9.38 11.34
CA ASP F 415 -0.59 -8.28 11.83
C ASP F 415 -1.90 -8.12 11.06
N SER F 416 -1.88 -8.28 9.74
CA SER F 416 -3.08 -8.04 8.93
C SER F 416 -4.17 -9.06 9.23
N GLU F 417 -5.41 -8.60 9.20
CA GLU F 417 -6.58 -9.42 9.45
C GLU F 417 -7.51 -9.28 8.26
N PHE F 418 -8.32 -10.31 8.05
CA PHE F 418 -9.23 -10.34 6.91
C PHE F 418 -10.28 -9.24 7.00
N GLY F 419 -10.74 -8.94 8.21
CA GLY F 419 -11.78 -7.96 8.47
C GLY F 419 -11.42 -6.52 8.19
N ASP F 420 -10.21 -6.22 7.74
CA ASP F 420 -9.74 -4.87 7.49
C ASP F 420 -9.48 -4.68 6.01
N LEU F 421 -10.19 -5.46 5.20
CA LEU F 421 -9.98 -5.50 3.78
C LEU F 421 -11.30 -5.46 3.01
N ILE F 422 -12.44 -5.48 3.71
CA ILE F 422 -13.75 -5.49 3.10
C ILE F 422 -14.50 -4.23 3.51
N GLU F 423 -14.98 -3.49 2.52
CA GLU F 423 -15.60 -2.20 2.72
C GLU F 423 -17.10 -2.35 2.90
N ASP F 424 -17.71 -1.38 3.56
CA ASP F 424 -19.14 -1.44 3.79
C ASP F 424 -19.85 -0.60 2.73
N SER F 425 -21.13 -0.86 2.56
CA SER F 425 -21.94 -0.11 1.62
C SER F 425 -22.86 0.92 2.27
N GLU F 426 -23.16 0.76 3.56
CA GLU F 426 -24.08 1.65 4.25
C GLU F 426 -23.51 3.05 4.51
N ALA F 427 -22.21 3.24 4.34
CA ALA F 427 -21.59 4.54 4.52
C ALA F 427 -22.13 5.53 3.50
N VAL F 428 -22.39 6.76 3.93
CA VAL F 428 -22.85 7.80 3.03
C VAL F 428 -21.66 8.42 2.31
N VAL F 429 -21.56 8.16 1.01
CA VAL F 429 -20.53 8.72 0.15
C VAL F 429 -20.70 10.23 0.08
N PRO F 430 -19.66 11.00 0.44
CA PRO F 430 -19.78 12.47 0.48
C PRO F 430 -20.14 13.16 -0.83
N ALA F 431 -19.59 12.69 -1.95
CA ALA F 431 -19.86 13.32 -3.24
C ALA F 431 -21.33 13.21 -3.62
N ASP F 432 -21.93 12.04 -3.42
CA ASP F 432 -23.34 11.83 -3.78
C ASP F 432 -24.28 12.62 -2.89
N ALA F 433 -23.99 12.68 -1.58
CA ALA F 433 -24.87 13.37 -0.63
C ALA F 433 -24.96 14.86 -0.94
N VAL F 434 -23.85 15.50 -1.25
CA VAL F 434 -23.89 16.94 -1.54
C VAL F 434 -24.56 17.21 -2.87
N SER F 435 -24.42 16.31 -3.84
CA SER F 435 -25.07 16.45 -5.14
C SER F 435 -26.58 16.44 -5.03
N PHE F 436 -27.12 15.63 -4.13
CA PHE F 436 -28.57 15.62 -3.93
C PHE F 436 -29.06 16.98 -3.43
N THR F 437 -28.29 17.61 -2.54
CA THR F 437 -28.63 18.95 -2.06
C THR F 437 -28.60 19.95 -3.21
N LEU F 438 -27.61 19.84 -4.08
CA LEU F 438 -27.56 20.69 -5.26
C LEU F 438 -28.71 20.39 -6.22
N LEU F 439 -29.07 19.10 -6.37
CA LEU F 439 -30.21 18.72 -7.21
C LEU F 439 -31.52 19.30 -6.68
N GLN F 440 -31.72 19.22 -5.38
CA GLN F 440 -32.90 19.77 -4.73
C GLN F 440 -33.01 21.27 -4.97
N GLU F 441 -31.90 21.98 -4.78
CA GLU F 441 -31.89 23.43 -4.96
C GLU F 441 -32.08 23.80 -6.43
N GLN F 442 -31.39 23.10 -7.34
CA GLN F 442 -31.48 23.41 -8.76
C GLN F 442 -32.88 23.18 -9.32
N LEU F 443 -33.50 22.06 -8.95
CA LEU F 443 -34.84 21.74 -9.43
C LEU F 443 -35.86 22.78 -8.98
N HIS F 444 -35.75 23.22 -7.73
CA HIS F 444 -36.63 24.26 -7.22
C HIS F 444 -36.44 25.57 -7.98
N SER F 445 -35.19 25.88 -8.34
CA SER F 445 -34.90 27.07 -9.15
C SER F 445 -35.56 27.01 -10.53
N VAL F 446 -35.52 25.85 -11.19
CA VAL F 446 -36.22 25.68 -12.46
C VAL F 446 -37.73 25.80 -12.28
N LEU F 447 -38.26 25.16 -11.24
CA LEU F 447 -39.68 25.30 -10.95
C LEU F 447 -40.07 26.70 -10.50
N ASP F 448 -39.19 27.42 -9.81
CA ASP F 448 -39.49 28.79 -9.39
C ASP F 448 -39.69 29.74 -10.57
N THR F 449 -38.89 29.60 -11.64
CA THR F 449 -39.02 30.52 -12.78
C THR F 449 -40.38 30.36 -13.47
N LEU F 450 -40.93 29.14 -13.52
CA LEU F 450 -42.12 28.83 -14.30
C LEU F 450 -43.35 29.57 -13.79
N SER F 451 -44.31 29.74 -14.71
CA SER F 451 -45.54 30.46 -14.46
C SER F 451 -46.34 29.84 -13.32
N GLU F 452 -46.96 30.72 -12.51
CA GLU F 452 -47.49 30.40 -11.18
C GLU F 452 -48.38 29.15 -11.18
N ARG F 453 -49.32 29.11 -12.14
CA ARG F 453 -50.21 27.96 -12.24
C ARG F 453 -49.44 26.69 -12.60
N GLU F 454 -48.49 26.80 -13.53
CA GLU F 454 -47.71 25.65 -13.97
C GLU F 454 -46.86 25.07 -12.85
N ALA F 455 -46.14 25.94 -12.14
CA ALA F 455 -45.32 25.54 -11.00
C ALA F 455 -46.12 24.98 -9.83
N GLY F 456 -47.27 25.58 -9.53
CA GLY F 456 -48.09 25.14 -8.42
C GLY F 456 -48.61 23.72 -8.54
N VAL F 457 -49.15 23.39 -9.71
CA VAL F 457 -49.77 22.07 -9.88
C VAL F 457 -48.73 20.95 -9.88
N VAL F 458 -47.56 21.16 -10.49
CA VAL F 458 -46.51 20.13 -10.55
C VAL F 458 -45.90 19.83 -9.19
N SER F 459 -45.80 20.84 -8.32
CA SER F 459 -45.27 20.61 -6.97
C SER F 459 -46.18 19.68 -6.18
N MET F 460 -47.48 19.95 -6.22
CA MET F 460 -48.47 19.12 -5.55
C MET F 460 -48.60 17.75 -6.22
N ARG F 461 -48.52 17.70 -7.56
CA ARG F 461 -48.64 16.45 -8.30
C ARG F 461 -47.54 15.45 -7.97
N PHE F 462 -46.35 15.91 -7.63
CA PHE F 462 -45.25 15.01 -7.31
C PHE F 462 -44.82 15.17 -5.87
N GLY F 463 -45.58 15.92 -5.06
CA GLY F 463 -45.38 16.00 -3.63
C GLY F 463 -44.05 16.58 -3.21
N LEU F 464 -43.59 17.62 -3.91
CA LEU F 464 -42.39 18.31 -3.47
C LEU F 464 -42.59 19.03 -2.15
N THR F 465 -43.80 19.52 -1.89
CA THR F 465 -44.03 20.22 -0.63
C THR F 465 -44.25 19.26 0.53
N ASP F 466 -45.00 18.17 0.30
CA ASP F 466 -45.33 17.20 1.34
C ASP F 466 -45.12 15.81 0.77
N GLY F 467 -44.68 14.89 1.64
CA GLY F 467 -44.27 13.54 1.25
C GLY F 467 -45.34 12.70 0.57
N GLN F 468 -46.62 13.08 0.68
CA GLN F 468 -47.71 12.41 0.01
C GLN F 468 -48.18 13.19 -1.21
N PRO F 469 -47.96 12.69 -2.42
CA PRO F 469 -48.51 13.35 -3.61
C PRO F 469 -50.02 13.30 -3.66
N LYS F 470 -50.60 14.30 -4.31
CA LYS F 470 -52.04 14.48 -4.38
C LYS F 470 -52.49 13.96 -5.74
N THR F 471 -53.62 13.25 -5.76
CA THR F 471 -54.20 12.76 -6.99
C THR F 471 -54.65 13.89 -7.92
N LEU F 472 -54.85 13.50 -9.19
CA LEU F 472 -55.27 14.45 -10.22
C LEU F 472 -56.63 15.06 -9.90
N ASP F 473 -57.60 14.20 -9.55
CA ASP F 473 -58.88 14.69 -9.07
C ASP F 473 -58.74 15.46 -7.76
N GLU F 474 -57.85 14.99 -6.88
CA GLU F 474 -57.61 15.60 -5.57
C GLU F 474 -57.09 17.03 -5.65
N ILE F 475 -56.35 17.39 -6.70
CA ILE F 475 -55.93 18.78 -6.82
C ILE F 475 -57.06 19.69 -7.29
N GLY F 476 -58.09 19.14 -7.93
CA GLY F 476 -59.16 19.98 -8.44
C GLY F 476 -60.23 20.29 -7.42
N LYS F 477 -59.83 20.31 -6.14
CA LYS F 477 -60.67 20.68 -5.02
C LYS F 477 -60.18 21.97 -4.38
N VAL F 478 -58.89 22.01 -4.03
CA VAL F 478 -58.30 23.22 -3.46
C VAL F 478 -58.20 24.31 -4.54
N TYR F 479 -57.89 23.94 -5.77
CA TYR F 479 -57.77 24.92 -6.86
C TYR F 479 -59.11 25.28 -7.47
N GLY F 480 -60.12 24.41 -7.35
CA GLY F 480 -61.43 24.73 -7.85
C GLY F 480 -61.61 24.57 -9.34
N VAL F 481 -60.82 23.72 -9.97
CA VAL F 481 -60.90 23.48 -11.41
C VAL F 481 -61.31 22.04 -11.64
N THR F 482 -61.83 21.78 -12.83
CA THR F 482 -62.25 20.43 -13.16
C THR F 482 -61.06 19.58 -13.56
N ARG F 483 -61.22 18.27 -13.37
CA ARG F 483 -60.16 17.29 -13.58
C ARG F 483 -59.60 17.31 -15.00
N GLU F 484 -60.46 17.57 -15.99
CA GLU F 484 -59.98 17.63 -17.36
C GLU F 484 -59.20 18.89 -17.67
N ARG F 485 -59.58 20.02 -17.08
CA ARG F 485 -58.81 21.25 -17.29
C ARG F 485 -57.41 21.13 -16.71
N ILE F 486 -57.31 20.67 -15.46
CA ILE F 486 -56.02 20.48 -14.81
C ILE F 486 -55.15 19.43 -15.51
N ARG F 487 -55.76 18.39 -16.11
CA ARG F 487 -54.98 17.39 -16.84
C ARG F 487 -54.23 17.99 -18.02
N GLN F 488 -54.90 18.84 -18.81
CA GLN F 488 -54.29 19.44 -19.99
C GLN F 488 -53.11 20.33 -19.65
N ILE F 489 -53.25 21.17 -18.62
CA ILE F 489 -52.15 22.03 -18.23
C ILE F 489 -51.02 21.21 -17.61
N GLU F 490 -51.35 20.08 -17.00
CA GLU F 490 -50.32 19.17 -16.50
C GLU F 490 -49.50 18.58 -17.63
N SER F 491 -50.16 18.17 -18.72
CA SER F 491 -49.44 17.67 -19.89
C SER F 491 -48.59 18.75 -20.55
N LYS F 492 -49.09 19.99 -20.58
CA LYS F 492 -48.36 21.10 -21.17
C LYS F 492 -47.06 21.39 -20.42
N THR F 493 -47.09 21.29 -19.10
CA THR F 493 -45.89 21.53 -18.28
C THR F 493 -44.79 20.51 -18.59
N MET F 494 -45.15 19.21 -18.66
CA MET F 494 -44.14 18.17 -18.88
C MET F 494 -43.46 18.33 -20.24
N SER F 495 -44.21 18.79 -21.24
CA SER F 495 -43.60 19.12 -22.53
C SER F 495 -42.55 20.20 -22.36
N LYS F 496 -42.90 21.28 -21.65
CA LYS F 496 -42.00 22.43 -21.48
C LYS F 496 -40.73 22.02 -20.72
N LEU F 497 -40.89 21.24 -19.64
CA LEU F 497 -39.72 20.79 -18.90
C LEU F 497 -38.94 19.71 -19.65
N ARG F 498 -39.48 19.16 -20.73
CA ARG F 498 -38.78 18.18 -21.56
C ARG F 498 -38.02 18.85 -22.67
N HIS F 499 -38.27 20.14 -22.89
CA HIS F 499 -37.57 20.92 -23.90
C HIS F 499 -36.11 21.04 -23.52
N PRO F 500 -35.21 21.12 -24.52
CA PRO F 500 -33.77 21.20 -24.20
C PRO F 500 -33.36 22.45 -23.42
N SER F 501 -34.17 23.51 -23.43
CA SER F 501 -33.90 24.70 -22.64
C SER F 501 -33.80 24.39 -21.15
N ARG F 502 -34.92 24.01 -20.53
CA ARG F 502 -34.91 23.63 -19.11
C ARG F 502 -34.73 22.14 -18.87
N SER F 503 -33.75 21.51 -19.49
CA SER F 503 -33.47 20.10 -19.21
C SER F 503 -32.01 19.78 -19.14
N GLN F 504 -31.13 20.59 -19.74
CA GLN F 504 -29.70 20.30 -19.79
C GLN F 504 -29.11 20.28 -18.40
N VAL F 505 -29.54 21.22 -17.55
CA VAL F 505 -28.96 21.37 -16.22
C VAL F 505 -29.20 20.11 -15.41
N LEU F 506 -30.36 19.49 -15.56
CA LEU F 506 -30.77 18.35 -14.75
C LEU F 506 -30.31 16.99 -15.31
N ARG F 507 -29.79 16.92 -16.55
CA ARG F 507 -29.35 15.64 -17.12
C ARG F 507 -28.22 14.98 -16.32
N ASP F 508 -27.16 15.73 -16.01
CA ASP F 508 -26.03 15.18 -15.26
C ASP F 508 -26.44 14.83 -13.83
N TYR F 509 -27.35 15.62 -13.26
CA TYR F 509 -27.88 15.32 -11.93
C TYR F 509 -28.69 14.05 -11.90
N LEU F 510 -29.15 13.59 -13.08
CA LEU F 510 -29.94 12.38 -13.29
C LEU F 510 -31.21 12.36 -12.47
N GLY I 23 -52.76 -20.83 -32.49
CA GLY I 23 -52.56 -20.71 -31.06
C GLY I 23 -51.37 -19.85 -30.68
N ALA I 24 -50.73 -19.26 -31.69
CA ALA I 24 -49.54 -18.43 -31.48
C ALA I 24 -49.98 -17.12 -30.82
N LEU I 25 -49.57 -16.93 -29.58
CA LEU I 25 -49.81 -15.67 -28.88
C LEU I 25 -48.99 -14.54 -29.47
N ARG I 26 -49.66 -13.44 -29.76
CA ARG I 26 -49.07 -12.17 -30.13
C ARG I 26 -49.54 -11.11 -29.14
N PHE I 27 -48.70 -10.11 -28.91
CA PHE I 27 -49.02 -9.08 -27.94
C PHE I 27 -48.80 -7.70 -28.54
N GLY I 28 -49.69 -6.78 -28.21
CA GLY I 28 -49.58 -5.41 -28.66
C GLY I 28 -49.44 -4.46 -27.50
N VAL I 29 -48.39 -3.63 -27.49
CA VAL I 29 -48.22 -2.66 -26.44
C VAL I 29 -48.01 -1.26 -27.01
N LEU I 30 -47.80 -1.18 -28.32
CA LEU I 30 -47.63 0.07 -29.05
C LEU I 30 -48.95 0.80 -29.30
N GLY I 31 -50.03 0.36 -28.68
CA GLY I 31 -51.29 1.04 -28.67
C GLY I 31 -51.95 0.65 -27.37
N PRO I 32 -53.27 0.47 -27.39
CA PRO I 32 -53.92 -0.22 -26.27
C PRO I 32 -53.35 -1.62 -26.10
N VAL I 33 -53.19 -2.03 -24.86
CA VAL I 33 -52.60 -3.34 -24.56
C VAL I 33 -53.54 -4.43 -25.04
N ARG I 34 -53.15 -5.13 -26.11
CA ARG I 34 -53.97 -6.15 -26.74
C ARG I 34 -53.20 -7.45 -26.83
N ALA I 35 -53.93 -8.55 -26.88
CA ALA I 35 -53.37 -9.86 -27.14
C ALA I 35 -54.26 -10.59 -28.16
N TRP I 36 -53.63 -11.38 -29.02
CA TRP I 36 -54.36 -12.16 -30.00
C TRP I 36 -53.93 -13.62 -29.92
N ARG I 37 -54.86 -14.51 -30.24
CA ARG I 37 -54.58 -15.93 -30.43
C ARG I 37 -55.27 -16.36 -31.71
N ASP I 38 -54.47 -16.83 -32.68
CA ASP I 38 -54.86 -17.25 -34.04
C ASP I 38 -55.77 -16.22 -34.71
N GLY I 39 -55.44 -14.94 -34.52
CA GLY I 39 -56.23 -13.84 -35.02
C GLY I 39 -57.42 -13.46 -34.16
N GLU I 40 -57.84 -14.29 -33.22
CA GLU I 40 -58.96 -13.95 -32.35
C GLU I 40 -58.48 -13.08 -31.20
N THR I 41 -59.20 -12.00 -30.94
CA THR I 41 -58.81 -11.05 -29.89
C THR I 41 -59.13 -11.60 -28.49
N LEU I 42 -58.11 -11.61 -27.64
CA LEU I 42 -58.26 -12.06 -26.26
C LEU I 42 -58.68 -10.90 -25.35
N ALA I 43 -59.56 -11.21 -24.39
CA ALA I 43 -60.07 -10.28 -23.39
C ALA I 43 -59.03 -10.04 -22.29
N THR I 44 -58.15 -9.06 -22.51
CA THR I 44 -57.11 -8.73 -21.52
C THR I 44 -57.64 -8.07 -20.24
N GLY I 45 -58.93 -7.82 -20.10
CA GLY I 45 -59.47 -7.47 -18.80
C GLY I 45 -59.43 -5.99 -18.44
N SER I 46 -59.44 -5.78 -17.12
CA SER I 46 -59.52 -4.46 -16.51
C SER I 46 -58.25 -3.64 -16.75
N PRO I 47 -58.31 -2.31 -16.55
CA PRO I 47 -57.10 -1.48 -16.66
C PRO I 47 -55.93 -1.90 -15.78
N GLN I 48 -56.18 -2.39 -14.57
CA GLN I 48 -55.10 -2.84 -13.71
C GLN I 48 -54.43 -4.10 -14.26
N GLN I 49 -55.19 -4.97 -14.94
CA GLN I 49 -54.59 -6.14 -15.57
C GLN I 49 -53.71 -5.76 -16.76
N ARG I 50 -54.14 -4.77 -17.53
CA ARG I 50 -53.30 -4.27 -18.61
C ARG I 50 -52.04 -3.63 -18.07
N ALA I 51 -52.13 -2.98 -16.91
CA ALA I 51 -50.95 -2.46 -16.25
C ALA I 51 -49.99 -3.56 -15.83
N LEU I 52 -50.53 -4.63 -15.22
CA LEU I 52 -49.73 -5.78 -14.85
C LEU I 52 -49.10 -6.46 -16.07
N LEU I 53 -49.89 -6.66 -17.12
CA LEU I 53 -49.40 -7.32 -18.33
C LEU I 53 -48.29 -6.51 -19.00
N ALA I 54 -48.50 -5.19 -19.12
CA ALA I 54 -47.47 -4.32 -19.68
C ALA I 54 -46.21 -4.34 -18.83
N ALA I 55 -46.38 -4.31 -17.50
CA ALA I 55 -45.22 -4.39 -16.62
C ALA I 55 -44.48 -5.70 -16.75
N LEU I 56 -45.17 -6.78 -17.09
CA LEU I 56 -44.51 -8.07 -17.28
C LEU I 56 -43.95 -8.26 -18.67
N LEU I 57 -44.67 -7.78 -19.69
CA LEU I 57 -44.22 -7.90 -21.07
C LEU I 57 -42.92 -7.15 -21.33
N LEU I 58 -42.80 -5.93 -20.82
CA LEU I 58 -41.61 -5.11 -21.06
C LEU I 58 -40.35 -5.60 -20.36
N ARG I 59 -40.38 -6.63 -19.50
CA ARG I 59 -39.12 -7.15 -18.99
C ARG I 59 -38.51 -8.22 -19.87
N GLU I 60 -39.21 -8.65 -20.93
CA GLU I 60 -38.73 -9.62 -21.91
C GLU I 60 -38.27 -10.92 -21.26
N GLY I 61 -39.15 -11.50 -20.45
CA GLY I 61 -38.89 -12.77 -19.81
C GLY I 61 -38.16 -12.71 -18.49
N ARG I 62 -37.62 -11.55 -18.11
CA ARG I 62 -37.02 -11.42 -16.80
C ARG I 62 -38.12 -11.35 -15.74
N THR I 63 -37.91 -12.08 -14.65
CA THR I 63 -38.91 -12.15 -13.59
C THR I 63 -39.04 -10.83 -12.84
N ALA I 64 -40.27 -10.40 -12.61
CA ALA I 64 -40.56 -9.22 -11.79
C ALA I 64 -41.05 -9.68 -10.42
N THR I 65 -40.33 -9.29 -9.37
CA THR I 65 -40.76 -9.56 -8.01
C THR I 65 -42.08 -8.87 -7.68
N ALA I 66 -42.75 -9.40 -6.66
CA ALA I 66 -44.01 -8.84 -6.17
C ALA I 66 -43.87 -7.39 -5.70
N GLY I 67 -42.71 -7.04 -5.16
CA GLY I 67 -42.45 -5.65 -4.81
C GLY I 67 -42.45 -4.73 -6.02
N GLU I 68 -41.72 -5.11 -7.07
CA GLU I 68 -41.69 -4.33 -8.30
C GLU I 68 -43.05 -4.22 -8.96
N LEU I 69 -43.89 -5.26 -8.86
CA LEU I 69 -45.21 -5.19 -9.48
C LEU I 69 -46.18 -4.32 -8.71
N ILE I 70 -46.09 -4.32 -7.38
CA ILE I 70 -46.89 -3.41 -6.57
C ILE I 70 -46.52 -1.97 -6.88
N ASP I 71 -45.21 -1.70 -6.91
CA ASP I 71 -44.70 -0.37 -7.22
C ASP I 71 -45.10 0.06 -8.63
N ALA I 72 -45.12 -0.88 -9.58
CA ALA I 72 -45.49 -0.57 -10.96
C ALA I 72 -46.94 -0.10 -11.08
N LEU I 73 -47.84 -0.69 -10.31
CA LEU I 73 -49.25 -0.38 -10.44
C LEU I 73 -49.67 0.86 -9.67
N TRP I 74 -49.13 1.07 -8.47
CA TRP I 74 -49.61 2.12 -7.60
C TRP I 74 -48.55 3.12 -7.17
N GLY I 75 -47.27 2.81 -7.34
CA GLY I 75 -46.24 3.71 -6.86
C GLY I 75 -46.21 3.78 -5.35
N GLU I 76 -46.03 5.00 -4.84
CA GLU I 76 -45.81 5.25 -3.42
C GLU I 76 -47.04 5.06 -2.54
N GLU I 77 -48.24 4.94 -3.11
CA GLU I 77 -49.47 4.82 -2.32
C GLU I 77 -50.26 3.53 -2.58
N PRO I 78 -49.72 2.37 -2.23
CA PRO I 78 -50.46 1.12 -2.44
C PRO I 78 -51.53 0.93 -1.37
N PRO I 79 -52.65 0.30 -1.71
CA PRO I 79 -53.61 -0.09 -0.68
C PRO I 79 -53.02 -1.15 0.23
N SER I 80 -53.53 -1.19 1.48
CA SER I 80 -53.01 -2.10 2.50
C SER I 80 -53.08 -3.58 2.12
N GLN I 81 -54.01 -3.98 1.24
CA GLN I 81 -54.08 -5.36 0.78
C GLN I 81 -53.76 -5.51 -0.70
N ALA I 82 -52.91 -4.62 -1.22
CA ALA I 82 -52.55 -4.59 -2.64
C ALA I 82 -52.00 -5.92 -3.15
N LEU I 83 -51.19 -6.59 -2.32
CA LEU I 83 -50.58 -7.87 -2.71
C LEU I 83 -51.62 -8.93 -3.06
N ALA I 84 -52.74 -8.96 -2.33
CA ALA I 84 -53.80 -9.89 -2.67
C ALA I 84 -54.49 -9.51 -3.98
N ALA I 85 -54.60 -8.21 -4.25
CA ALA I 85 -55.13 -7.75 -5.54
C ALA I 85 -54.25 -8.17 -6.70
N VAL I 86 -52.93 -7.99 -6.56
CA VAL I 86 -51.96 -8.41 -7.58
C VAL I 86 -52.09 -9.89 -7.88
N ARG I 87 -52.23 -10.71 -6.83
CA ARG I 87 -52.48 -12.13 -7.00
C ARG I 87 -53.76 -12.42 -7.75
N THR I 88 -54.82 -11.63 -7.52
CA THR I 88 -56.07 -11.82 -8.25
C THR I 88 -55.90 -11.53 -9.74
N TYR I 89 -55.20 -10.45 -10.08
CA TYR I 89 -54.96 -10.10 -11.49
C TYR I 89 -54.09 -11.14 -12.17
N ALA I 90 -53.07 -11.64 -11.48
CA ALA I 90 -52.22 -12.70 -12.00
C ALA I 90 -53.00 -13.98 -12.29
N SER I 91 -53.90 -14.36 -11.39
CA SER I 91 -54.73 -15.55 -11.60
C SER I 91 -55.63 -15.41 -12.83
N ARG I 92 -56.20 -14.22 -13.03
CA ARG I 92 -57.11 -14.00 -14.15
C ARG I 92 -56.39 -14.02 -15.48
N LEU I 93 -55.14 -13.55 -15.52
CA LEU I 93 -54.35 -13.64 -16.74
C LEU I 93 -54.09 -15.08 -17.14
N ARG I 94 -53.91 -15.97 -16.15
CA ARG I 94 -53.79 -17.40 -16.43
C ARG I 94 -55.04 -17.98 -17.08
N LYS I 95 -56.21 -17.39 -16.85
CA LYS I 95 -57.42 -17.92 -17.47
C LYS I 95 -57.56 -17.55 -18.94
N VAL I 96 -56.91 -16.47 -19.39
CA VAL I 96 -57.04 -16.05 -20.77
C VAL I 96 -55.81 -16.45 -21.58
N LEU I 97 -54.65 -16.43 -20.95
CA LEU I 97 -53.42 -16.83 -21.62
C LEU I 97 -53.27 -18.33 -21.54
N ASP I 98 -52.40 -18.86 -22.40
CA ASP I 98 -52.17 -20.29 -22.43
C ASP I 98 -51.45 -20.73 -21.15
N PRO I 99 -51.71 -21.95 -20.69
CA PRO I 99 -50.95 -22.50 -19.54
C PRO I 99 -49.44 -22.56 -19.79
N GLY I 100 -48.68 -22.07 -18.81
CA GLY I 100 -47.24 -22.09 -18.86
C GLY I 100 -46.57 -20.85 -19.42
N VAL I 101 -47.30 -19.94 -20.06
CA VAL I 101 -46.67 -18.68 -20.47
C VAL I 101 -46.41 -17.79 -19.25
N LEU I 102 -47.37 -17.69 -18.34
CA LEU I 102 -47.24 -16.87 -17.14
C LEU I 102 -46.72 -17.76 -16.02
N VAL I 103 -45.44 -17.72 -15.78
CA VAL I 103 -44.86 -18.58 -14.77
C VAL I 103 -44.90 -17.87 -13.44
N SER I 104 -44.93 -18.64 -12.35
CA SER I 104 -44.75 -18.09 -11.02
C SER I 104 -43.36 -18.45 -10.55
N GLU I 105 -42.51 -17.45 -10.34
CA GLU I 105 -41.13 -17.69 -9.98
C GLU I 105 -40.69 -16.64 -8.96
N SER I 106 -39.94 -17.11 -7.94
CA SER I 106 -39.33 -16.27 -6.89
C SER I 106 -40.34 -15.36 -6.20
N GLY I 107 -41.56 -15.86 -6.03
CA GLY I 107 -42.62 -15.05 -5.45
C GLY I 107 -43.15 -13.98 -6.36
N GLY I 108 -42.77 -13.98 -7.64
CA GLY I 108 -43.20 -12.97 -8.58
C GLY I 108 -43.71 -13.67 -9.82
N TYR I 109 -43.82 -12.95 -10.93
CA TYR I 109 -44.34 -13.52 -12.16
C TYR I 109 -43.49 -13.11 -13.34
N ALA I 110 -43.42 -13.98 -14.34
CA ALA I 110 -42.76 -13.64 -15.58
C ALA I 110 -43.54 -14.22 -16.74
N VAL I 111 -43.41 -13.61 -17.90
CA VAL I 111 -43.99 -14.15 -19.13
C VAL I 111 -42.88 -14.86 -19.88
N ARG I 112 -43.10 -16.14 -20.19
CA ARG I 112 -42.11 -16.99 -20.82
C ARG I 112 -42.72 -17.70 -22.02
N GLY I 113 -41.83 -18.27 -22.84
CA GLY I 113 -42.21 -19.16 -23.91
C GLY I 113 -42.89 -18.51 -25.10
N LEU I 114 -42.67 -17.21 -25.30
CA LEU I 114 -43.13 -16.54 -26.51
C LEU I 114 -42.11 -16.72 -27.63
N ALA I 115 -42.61 -16.93 -28.83
CA ALA I 115 -41.76 -16.94 -30.02
C ALA I 115 -41.10 -15.59 -30.24
N GLU I 116 -40.00 -15.61 -30.99
CA GLU I 116 -39.33 -14.39 -31.42
C GLU I 116 -40.26 -13.51 -32.25
N GLY I 117 -40.21 -12.20 -31.99
CA GLY I 117 -41.07 -11.26 -32.70
C GLY I 117 -42.54 -11.30 -32.36
N ALA I 118 -42.94 -12.06 -31.34
CA ALA I 118 -44.34 -12.09 -30.91
C ALA I 118 -44.79 -10.75 -30.34
N LEU I 119 -43.87 -9.96 -29.82
CA LEU I 119 -44.18 -8.63 -29.28
C LEU I 119 -43.87 -7.61 -30.37
N ASP I 120 -44.87 -6.77 -30.68
CA ASP I 120 -44.71 -5.70 -31.66
C ASP I 120 -43.56 -4.76 -31.32
N LEU I 121 -43.35 -4.48 -30.02
CA LEU I 121 -42.20 -3.66 -29.60
C LEU I 121 -40.88 -4.29 -30.02
N ALA I 122 -40.75 -5.60 -29.81
CA ALA I 122 -39.58 -6.33 -30.28
C ALA I 122 -39.53 -6.33 -31.79
N ARG I 123 -40.69 -6.54 -32.43
CA ARG I 123 -40.80 -6.48 -33.89
C ARG I 123 -40.42 -5.11 -34.42
N ALA I 124 -40.85 -4.04 -33.75
CA ALA I 124 -40.45 -2.70 -34.15
C ALA I 124 -38.95 -2.47 -33.91
N GLN I 125 -38.42 -3.01 -32.81
CA GLN I 125 -37.00 -2.86 -32.51
C GLN I 125 -36.13 -3.61 -33.50
N ASP I 126 -36.55 -4.81 -33.91
CA ASP I 126 -35.80 -5.59 -34.90
C ASP I 126 -35.72 -4.88 -36.24
N LEU I 127 -36.84 -4.32 -36.71
CA LEU I 127 -36.84 -3.55 -37.96
C LEU I 127 -35.93 -2.33 -37.88
N ALA I 128 -35.92 -1.64 -36.73
CA ALA I 128 -35.07 -0.46 -36.57
C ALA I 128 -33.58 -0.81 -36.59
N SER I 129 -33.20 -1.93 -35.98
CA SER I 129 -31.79 -2.36 -36.02
C SER I 129 -31.36 -2.74 -37.43
N ALA I 130 -32.22 -3.43 -38.17
CA ALA I 130 -31.91 -3.77 -39.57
C ALA I 130 -31.81 -2.51 -40.43
N ALA I 131 -32.63 -1.51 -40.15
CA ALA I 131 -32.60 -0.25 -40.90
C ALA I 131 -31.27 0.46 -40.74
N GLU I 132 -30.69 0.44 -39.53
CA GLU I 132 -29.37 1.02 -39.31
C GLU I 132 -28.30 0.31 -40.13
N LYS I 133 -28.37 -1.02 -40.20
CA LYS I 133 -27.46 -1.77 -41.07
C LYS I 133 -27.67 -1.42 -42.54
N ALA I 134 -28.93 -1.33 -42.97
CA ALA I 134 -29.25 -0.92 -44.34
C ALA I 134 -28.69 0.46 -44.67
N ARG I 135 -28.79 1.41 -43.72
CA ARG I 135 -28.15 2.71 -43.88
C ARG I 135 -26.65 2.57 -44.04
N SER I 136 -26.02 1.78 -43.17
CA SER I 136 -24.58 1.55 -43.27
C SER I 136 -24.19 0.80 -44.55
N ALA I 137 -25.10 -0.03 -45.09
CA ALA I 137 -24.87 -0.69 -46.36
C ALA I 137 -25.28 0.15 -47.56
N GLY I 138 -25.83 1.34 -47.36
CA GLY I 138 -26.22 2.18 -48.48
C GLY I 138 -27.58 1.90 -49.11
N ASP I 139 -28.34 0.92 -48.60
CA ASP I 139 -29.66 0.60 -49.15
C ASP I 139 -30.70 1.51 -48.51
N LEU I 140 -30.71 2.77 -48.95
CA LEU I 140 -31.66 3.75 -48.42
C LEU I 140 -33.10 3.44 -48.78
N CYS I 141 -33.36 2.84 -49.95
CA CYS I 141 -34.74 2.53 -50.34
C CYS I 141 -35.35 1.48 -49.43
N HIS I 142 -34.61 0.39 -49.17
CA HIS I 142 -35.10 -0.63 -48.26
C HIS I 142 -35.18 -0.11 -46.83
N ALA I 143 -34.19 0.71 -46.44
CA ALA I 143 -34.20 1.35 -45.11
C ALA I 143 -35.43 2.20 -44.89
N ARG I 144 -35.85 2.95 -45.91
CA ARG I 144 -37.09 3.74 -45.82
C ARG I 144 -38.30 2.82 -45.64
N ASP I 145 -38.36 1.74 -46.43
CA ASP I 145 -39.44 0.77 -46.33
C ASP I 145 -39.45 0.07 -44.98
N LEU I 146 -38.27 -0.28 -44.45
CA LEU I 146 -38.20 -0.89 -43.12
C LEU I 146 -38.73 0.05 -42.05
N LEU I 147 -38.37 1.33 -42.14
CA LEU I 147 -38.90 2.35 -41.23
C LEU I 147 -40.40 2.55 -41.44
N ARG I 148 -40.84 2.51 -42.70
CA ARG I 148 -42.26 2.60 -43.01
C ARG I 148 -43.04 1.45 -42.37
N ARG I 149 -42.54 0.22 -42.52
CA ARG I 149 -43.17 -0.94 -41.88
C ARG I 149 -43.17 -0.84 -40.36
N ALA I 150 -42.10 -0.28 -39.79
CA ALA I 150 -41.99 -0.11 -38.35
C ALA I 150 -43.01 0.89 -37.81
N LEU I 151 -43.14 2.04 -38.44
CA LEU I 151 -44.05 3.08 -37.98
C LEU I 151 -45.51 2.65 -37.99
N ASP I 152 -45.89 1.79 -38.93
CA ASP I 152 -47.25 1.26 -39.00
C ASP I 152 -47.65 0.40 -37.81
N LEU I 153 -46.71 -0.04 -36.97
CA LEU I 153 -47.07 -0.80 -35.78
C LEU I 153 -47.68 0.06 -34.69
N TRP I 154 -47.55 1.39 -34.75
CA TRP I 154 -48.15 2.26 -33.75
C TRP I 154 -49.65 2.38 -33.98
N ASP I 155 -50.42 1.67 -33.16
CA ASP I 155 -51.88 1.79 -33.19
C ASP I 155 -52.33 2.82 -32.13
N GLY I 156 -51.84 4.04 -32.30
CA GLY I 156 -52.20 5.15 -31.46
C GLY I 156 -51.24 5.40 -30.32
N GLU I 157 -51.76 5.82 -29.17
CA GLU I 157 -50.94 6.08 -27.99
C GLU I 157 -50.45 4.80 -27.34
N VAL I 158 -49.12 4.68 -27.16
CA VAL I 158 -48.55 3.58 -26.38
C VAL I 158 -49.15 3.53 -24.99
N LEU I 159 -49.55 2.33 -24.57
CA LEU I 159 -50.16 2.03 -23.27
C LEU I 159 -51.36 2.93 -22.96
N ALA I 160 -52.16 3.21 -24.00
CA ALA I 160 -53.34 4.06 -23.89
C ALA I 160 -54.32 3.54 -22.84
N GLY I 161 -54.73 4.42 -21.94
CA GLY I 161 -55.71 4.05 -20.93
C GLY I 161 -55.18 3.15 -19.83
N VAL I 162 -53.87 2.94 -19.76
CA VAL I 162 -53.26 2.08 -18.75
C VAL I 162 -52.86 2.95 -17.56
N PRO I 163 -53.42 2.72 -16.38
CA PRO I 163 -53.06 3.52 -15.21
C PRO I 163 -51.75 3.07 -14.59
N GLY I 164 -51.22 3.93 -13.73
CA GLY I 164 -50.07 3.62 -12.92
C GLY I 164 -48.84 4.38 -13.33
N PRO I 165 -47.95 4.62 -12.36
CA PRO I 165 -46.73 5.39 -12.64
C PRO I 165 -45.76 4.72 -13.59
N TYR I 166 -45.64 3.39 -13.52
CA TYR I 166 -44.70 2.68 -14.39
C TYR I 166 -45.07 2.84 -15.86
N ALA I 167 -46.36 2.73 -16.18
CA ALA I 167 -46.81 2.95 -17.56
C ALA I 167 -46.54 4.37 -18.02
N GLN I 168 -46.60 5.34 -17.11
CA GLN I 168 -46.32 6.74 -17.44
C GLN I 168 -44.91 6.93 -17.97
N THR I 169 -43.92 6.33 -17.32
CA THR I 169 -42.53 6.42 -17.77
C THR I 169 -42.35 5.80 -19.15
N GLN I 170 -43.04 4.69 -19.43
CA GLN I 170 -42.87 4.08 -20.74
C GLN I 170 -43.52 4.88 -21.85
N ARG I 171 -44.64 5.57 -21.57
CA ARG I 171 -45.28 6.44 -22.55
C ARG I 171 -44.34 7.52 -23.06
N VAL I 172 -43.69 8.23 -22.15
CA VAL I 172 -42.74 9.26 -22.53
C VAL I 172 -41.52 8.68 -23.22
N ARG I 173 -40.92 7.63 -22.64
CA ARG I 173 -39.70 7.04 -23.20
C ARG I 173 -39.95 6.46 -24.59
N LEU I 174 -40.99 5.66 -24.75
CA LEU I 174 -41.24 5.03 -26.05
C LEU I 174 -41.90 5.97 -27.03
N GLY I 175 -42.68 6.95 -26.55
CA GLY I 175 -43.19 7.98 -27.43
C GLY I 175 -42.09 8.83 -28.05
N GLU I 176 -41.10 9.20 -27.25
CA GLU I 176 -39.92 9.90 -27.76
C GLU I 176 -39.18 9.06 -28.78
N TRP I 177 -39.05 7.76 -28.53
CA TRP I 177 -38.35 6.85 -29.46
C TRP I 177 -39.05 6.80 -30.81
N ARG I 178 -40.38 6.81 -30.80
CA ARG I 178 -41.13 6.92 -32.06
C ARG I 178 -40.78 8.18 -32.81
N LEU I 179 -40.69 9.31 -32.11
CA LEU I 179 -40.32 10.57 -32.76
C LEU I 179 -38.89 10.54 -33.30
N GLN I 180 -37.98 9.92 -32.56
CA GLN I 180 -36.59 9.78 -33.00
C GLN I 180 -36.50 8.96 -34.29
N LEU I 181 -37.26 7.87 -34.38
CA LEU I 181 -37.33 7.09 -35.61
C LEU I 181 -37.99 7.89 -36.73
N LEU I 182 -39.01 8.66 -36.39
CA LEU I 182 -39.71 9.50 -37.35
C LEU I 182 -38.80 10.54 -37.99
N GLU I 183 -38.01 11.24 -37.17
CA GLU I 183 -37.04 12.23 -37.67
C GLU I 183 -36.03 11.62 -38.64
N THR I 184 -35.56 10.40 -38.36
CA THR I 184 -34.57 9.76 -39.21
C THR I 184 -35.14 9.43 -40.59
N ARG I 185 -36.38 8.91 -40.63
CA ARG I 185 -37.05 8.55 -41.88
C ARG I 185 -37.21 9.75 -42.81
N LEU I 186 -37.55 10.91 -42.26
CA LEU I 186 -37.73 12.11 -43.07
C LEU I 186 -36.43 12.57 -43.69
N ASP I 187 -35.32 12.42 -42.96
CA ASP I 187 -33.98 12.71 -43.48
C ASP I 187 -33.64 11.83 -44.68
N MET I 188 -33.91 10.53 -44.57
CA MET I 188 -33.71 9.63 -45.70
C MET I 188 -34.62 9.93 -46.88
N ASP I 189 -35.88 10.27 -46.60
CA ASP I 189 -36.80 10.71 -47.65
C ASP I 189 -36.33 11.99 -48.34
N LEU I 190 -35.85 12.96 -47.54
CA LEU I 190 -35.32 14.20 -48.10
C LEU I 190 -34.03 13.98 -48.87
N ASP I 191 -33.21 13.02 -48.45
CA ASP I 191 -31.96 12.72 -49.15
C ASP I 191 -32.18 12.13 -50.52
N GLN I 192 -33.32 11.47 -50.74
CA GLN I 192 -33.64 10.90 -52.04
C GLN I 192 -34.41 11.86 -52.93
N GLY I 193 -34.65 13.10 -52.49
CA GLY I 193 -35.30 14.08 -53.32
C GLY I 193 -36.79 14.18 -53.17
N CYS I 194 -37.38 13.44 -52.23
CA CYS I 194 -38.81 13.41 -51.99
C CYS I 194 -39.31 14.59 -51.15
N HIS I 195 -38.97 15.82 -51.57
CA HIS I 195 -39.23 17.01 -50.74
C HIS I 195 -40.72 17.29 -50.64
N ALA I 196 -41.43 17.20 -51.77
CA ALA I 196 -42.83 17.63 -51.86
C ALA I 196 -43.76 16.77 -51.01
N GLU I 197 -43.53 15.46 -50.93
CA GLU I 197 -44.36 14.64 -50.06
C GLU I 197 -44.17 14.99 -48.59
N ALA I 198 -42.92 15.23 -48.16
CA ALA I 198 -42.60 15.41 -46.75
C ALA I 198 -43.23 16.66 -46.12
N VAL I 199 -43.39 17.76 -46.87
CA VAL I 199 -43.96 18.99 -46.31
C VAL I 199 -45.37 18.76 -45.76
N SER I 200 -46.18 17.96 -46.46
CA SER I 200 -47.58 17.76 -46.07
C SER I 200 -47.70 17.04 -44.73
N GLU I 201 -46.95 15.95 -44.56
CA GLU I 201 -46.99 15.22 -43.29
C GLU I 201 -46.42 16.03 -42.13
N LEU I 202 -45.33 16.76 -42.39
CA LEU I 202 -44.68 17.57 -41.36
C LEU I 202 -45.54 18.68 -40.77
N THR I 203 -46.45 19.30 -41.55
CA THR I 203 -47.33 20.33 -40.99
C THR I 203 -48.23 19.79 -39.87
N ALA I 204 -48.73 18.57 -40.01
CA ALA I 204 -49.49 17.94 -38.93
C ALA I 204 -48.60 17.64 -37.74
N LEU I 205 -47.39 17.15 -37.99
CA LEU I 205 -46.46 16.80 -36.92
C LEU I 205 -45.99 18.02 -36.12
N THR I 206 -45.72 19.13 -36.80
CA THR I 206 -45.33 20.34 -36.08
C THR I 206 -46.47 20.95 -35.27
N ALA I 207 -47.72 20.80 -35.72
CA ALA I 207 -48.84 21.25 -34.91
C ALA I 207 -48.98 20.45 -33.62
N ALA I 208 -48.71 19.14 -33.67
CA ALA I 208 -48.77 18.32 -32.46
C ALA I 208 -47.56 18.51 -31.57
N HIS I 209 -46.41 18.82 -32.14
CA HIS I 209 -45.16 18.92 -31.39
C HIS I 209 -44.49 20.25 -31.66
N PRO I 210 -45.07 21.35 -31.19
CA PRO I 210 -44.62 22.68 -31.62
C PRO I 210 -43.25 23.06 -31.08
N LEU I 211 -42.82 22.49 -29.96
CA LEU I 211 -41.53 22.83 -29.37
C LEU I 211 -40.37 21.97 -29.85
N ARG I 212 -40.60 21.05 -30.78
CA ARG I 212 -39.53 20.16 -31.22
C ARG I 212 -38.83 20.80 -32.41
N GLU I 213 -37.74 21.52 -32.12
CA GLU I 213 -37.03 22.34 -33.11
C GLU I 213 -36.50 21.53 -34.28
N ARG I 214 -36.14 20.27 -34.07
CA ARG I 214 -35.61 19.42 -35.15
C ARG I 214 -36.64 19.22 -36.26
N LEU I 215 -37.92 19.06 -35.89
CA LEU I 215 -38.97 18.92 -36.90
C LEU I 215 -39.12 20.19 -37.74
N ARG I 216 -38.93 21.36 -37.13
CA ARG I 216 -39.00 22.60 -37.89
C ARG I 216 -37.77 22.78 -38.78
N GLU I 217 -36.61 22.32 -38.30
CA GLU I 217 -35.39 22.28 -39.11
C GLU I 217 -35.59 21.49 -40.39
N LEU I 218 -36.14 20.28 -40.27
CA LEU I 218 -36.43 19.46 -41.45
C LEU I 218 -37.47 20.10 -42.37
N LEU I 219 -38.50 20.73 -41.79
CA LEU I 219 -39.52 21.39 -42.61
C LEU I 219 -38.95 22.56 -43.42
N MET I 220 -38.14 23.41 -42.78
CA MET I 220 -37.51 24.54 -43.50
C MET I 220 -36.60 24.07 -44.63
N LEU I 221 -35.81 23.02 -44.41
CA LEU I 221 -34.98 22.46 -45.47
C LEU I 221 -35.84 21.90 -46.59
N ALA I 222 -36.90 21.18 -46.23
CA ALA I 222 -37.85 20.65 -47.21
C ALA I 222 -38.53 21.76 -48.00
N LEU I 223 -38.93 22.85 -47.33
CA LEU I 223 -39.53 23.99 -48.01
C LEU I 223 -38.58 24.64 -49.01
N TYR I 224 -37.30 24.81 -48.62
CA TYR I 224 -36.31 25.39 -49.53
C TYR I 224 -36.15 24.53 -50.77
N ARG I 225 -35.97 23.22 -50.58
CA ARG I 225 -35.90 22.31 -51.71
C ARG I 225 -37.23 22.21 -52.46
N SER I 226 -38.35 22.55 -51.81
CA SER I 226 -39.60 22.74 -52.52
C SER I 226 -39.74 24.17 -53.04
N GLY I 227 -38.69 24.97 -52.89
CA GLY I 227 -38.66 26.35 -53.33
C GLY I 227 -39.43 27.35 -52.49
N ARG I 228 -39.97 26.95 -51.36
CA ARG I 228 -40.82 27.84 -50.58
C ARG I 228 -40.01 28.57 -49.51
N GLN I 229 -38.97 29.25 -49.99
CA GLN I 229 -38.03 29.97 -49.13
C GLN I 229 -38.75 31.01 -48.27
N ALA I 230 -39.67 31.76 -48.86
CA ALA I 230 -40.44 32.78 -48.13
C ALA I 230 -41.31 32.12 -47.07
N GLU I 231 -41.88 30.96 -47.38
CA GLU I 231 -42.66 30.23 -46.39
C GLU I 231 -41.73 29.59 -45.35
N ALA I 232 -40.56 29.13 -45.79
CA ALA I 232 -39.54 28.63 -44.88
C ALA I 232 -39.11 29.71 -43.89
N LEU I 233 -38.91 30.93 -44.37
CA LEU I 233 -38.58 32.04 -43.48
C LEU I 233 -39.75 32.40 -42.58
N ALA I 234 -40.98 32.17 -43.04
CA ALA I 234 -42.15 32.37 -42.18
C ALA I 234 -42.16 31.40 -41.00
N VAL I 235 -41.72 30.15 -41.23
CA VAL I 235 -41.57 29.13 -40.19
C VAL I 235 -40.62 29.60 -39.09
N TYR I 236 -39.50 30.21 -39.46
CA TYR I 236 -38.57 30.76 -38.49
C TYR I 236 -39.20 31.84 -37.60
N ALA I 237 -39.93 32.77 -38.21
CA ALA I 237 -40.50 33.90 -37.46
C ALA I 237 -41.52 33.52 -36.39
N ASP I 238 -42.47 32.61 -36.66
CA ASP I 238 -43.38 32.18 -35.60
C ASP I 238 -42.65 31.39 -34.52
N THR I 239 -41.76 30.48 -34.93
CA THR I 239 -41.01 29.65 -34.00
C THR I 239 -40.15 30.49 -33.07
N ARG I 240 -39.41 31.46 -33.63
CA ARG I 240 -38.55 32.33 -32.82
C ARG I 240 -39.39 33.10 -31.81
N ARG I 241 -40.55 33.59 -32.23
CA ARG I 241 -41.48 34.26 -31.31
C ARG I 241 -42.04 33.31 -30.25
N LEU I 242 -42.49 32.12 -30.68
CA LEU I 242 -43.07 31.13 -29.77
C LEU I 242 -42.12 30.67 -28.67
N LEU I 243 -40.87 30.35 -29.03
CA LEU I 243 -39.88 29.98 -28.03
C LEU I 243 -39.54 31.14 -27.11
N ALA I 244 -39.56 32.36 -27.64
CA ALA I 244 -39.41 33.55 -26.81
C ALA I 244 -40.59 33.71 -25.86
N ASP I 245 -41.80 33.40 -26.32
CA ASP I 245 -42.99 33.59 -25.49
C ASP I 245 -43.06 32.56 -24.36
N GLU I 246 -42.76 31.30 -24.64
CA GLU I 246 -42.94 30.26 -23.64
C GLU I 246 -41.70 30.05 -22.79
N LEU I 247 -40.51 30.17 -23.38
CA LEU I 247 -39.28 29.85 -22.72
C LEU I 247 -38.27 30.98 -22.69
N GLY I 248 -38.46 32.01 -23.50
CA GLY I 248 -37.48 33.08 -23.56
C GLY I 248 -36.15 32.68 -24.14
N VAL I 249 -36.11 31.64 -24.97
CA VAL I 249 -34.84 31.13 -25.48
C VAL I 249 -34.86 31.30 -26.99
N ASP I 250 -33.67 31.50 -27.56
CA ASP I 250 -33.44 31.50 -28.99
C ASP I 250 -33.35 30.05 -29.48
N PRO I 251 -33.63 29.82 -30.76
CA PRO I 251 -33.38 28.49 -31.34
C PRO I 251 -31.90 28.10 -31.27
N ARG I 252 -31.68 26.77 -31.30
CA ARG I 252 -30.33 26.21 -31.30
C ARG I 252 -29.50 26.70 -32.48
N PRO I 253 -28.16 26.75 -32.32
CA PRO I 253 -27.26 27.14 -33.43
C PRO I 253 -27.49 26.40 -34.75
N GLY I 254 -27.86 25.11 -34.69
CA GLY I 254 -28.15 24.36 -35.90
C GLY I 254 -29.29 24.95 -36.71
N LEU I 255 -30.30 25.49 -36.02
CA LEU I 255 -31.39 26.18 -36.72
C LEU I 255 -30.94 27.53 -37.25
N GLN I 256 -30.10 28.23 -36.48
CA GLN I 256 -29.58 29.52 -36.92
C GLN I 256 -28.68 29.41 -38.16
N GLU I 257 -27.79 28.41 -38.20
CA GLU I 257 -26.92 28.24 -39.37
C GLU I 257 -27.73 27.88 -40.62
N LEU I 258 -28.72 26.99 -40.46
CA LEU I 258 -29.59 26.62 -41.58
C LEU I 258 -30.36 27.82 -42.09
N GLN I 259 -30.85 28.69 -41.19
CA GLN I 259 -31.49 29.94 -41.61
C GLN I 259 -30.54 30.78 -42.45
N GLN I 260 -29.30 30.92 -41.98
CA GLN I 260 -28.29 31.73 -42.68
C GLN I 260 -27.96 31.16 -44.05
N ARG I 261 -27.87 29.82 -44.18
CA ARG I 261 -27.57 29.20 -45.47
C ARG I 261 -28.65 29.49 -46.49
N ILE I 262 -29.91 29.56 -46.07
CA ILE I 262 -30.97 30.04 -46.95
C ILE I 262 -30.73 31.51 -47.30
N LEU I 263 -30.34 32.31 -46.31
CA LEU I 263 -30.04 33.72 -46.54
C LEU I 263 -28.81 33.92 -47.43
N GLN I 264 -27.83 33.02 -47.37
CA GLN I 264 -26.68 33.10 -48.27
C GLN I 264 -26.93 32.48 -49.63
N ALA I 265 -28.09 31.86 -49.84
CA ALA I 265 -28.45 31.10 -51.04
C ALA I 265 -27.41 30.03 -51.39
N ASP I 266 -26.95 29.29 -50.38
CA ASP I 266 -25.96 28.22 -50.54
C ASP I 266 -26.45 27.11 -51.47
N PRO I 267 -25.81 26.93 -52.63
CA PRO I 267 -26.21 25.86 -53.57
C PRO I 267 -26.03 24.44 -53.05
N ALA I 268 -25.11 24.23 -52.10
CA ALA I 268 -24.81 22.90 -51.55
C ALA I 268 -25.96 22.26 -50.77
N LEU I 269 -26.99 23.02 -50.41
CA LEU I 269 -28.18 22.41 -49.82
C LEU I 269 -29.09 21.71 -50.84
N ALA I 270 -29.10 22.15 -52.11
CA ALA I 270 -30.00 21.52 -53.08
C ALA I 270 -29.50 20.22 -53.69
N GLU I 271 -28.19 20.02 -53.80
CA GLU I 271 -27.69 18.74 -54.30
C GLU I 271 -27.97 17.62 -53.29
N LEU I 272 -28.66 16.58 -53.74
CA LEU I 272 -28.78 15.37 -52.93
C LEU I 272 -27.43 14.69 -52.76
N GLY J 23 -74.97 -2.96 -48.87
CA GLY J 23 -74.45 -2.93 -47.52
C GLY J 23 -73.09 -2.27 -47.40
N ALA J 24 -72.60 -1.74 -48.52
CA ALA J 24 -71.28 -1.11 -48.55
C ALA J 24 -71.37 0.23 -47.84
N LEU J 25 -70.71 0.34 -46.68
CA LEU J 25 -70.56 1.62 -46.03
C LEU J 25 -69.56 2.50 -46.78
N ARG J 26 -69.97 3.72 -47.08
CA ARG J 26 -69.08 4.71 -47.66
C ARG J 26 -69.05 5.95 -46.76
N PHE J 27 -67.88 6.59 -46.72
CA PHE J 27 -67.64 7.74 -45.86
C PHE J 27 -66.99 8.85 -46.68
N GLY J 28 -67.36 10.10 -46.40
CA GLY J 28 -66.74 11.21 -47.09
C GLY J 28 -66.00 12.15 -46.18
N VAL J 29 -64.71 12.38 -46.47
CA VAL J 29 -63.93 13.32 -45.68
C VAL J 29 -63.22 14.34 -46.56
N LEU J 30 -63.17 14.10 -47.87
CA LEU J 30 -62.57 15.07 -48.80
C LEU J 30 -63.49 16.23 -49.14
N GLY J 31 -64.63 16.36 -48.46
CA GLY J 31 -65.51 17.49 -48.59
C GLY J 31 -66.26 17.64 -47.30
N PRO J 32 -67.55 18.00 -47.40
CA PRO J 32 -68.42 17.92 -46.22
C PRO J 32 -68.43 16.50 -45.64
N VAL J 33 -68.42 16.41 -44.32
CA VAL J 33 -68.38 15.12 -43.64
C VAL J 33 -69.71 14.41 -43.90
N ARG J 34 -69.67 13.38 -44.74
CA ARG J 34 -70.85 12.63 -45.12
C ARG J 34 -70.61 11.15 -44.90
N ALA J 35 -71.71 10.42 -44.73
CA ALA J 35 -71.69 8.97 -44.69
C ALA J 35 -72.78 8.47 -45.63
N TRP J 36 -72.50 7.36 -46.30
CA TRP J 36 -73.47 6.76 -47.20
C TRP J 36 -73.65 5.28 -46.88
N ARG J 37 -74.85 4.79 -47.17
CA ARG J 37 -75.14 3.37 -47.20
C ARG J 37 -75.92 3.11 -48.47
N ASP J 38 -75.35 2.28 -49.35
CA ASP J 38 -75.89 1.97 -50.68
C ASP J 38 -76.25 3.23 -51.48
N GLY J 39 -75.41 4.25 -51.37
CA GLY J 39 -75.65 5.53 -51.99
C GLY J 39 -76.58 6.47 -51.24
N GLU J 40 -77.33 5.99 -50.25
CA GLU J 40 -78.22 6.85 -49.49
C GLU J 40 -77.46 7.56 -48.37
N THR J 41 -77.66 8.87 -48.26
CA THR J 41 -76.96 9.66 -47.26
C THR J 41 -77.55 9.48 -45.85
N LEU J 42 -76.66 9.15 -44.90
CA LEU J 42 -77.02 9.03 -43.49
C LEU J 42 -76.92 10.40 -42.83
N ALA J 43 -77.80 10.65 -41.86
CA ALA J 43 -77.77 11.92 -41.14
C ALA J 43 -76.59 11.99 -40.17
N THR J 44 -75.44 12.47 -40.65
CA THR J 44 -74.20 12.55 -39.88
C THR J 44 -74.23 13.56 -38.74
N GLY J 45 -75.31 14.30 -38.51
CA GLY J 45 -75.44 15.00 -37.24
C GLY J 45 -74.79 16.36 -37.13
N SER J 46 -74.45 16.72 -35.90
CA SER J 46 -73.86 18.01 -35.56
C SER J 46 -72.45 18.12 -36.11
N PRO J 47 -71.92 19.35 -36.26
CA PRO J 47 -70.50 19.50 -36.59
C PRO J 47 -69.56 18.86 -35.59
N GLN J 48 -69.88 18.94 -34.29
CA GLN J 48 -69.07 18.27 -33.28
C GLN J 48 -69.20 16.76 -33.38
N GLN J 49 -70.37 16.27 -33.79
CA GLN J 49 -70.50 14.86 -34.10
C GLN J 49 -69.73 14.52 -35.37
N ARG J 50 -69.76 15.44 -36.36
CA ARG J 50 -68.92 15.29 -37.54
C ARG J 50 -67.44 15.39 -37.19
N ALA J 51 -67.10 16.24 -36.22
CA ALA J 51 -65.71 16.33 -35.75
C ALA J 51 -65.23 15.02 -35.14
N LEU J 52 -66.08 14.41 -34.28
CA LEU J 52 -65.77 13.12 -33.68
C LEU J 52 -65.56 12.04 -34.74
N LEU J 53 -66.44 11.98 -35.74
CA LEU J 53 -66.30 10.99 -36.80
C LEU J 53 -65.03 11.22 -37.62
N ALA J 54 -64.78 12.47 -38.01
CA ALA J 54 -63.58 12.81 -38.77
C ALA J 54 -62.30 12.50 -38.02
N ALA J 55 -62.27 12.79 -36.71
CA ALA J 55 -61.09 12.51 -35.89
C ALA J 55 -60.75 11.03 -35.84
N LEU J 56 -61.76 10.17 -35.92
CA LEU J 56 -61.55 8.72 -35.92
C LEU J 56 -61.26 8.18 -37.32
N LEU J 57 -61.95 8.73 -38.32
CA LEU J 57 -61.75 8.31 -39.70
C LEU J 57 -60.33 8.61 -40.18
N LEU J 58 -59.85 9.82 -39.91
CA LEU J 58 -58.50 10.22 -40.31
C LEU J 58 -57.41 9.58 -39.47
N ARG J 59 -57.75 8.83 -38.42
CA ARG J 59 -56.76 8.08 -37.66
C ARG J 59 -56.55 6.67 -38.20
N GLU J 60 -57.36 6.23 -39.16
CA GLU J 60 -57.27 4.94 -39.85
C GLU J 60 -57.24 3.75 -38.89
N GLY J 61 -58.24 3.71 -38.00
CA GLY J 61 -58.41 2.59 -37.10
C GLY J 61 -57.63 2.65 -35.81
N ARG J 62 -56.71 3.59 -35.67
CA ARG J 62 -55.98 3.74 -34.42
C ARG J 62 -56.91 4.30 -33.35
N THR J 63 -56.82 3.75 -32.15
CA THR J 63 -57.67 4.16 -31.05
C THR J 63 -57.34 5.58 -30.61
N ALA J 64 -58.37 6.39 -30.44
CA ALA J 64 -58.24 7.72 -29.86
C ALA J 64 -58.75 7.68 -28.44
N THR J 65 -57.88 7.98 -27.49
CA THR J 65 -58.24 8.10 -26.08
C THR J 65 -59.25 9.23 -25.88
N ALA J 66 -60.00 9.16 -24.78
CA ALA J 66 -60.93 10.22 -24.40
C ALA J 66 -60.22 11.56 -24.20
N GLY J 67 -58.99 11.51 -23.71
CA GLY J 67 -58.19 12.73 -23.60
C GLY J 67 -57.90 13.39 -24.94
N GLU J 68 -57.43 12.59 -25.90
CA GLU J 68 -57.20 13.09 -27.25
C GLU J 68 -58.47 13.58 -27.94
N LEU J 69 -59.62 12.98 -27.62
CA LEU J 69 -60.87 13.40 -28.24
C LEU J 69 -61.36 14.73 -27.71
N ILE J 70 -61.16 15.02 -26.42
CA ILE J 70 -61.51 16.32 -25.88
C ILE J 70 -60.66 17.42 -26.53
N ASP J 71 -59.35 17.19 -26.64
CA ASP J 71 -58.46 18.15 -27.30
C ASP J 71 -58.82 18.34 -28.77
N ALA J 72 -59.23 17.26 -29.44
CA ALA J 72 -59.59 17.35 -30.86
C ALA J 72 -60.82 18.22 -31.09
N LEU J 73 -61.79 18.16 -30.18
CA LEU J 73 -63.04 18.88 -30.38
C LEU J 73 -62.97 20.34 -29.91
N TRP J 74 -62.28 20.61 -28.81
CA TRP J 74 -62.34 21.94 -28.23
C TRP J 74 -60.98 22.59 -28.05
N GLY J 75 -59.89 21.82 -28.11
CA GLY J 75 -58.59 22.39 -27.83
C GLY J 75 -58.44 22.77 -26.37
N GLU J 76 -57.81 23.91 -26.13
CA GLU J 76 -57.47 24.34 -24.78
C GLU J 76 -58.67 24.80 -23.96
N GLU J 77 -59.84 25.01 -24.58
CA GLU J 77 -61.03 25.51 -23.90
C GLU J 77 -62.19 24.52 -23.95
N PRO J 78 -62.10 23.38 -23.25
CA PRO J 78 -63.22 22.44 -23.23
C PRO J 78 -64.33 22.91 -22.32
N PRO J 79 -65.58 22.58 -22.64
CA PRO J 79 -66.69 22.83 -21.69
C PRO J 79 -66.49 22.01 -20.42
N SER J 80 -67.03 22.52 -19.32
CA SER J 80 -66.89 21.90 -18.01
C SER J 80 -67.43 20.46 -17.94
N GLN J 81 -68.35 20.08 -18.82
CA GLN J 81 -68.89 18.73 -18.89
C GLN J 81 -68.50 18.01 -20.19
N ALA J 82 -67.33 18.35 -20.75
CA ALA J 82 -66.87 17.82 -22.04
C ALA J 82 -66.88 16.31 -22.12
N LEU J 83 -66.48 15.62 -21.05
CA LEU J 83 -66.46 14.16 -21.04
C LEU J 83 -67.85 13.56 -21.28
N ALA J 84 -68.89 14.18 -20.71
CA ALA J 84 -70.24 13.70 -20.97
C ALA J 84 -70.68 14.00 -22.40
N ALA J 85 -70.20 15.13 -22.96
CA ALA J 85 -70.53 15.50 -24.33
C ALA J 85 -70.02 14.47 -25.34
N VAL J 86 -68.78 14.02 -25.16
CA VAL J 86 -68.21 12.99 -26.04
C VAL J 86 -69.05 11.72 -26.00
N ARG J 87 -69.46 11.31 -24.79
CA ARG J 87 -70.35 10.15 -24.64
C ARG J 87 -71.68 10.37 -25.36
N THR J 88 -72.25 11.58 -25.24
CA THR J 88 -73.51 11.89 -25.90
C THR J 88 -73.38 11.89 -27.41
N TYR J 89 -72.30 12.47 -27.92
CA TYR J 89 -72.05 12.49 -29.36
C TYR J 89 -71.82 11.08 -29.91
N ALA J 90 -71.01 10.28 -29.21
CA ALA J 90 -70.74 8.91 -29.61
C ALA J 90 -72.01 8.05 -29.63
N SER J 91 -72.88 8.24 -28.62
CA SER J 91 -74.14 7.50 -28.55
C SER J 91 -75.04 7.79 -29.76
N ARG J 92 -75.08 9.03 -30.21
CA ARG J 92 -75.91 9.38 -31.36
C ARG J 92 -75.39 8.78 -32.65
N LEU J 93 -74.06 8.70 -32.81
CA LEU J 93 -73.46 8.06 -33.97
C LEU J 93 -73.77 6.57 -34.05
N ARG J 94 -73.79 5.89 -32.90
CA ARG J 94 -74.17 4.48 -32.87
C ARG J 94 -75.61 4.25 -33.34
N LYS J 95 -76.49 5.23 -33.20
CA LYS J 95 -77.84 5.10 -33.72
C LYS J 95 -77.90 5.32 -35.22
N VAL J 96 -76.91 5.97 -35.81
CA VAL J 96 -76.87 6.25 -37.24
C VAL J 96 -75.99 5.26 -37.98
N LEU J 97 -74.89 4.85 -37.36
CA LEU J 97 -74.03 3.84 -37.95
C LEU J 97 -74.48 2.45 -37.55
N ASP J 98 -74.07 1.46 -38.35
CA ASP J 98 -74.42 0.07 -38.05
C ASP J 98 -73.68 -0.40 -36.80
N PRO J 99 -74.24 -1.36 -36.06
CA PRO J 99 -73.55 -1.95 -34.92
C PRO J 99 -72.19 -2.57 -35.26
N GLY J 100 -71.18 -2.23 -34.44
CA GLY J 100 -69.84 -2.75 -34.56
C GLY J 100 -68.80 -1.96 -35.34
N VAL J 101 -69.16 -0.92 -36.09
CA VAL J 101 -68.11 -0.14 -36.76
C VAL J 101 -67.32 0.70 -35.75
N LEU J 102 -68.00 1.41 -34.86
CA LEU J 102 -67.37 2.27 -33.85
C LEU J 102 -67.25 1.49 -32.55
N VAL J 103 -66.10 0.90 -32.33
CA VAL J 103 -65.88 0.08 -31.14
C VAL J 103 -65.34 0.97 -30.04
N SER J 104 -65.60 0.59 -28.80
CA SER J 104 -65.01 1.23 -27.64
C SER J 104 -63.96 0.32 -27.03
N GLU J 105 -62.71 0.80 -27.02
CA GLU J 105 -61.61 0.02 -26.49
C GLU J 105 -60.68 0.96 -25.75
N SER J 106 -60.16 0.47 -24.62
CA SER J 106 -59.18 1.17 -23.76
C SER J 106 -59.65 2.56 -23.35
N GLY J 107 -60.95 2.70 -23.08
CA GLY J 107 -61.49 3.98 -22.70
C GLY J 107 -61.62 4.97 -23.84
N GLY J 108 -61.47 4.53 -25.07
CA GLY J 108 -61.53 5.41 -26.22
C GLY J 108 -62.43 4.85 -27.29
N TYR J 109 -62.28 5.32 -28.53
CA TYR J 109 -63.10 4.86 -29.65
C TYR J 109 -62.20 4.58 -30.85
N ALA J 110 -62.59 3.60 -31.64
CA ALA J 110 -61.90 3.28 -32.88
C ALA J 110 -62.94 2.92 -33.91
N VAL J 111 -62.59 3.09 -35.19
CA VAL J 111 -63.40 2.62 -36.30
C VAL J 111 -62.81 1.30 -36.81
N ARG J 112 -63.65 0.27 -36.84
CA ARG J 112 -63.24 -1.06 -37.24
C ARG J 112 -64.21 -1.60 -38.29
N GLY J 113 -63.78 -2.65 -38.98
CA GLY J 113 -64.65 -3.36 -39.89
C GLY J 113 -64.99 -2.61 -41.15
N LEU J 114 -64.16 -1.65 -41.54
CA LEU J 114 -64.34 -0.95 -42.80
C LEU J 114 -63.74 -1.76 -43.95
N ALA J 115 -64.48 -1.82 -45.06
CA ALA J 115 -63.96 -2.37 -46.30
C ALA J 115 -62.82 -1.51 -46.86
N GLU J 116 -61.98 -2.13 -47.67
CA GLU J 116 -60.95 -1.39 -48.40
C GLU J 116 -61.57 -0.34 -49.31
N GLY J 117 -60.97 0.85 -49.32
CA GLY J 117 -61.48 1.96 -50.09
C GLY J 117 -62.76 2.59 -49.59
N ALA J 118 -63.24 2.22 -48.39
CA ALA J 118 -64.44 2.84 -47.84
C ALA J 118 -64.23 4.32 -47.54
N LEU J 119 -63.00 4.73 -47.30
CA LEU J 119 -62.68 6.14 -47.11
C LEU J 119 -62.16 6.69 -48.42
N ASP J 120 -62.79 7.78 -48.88
CA ASP J 120 -62.37 8.48 -50.09
C ASP J 120 -60.91 8.91 -50.03
N LEU J 121 -60.44 9.33 -48.85
CA LEU J 121 -59.03 9.62 -48.65
C LEU J 121 -58.17 8.39 -48.84
N ALA J 122 -58.60 7.26 -48.25
CA ALA J 122 -57.88 6.00 -48.38
C ALA J 122 -57.90 5.49 -49.81
N ARG J 123 -59.06 5.55 -50.49
CA ARG J 123 -59.15 5.17 -51.89
C ARG J 123 -58.27 6.02 -52.79
N ALA J 124 -58.23 7.33 -52.54
CA ALA J 124 -57.36 8.22 -53.29
C ALA J 124 -55.88 7.94 -53.05
N GLN J 125 -55.52 7.55 -51.83
CA GLN J 125 -54.13 7.26 -51.49
C GLN J 125 -53.56 6.07 -52.25
N ASP J 126 -54.36 5.01 -52.45
CA ASP J 126 -53.88 3.87 -53.24
C ASP J 126 -53.62 4.28 -54.69
N LEU J 127 -54.55 5.03 -55.29
CA LEU J 127 -54.37 5.54 -56.64
C LEU J 127 -53.19 6.50 -56.74
N ALA J 128 -53.03 7.37 -55.72
CA ALA J 128 -51.90 8.30 -55.71
C ALA J 128 -50.57 7.55 -55.58
N SER J 129 -50.54 6.52 -54.74
CA SER J 129 -49.35 5.67 -54.64
C SER J 129 -49.13 4.91 -55.94
N ALA J 130 -50.23 4.46 -56.56
CA ALA J 130 -50.16 3.81 -57.86
C ALA J 130 -49.64 4.76 -58.92
N ALA J 131 -49.98 6.05 -58.81
CA ALA J 131 -49.49 7.06 -59.75
C ALA J 131 -47.96 7.14 -59.70
N GLU J 132 -47.39 7.03 -58.50
CA GLU J 132 -45.95 6.94 -58.35
C GLU J 132 -45.43 5.66 -59.01
N LYS J 133 -46.13 4.55 -58.80
CA LYS J 133 -45.80 3.30 -59.50
C LYS J 133 -46.00 3.44 -61.00
N ALA J 134 -47.12 4.06 -61.42
CA ALA J 134 -47.39 4.32 -62.83
C ALA J 134 -46.34 5.22 -63.47
N ARG J 135 -45.92 6.27 -62.75
CA ARG J 135 -44.82 7.11 -63.22
C ARG J 135 -43.52 6.31 -63.35
N SER J 136 -43.19 5.52 -62.32
CA SER J 136 -41.95 4.75 -62.33
C SER J 136 -41.89 3.69 -63.43
N ALA J 137 -43.04 3.16 -63.86
CA ALA J 137 -43.04 2.25 -65.00
C ALA J 137 -43.09 2.96 -66.33
N GLY J 138 -43.21 4.29 -66.34
CA GLY J 138 -43.28 5.05 -67.56
C GLY J 138 -44.65 5.16 -68.21
N ASP J 139 -45.69 4.55 -67.64
CA ASP J 139 -47.02 4.65 -68.25
C ASP J 139 -47.68 5.93 -67.72
N LEU J 140 -47.23 7.05 -68.30
CA LEU J 140 -47.70 8.37 -67.93
C LEU J 140 -49.18 8.55 -68.22
N CYS J 141 -49.70 7.90 -69.26
CA CYS J 141 -51.11 8.02 -69.61
C CYS J 141 -52.01 7.46 -68.52
N HIS J 142 -51.65 6.29 -67.97
CA HIS J 142 -52.42 5.70 -66.87
C HIS J 142 -52.32 6.56 -65.63
N ALA J 143 -51.14 7.12 -65.38
CA ALA J 143 -50.91 8.05 -64.28
C ALA J 143 -51.80 9.28 -64.38
N ARG J 144 -51.96 9.82 -65.59
CA ARG J 144 -52.82 10.99 -65.79
C ARG J 144 -54.28 10.69 -65.43
N ASP J 145 -54.81 9.56 -65.93
CA ASP J 145 -56.20 9.20 -65.63
C ASP J 145 -56.43 8.87 -64.16
N LEU J 146 -55.53 8.10 -63.55
CA LEU J 146 -55.70 7.73 -62.13
C LEU J 146 -55.62 8.93 -61.20
N LEU J 147 -54.67 9.83 -61.45
CA LEU J 147 -54.57 11.06 -60.65
C LEU J 147 -55.80 11.94 -60.86
N ARG J 148 -56.34 11.98 -62.08
CA ARG J 148 -57.55 12.74 -62.39
C ARG J 148 -58.73 12.29 -61.53
N ARG J 149 -58.92 10.98 -61.41
CA ARG J 149 -59.98 10.43 -60.55
C ARG J 149 -59.82 10.82 -59.10
N ALA J 150 -58.57 10.94 -58.63
CA ALA J 150 -58.32 11.35 -57.26
C ALA J 150 -58.76 12.79 -57.00
N LEU J 151 -58.40 13.72 -57.89
CA LEU J 151 -58.76 15.12 -57.68
C LEU J 151 -60.27 15.34 -57.73
N ASP J 152 -61.00 14.58 -58.56
CA ASP J 152 -62.46 14.68 -58.60
C ASP J 152 -63.13 14.24 -57.30
N LEU J 153 -62.41 13.51 -56.44
CA LEU J 153 -62.97 13.13 -55.15
C LEU J 153 -63.02 14.28 -54.16
N TRP J 154 -62.32 15.37 -54.42
CA TRP J 154 -62.39 16.57 -53.58
C TRP J 154 -63.70 17.28 -53.87
N ASP J 155 -64.67 17.12 -52.97
CA ASP J 155 -65.98 17.78 -53.08
C ASP J 155 -65.98 19.12 -52.34
N GLY J 156 -65.10 20.01 -52.79
CA GLY J 156 -65.08 21.36 -52.26
C GLY J 156 -64.06 21.54 -51.16
N GLU J 157 -64.39 22.36 -50.17
CA GLU J 157 -63.48 22.59 -49.06
C GLU J 157 -63.48 21.38 -48.12
N VAL J 158 -62.28 20.83 -47.91
CA VAL J 158 -62.05 19.77 -46.93
C VAL J 158 -62.51 20.16 -45.54
N LEU J 159 -63.22 19.23 -44.88
CA LEU J 159 -63.75 19.36 -43.51
C LEU J 159 -64.61 20.60 -43.33
N ALA J 160 -65.45 20.87 -44.34
CA ALA J 160 -66.34 22.02 -44.36
C ALA J 160 -67.25 22.10 -43.13
N GLY J 161 -67.23 23.26 -42.47
CA GLY J 161 -68.06 23.52 -41.32
C GLY J 161 -67.70 22.79 -40.05
N VAL J 162 -66.57 22.11 -40.00
CA VAL J 162 -66.14 21.36 -38.83
C VAL J 162 -65.22 22.23 -37.98
N PRO J 163 -65.60 22.58 -36.76
CA PRO J 163 -64.73 23.37 -35.88
C PRO J 163 -63.70 22.51 -35.16
N GLY J 164 -62.73 23.21 -34.55
CA GLY J 164 -61.77 22.59 -33.68
C GLY J 164 -60.36 22.57 -34.22
N PRO J 165 -59.37 22.55 -33.32
CA PRO J 165 -57.96 22.59 -33.75
C PRO J 165 -57.51 21.38 -34.55
N TYR J 166 -57.97 20.18 -34.18
CA TYR J 166 -57.60 18.99 -34.94
C TYR J 166 -58.20 19.03 -36.34
N ALA J 167 -59.46 19.47 -36.44
CA ALA J 167 -60.10 19.62 -37.74
C ALA J 167 -59.39 20.67 -38.58
N GLN J 168 -58.93 21.75 -37.94
CA GLN J 168 -58.16 22.78 -38.62
C GLN J 168 -56.85 22.23 -39.16
N THR J 169 -56.12 21.47 -38.33
CA THR J 169 -54.86 20.87 -38.75
C THR J 169 -55.04 19.90 -39.91
N GLN J 170 -56.09 19.09 -39.88
CA GLN J 170 -56.33 18.16 -40.97
C GLN J 170 -56.78 18.89 -42.22
N ARG J 171 -57.54 19.98 -42.06
CA ARG J 171 -57.85 20.88 -43.17
C ARG J 171 -56.58 21.44 -43.80
N VAL J 172 -55.62 21.86 -42.97
CA VAL J 172 -54.33 22.36 -43.45
C VAL J 172 -53.57 21.27 -44.19
N ARG J 173 -53.51 20.09 -43.60
CA ARG J 173 -52.77 18.96 -44.16
C ARG J 173 -53.28 18.55 -45.53
N LEU J 174 -54.60 18.41 -45.68
CA LEU J 174 -55.16 17.91 -46.93
C LEU J 174 -55.22 18.96 -48.03
N GLY J 175 -55.36 20.25 -47.67
CA GLY J 175 -55.22 21.29 -48.67
C GLY J 175 -53.83 21.37 -49.26
N GLU J 176 -52.80 21.27 -48.41
CA GLU J 176 -51.43 21.19 -48.88
C GLU J 176 -51.18 19.93 -49.70
N TRP J 177 -51.69 18.78 -49.25
CA TRP J 177 -51.49 17.53 -49.95
C TRP J 177 -52.13 17.52 -51.33
N ARG J 178 -53.31 18.15 -51.46
CA ARG J 178 -53.96 18.31 -52.75
C ARG J 178 -53.07 19.02 -53.77
N LEU J 179 -52.38 20.07 -53.33
CA LEU J 179 -51.49 20.82 -54.21
C LEU J 179 -50.33 19.98 -54.73
N GLN J 180 -49.80 19.09 -53.89
CA GLN J 180 -48.73 18.18 -54.32
C GLN J 180 -49.18 17.25 -55.43
N LEU J 181 -50.40 16.72 -55.32
CA LEU J 181 -50.92 15.88 -56.40
C LEU J 181 -51.18 16.67 -57.67
N LEU J 182 -51.70 17.90 -57.56
CA LEU J 182 -51.87 18.75 -58.74
C LEU J 182 -50.54 19.09 -59.38
N GLU J 183 -49.56 19.49 -58.56
CA GLU J 183 -48.22 19.81 -59.08
C GLU J 183 -47.59 18.61 -59.80
N THR J 184 -47.77 17.40 -59.26
CA THR J 184 -47.21 16.22 -59.91
C THR J 184 -47.90 15.92 -61.23
N ARG J 185 -49.24 16.02 -61.26
CA ARG J 185 -50.02 15.81 -62.49
C ARG J 185 -49.66 16.83 -63.56
N LEU J 186 -49.48 18.09 -63.18
CA LEU J 186 -49.15 19.17 -64.09
C LEU J 186 -47.78 18.99 -64.75
N ASP J 187 -46.82 18.41 -64.03
CA ASP J 187 -45.53 18.07 -64.62
C ASP J 187 -45.69 17.12 -65.81
N MET J 188 -46.55 16.11 -65.65
CA MET J 188 -46.81 15.17 -66.75
C MET J 188 -47.46 15.84 -67.95
N ASP J 189 -48.35 16.82 -67.71
CA ASP J 189 -49.00 17.57 -68.79
C ASP J 189 -48.01 18.32 -69.66
N LEU J 190 -47.01 18.94 -69.04
CA LEU J 190 -45.98 19.65 -69.80
C LEU J 190 -45.11 18.68 -70.58
N ASP J 191 -44.85 17.49 -70.02
CA ASP J 191 -44.09 16.50 -70.75
C ASP J 191 -44.86 15.88 -71.90
N GLN J 192 -46.20 15.83 -71.82
CA GLN J 192 -46.99 15.25 -72.90
C GLN J 192 -47.52 16.25 -73.94
N GLY J 193 -47.21 17.53 -73.80
CA GLY J 193 -47.62 18.48 -74.80
C GLY J 193 -48.96 19.16 -74.58
N CYS J 194 -49.65 18.89 -73.48
CA CYS J 194 -50.95 19.50 -73.18
C CYS J 194 -50.82 20.90 -72.58
N HIS J 195 -50.02 21.75 -73.24
CA HIS J 195 -49.64 23.05 -72.70
C HIS J 195 -50.81 24.02 -72.67
N ALA J 196 -51.59 24.06 -73.75
CA ALA J 196 -52.64 25.06 -73.92
C ALA J 196 -53.78 24.87 -72.91
N GLU J 197 -54.17 23.63 -72.63
CA GLU J 197 -55.20 23.42 -71.62
C GLU J 197 -54.68 23.78 -70.22
N ALA J 198 -53.46 23.37 -69.89
CA ALA J 198 -52.89 23.56 -68.57
C ALA J 198 -52.58 25.03 -68.23
N VAL J 199 -52.20 25.84 -69.22
CA VAL J 199 -51.87 27.24 -68.94
C VAL J 199 -53.07 28.00 -68.35
N SER J 200 -54.28 27.71 -68.86
CA SER J 200 -55.49 28.42 -68.42
C SER J 200 -55.83 28.12 -66.96
N GLU J 201 -55.76 26.84 -66.57
CA GLU J 201 -56.00 26.45 -65.18
C GLU J 201 -54.91 27.01 -64.27
N LEU J 202 -53.66 27.02 -64.75
CA LEU J 202 -52.52 27.53 -63.99
C LEU J 202 -52.69 29.00 -63.61
N THR J 203 -53.36 29.80 -64.45
CA THR J 203 -53.62 31.19 -64.10
C THR J 203 -54.46 31.31 -62.83
N ALA J 204 -55.43 30.41 -62.66
CA ALA J 204 -56.25 30.41 -61.45
C ALA J 204 -55.44 30.03 -60.22
N LEU J 205 -54.53 29.05 -60.34
CA LEU J 205 -53.74 28.58 -59.20
C LEU J 205 -52.77 29.64 -58.70
N THR J 206 -52.10 30.36 -59.60
CA THR J 206 -51.20 31.42 -59.15
C THR J 206 -51.96 32.61 -58.58
N ALA J 207 -53.16 32.89 -59.08
CA ALA J 207 -54.01 33.89 -58.45
C ALA J 207 -54.48 33.44 -57.06
N ALA J 208 -54.81 32.16 -56.91
CA ALA J 208 -55.26 31.64 -55.62
C ALA J 208 -54.12 31.44 -54.63
N HIS J 209 -52.92 31.15 -55.11
CA HIS J 209 -51.76 30.85 -54.27
C HIS J 209 -50.61 31.76 -54.68
N PRO J 210 -50.71 33.06 -54.37
CA PRO J 210 -49.80 34.05 -54.98
C PRO J 210 -48.36 33.90 -54.55
N LEU J 211 -48.10 33.34 -53.37
CA LEU J 211 -46.75 33.13 -52.91
C LEU J 211 -46.19 31.78 -53.35
N ARG J 212 -46.95 31.03 -54.14
CA ARG J 212 -46.54 29.68 -54.55
C ARG J 212 -45.82 29.77 -55.89
N GLU J 213 -44.49 29.94 -55.79
CA GLU J 213 -43.62 30.17 -56.94
C GLU J 213 -43.62 29.00 -57.92
N ARG J 214 -43.86 27.76 -57.44
CA ARG J 214 -43.85 26.58 -58.29
C ARG J 214 -44.91 26.64 -59.38
N LEU J 215 -46.10 27.13 -59.06
CA LEU J 215 -47.16 27.29 -60.06
C LEU J 215 -46.80 28.32 -61.13
N ARG J 216 -46.08 29.38 -60.76
CA ARG J 216 -45.66 30.37 -61.75
C ARG J 216 -44.54 29.83 -62.63
N GLU J 217 -43.65 29.00 -62.06
CA GLU J 217 -42.65 28.29 -62.85
C GLU J 217 -43.27 27.43 -63.95
N LEU J 218 -44.27 26.62 -63.60
CA LEU J 218 -44.97 25.83 -64.61
C LEU J 218 -45.73 26.71 -65.61
N LEU J 219 -46.35 27.79 -65.12
CA LEU J 219 -47.05 28.74 -65.99
C LEU J 219 -46.09 29.43 -66.95
N MET J 220 -44.92 29.85 -66.48
CA MET J 220 -43.92 30.47 -67.33
C MET J 220 -43.45 29.56 -68.46
N LEU J 221 -43.17 28.29 -68.16
CA LEU J 221 -42.75 27.35 -69.20
C LEU J 221 -43.87 27.06 -70.20
N ALA J 222 -45.09 26.82 -69.72
CA ALA J 222 -46.23 26.57 -70.60
C ALA J 222 -46.53 27.74 -71.52
N LEU J 223 -46.47 28.97 -70.98
CA LEU J 223 -46.69 30.18 -71.77
C LEU J 223 -45.67 30.32 -72.89
N TYR J 224 -44.38 30.07 -72.58
CA TYR J 224 -43.32 30.13 -73.58
C TYR J 224 -43.52 29.09 -74.67
N ARG J 225 -43.82 27.85 -74.28
CA ARG J 225 -44.07 26.78 -75.24
C ARG J 225 -45.30 27.02 -76.10
N SER J 226 -46.21 27.91 -75.67
CA SER J 226 -47.32 28.40 -76.47
C SER J 226 -46.93 29.56 -77.38
N GLY J 227 -45.63 29.85 -77.50
CA GLY J 227 -45.09 30.93 -78.29
C GLY J 227 -45.19 32.30 -77.68
N ARG J 228 -45.60 32.41 -76.42
CA ARG J 228 -45.77 33.68 -75.75
C ARG J 228 -44.55 34.01 -74.88
N GLN J 229 -43.38 34.00 -75.51
CA GLN J 229 -42.09 34.18 -74.84
C GLN J 229 -41.99 35.51 -74.09
N ALA J 230 -42.43 36.60 -74.71
CA ALA J 230 -42.41 37.93 -74.09
C ALA J 230 -43.26 37.98 -72.83
N GLU J 231 -44.40 37.29 -72.84
CA GLU J 231 -45.29 37.29 -71.68
C GLU J 231 -44.70 36.52 -70.50
N ALA J 232 -43.93 35.46 -70.78
CA ALA J 232 -43.25 34.70 -69.72
C ALA J 232 -42.32 35.59 -68.87
N LEU J 233 -41.56 36.48 -69.50
CA LEU J 233 -40.72 37.40 -68.74
C LEU J 233 -41.53 38.39 -67.93
N ALA J 234 -42.73 38.75 -68.39
CA ALA J 234 -43.62 39.60 -67.59
C ALA J 234 -44.05 38.90 -66.30
N VAL J 235 -44.31 37.59 -66.38
CA VAL J 235 -44.59 36.79 -65.18
C VAL J 235 -43.40 36.82 -64.22
N TYR J 236 -42.18 36.71 -64.76
CA TYR J 236 -40.97 36.80 -63.95
C TYR J 236 -40.86 38.14 -63.23
N ALA J 237 -41.11 39.23 -63.95
CA ALA J 237 -41.03 40.56 -63.34
C ALA J 237 -42.04 40.72 -62.20
N ASP J 238 -43.24 40.18 -62.38
CA ASP J 238 -44.23 40.19 -61.31
C ASP J 238 -43.82 39.37 -60.09
N THR J 239 -43.28 38.16 -60.31
CA THR J 239 -42.92 37.29 -59.18
C THR J 239 -41.84 37.91 -58.28
N ARG J 240 -40.75 38.44 -58.88
CA ARG J 240 -39.69 39.08 -58.09
C ARG J 240 -40.23 40.28 -57.31
N ARG J 241 -41.15 41.02 -57.93
CA ARG J 241 -41.79 42.17 -57.30
C ARG J 241 -42.57 41.76 -56.05
N LEU J 242 -43.39 40.71 -56.17
CA LEU J 242 -44.23 40.25 -55.05
C LEU J 242 -43.38 39.83 -53.85
N LEU J 243 -42.32 39.06 -54.10
CA LEU J 243 -41.45 38.64 -52.99
C LEU J 243 -40.66 39.80 -52.39
N ALA J 244 -40.16 40.72 -53.20
CA ALA J 244 -39.46 41.88 -52.66
C ALA J 244 -40.38 42.85 -51.93
N ASP J 245 -41.54 43.18 -52.53
CA ASP J 245 -42.41 44.18 -51.92
C ASP J 245 -43.13 43.65 -50.69
N GLU J 246 -43.64 42.42 -50.74
CA GLU J 246 -44.41 41.94 -49.60
C GLU J 246 -43.52 41.27 -48.55
N LEU J 247 -42.48 40.55 -48.96
CA LEU J 247 -41.69 39.76 -48.01
C LEU J 247 -40.19 40.06 -48.02
N GLY J 248 -39.69 40.78 -49.02
CA GLY J 248 -38.26 41.08 -49.07
C GLY J 248 -37.31 39.94 -49.39
N VAL J 249 -37.76 38.92 -50.12
CA VAL J 249 -36.92 37.75 -50.35
C VAL J 249 -36.63 37.67 -51.85
N ASP J 250 -35.48 37.05 -52.20
CA ASP J 250 -35.07 36.84 -53.58
C ASP J 250 -35.82 35.66 -54.23
N PRO J 251 -35.98 35.70 -55.57
CA PRO J 251 -36.52 34.54 -56.30
C PRO J 251 -35.61 33.32 -56.19
N ARG J 252 -36.21 32.14 -56.35
CA ARG J 252 -35.43 30.90 -56.36
C ARG J 252 -34.47 30.89 -57.55
N PRO J 253 -33.25 30.34 -57.38
CA PRO J 253 -32.32 30.19 -58.52
C PRO J 253 -32.89 29.42 -59.70
N GLY J 254 -33.65 28.35 -59.44
CA GLY J 254 -34.25 27.57 -60.51
C GLY J 254 -35.21 28.38 -61.36
N LEU J 255 -35.94 29.30 -60.73
CA LEU J 255 -36.84 30.18 -61.48
C LEU J 255 -36.04 31.18 -62.29
N GLN J 256 -34.96 31.70 -61.71
CA GLN J 256 -34.05 32.58 -62.43
C GLN J 256 -33.34 31.86 -63.56
N GLU J 257 -32.88 30.62 -63.31
CA GLU J 257 -32.21 29.83 -64.36
C GLU J 257 -33.15 29.51 -65.50
N LEU J 258 -34.39 29.11 -65.20
CA LEU J 258 -35.39 28.87 -66.24
C LEU J 258 -35.66 30.15 -67.02
N GLN J 259 -35.80 31.27 -66.31
CA GLN J 259 -35.93 32.59 -66.93
C GLN J 259 -34.74 32.94 -67.80
N GLN J 260 -33.52 32.70 -67.30
CA GLN J 260 -32.30 33.02 -68.04
C GLN J 260 -32.21 32.21 -69.34
N ARG J 261 -32.61 30.92 -69.29
CA ARG J 261 -32.62 30.06 -70.46
C ARG J 261 -33.56 30.58 -71.55
N ILE J 262 -34.68 31.21 -71.16
CA ILE J 262 -35.58 31.84 -72.12
C ILE J 262 -34.85 32.92 -72.91
N LEU J 263 -34.01 33.73 -72.23
CA LEU J 263 -33.21 34.73 -72.93
C LEU J 263 -32.18 34.10 -73.87
N GLN J 264 -31.67 32.92 -73.54
CA GLN J 264 -30.74 32.23 -74.43
C GLN J 264 -31.43 31.42 -75.52
N ALA J 265 -32.77 31.35 -75.51
CA ALA J 265 -33.57 30.49 -76.40
C ALA J 265 -33.09 29.04 -76.38
N ASP J 266 -32.92 28.52 -75.17
CA ASP J 266 -32.45 27.16 -74.89
C ASP J 266 -33.33 26.11 -75.56
N PRO J 267 -32.79 25.28 -76.46
CA PRO J 267 -33.63 24.25 -77.12
C PRO J 267 -34.27 23.25 -76.18
N ALA J 268 -33.71 23.01 -74.99
CA ALA J 268 -34.31 22.12 -74.00
C ALA J 268 -35.63 22.64 -73.45
N LEU J 269 -35.93 23.92 -73.67
CA LEU J 269 -37.25 24.46 -73.39
C LEU J 269 -38.27 24.05 -74.44
N ALA J 270 -37.84 23.80 -75.69
CA ALA J 270 -38.80 23.42 -76.71
C ALA J 270 -39.12 21.92 -76.70
N GLU J 271 -38.19 21.06 -76.29
CA GLU J 271 -38.54 19.64 -76.16
C GLU J 271 -39.46 19.45 -74.96
N ALA K 248 -27.60 47.82 -28.22
CA ALA K 248 -27.37 46.41 -27.94
C ALA K 248 -28.65 45.59 -28.16
N LEU K 249 -29.79 46.29 -28.16
CA LEU K 249 -31.08 45.64 -28.36
C LEU K 249 -31.17 45.07 -29.77
N PRO K 250 -31.64 43.83 -29.93
CA PRO K 250 -31.80 43.29 -31.29
C PRO K 250 -32.91 44.00 -32.04
N ILE K 251 -32.78 43.97 -33.37
CA ILE K 251 -33.71 44.65 -34.28
C ILE K 251 -35.13 44.08 -34.25
N GLU K 252 -35.29 42.82 -33.81
CA GLU K 252 -36.61 42.18 -33.74
C GLU K 252 -37.54 42.90 -32.77
N GLU K 253 -36.99 43.39 -31.65
CA GLU K 253 -37.79 44.07 -30.63
C GLU K 253 -38.34 45.41 -31.10
N LEU K 254 -37.84 45.96 -32.20
CA LEU K 254 -38.39 47.18 -32.79
C LEU K 254 -39.75 46.97 -33.42
N GLU K 255 -40.19 45.71 -33.61
CA GLU K 255 -41.46 45.32 -34.23
C GLU K 255 -41.57 45.85 -35.66
N LEU K 256 -40.45 45.80 -36.36
CA LEU K 256 -40.37 46.20 -37.76
C LEU K 256 -41.04 45.16 -38.67
N THR K 257 -41.31 45.56 -39.91
CA THR K 257 -41.92 44.67 -40.89
C THR K 257 -40.98 43.54 -41.30
N VAL K 258 -41.57 42.50 -41.90
CA VAL K 258 -40.85 41.30 -42.34
C VAL K 258 -39.80 41.62 -43.41
N ARG K 259 -40.13 42.48 -44.39
CA ARG K 259 -39.19 42.84 -45.45
C ARG K 259 -37.97 43.56 -44.88
N SER K 260 -38.21 44.58 -44.06
CA SER K 260 -37.12 45.35 -43.44
C SER K 260 -36.28 44.48 -42.52
N TYR K 261 -36.94 43.59 -41.77
CA TYR K 261 -36.22 42.66 -40.90
C TYR K 261 -35.35 41.70 -41.73
N ASN K 262 -35.88 41.19 -42.84
CA ASN K 262 -35.14 40.25 -43.67
C ASN K 262 -33.92 40.90 -44.33
N CYS K 263 -34.06 42.12 -44.85
CA CYS K 263 -32.95 42.80 -45.49
C CYS K 263 -31.80 43.12 -44.54
N LEU K 264 -32.12 43.56 -43.32
CA LEU K 264 -31.08 43.93 -42.36
C LEU K 264 -30.23 42.72 -41.95
N LYS K 265 -30.87 41.56 -41.79
CA LYS K 265 -30.14 40.35 -41.41
C LYS K 265 -29.17 39.92 -42.51
N ARG K 266 -29.58 40.07 -43.78
CA ARG K 266 -28.72 39.73 -44.91
C ARG K 266 -27.47 40.61 -44.99
N GLU K 267 -27.54 41.83 -44.45
CA GLU K 267 -26.40 42.73 -44.44
C GLU K 267 -25.60 42.68 -43.15
N GLY K 268 -25.95 41.78 -42.23
CA GLY K 268 -25.23 41.65 -40.98
C GLY K 268 -25.68 42.56 -39.84
N ILE K 269 -26.79 43.26 -39.98
CA ILE K 269 -27.26 44.13 -38.90
C ILE K 269 -28.14 43.30 -37.97
N HIS K 270 -27.67 43.11 -36.73
CA HIS K 270 -28.37 42.32 -35.74
C HIS K 270 -28.70 43.07 -34.46
N SER K 271 -28.20 44.29 -34.28
CA SER K 271 -28.44 45.06 -33.06
C SER K 271 -28.72 46.50 -33.41
N VAL K 272 -29.38 47.20 -32.48
CA VAL K 272 -29.64 48.62 -32.66
C VAL K 272 -28.34 49.42 -32.66
N GLY K 273 -27.36 49.00 -31.85
CA GLY K 273 -26.06 49.66 -31.83
C GLY K 273 -25.36 49.61 -33.18
N GLU K 274 -25.41 48.46 -33.83
CA GLU K 274 -24.86 48.35 -35.18
C GLU K 274 -25.67 49.21 -36.16
N LEU K 275 -26.99 49.24 -35.99
CA LEU K 275 -27.89 50.00 -36.87
C LEU K 275 -27.63 51.51 -36.81
N VAL K 276 -27.40 52.07 -35.62
CA VAL K 276 -27.11 53.50 -35.51
C VAL K 276 -25.77 53.86 -36.16
N ALA K 277 -24.79 52.96 -36.11
CA ALA K 277 -23.48 53.20 -36.71
C ALA K 277 -23.55 53.37 -38.22
N ARG K 278 -24.47 52.68 -38.88
CA ARG K 278 -24.60 52.81 -40.33
C ARG K 278 -25.27 54.14 -40.67
N SER K 279 -24.77 54.78 -41.73
CA SER K 279 -25.30 56.07 -42.16
C SER K 279 -26.56 55.87 -43.01
N GLU K 280 -27.24 56.99 -43.28
CA GLU K 280 -28.46 56.97 -44.09
C GLU K 280 -28.19 56.51 -45.52
N ALA K 281 -27.04 56.87 -46.08
CA ALA K 281 -26.68 56.43 -47.44
C ALA K 281 -26.54 54.91 -47.50
N ASP K 282 -26.01 54.30 -46.45
CA ASP K 282 -25.87 52.84 -46.38
C ASP K 282 -27.23 52.13 -46.45
N LEU K 283 -28.25 52.71 -45.82
CA LEU K 283 -29.59 52.11 -45.86
C LEU K 283 -30.15 52.07 -47.27
N LEU K 284 -29.87 53.10 -48.07
CA LEU K 284 -30.28 53.11 -49.48
C LEU K 284 -29.58 52.00 -50.24
N ASP K 285 -28.31 51.73 -49.91
CA ASP K 285 -27.50 50.73 -50.59
C ASP K 285 -28.00 49.31 -50.37
N ILE K 286 -28.84 49.07 -49.36
CA ILE K 286 -29.38 47.73 -49.12
C ILE K 286 -30.33 47.35 -50.25
N ARG K 287 -30.15 46.12 -50.75
CA ARG K 287 -30.98 45.58 -51.82
C ARG K 287 -32.41 45.39 -51.32
N ASN K 288 -33.38 45.73 -52.19
CA ASN K 288 -34.82 45.59 -51.92
C ASN K 288 -35.29 46.42 -50.73
N PHE K 289 -34.58 47.51 -50.44
CA PHE K 289 -34.91 48.44 -49.36
C PHE K 289 -35.44 49.72 -49.98
N GLY K 290 -36.73 50.00 -49.80
CA GLY K 290 -37.37 51.14 -50.41
C GLY K 290 -37.48 52.36 -49.50
N ALA K 291 -38.11 53.41 -50.05
CA ALA K 291 -38.28 54.68 -49.34
C ALA K 291 -39.22 54.55 -48.14
N LYS K 292 -40.20 53.66 -48.21
CA LYS K 292 -41.07 53.44 -47.06
C LYS K 292 -40.28 52.84 -45.89
N SER K 293 -39.38 51.90 -46.21
CA SER K 293 -38.55 51.24 -45.20
C SER K 293 -37.59 52.19 -44.49
N ILE K 294 -36.94 53.12 -45.22
CA ILE K 294 -36.05 54.09 -44.58
C ILE K 294 -36.84 54.99 -43.63
N ASP K 295 -38.06 55.35 -44.02
CA ASP K 295 -38.94 56.14 -43.16
C ASP K 295 -39.28 55.38 -41.88
N GLU K 296 -39.52 54.07 -41.99
CA GLU K 296 -39.86 53.25 -40.83
C GLU K 296 -38.75 53.14 -39.79
N VAL K 297 -37.50 52.92 -40.22
CA VAL K 297 -36.41 52.77 -39.25
C VAL K 297 -36.14 54.07 -38.47
N LYS K 298 -36.14 55.22 -39.16
CA LYS K 298 -35.91 56.50 -38.48
C LYS K 298 -37.02 56.83 -37.49
N ALA K 299 -38.29 56.61 -37.88
CA ALA K 299 -39.43 56.90 -37.03
C ALA K 299 -39.44 56.04 -35.76
N LYS K 300 -39.16 54.74 -35.90
CA LYS K 300 -39.12 53.85 -34.74
C LYS K 300 -37.96 54.19 -33.81
N LEU K 301 -36.78 54.48 -34.36
CA LEU K 301 -35.63 54.85 -33.54
C LEU K 301 -35.88 56.14 -32.78
N ALA K 302 -36.54 57.12 -33.42
CA ALA K 302 -36.93 58.36 -32.75
C ALA K 302 -38.01 58.14 -31.69
N GLY K 303 -38.68 56.98 -31.71
CA GLY K 303 -39.68 56.65 -30.70
C GLY K 303 -39.14 56.66 -29.28
N MET K 304 -37.96 56.08 -29.07
CA MET K 304 -37.33 56.13 -27.76
C MET K 304 -36.50 57.41 -27.58
MG MG L . 17.07 4.26 1.92
ZN ZN M . -43.90 -5.12 11.08
ZN ZN N . 9.88 27.25 37.67
#